data_6WI0
#
_entry.id   6WI0
#
_cell.length_a   1.00
_cell.length_b   1.00
_cell.length_c   1.00
_cell.angle_alpha   90.00
_cell.angle_beta   90.00
_cell.angle_gamma   90.00
#
_symmetry.space_group_name_H-M   'P 1'
#
loop_
_entity.id
_entity.type
_entity.pdbx_description
1 polymer 'Glutamate receptor ionotropic, NMDA 1'
2 polymer 'Glutamate receptor ionotropic, NMDA 2B'
3 branched 2-acetamido-2-deoxy-beta-D-glucopyranose-(1-4)-2-acetamido-2-deoxy-beta-D-glucopyranose
4 non-polymer '(2R,4S)-5,7-dichloro-4-[(phenylcarbamoyl)amino]-1,2,3,4-tetrahydroquinoline-2-carboxylic acid'
5 non-polymer 2-acetamido-2-deoxy-beta-D-glucopyranose
#
loop_
_entity_poly.entity_id
_entity_poly.type
_entity_poly.pdbx_seq_one_letter_code
_entity_poly.pdbx_strand_id
1 'polypeptide(L)'
;MSTMHLLTFALLFSCSFARAASDPKIVNIGAVLSTRKHEQMFREAVNQANKRHGSWKIQLQATSVTHKPNAIQMALSVCE
DLISSQVYAILVSHPPTPNDHFTPTPVSYTAGFYRIPVLGLTTRMSIYSDKSIHLSFLRTVPPYSHQSSVWFEMMRVYNW
NHIILLVSDDHEGRAAQKRLETLLEERESKSKKRNYENLDQLSYDNKRGPKAEKVLQFDPGTKNVTALLMEARELEARVI
ILSASEDDAATVYRAAAMLDMTGSGYVWLVGEREISGNALRYAPDGIIGLQLINGKNESAHISDAVGVVAQAVHELLEKE
NITDPPRGCVGNTNIWKTGPLFKRVLMSSKYADGVTGRVEFNEDGDRKFAQYSIMNLQNRKLVQVGIYNGTHVIPNDRKI
IWPGGETEKPRGYQMSTRLKIVTIHQEPFVYVKPTMSDGTCKEEFTVNGDPVKKVICTGPNDTSPGSPRHTVPQCCYGFC
IDLLIKLARTMQFTYEVHLVADGKFGTQERVQNSNKKEWNGMMGELLSGQADMIVAPLTINNERAQYIEFSKPFKYQGLT
ILVKKEIPRSTLDSFMQPFQSTLWLLVGLSVHVVAVMLYLLDRFSPFGRFKVNSQSESTDALTLSSAMWFSWGVLLNSGI
GEGAPRSFSARILGMVWAGFAMIIVASYTANLAAFLVLDRPEERITGINDPRLRNPSDKFIYATVKQSSVDIYFRRQVEL
STMYRHMEKHNYESAAEAIQAVRDNKLHAFIWDSAVLEFEASQKCDLVTTGELFFRSGFGIGMRKDSPWKQQVSLSILKS
HENGFMEDLDKTWVRYQECDSRSNAPATLTCENMAGVFMLVAGGIVAGIFLIFIEIAYKRHKDARRKQMQLAFAAVNVWR
KNLQDRKSGRAEPDPKKKATFRAITSTLASSFKRRRSSKDTSTGGGRGALQNQKDTVLPRRAIEREEGQLQLCSRHRES
;
A,C
2 'polypeptide(L)'
;MGTMRLFLLAVLFLFSFARATGWSHPQFEKGGGSGGGSGGSAWSHPQFEKGALVPRGRSQKSPPSIGIAVILVGTSDEVA
IKDAHEKDDFHHLSVVPRVELVAMNETDPKSIITRICDLMSDRKIQGVVFADDTDQEAIAQILDFISAQTLTPILGIHGG
SSMIMADKDESSMFFQFGPSIEQQASVMLNIMEEYDWYIFSIVTTYFPGYQDFVNKIRSTIENSFVGWELEEVLLLDMSL
DDGDSKIQNQLKKLQSPIILLYCTKEEATYIFEVANSVGLTGYGYTWIVPSLVAGDTDTVPSEFPTGLISVSYDEWDYGL
PARVRDGIAIITTAASDMLSEHSFIPEPKSSCYNTHEKRIYQSNMLNRYLINVTFEGRDLSFSEDGYQMHPKLVIILLNK
ERKWERVGKWKDKSLQMKYYVWPRMCPETEEQEDDHLSIVTLEEAPFVIVESVDPLSGTCMRNTVPCQKRIISENKTDEE
PGYIKKCCKGFCIDILKKISKSVKFTYDLYLVTNGKHGKKINGTWNGMIGEVVMKRAYMAVGSLTINEERSEVVDFSVPF
IETGISVMVSRSNGTVSPSAFLEPFSACVWVMMFVMLLIVSAVAVFVFEYFSPVGYNRSLADGREPGGPSFTIGKAIWLL
WGLVFNNSVPVQNPKGTTSKIMVSVWAFFAVIFLASYTANLAAFMIQEEYVDQVSGLSDKKFQRPNDFSPPFRFGTVPNG
STERNIRNNYAEMHAYMGKFNQRGVDDALLSLKTGKLDAFIYDAAVLNYMAGRDEGCKLVTIGSGKVFASTGYGIAIQKD
SGWKRQVDLAILQLFGDGEMEELEALWLTGICHNEKNEVMSSQLDIDNMAGVFYMLGAAMALSLITFISEHLFYWQFRHS
FMG
;
B,D
#
# COMPACT_ATOMS: atom_id res chain seq x y z
N LYS A 25 -28.69 -1.71 -67.17
CA LYS A 25 -28.58 -0.76 -68.27
C LYS A 25 -27.20 -0.82 -68.88
N ILE A 26 -26.88 0.18 -69.71
CA ILE A 26 -25.58 0.25 -70.38
C ILE A 26 -24.59 0.86 -69.40
N VAL A 27 -23.80 0.02 -68.74
CA VAL A 27 -22.72 0.47 -67.86
C VAL A 27 -21.48 0.64 -68.71
N ASN A 28 -20.87 1.82 -68.63
CA ASN A 28 -19.63 2.06 -69.37
C ASN A 28 -18.46 1.47 -68.59
N ILE A 29 -17.45 1.00 -69.33
CA ILE A 29 -16.21 0.56 -68.73
C ILE A 29 -15.06 1.10 -69.57
N GLY A 30 -14.23 1.93 -68.95
CA GLY A 30 -13.15 2.61 -69.65
C GLY A 30 -11.80 2.04 -69.26
N ALA A 31 -10.83 2.19 -70.15
CA ALA A 31 -9.51 1.64 -69.91
C ALA A 31 -8.45 2.50 -70.57
N VAL A 32 -7.24 2.40 -70.05
CA VAL A 32 -6.06 3.03 -70.61
C VAL A 32 -4.98 1.96 -70.77
N LEU A 33 -4.49 1.80 -71.98
CA LEU A 33 -3.48 0.79 -72.28
C LEU A 33 -2.39 1.40 -73.16
N SER A 34 -1.52 0.55 -73.72
CA SER A 34 -0.36 1.03 -74.47
C SER A 34 -0.49 0.84 -75.98
N THR A 35 -1.04 -0.28 -76.44
CA THR A 35 -1.19 -0.55 -77.86
C THR A 35 -2.62 -0.95 -78.18
N ARG A 36 -3.10 -0.49 -79.34
CA ARG A 36 -4.44 -0.80 -79.79
C ARG A 36 -4.65 -2.28 -80.06
N LYS A 37 -3.57 -3.07 -80.14
CA LYS A 37 -3.73 -4.51 -80.18
C LYS A 37 -4.43 -5.02 -78.92
N HIS A 38 -4.14 -4.41 -77.77
CA HIS A 38 -4.90 -4.70 -76.56
C HIS A 38 -6.32 -4.18 -76.63
N GLU A 39 -6.61 -3.23 -77.53
CA GLU A 39 -7.95 -2.65 -77.56
C GLU A 39 -8.98 -3.68 -78.03
N GLN A 40 -8.62 -4.49 -79.03
CA GLN A 40 -9.55 -5.54 -79.43
C GLN A 40 -9.61 -6.65 -78.40
N MET A 41 -8.50 -6.91 -77.70
CA MET A 41 -8.57 -7.81 -76.56
C MET A 41 -9.60 -7.32 -75.55
N PHE A 42 -9.61 -6.02 -75.28
CA PHE A 42 -10.58 -5.43 -74.37
C PHE A 42 -11.99 -5.51 -74.95
N ARG A 43 -12.13 -5.32 -76.25
CA ARG A 43 -13.46 -5.38 -76.87
C ARG A 43 -14.03 -6.78 -76.79
N GLU A 44 -13.21 -7.79 -77.08
CA GLU A 44 -13.67 -9.15 -76.90
C GLU A 44 -13.86 -9.48 -75.43
N ALA A 45 -13.16 -8.78 -74.52
CA ALA A 45 -13.46 -8.91 -73.11
C ALA A 45 -14.86 -8.40 -72.80
N VAL A 46 -15.24 -7.28 -73.43
CA VAL A 46 -16.62 -6.82 -73.36
C VAL A 46 -17.58 -7.92 -73.80
N ASN A 47 -17.31 -8.48 -74.98
CA ASN A 47 -18.20 -9.51 -75.51
C ASN A 47 -18.22 -10.75 -74.62
N GLN A 48 -17.08 -11.07 -74.00
CA GLN A 48 -16.97 -12.25 -73.16
C GLN A 48 -17.65 -12.07 -71.81
N ALA A 49 -17.64 -10.85 -71.27
CA ALA A 49 -18.45 -10.58 -70.09
C ALA A 49 -19.92 -10.59 -70.45
N ASN A 50 -20.27 -10.14 -71.66
CA ASN A 50 -21.65 -10.21 -72.11
C ASN A 50 -22.15 -11.64 -72.19
N LYS A 51 -21.36 -12.54 -72.77
CA LYS A 51 -21.80 -13.92 -72.96
C LYS A 51 -21.58 -14.80 -71.75
N ARG A 52 -20.55 -14.54 -70.95
CA ARG A 52 -20.31 -15.30 -69.73
C ARG A 52 -21.37 -15.05 -68.68
N HIS A 53 -22.22 -14.05 -68.88
CA HIS A 53 -23.29 -13.72 -67.96
C HIS A 53 -24.57 -13.45 -68.75
N GLY A 54 -25.64 -13.20 -68.01
CA GLY A 54 -26.89 -12.80 -68.64
C GLY A 54 -26.93 -11.29 -68.81
N SER A 55 -27.53 -10.84 -69.91
CA SER A 55 -27.69 -9.42 -70.17
C SER A 55 -29.18 -9.08 -70.30
N TRP A 56 -30.00 -9.66 -69.42
CA TRP A 56 -31.44 -9.39 -69.47
C TRP A 56 -31.75 -7.93 -69.17
N LYS A 57 -31.14 -7.37 -68.12
CA LYS A 57 -31.36 -5.98 -67.76
C LYS A 57 -30.07 -5.26 -67.35
N ILE A 58 -28.92 -5.90 -67.50
CA ILE A 58 -27.63 -5.31 -67.13
C ILE A 58 -26.68 -5.52 -68.30
N GLN A 59 -26.24 -4.42 -68.91
CA GLN A 59 -25.47 -4.47 -70.13
C GLN A 59 -24.17 -3.68 -69.98
N LEU A 60 -23.22 -3.96 -70.86
CA LEU A 60 -21.89 -3.38 -70.78
C LEU A 60 -21.53 -2.70 -72.10
N GLN A 61 -20.77 -1.61 -72.01
CA GLN A 61 -20.22 -0.94 -73.18
C GLN A 61 -18.78 -0.56 -72.92
N ALA A 62 -17.99 -0.51 -74.01
CA ALA A 62 -16.56 -0.35 -73.94
C ALA A 62 -16.15 1.10 -74.12
N THR A 63 -14.97 1.44 -73.59
CA THR A 63 -14.31 2.71 -73.82
C THR A 63 -12.83 2.54 -73.52
N SER A 64 -11.98 3.09 -74.39
CA SER A 64 -10.55 2.89 -74.24
C SER A 64 -9.79 4.08 -74.79
N VAL A 65 -8.62 4.34 -74.21
CA VAL A 65 -7.74 5.40 -74.66
C VAL A 65 -6.30 4.95 -74.47
N THR A 66 -5.42 5.53 -75.28
CA THR A 66 -4.02 5.15 -75.30
C THR A 66 -3.28 5.84 -74.15
N HIS A 67 -1.95 5.77 -74.18
CA HIS A 67 -1.10 6.47 -73.23
C HIS A 67 -0.58 7.76 -73.86
N LYS A 68 0.30 8.44 -73.14
CA LYS A 68 0.79 9.75 -73.56
C LYS A 68 2.18 9.98 -73.00
N PRO A 69 2.97 10.85 -73.64
CA PRO A 69 4.32 11.13 -73.13
C PRO A 69 4.33 12.11 -71.97
N ASN A 70 3.26 12.87 -71.76
CA ASN A 70 3.17 13.79 -70.64
C ASN A 70 1.92 13.48 -69.83
N ALA A 71 2.08 13.43 -68.51
CA ALA A 71 0.95 13.17 -67.64
C ALA A 71 -0.05 14.33 -67.62
N ILE A 72 0.33 15.49 -68.15
CA ILE A 72 -0.57 16.63 -68.17
C ILE A 72 -1.72 16.40 -69.14
N GLN A 73 -1.41 16.19 -70.42
CA GLN A 73 -2.43 15.81 -71.38
C GLN A 73 -3.10 14.51 -70.97
N MET A 74 -2.37 13.65 -70.25
CA MET A 74 -2.97 12.41 -69.74
C MET A 74 -4.14 12.73 -68.82
N ALA A 75 -3.88 13.46 -67.74
CA ALA A 75 -4.96 13.88 -66.85
C ALA A 75 -6.03 14.65 -67.60
N LEU A 76 -5.63 15.43 -68.61
CA LEU A 76 -6.60 16.15 -69.41
C LEU A 76 -7.62 15.19 -70.01
N SER A 77 -7.16 14.29 -70.87
CA SER A 77 -8.05 13.33 -71.51
C SER A 77 -8.64 12.34 -70.52
N VAL A 78 -8.13 12.27 -69.29
CA VAL A 78 -8.70 11.37 -68.29
C VAL A 78 -10.18 11.69 -68.10
N CYS A 79 -10.50 12.96 -67.89
CA CYS A 79 -11.87 13.38 -67.74
C CYS A 79 -12.43 14.07 -68.97
N GLU A 80 -11.59 14.39 -69.97
CA GLU A 80 -12.11 14.90 -71.23
C GLU A 80 -12.98 13.84 -71.93
N ASP A 81 -12.61 12.58 -71.83
CA ASP A 81 -13.33 11.52 -72.53
C ASP A 81 -13.98 10.52 -71.59
N LEU A 82 -13.23 9.94 -70.67
CA LEU A 82 -13.74 8.82 -69.89
C LEU A 82 -14.70 9.29 -68.80
N ILE A 83 -14.20 10.11 -67.88
CA ILE A 83 -15.05 10.60 -66.79
C ILE A 83 -16.26 11.33 -67.35
N SER A 84 -16.08 12.12 -68.40
CA SER A 84 -17.20 12.76 -69.07
C SER A 84 -18.20 11.75 -69.58
N SER A 85 -17.76 10.55 -69.96
CA SER A 85 -18.63 9.50 -70.41
C SER A 85 -19.29 8.74 -69.26
N GLN A 86 -19.13 9.23 -68.03
CA GLN A 86 -19.78 8.67 -66.85
C GLN A 86 -19.41 7.19 -66.69
N VAL A 87 -18.13 6.97 -66.47
CA VAL A 87 -17.57 5.63 -66.33
C VAL A 87 -17.80 5.15 -64.90
N TYR A 88 -17.97 3.83 -64.75
CA TYR A 88 -18.18 3.24 -63.43
C TYR A 88 -16.94 2.58 -62.85
N ALA A 89 -15.94 2.29 -63.68
CA ALA A 89 -14.68 1.72 -63.24
C ALA A 89 -13.72 1.77 -64.42
N ILE A 90 -12.44 1.96 -64.12
CA ILE A 90 -11.43 2.15 -65.15
C ILE A 90 -10.33 1.12 -64.97
N LEU A 91 -9.83 0.62 -66.10
CA LEU A 91 -8.84 -0.45 -66.15
C LEU A 91 -7.56 0.13 -66.72
N VAL A 92 -6.49 0.13 -65.93
CA VAL A 92 -5.27 0.83 -66.31
C VAL A 92 -4.06 -0.07 -66.08
N SER A 93 -3.13 -0.06 -67.03
CA SER A 93 -1.92 -0.86 -66.98
C SER A 93 -0.69 0.02 -67.08
N HIS A 94 0.40 -0.45 -66.49
CA HIS A 94 1.65 0.30 -66.49
C HIS A 94 2.38 0.09 -67.80
N PRO A 95 2.51 1.12 -68.64
CA PRO A 95 3.30 0.97 -69.85
C PRO A 95 4.76 0.72 -69.52
N PRO A 96 5.41 -0.20 -70.21
CA PRO A 96 6.79 -0.57 -69.89
C PRO A 96 7.80 0.47 -70.36
N THR A 97 7.77 1.63 -69.70
CA THR A 97 8.69 2.72 -70.04
C THR A 97 9.70 2.96 -68.93
N HIS A 101 10.26 5.25 -63.60
CA HIS A 101 8.98 4.59 -63.38
C HIS A 101 7.81 5.53 -63.68
N PHE A 102 7.55 5.76 -64.96
CA PHE A 102 6.39 6.55 -65.36
C PHE A 102 5.12 5.82 -64.96
N THR A 103 4.47 6.32 -63.93
CA THR A 103 3.46 5.58 -63.20
C THR A 103 2.08 6.16 -63.47
N PRO A 104 1.04 5.32 -63.43
CA PRO A 104 -0.32 5.84 -63.67
C PRO A 104 -0.87 6.68 -62.54
N THR A 105 0.00 7.11 -61.63
CA THR A 105 -0.35 7.95 -60.49
C THR A 105 -1.33 9.07 -60.82
N PRO A 106 -1.15 9.84 -61.90
CA PRO A 106 -2.15 10.88 -62.20
C PRO A 106 -3.56 10.34 -62.26
N VAL A 107 -3.76 9.27 -63.03
CA VAL A 107 -5.06 8.64 -63.12
C VAL A 107 -5.61 8.31 -61.74
N SER A 108 -4.79 7.64 -60.91
CA SER A 108 -5.23 7.27 -59.57
C SER A 108 -5.72 8.46 -58.77
N TYR A 109 -5.15 9.65 -59.00
CA TYR A 109 -5.69 10.85 -58.38
C TYR A 109 -7.09 11.14 -58.90
N THR A 110 -7.21 11.28 -60.21
CA THR A 110 -8.35 11.95 -60.83
C THR A 110 -9.67 11.32 -60.41
N ALA A 111 -9.88 10.05 -60.74
CA ALA A 111 -11.13 9.39 -60.37
C ALA A 111 -11.29 9.28 -58.86
N GLY A 112 -10.18 9.20 -58.11
CA GLY A 112 -10.29 9.24 -56.67
C GLY A 112 -11.00 10.46 -56.16
N PHE A 113 -10.98 11.56 -56.94
CA PHE A 113 -11.74 12.76 -56.62
C PHE A 113 -13.18 12.43 -56.26
N TYR A 114 -13.73 11.35 -56.82
CA TYR A 114 -15.07 10.90 -56.48
C TYR A 114 -15.05 9.59 -55.73
N ARG A 115 -13.86 9.10 -55.36
CA ARG A 115 -13.72 7.76 -54.80
C ARG A 115 -14.29 6.71 -55.75
N ILE A 116 -13.81 6.76 -57.00
CA ILE A 116 -14.27 5.84 -58.04
C ILE A 116 -13.34 4.62 -58.04
N PRO A 117 -13.85 3.42 -57.77
CA PRO A 117 -12.98 2.24 -57.81
C PRO A 117 -12.37 2.03 -59.18
N VAL A 118 -11.12 1.58 -59.19
CA VAL A 118 -10.32 1.46 -60.40
C VAL A 118 -9.41 0.25 -60.25
N LEU A 119 -9.23 -0.50 -61.33
CA LEU A 119 -8.38 -1.68 -61.33
C LEU A 119 -7.11 -1.41 -62.12
N GLY A 120 -5.98 -1.79 -61.54
CA GLY A 120 -4.69 -1.67 -62.20
C GLY A 120 -4.16 -3.03 -62.62
N LEU A 121 -3.33 -3.02 -63.65
CA LEU A 121 -2.93 -4.26 -64.32
C LEU A 121 -1.46 -4.57 -64.14
N THR A 122 -0.56 -3.63 -64.43
CA THR A 122 0.86 -3.96 -64.50
C THR A 122 1.73 -3.08 -63.62
N THR A 123 1.13 -2.32 -62.70
CA THR A 123 1.94 -1.56 -61.76
C THR A 123 2.71 -2.50 -60.86
N ARG A 124 3.95 -2.11 -60.54
CA ARG A 124 4.82 -2.95 -59.73
C ARG A 124 5.38 -2.27 -58.49
N MET A 125 5.63 -0.96 -58.52
CA MET A 125 6.08 -0.27 -57.33
C MET A 125 5.05 -0.43 -56.22
N SER A 126 5.51 -0.26 -54.98
CA SER A 126 4.72 -0.58 -53.81
C SER A 126 3.99 0.63 -53.23
N ILE A 127 4.25 1.83 -53.74
CA ILE A 127 3.69 3.03 -53.14
C ILE A 127 2.16 3.01 -53.12
N TYR A 128 1.53 2.37 -54.09
CA TYR A 128 0.09 2.31 -54.14
C TYR A 128 -0.51 1.52 -52.98
N SER A 129 0.31 0.82 -52.21
CA SER A 129 -0.21 -0.03 -51.15
C SER A 129 -1.04 0.72 -50.13
N ASP A 130 -0.79 2.01 -49.92
CA ASP A 130 -1.47 2.76 -48.87
C ASP A 130 -2.92 3.06 -49.24
N LYS A 131 -3.77 3.11 -48.22
CA LYS A 131 -5.14 3.55 -48.42
C LYS A 131 -5.21 5.06 -48.62
N SER A 132 -4.61 5.82 -47.70
CA SER A 132 -4.91 7.24 -47.60
C SER A 132 -4.62 7.98 -48.89
N ILE A 133 -3.36 7.99 -49.32
CA ILE A 133 -2.98 8.79 -50.48
C ILE A 133 -3.71 8.31 -51.73
N HIS A 134 -3.52 7.05 -52.09
CA HIS A 134 -4.25 6.43 -53.19
C HIS A 134 -5.46 5.74 -52.57
N LEU A 135 -6.57 6.45 -52.52
CA LEU A 135 -7.81 5.93 -51.95
C LEU A 135 -8.54 4.96 -52.86
N SER A 136 -8.20 4.95 -54.15
CA SER A 136 -8.96 4.20 -55.15
C SER A 136 -7.95 3.44 -56.01
N PHE A 137 -7.63 2.22 -55.57
CA PHE A 137 -6.61 1.44 -56.28
C PHE A 137 -6.73 -0.02 -55.85
N LEU A 138 -6.98 -0.89 -56.82
CA LEU A 138 -6.92 -2.33 -56.60
C LEU A 138 -6.28 -2.98 -57.83
N ARG A 139 -5.14 -3.60 -57.61
CA ARG A 139 -4.33 -4.08 -58.73
C ARG A 139 -4.33 -5.60 -58.75
N THR A 140 -3.99 -6.13 -59.92
CA THR A 140 -4.00 -7.56 -60.18
C THR A 140 -2.67 -8.24 -59.89
N VAL A 141 -1.74 -7.53 -59.26
CA VAL A 141 -0.38 -8.03 -59.11
C VAL A 141 -0.01 -8.01 -57.63
N PRO A 142 0.78 -8.96 -57.14
CA PRO A 142 1.32 -8.83 -55.80
C PRO A 142 2.43 -7.78 -55.77
N PRO A 143 2.59 -7.09 -54.66
CA PRO A 143 3.61 -6.03 -54.56
C PRO A 143 4.99 -6.64 -54.36
N TYR A 144 6.02 -5.82 -54.64
CA TYR A 144 7.38 -6.22 -54.33
C TYR A 144 7.51 -6.67 -52.88
N SER A 145 6.69 -6.10 -51.99
CA SER A 145 6.83 -6.38 -50.57
C SER A 145 6.72 -7.87 -50.28
N HIS A 146 5.58 -8.46 -50.58
CA HIS A 146 5.33 -9.84 -50.21
C HIS A 146 6.30 -10.81 -50.88
N GLN A 147 7.11 -10.35 -51.83
CA GLN A 147 8.17 -11.20 -52.34
C GLN A 147 9.09 -11.67 -51.24
N SER A 148 9.17 -10.91 -50.15
CA SER A 148 9.98 -11.32 -49.02
C SER A 148 9.40 -12.55 -48.33
N SER A 149 8.08 -12.69 -48.35
CA SER A 149 7.40 -13.62 -47.47
C SER A 149 7.90 -15.05 -47.67
N VAL A 150 8.14 -15.46 -48.91
CA VAL A 150 8.50 -16.84 -49.20
C VAL A 150 9.87 -17.14 -48.59
N TRP A 151 10.70 -16.11 -48.47
CA TRP A 151 11.99 -16.27 -47.84
C TRP A 151 11.85 -16.75 -46.40
N PHE A 152 10.71 -16.46 -45.78
CA PHE A 152 10.43 -16.95 -44.44
C PHE A 152 10.47 -18.46 -44.36
N GLU A 153 10.20 -19.15 -45.47
CA GLU A 153 10.00 -20.60 -45.40
C GLU A 153 11.20 -21.35 -45.94
N MET A 154 11.92 -20.79 -46.91
CA MET A 154 13.15 -21.39 -47.35
C MET A 154 14.11 -21.58 -46.18
N MET A 155 14.19 -20.59 -45.29
CA MET A 155 14.87 -20.79 -44.02
C MET A 155 14.35 -22.04 -43.31
N ARG A 156 13.03 -22.13 -43.13
CA ARG A 156 12.42 -23.34 -42.62
C ARG A 156 12.72 -24.56 -43.50
N VAL A 157 12.82 -24.38 -44.81
CA VAL A 157 13.13 -25.52 -45.67
C VAL A 157 14.54 -25.99 -45.44
N TYR A 158 15.48 -25.07 -45.24
CA TYR A 158 16.88 -25.44 -45.07
C TYR A 158 17.45 -25.01 -43.73
N ASN A 159 16.64 -25.09 -42.68
CA ASN A 159 17.08 -25.01 -41.28
C ASN A 159 17.89 -23.76 -40.97
N TRP A 160 17.85 -22.76 -41.83
CA TRP A 160 18.57 -21.53 -41.55
C TRP A 160 17.89 -20.77 -40.41
N ASN A 161 18.68 -20.24 -39.49
CA ASN A 161 18.15 -19.47 -38.39
C ASN A 161 19.00 -18.23 -38.07
N HIS A 162 19.79 -17.76 -39.02
CA HIS A 162 20.66 -16.61 -38.80
C HIS A 162 20.76 -15.86 -40.11
N ILE A 163 20.10 -14.72 -40.19
CA ILE A 163 19.81 -14.07 -41.46
C ILE A 163 20.37 -12.66 -41.44
N ILE A 164 20.89 -12.22 -42.57
CA ILE A 164 21.42 -10.88 -42.74
C ILE A 164 20.64 -10.19 -43.85
N LEU A 165 20.31 -8.92 -43.64
CA LEU A 165 19.38 -8.22 -44.51
C LEU A 165 19.97 -6.89 -44.94
N LEU A 166 19.78 -6.54 -46.21
CA LEU A 166 20.25 -5.29 -46.78
C LEU A 166 19.18 -4.73 -47.69
N VAL A 167 18.79 -3.48 -47.44
CA VAL A 167 17.86 -2.77 -48.31
C VAL A 167 18.38 -1.36 -48.52
N SER A 168 17.96 -0.75 -49.61
CA SER A 168 18.30 0.64 -49.87
C SER A 168 17.48 1.56 -48.97
N ASP A 169 17.88 2.83 -48.93
CA ASP A 169 17.28 3.79 -48.01
C ASP A 169 16.19 4.56 -48.73
N ASP A 170 14.99 4.00 -48.71
CA ASP A 170 13.81 4.65 -49.28
C ASP A 170 12.57 3.92 -48.77
N HIS A 171 11.42 4.29 -49.32
CA HIS A 171 10.15 3.76 -48.84
C HIS A 171 10.04 2.25 -49.04
N GLU A 172 10.63 1.75 -50.12
CA GLU A 172 10.30 0.41 -50.59
C GLU A 172 10.92 -0.66 -49.69
N GLY A 173 12.25 -0.64 -49.58
CA GLY A 173 12.91 -1.58 -48.69
C GLY A 173 12.46 -1.43 -47.25
N ARG A 174 12.06 -0.21 -46.86
CA ARG A 174 11.56 -0.02 -45.51
C ARG A 174 10.24 -0.76 -45.32
N ALA A 175 9.34 -0.66 -46.30
CA ALA A 175 8.12 -1.47 -46.24
C ALA A 175 8.47 -2.95 -46.18
N ALA A 176 9.41 -3.38 -47.00
CA ALA A 176 9.82 -4.78 -47.01
C ALA A 176 10.32 -5.21 -45.63
N GLN A 177 11.12 -4.37 -45.00
CA GLN A 177 11.66 -4.69 -43.69
C GLN A 177 10.56 -4.75 -42.65
N LYS A 178 9.61 -3.82 -42.71
CA LYS A 178 8.45 -3.92 -41.84
C LYS A 178 7.76 -5.27 -42.03
N ARG A 179 7.61 -5.69 -43.27
CA ARG A 179 6.97 -6.98 -43.55
C ARG A 179 7.76 -8.11 -42.93
N LEU A 180 9.09 -8.09 -43.06
CA LEU A 180 9.88 -9.19 -42.54
C LEU A 180 9.87 -9.21 -41.01
N GLU A 181 9.85 -8.03 -40.39
CA GLU A 181 9.70 -7.97 -38.95
C GLU A 181 8.37 -8.57 -38.52
N THR A 182 7.29 -8.24 -39.24
CA THR A 182 6.01 -8.89 -38.99
C THR A 182 6.15 -10.40 -39.13
N LEU A 183 6.91 -10.86 -40.11
CA LEU A 183 7.12 -12.29 -40.28
C LEU A 183 7.82 -12.89 -39.07
N LEU A 184 8.82 -12.20 -38.55
CA LEU A 184 9.59 -12.72 -37.43
C LEU A 184 8.83 -12.69 -36.11
N GLU A 185 7.88 -11.76 -35.97
CA GLU A 185 7.23 -11.55 -34.67
C GLU A 185 6.48 -12.79 -34.20
N GLU A 186 5.67 -13.39 -35.07
CA GLU A 186 4.85 -14.53 -34.68
C GLU A 186 5.71 -15.72 -34.29
N GLY A 209 11.53 -19.65 -33.80
CA GLY A 209 11.97 -19.33 -35.15
C GLY A 209 13.33 -18.68 -35.19
N PRO A 210 13.74 -18.21 -36.37
CA PRO A 210 15.03 -17.55 -36.52
C PRO A 210 15.04 -16.19 -35.83
N LYS A 211 16.16 -15.48 -35.98
CA LYS A 211 16.29 -14.15 -35.42
C LYS A 211 17.15 -13.33 -36.36
N ALA A 212 16.59 -12.22 -36.86
CA ALA A 212 17.33 -11.33 -37.74
C ALA A 212 18.54 -10.78 -37.01
N GLU A 213 19.73 -11.04 -37.56
CA GLU A 213 20.94 -10.59 -36.89
C GLU A 213 20.98 -9.08 -36.76
N LYS A 214 21.01 -8.38 -37.90
CA LYS A 214 21.06 -6.92 -37.87
C LYS A 214 20.69 -6.39 -39.24
N VAL A 215 19.59 -5.68 -39.32
CA VAL A 215 19.25 -4.99 -40.54
C VAL A 215 20.32 -3.95 -40.81
N LEU A 216 20.45 -3.54 -42.06
CA LEU A 216 21.44 -2.56 -42.45
C LEU A 216 20.89 -1.71 -43.58
N GLN A 217 20.79 -0.41 -43.35
CA GLN A 217 20.31 0.51 -44.36
C GLN A 217 21.49 1.12 -45.09
N PHE A 218 21.19 1.76 -46.22
CA PHE A 218 22.19 2.48 -46.99
C PHE A 218 21.48 3.30 -48.05
N ASP A 219 22.00 4.49 -48.30
CA ASP A 219 21.38 5.39 -49.25
C ASP A 219 21.45 4.80 -50.66
N PRO A 220 20.37 4.86 -51.43
CA PRO A 220 20.44 4.41 -52.81
C PRO A 220 21.30 5.33 -53.66
N GLY A 221 21.69 4.83 -54.83
CA GLY A 221 22.53 5.60 -55.73
C GLY A 221 23.92 5.90 -55.21
N THR A 222 24.32 5.28 -54.11
CA THR A 222 25.63 5.55 -53.53
C THR A 222 26.73 4.90 -54.35
N LYS A 223 27.98 5.13 -53.96
CA LYS A 223 29.14 4.62 -54.68
C LYS A 223 29.93 3.61 -53.86
N ASN A 224 30.36 3.97 -52.65
CA ASN A 224 31.21 3.11 -51.85
C ASN A 224 30.40 2.52 -50.70
N VAL A 225 29.78 1.37 -50.94
CA VAL A 225 29.10 0.61 -49.92
C VAL A 225 30.02 -0.41 -49.29
N THR A 226 31.19 -0.62 -49.88
CA THR A 226 32.14 -1.63 -49.41
C THR A 226 32.39 -1.54 -47.92
N ALA A 227 32.55 -0.33 -47.38
CA ALA A 227 32.74 -0.17 -45.95
C ALA A 227 31.60 -0.79 -45.15
N LEU A 228 30.36 -0.57 -45.59
CA LEU A 228 29.23 -1.22 -44.95
C LEU A 228 29.38 -2.73 -44.99
N LEU A 229 29.66 -3.29 -46.17
CA LEU A 229 29.84 -4.72 -46.31
C LEU A 229 30.97 -5.24 -45.45
N MET A 230 31.92 -4.38 -45.05
CA MET A 230 32.98 -4.84 -44.18
C MET A 230 32.44 -5.30 -42.83
N GLU A 231 31.42 -4.59 -42.32
CA GLU A 231 30.78 -5.04 -41.09
C GLU A 231 30.22 -6.45 -41.24
N ALA A 232 29.64 -6.75 -42.41
CA ALA A 232 29.18 -8.11 -42.66
C ALA A 232 30.36 -9.08 -42.68
N ARG A 233 31.43 -8.72 -43.39
CA ARG A 233 32.63 -9.55 -43.42
C ARG A 233 33.12 -9.86 -42.01
N GLU A 234 32.92 -8.93 -41.08
CA GLU A 234 33.27 -9.21 -39.69
C GLU A 234 32.20 -10.05 -39.01
N LEU A 235 30.94 -9.91 -39.42
CA LEU A 235 29.87 -10.59 -38.73
C LEU A 235 29.93 -12.09 -38.94
N GLU A 236 29.05 -12.80 -38.24
CA GLU A 236 29.19 -14.24 -38.10
C GLU A 236 28.52 -15.00 -39.24
N ALA A 237 27.22 -14.79 -39.45
CA ALA A 237 26.49 -15.63 -40.39
C ALA A 237 26.91 -15.33 -41.82
N ARG A 238 26.30 -16.07 -42.76
CA ARG A 238 26.74 -16.05 -44.15
C ARG A 238 25.65 -15.73 -45.16
N VAL A 239 24.38 -16.00 -44.87
CA VAL A 239 23.34 -15.77 -45.84
C VAL A 239 23.12 -14.28 -46.01
N ILE A 240 22.44 -13.92 -47.09
CA ILE A 240 22.23 -12.53 -47.48
C ILE A 240 20.85 -12.40 -48.09
N ILE A 241 20.18 -11.30 -47.80
CA ILE A 241 18.98 -10.91 -48.52
C ILE A 241 19.15 -9.45 -48.92
N LEU A 242 19.52 -9.22 -50.17
CA LEU A 242 19.74 -7.88 -50.70
C LEU A 242 18.60 -7.49 -51.60
N SER A 243 17.82 -6.51 -51.20
CA SER A 243 16.71 -6.01 -51.99
C SER A 243 16.95 -4.56 -52.34
N ALA A 244 16.81 -4.21 -53.62
CA ALA A 244 17.04 -2.86 -54.08
C ALA A 244 16.43 -2.71 -55.46
N SER A 245 16.75 -1.60 -56.13
CA SER A 245 16.38 -1.39 -57.50
C SER A 245 17.25 -2.27 -58.40
N GLU A 246 16.94 -2.27 -59.70
CA GLU A 246 17.81 -2.94 -60.66
C GLU A 246 19.15 -2.21 -60.77
N ASP A 247 19.10 -0.87 -60.88
CA ASP A 247 20.31 -0.09 -61.00
C ASP A 247 21.25 -0.26 -59.81
N ASP A 248 20.71 -0.55 -58.63
CA ASP A 248 21.54 -0.59 -57.43
C ASP A 248 22.50 -1.78 -57.44
N ALA A 249 21.98 -2.98 -57.75
CA ALA A 249 22.74 -4.21 -57.59
C ALA A 249 24.09 -4.19 -58.30
N ALA A 250 24.26 -3.32 -59.29
CA ALA A 250 25.51 -3.23 -60.01
C ALA A 250 26.68 -3.01 -59.06
N THR A 251 26.56 -2.04 -58.16
CA THR A 251 27.66 -1.72 -57.27
C THR A 251 28.00 -2.89 -56.36
N VAL A 252 26.99 -3.46 -55.69
CA VAL A 252 27.25 -4.56 -54.77
C VAL A 252 27.86 -5.74 -55.52
N TYR A 253 27.41 -6.00 -56.74
CA TYR A 253 27.99 -7.09 -57.50
C TYR A 253 29.43 -6.79 -57.86
N ARG A 254 29.72 -5.55 -58.27
CA ARG A 254 31.10 -5.20 -58.59
C ARG A 254 31.99 -5.34 -57.36
N ALA A 255 31.44 -5.10 -56.18
CA ALA A 255 32.24 -5.04 -54.97
C ALA A 255 32.30 -6.34 -54.18
N ALA A 256 31.43 -7.31 -54.48
CA ALA A 256 31.42 -8.56 -53.73
C ALA A 256 32.74 -9.31 -53.86
N ALA A 257 33.34 -9.27 -55.04
CA ALA A 257 34.69 -9.82 -55.22
C ALA A 257 35.74 -8.99 -54.49
N MET A 258 35.51 -7.69 -54.32
CA MET A 258 36.50 -6.86 -53.64
C MET A 258 36.79 -7.37 -52.25
N LEU A 259 35.75 -7.70 -51.48
CA LEU A 259 35.93 -8.33 -50.18
C LEU A 259 35.76 -9.84 -50.25
N ASP A 260 35.72 -10.41 -51.45
CA ASP A 260 35.74 -11.86 -51.64
C ASP A 260 34.53 -12.54 -51.01
N MET A 261 33.44 -11.80 -50.81
CA MET A 261 32.24 -12.36 -50.19
C MET A 261 31.45 -13.23 -51.15
N THR A 262 32.02 -13.56 -52.30
CA THR A 262 31.40 -14.46 -53.26
C THR A 262 31.71 -15.93 -52.99
N GLY A 263 32.51 -16.20 -51.97
CA GLY A 263 33.02 -17.54 -51.74
C GLY A 263 31.97 -18.52 -51.28
N SER A 264 32.44 -19.71 -50.91
CA SER A 264 31.56 -20.78 -50.49
C SER A 264 30.80 -20.40 -49.23
N GLY A 265 29.67 -21.06 -49.01
CA GLY A 265 28.84 -20.85 -47.85
C GLY A 265 27.97 -19.61 -47.93
N TYR A 266 28.42 -18.59 -48.65
CA TYR A 266 27.68 -17.33 -48.72
C TYR A 266 26.46 -17.52 -49.61
N VAL A 267 25.34 -17.85 -49.00
CA VAL A 267 24.08 -18.03 -49.72
C VAL A 267 23.61 -16.67 -50.21
N TRP A 268 22.82 -16.68 -51.29
CA TRP A 268 22.25 -15.47 -51.82
C TRP A 268 20.78 -15.65 -52.11
N LEU A 269 20.04 -14.55 -51.99
CA LEU A 269 18.60 -14.60 -52.16
C LEU A 269 18.16 -13.15 -52.38
N VAL A 270 17.65 -12.86 -53.57
CA VAL A 270 17.34 -11.48 -53.93
C VAL A 270 15.96 -11.39 -54.56
N GLY A 271 15.61 -10.19 -55.02
CA GLY A 271 14.31 -9.94 -55.62
C GLY A 271 14.36 -9.92 -57.14
N GLU A 272 13.17 -9.83 -57.73
CA GLU A 272 13.04 -9.92 -59.18
C GLU A 272 13.81 -8.81 -59.89
N ARG A 273 13.72 -7.58 -59.40
CA ARG A 273 14.50 -6.50 -59.98
C ARG A 273 16.01 -6.70 -59.78
N GLU A 274 16.42 -7.77 -59.10
CA GLU A 274 17.82 -8.07 -58.91
C GLU A 274 18.27 -9.31 -59.66
N ILE A 275 17.37 -9.95 -60.41
CA ILE A 275 17.73 -11.14 -61.18
C ILE A 275 17.64 -10.89 -62.67
N SER A 276 17.70 -9.63 -63.09
CA SER A 276 17.54 -9.29 -64.50
C SER A 276 18.12 -7.91 -64.73
N GLY A 277 17.88 -7.37 -65.92
CA GLY A 277 18.42 -6.07 -66.26
C GLY A 277 19.94 -6.11 -66.28
N ASN A 278 20.56 -4.99 -65.89
CA ASN A 278 22.00 -4.94 -65.81
C ASN A 278 22.57 -5.92 -64.78
N ALA A 279 21.73 -6.44 -63.89
CA ALA A 279 22.22 -7.34 -62.84
C ALA A 279 22.62 -8.69 -63.40
N LEU A 280 21.73 -9.33 -64.15
CA LEU A 280 22.03 -10.64 -64.72
C LEU A 280 23.34 -10.67 -65.48
N ARG A 281 23.80 -9.51 -65.96
CA ARG A 281 25.13 -9.43 -66.55
C ARG A 281 26.20 -9.59 -65.48
N TYR A 282 26.18 -8.73 -64.47
CA TYR A 282 27.23 -8.66 -63.47
C TYR A 282 27.09 -9.68 -62.35
N ALA A 283 25.95 -10.34 -62.25
CA ALA A 283 25.72 -11.15 -61.07
C ALA A 283 26.62 -12.39 -61.08
N PRO A 284 27.19 -12.75 -59.94
CA PRO A 284 27.87 -14.05 -59.82
C PRO A 284 26.90 -15.12 -59.36
N ASP A 285 27.18 -16.35 -59.79
CA ASP A 285 26.21 -17.41 -59.62
C ASP A 285 26.12 -17.85 -58.16
N GLY A 286 25.35 -18.91 -57.93
CA GLY A 286 24.85 -19.25 -56.63
C GLY A 286 23.60 -18.47 -56.25
N ILE A 287 23.44 -17.27 -56.77
CA ILE A 287 22.26 -16.46 -56.55
C ILE A 287 21.02 -17.22 -56.99
N ILE A 288 19.96 -17.10 -56.20
CA ILE A 288 18.66 -17.70 -56.52
C ILE A 288 17.67 -16.56 -56.69
N GLY A 289 16.68 -16.75 -57.59
CA GLY A 289 15.73 -15.71 -57.89
C GLY A 289 14.32 -16.25 -57.97
N LEU A 290 13.36 -15.32 -58.00
CA LEU A 290 11.95 -15.66 -57.99
C LEU A 290 11.24 -14.97 -59.15
N GLN A 291 10.25 -15.65 -59.72
CA GLN A 291 9.37 -15.07 -60.71
C GLN A 291 7.95 -15.54 -60.44
N LEU A 292 6.99 -14.73 -60.85
CA LEU A 292 5.59 -15.03 -60.58
C LEU A 292 5.03 -15.90 -61.70
N ILE A 293 3.97 -16.66 -61.39
CA ILE A 293 3.30 -17.42 -62.43
C ILE A 293 2.37 -16.49 -63.21
N ASN A 294 2.39 -16.63 -64.54
CA ASN A 294 1.52 -15.84 -65.43
C ASN A 294 1.67 -14.34 -65.15
N GLY A 295 2.90 -13.90 -64.91
CA GLY A 295 3.12 -12.54 -64.46
C GLY A 295 2.86 -11.46 -65.49
N LYS A 296 3.69 -11.40 -66.53
CA LYS A 296 3.66 -10.30 -67.49
C LYS A 296 2.91 -10.74 -68.74
N ASN A 297 1.58 -10.77 -68.64
CA ASN A 297 0.69 -11.05 -69.77
C ASN A 297 -0.50 -10.11 -69.65
N GLU A 298 -0.42 -8.95 -70.30
CA GLU A 298 -1.43 -7.91 -70.10
C GLU A 298 -2.82 -8.42 -70.46
N SER A 299 -2.97 -9.00 -71.65
CA SER A 299 -4.28 -9.40 -72.13
C SER A 299 -4.93 -10.43 -71.22
N ALA A 300 -4.14 -11.37 -70.70
CA ALA A 300 -4.69 -12.41 -69.85
C ALA A 300 -5.34 -11.83 -68.61
N HIS A 301 -4.57 -11.08 -67.82
CA HIS A 301 -5.13 -10.45 -66.64
C HIS A 301 -6.25 -9.48 -67.01
N ILE A 302 -6.17 -8.85 -68.19
CA ILE A 302 -7.25 -8.00 -68.64
C ILE A 302 -8.56 -8.78 -68.70
N SER A 303 -8.52 -9.92 -69.38
CA SER A 303 -9.71 -10.75 -69.49
C SER A 303 -10.18 -11.21 -68.11
N ASP A 304 -9.26 -11.66 -67.27
CA ASP A 304 -9.62 -12.12 -65.94
C ASP A 304 -10.30 -11.01 -65.13
N ALA A 305 -9.82 -9.79 -65.26
CA ALA A 305 -10.36 -8.69 -64.48
C ALA A 305 -11.74 -8.28 -65.00
N VAL A 306 -11.89 -8.23 -66.33
CA VAL A 306 -13.22 -7.97 -66.87
C VAL A 306 -14.19 -9.05 -66.39
N GLY A 307 -13.72 -10.29 -66.29
CA GLY A 307 -14.57 -11.34 -65.76
C GLY A 307 -14.94 -11.13 -64.31
N VAL A 308 -13.97 -10.78 -63.47
CA VAL A 308 -14.25 -10.58 -62.05
C VAL A 308 -15.16 -9.38 -61.85
N VAL A 309 -15.06 -8.37 -62.72
CA VAL A 309 -15.92 -7.20 -62.59
C VAL A 309 -17.30 -7.45 -63.20
N ALA A 310 -17.42 -8.46 -64.07
CA ALA A 310 -18.73 -8.82 -64.58
C ALA A 310 -19.64 -9.29 -63.46
N GLN A 311 -19.14 -10.16 -62.58
CA GLN A 311 -19.92 -10.58 -61.42
C GLN A 311 -20.25 -9.39 -60.53
N ALA A 312 -19.33 -8.44 -60.42
CA ALA A 312 -19.60 -7.24 -59.65
C ALA A 312 -20.77 -6.46 -60.20
N VAL A 313 -20.74 -6.14 -61.50
CA VAL A 313 -21.83 -5.38 -62.12
C VAL A 313 -23.12 -6.18 -62.05
N HIS A 314 -23.02 -7.51 -62.13
CA HIS A 314 -24.19 -8.37 -62.00
C HIS A 314 -24.80 -8.32 -60.62
N GLU A 315 -24.00 -8.18 -59.57
CA GLU A 315 -24.51 -7.98 -58.22
C GLU A 315 -24.72 -6.50 -57.90
N LEU A 316 -24.46 -5.61 -58.85
CA LEU A 316 -24.56 -4.18 -58.58
C LEU A 316 -26.00 -3.69 -58.65
N LEU A 317 -26.64 -3.82 -59.83
CA LEU A 317 -28.03 -3.40 -59.98
C LEU A 317 -28.95 -4.11 -59.02
N GLU A 318 -28.60 -5.34 -58.61
CA GLU A 318 -29.39 -6.04 -57.59
C GLU A 318 -29.38 -5.28 -56.27
N LYS A 319 -28.27 -4.64 -55.93
CA LYS A 319 -28.21 -3.84 -54.71
C LYS A 319 -29.21 -2.70 -54.77
N GLU A 320 -29.60 -2.22 -53.60
CA GLU A 320 -30.62 -1.19 -53.49
C GLU A 320 -30.00 0.20 -53.63
N ASN A 321 -30.83 1.15 -54.07
CA ASN A 321 -30.45 2.56 -54.18
C ASN A 321 -29.23 2.73 -55.08
N ILE A 322 -29.41 2.40 -56.35
CA ILE A 322 -28.36 2.56 -57.35
C ILE A 322 -28.31 4.03 -57.76
N THR A 323 -27.17 4.67 -57.52
CA THR A 323 -26.97 6.05 -57.90
C THR A 323 -26.15 6.10 -59.18
N ASP A 324 -25.77 7.32 -59.60
CA ASP A 324 -25.05 7.49 -60.84
C ASP A 324 -23.88 8.43 -60.67
N PRO A 325 -22.71 8.03 -61.15
CA PRO A 325 -21.54 8.90 -61.08
C PRO A 325 -21.72 10.12 -61.96
N PRO A 326 -20.89 11.13 -61.83
CA PRO A 326 -21.12 12.36 -62.59
C PRO A 326 -20.84 12.16 -64.06
N ARG A 327 -21.66 12.81 -64.88
CA ARG A 327 -21.41 12.93 -66.32
C ARG A 327 -20.92 14.36 -66.56
N GLY A 328 -19.61 14.55 -66.58
CA GLY A 328 -19.05 15.88 -66.62
C GLY A 328 -18.02 16.14 -65.54
N CYS A 329 -16.79 16.37 -65.99
CA CYS A 329 -15.63 16.61 -65.14
C CYS A 329 -15.64 18.02 -64.54
N VAL A 330 -16.44 18.91 -65.07
CA VAL A 330 -16.51 20.30 -64.59
C VAL A 330 -17.82 20.49 -63.83
N GLY A 331 -17.75 21.25 -62.74
CA GLY A 331 -18.93 21.69 -62.02
C GLY A 331 -19.70 20.62 -61.28
N ASN A 332 -19.39 19.34 -61.49
CA ASN A 332 -20.09 18.26 -60.79
C ASN A 332 -19.22 17.88 -59.59
N THR A 333 -19.04 18.84 -58.68
CA THR A 333 -18.19 18.65 -57.53
C THR A 333 -18.82 17.74 -56.47
N ASN A 334 -20.14 17.57 -56.51
CA ASN A 334 -20.79 16.59 -55.66
C ASN A 334 -20.18 15.21 -55.90
N ILE A 335 -19.82 14.53 -54.83
CA ILE A 335 -19.18 13.23 -54.94
C ILE A 335 -20.23 12.14 -55.05
N TRP A 336 -19.95 11.15 -55.89
CA TRP A 336 -20.85 10.02 -56.08
C TRP A 336 -20.92 9.22 -54.78
N LYS A 337 -22.11 9.16 -54.17
CA LYS A 337 -22.27 8.63 -52.83
C LYS A 337 -22.30 7.11 -52.77
N THR A 338 -21.90 6.42 -53.84
CA THR A 338 -21.86 4.96 -53.84
C THR A 338 -20.53 4.41 -54.34
N GLY A 339 -19.54 5.26 -54.55
CA GLY A 339 -18.23 4.83 -55.00
C GLY A 339 -17.49 3.97 -53.99
N PRO A 340 -17.29 4.49 -52.78
CA PRO A 340 -16.68 3.67 -51.73
C PRO A 340 -17.44 2.39 -51.43
N LEU A 341 -18.78 2.45 -51.40
CA LEU A 341 -19.54 1.24 -51.19
C LEU A 341 -19.39 0.28 -52.37
N PHE A 342 -19.37 0.83 -53.59
CA PHE A 342 -19.13 -0.01 -54.77
C PHE A 342 -17.78 -0.71 -54.65
N LYS A 343 -16.77 -0.04 -54.11
CA LYS A 343 -15.48 -0.68 -53.92
C LYS A 343 -15.55 -1.76 -52.84
N ARG A 344 -16.22 -1.45 -51.72
CA ARG A 344 -16.43 -2.46 -50.68
C ARG A 344 -17.11 -3.69 -51.24
N VAL A 345 -17.96 -3.52 -52.26
CA VAL A 345 -18.52 -4.67 -52.96
C VAL A 345 -17.46 -5.35 -53.82
N LEU A 346 -16.87 -4.61 -54.76
CA LEU A 346 -15.90 -5.15 -55.71
C LEU A 346 -14.80 -5.96 -55.04
N MET A 347 -14.40 -5.58 -53.83
CA MET A 347 -13.27 -6.27 -53.19
C MET A 347 -13.60 -7.72 -52.89
N SER A 348 -14.83 -8.01 -52.48
CA SER A 348 -15.22 -9.35 -52.09
C SER A 348 -15.60 -10.23 -53.27
N SER A 349 -15.55 -9.71 -54.49
CA SER A 349 -15.92 -10.48 -55.67
C SER A 349 -14.94 -11.61 -55.90
N LYS A 350 -15.43 -12.85 -55.81
CA LYS A 350 -14.58 -14.03 -55.90
C LYS A 350 -14.85 -14.76 -57.20
N TYR A 351 -13.77 -15.21 -57.85
CA TYR A 351 -13.85 -16.01 -59.07
C TYR A 351 -12.58 -16.83 -59.14
N ALA A 352 -12.70 -18.14 -58.98
CA ALA A 352 -11.53 -19.01 -58.81
C ALA A 352 -11.19 -19.82 -60.06
N ASP A 353 -11.39 -19.27 -61.26
CA ASP A 353 -11.13 -19.99 -62.50
C ASP A 353 -10.41 -19.13 -63.52
N GLY A 354 -9.42 -18.36 -63.08
CA GLY A 354 -8.67 -17.53 -63.99
C GLY A 354 -7.45 -18.22 -64.56
N VAL A 355 -6.99 -17.72 -65.71
CA VAL A 355 -5.74 -18.20 -66.28
C VAL A 355 -4.58 -17.91 -65.32
N THR A 356 -4.66 -16.79 -64.60
CA THR A 356 -3.71 -16.55 -63.52
C THR A 356 -3.96 -17.51 -62.35
N GLY A 357 -5.20 -17.95 -62.17
CA GLY A 357 -5.53 -18.85 -61.09
C GLY A 357 -6.72 -18.41 -60.29
N ARG A 358 -6.80 -18.83 -59.03
CA ARG A 358 -7.89 -18.44 -58.14
C ARG A 358 -7.66 -17.00 -57.69
N VAL A 359 -8.20 -16.05 -58.44
CA VAL A 359 -7.98 -14.63 -58.20
C VAL A 359 -8.74 -14.23 -56.95
N GLU A 360 -8.06 -13.57 -56.02
CA GLU A 360 -8.68 -13.05 -54.81
C GLU A 360 -7.96 -11.76 -54.43
N PHE A 361 -8.31 -11.21 -53.27
CA PHE A 361 -7.75 -9.94 -52.84
C PHE A 361 -7.42 -9.98 -51.36
N ASN A 362 -6.30 -9.35 -51.01
CA ASN A 362 -5.90 -9.21 -49.62
C ASN A 362 -6.75 -8.13 -48.95
N GLU A 363 -6.47 -7.85 -47.68
CA GLU A 363 -7.22 -6.82 -46.97
C GLU A 363 -7.09 -5.46 -47.66
N ASP A 364 -5.92 -5.15 -48.22
CA ASP A 364 -5.80 -3.94 -49.00
C ASP A 364 -6.57 -4.04 -50.30
N GLY A 365 -6.66 -5.23 -50.87
CA GLY A 365 -7.32 -5.43 -52.14
C GLY A 365 -6.40 -5.74 -53.30
N ASP A 366 -5.32 -6.48 -53.07
CA ASP A 366 -4.39 -6.83 -54.11
C ASP A 366 -4.35 -8.33 -54.31
N ARG A 367 -3.89 -8.74 -55.49
CA ARG A 367 -3.87 -10.14 -55.87
C ARG A 367 -3.10 -10.96 -54.84
N LYS A 368 -3.70 -12.06 -54.40
CA LYS A 368 -3.13 -12.91 -53.36
C LYS A 368 -3.09 -14.37 -53.81
N PHE A 369 -2.30 -15.16 -53.08
CA PHE A 369 -2.22 -16.61 -53.26
C PHE A 369 -1.82 -16.98 -54.69
N ALA A 370 -0.82 -16.29 -55.21
CA ALA A 370 -0.30 -16.65 -56.51
C ALA A 370 0.86 -17.62 -56.37
N GLN A 371 1.18 -18.31 -57.46
CA GLN A 371 2.22 -19.33 -57.46
C GLN A 371 3.52 -18.72 -57.95
N TYR A 372 4.63 -19.29 -57.49
CA TYR A 372 5.92 -18.63 -57.70
C TYR A 372 6.98 -19.63 -58.18
N SER A 373 7.51 -19.37 -59.37
CA SER A 373 8.62 -20.14 -59.90
C SER A 373 9.92 -19.71 -59.24
N ILE A 374 10.52 -20.63 -58.50
CA ILE A 374 11.84 -20.44 -57.91
C ILE A 374 12.85 -20.85 -58.96
N MET A 375 13.54 -19.87 -59.53
CA MET A 375 14.49 -20.07 -60.60
C MET A 375 15.90 -19.80 -60.10
N ASN A 376 16.87 -20.23 -60.91
CA ASN A 376 18.28 -20.08 -60.58
C ASN A 376 19.07 -19.82 -61.84
N LEU A 377 20.22 -19.18 -61.66
CA LEU A 377 21.20 -19.05 -62.75
C LEU A 377 22.25 -20.13 -62.54
N GLN A 378 22.12 -21.22 -63.29
CA GLN A 378 23.04 -22.35 -63.21
C GLN A 378 24.05 -22.22 -64.35
N ASN A 379 25.29 -21.88 -63.99
CA ASN A 379 26.37 -21.71 -64.97
C ASN A 379 25.95 -20.75 -66.08
N ARG A 380 25.45 -19.58 -65.66
CA ARG A 380 24.98 -18.55 -66.58
C ARG A 380 23.86 -19.08 -67.47
N LYS A 381 23.06 -19.98 -66.93
CA LYS A 381 21.89 -20.48 -67.62
C LYS A 381 20.74 -20.51 -66.65
N LEU A 382 19.65 -19.80 -66.98
CA LEU A 382 18.50 -19.73 -66.10
C LEU A 382 17.84 -21.10 -65.98
N VAL A 383 17.51 -21.49 -64.75
CA VAL A 383 16.93 -22.78 -64.48
C VAL A 383 15.88 -22.65 -63.39
N GLN A 384 14.71 -23.24 -63.63
CA GLN A 384 13.68 -23.29 -62.61
C GLN A 384 13.98 -24.42 -61.65
N VAL A 385 14.00 -24.10 -60.35
CA VAL A 385 14.33 -25.06 -59.32
C VAL A 385 13.09 -25.56 -58.59
N GLY A 386 12.01 -24.78 -58.63
CA GLY A 386 10.78 -25.24 -58.01
C GLY A 386 9.62 -24.31 -58.28
N ILE A 387 8.49 -24.65 -57.66
CA ILE A 387 7.30 -23.82 -57.68
C ILE A 387 6.90 -23.53 -56.24
N TYR A 388 5.98 -22.59 -56.08
CA TYR A 388 5.46 -22.21 -54.78
C TYR A 388 3.95 -22.14 -54.92
N ASN A 389 3.25 -23.02 -54.19
CA ASN A 389 1.82 -23.26 -54.35
C ASN A 389 0.96 -22.34 -53.49
N GLY A 390 1.47 -21.16 -53.12
CA GLY A 390 0.71 -20.17 -52.40
C GLY A 390 0.74 -20.35 -50.89
N THR A 391 0.88 -21.59 -50.42
CA THR A 391 1.01 -21.83 -48.99
C THR A 391 2.13 -22.81 -48.67
N HIS A 392 2.80 -23.35 -49.68
CA HIS A 392 3.92 -24.24 -49.46
C HIS A 392 4.77 -24.25 -50.72
N VAL A 393 6.07 -24.37 -50.54
CA VAL A 393 7.03 -24.40 -51.65
C VAL A 393 7.31 -25.85 -51.99
N ILE A 394 7.62 -26.12 -53.25
CA ILE A 394 7.91 -27.46 -53.74
C ILE A 394 9.07 -27.34 -54.71
N PRO A 395 10.24 -27.87 -54.40
CA PRO A 395 11.36 -27.80 -55.36
C PRO A 395 11.14 -28.74 -56.53
N ASN A 396 11.57 -28.34 -57.71
CA ASN A 396 11.32 -29.09 -58.94
C ASN A 396 12.33 -30.23 -59.05
N ASP A 397 12.38 -30.88 -60.22
CA ASP A 397 13.18 -32.09 -60.37
C ASP A 397 14.66 -31.82 -60.59
N ARG A 398 15.02 -30.65 -61.10
CA ARG A 398 16.41 -30.41 -61.48
C ARG A 398 17.31 -30.31 -60.24
N LYS A 399 18.59 -30.06 -60.48
CA LYS A 399 19.60 -30.08 -59.44
C LYS A 399 19.92 -28.67 -58.97
N ILE A 400 20.22 -28.54 -57.69
CA ILE A 400 20.51 -27.26 -57.07
C ILE A 400 21.96 -26.90 -57.31
N ILE A 401 22.26 -25.61 -57.33
CA ILE A 401 23.62 -25.11 -57.40
C ILE A 401 23.77 -24.00 -56.36
N TRP A 402 24.45 -24.30 -55.28
CA TRP A 402 24.77 -23.33 -54.25
C TRP A 402 26.08 -22.65 -54.66
N PRO A 403 26.59 -21.66 -53.93
CA PRO A 403 27.84 -21.02 -54.37
C PRO A 403 28.95 -22.04 -54.52
N GLY A 404 29.59 -22.02 -55.68
CA GLY A 404 30.55 -23.05 -56.02
C GLY A 404 29.90 -24.38 -56.33
N GLY A 405 30.68 -25.26 -56.95
CA GLY A 405 30.17 -26.57 -57.33
C GLY A 405 29.87 -27.49 -56.17
N GLU A 406 30.15 -27.06 -54.93
CA GLU A 406 29.92 -27.92 -53.78
C GLU A 406 28.43 -28.12 -53.57
N THR A 407 27.93 -29.28 -53.97
CA THR A 407 26.49 -29.53 -54.01
C THR A 407 26.01 -30.14 -52.70
N GLU A 408 26.38 -29.46 -51.63
CA GLU A 408 25.86 -29.74 -50.29
C GLU A 408 25.48 -28.39 -49.70
N LYS A 409 24.19 -28.23 -49.39
CA LYS A 409 23.70 -26.94 -48.94
C LYS A 409 24.46 -26.52 -47.69
N PRO A 410 25.36 -25.56 -47.79
CA PRO A 410 26.22 -25.23 -46.65
C PRO A 410 25.48 -24.35 -45.64
N ARG A 411 24.48 -24.95 -45.01
CA ARG A 411 23.71 -24.23 -43.99
C ARG A 411 24.51 -24.17 -42.70
N GLY A 412 25.73 -23.66 -42.81
CA GLY A 412 26.64 -23.63 -41.70
C GLY A 412 26.77 -22.27 -41.08
N TYR A 413 26.10 -22.06 -39.96
CA TYR A 413 26.39 -20.89 -39.16
C TYR A 413 27.69 -21.15 -38.40
N GLN A 414 28.82 -20.85 -39.03
CA GLN A 414 30.09 -21.13 -38.38
C GLN A 414 30.24 -20.26 -37.14
N MET A 415 31.32 -20.49 -36.42
CA MET A 415 31.59 -19.76 -35.20
C MET A 415 32.79 -18.83 -35.39
N SER A 416 32.96 -17.92 -34.44
CA SER A 416 34.13 -17.09 -34.38
C SER A 416 35.03 -17.55 -33.23
N THR A 417 36.22 -16.97 -33.16
CA THR A 417 37.09 -17.26 -32.03
C THR A 417 37.69 -15.96 -31.52
N ARG A 418 37.58 -14.89 -32.30
CA ARG A 418 38.03 -13.57 -31.89
C ARG A 418 36.86 -12.84 -31.22
N LEU A 419 37.03 -12.51 -29.94
CA LEU A 419 35.98 -11.87 -29.16
C LEU A 419 36.44 -10.50 -28.71
N LYS A 420 36.05 -9.47 -29.45
CA LYS A 420 36.36 -8.10 -29.06
C LYS A 420 35.56 -7.76 -27.81
N ILE A 421 36.24 -7.25 -26.79
CA ILE A 421 35.62 -6.90 -25.52
C ILE A 421 36.03 -5.50 -25.13
N VAL A 422 35.09 -4.74 -24.60
CA VAL A 422 35.33 -3.39 -24.13
C VAL A 422 34.94 -3.31 -22.67
N THR A 423 35.53 -2.35 -21.96
CA THR A 423 35.30 -2.17 -20.54
C THR A 423 35.81 -0.78 -20.17
N ILE A 424 35.48 -0.34 -18.97
CA ILE A 424 35.64 1.04 -18.55
C ILE A 424 36.88 1.16 -17.67
N HIS A 425 37.26 2.40 -17.40
CA HIS A 425 38.41 2.72 -16.55
C HIS A 425 37.94 2.79 -15.11
N GLN A 426 38.33 1.80 -14.31
CA GLN A 426 37.84 1.68 -12.94
C GLN A 426 38.94 1.07 -12.08
N GLU A 427 39.71 1.92 -11.39
CA GLU A 427 40.85 1.54 -10.57
C GLU A 427 40.64 0.24 -9.80
N PRO A 428 39.58 0.10 -8.99
CA PRO A 428 39.41 -1.14 -8.22
C PRO A 428 39.15 -2.37 -9.06
N PHE A 429 39.00 -2.25 -10.38
CA PHE A 429 38.97 -3.43 -11.21
C PHE A 429 39.82 -3.24 -12.46
N VAL A 430 40.02 -1.99 -12.87
CA VAL A 430 40.72 -1.68 -14.10
C VAL A 430 41.80 -0.67 -13.80
N TYR A 431 43.05 -1.09 -13.93
CA TYR A 431 44.21 -0.21 -13.84
C TYR A 431 44.77 -0.06 -15.24
N VAL A 432 44.70 1.14 -15.78
CA VAL A 432 45.34 1.48 -17.04
C VAL A 432 46.51 2.40 -16.76
N LYS A 433 47.62 2.13 -17.42
CA LYS A 433 48.80 2.97 -17.40
C LYS A 433 49.30 3.08 -18.83
N PRO A 434 50.17 4.03 -19.12
CA PRO A 434 50.90 3.99 -20.38
C PRO A 434 51.95 2.88 -20.33
N THR A 435 52.34 2.42 -21.51
CA THR A 435 53.44 1.48 -21.58
C THR A 435 54.75 2.20 -21.25
N MET A 436 55.84 1.44 -21.22
CA MET A 436 57.16 2.06 -21.16
C MET A 436 57.42 2.73 -22.50
N SER A 437 58.48 3.52 -22.58
CA SER A 437 58.85 4.12 -23.87
C SER A 437 59.16 3.06 -24.92
N ASP A 438 59.36 1.81 -24.52
CA ASP A 438 59.58 0.72 -25.45
C ASP A 438 58.30 0.20 -26.08
N GLY A 439 57.15 0.68 -25.66
CA GLY A 439 55.88 0.22 -26.17
C GLY A 439 55.30 -0.98 -25.47
N THR A 440 55.84 -1.35 -24.31
CA THR A 440 55.29 -2.40 -23.49
C THR A 440 55.26 -1.90 -22.06
N CYS A 441 54.44 -2.53 -21.24
CA CYS A 441 54.18 -2.04 -19.90
C CYS A 441 55.10 -2.75 -18.92
N LYS A 442 55.57 -2.01 -17.92
CA LYS A 442 56.59 -2.53 -17.02
C LYS A 442 56.07 -3.70 -16.21
N GLU A 443 56.89 -4.73 -16.09
CA GLU A 443 56.51 -5.92 -15.34
C GLU A 443 56.48 -5.62 -13.85
N GLU A 444 56.07 -6.62 -13.08
CA GLU A 444 55.96 -6.46 -11.63
C GLU A 444 55.80 -7.84 -11.00
N PHE A 445 55.55 -7.83 -9.68
CA PHE A 445 55.29 -9.03 -8.92
C PHE A 445 54.30 -8.70 -7.81
N THR A 446 53.60 -9.73 -7.33
CA THR A 446 52.61 -9.53 -6.28
C THR A 446 53.30 -9.14 -4.98
N VAL A 447 52.48 -8.83 -3.95
CA VAL A 447 53.02 -8.67 -2.61
C VAL A 447 53.60 -9.99 -2.12
N ASN A 448 53.04 -11.11 -2.56
CA ASN A 448 53.67 -12.39 -2.30
C ASN A 448 54.81 -12.66 -3.27
N GLY A 449 54.95 -11.84 -4.32
CA GLY A 449 55.98 -12.00 -5.32
C GLY A 449 55.53 -12.70 -6.57
N ASP A 450 54.31 -13.25 -6.59
CA ASP A 450 53.81 -13.93 -7.78
C ASP A 450 53.67 -12.93 -8.92
N PRO A 451 53.55 -13.40 -10.15
CA PRO A 451 53.34 -12.48 -11.27
C PRO A 451 51.97 -11.83 -11.25
N VAL A 452 51.75 -10.87 -12.14
CA VAL A 452 50.43 -10.31 -12.40
C VAL A 452 50.28 -10.20 -13.91
N LYS A 453 49.03 -10.28 -14.36
CA LYS A 453 48.75 -10.22 -15.78
C LYS A 453 48.62 -8.76 -16.19
N LYS A 454 49.11 -8.44 -17.40
CA LYS A 454 49.02 -7.10 -17.95
C LYS A 454 48.90 -7.23 -19.46
N VAL A 455 47.93 -6.52 -20.06
CA VAL A 455 47.65 -6.68 -21.47
C VAL A 455 47.67 -5.32 -22.15
N ILE A 456 47.77 -5.36 -23.48
CA ILE A 456 47.66 -4.18 -24.31
C ILE A 456 46.21 -3.72 -24.30
N CYS A 457 45.99 -2.46 -24.60
CA CYS A 457 44.69 -1.87 -24.30
C CYS A 457 44.51 -0.67 -25.23
N THR A 458 43.67 -0.80 -26.24
CA THR A 458 43.61 0.17 -27.33
C THR A 458 42.70 1.33 -26.92
N GLY A 459 43.28 2.31 -26.23
CA GLY A 459 42.53 3.44 -25.76
C GLY A 459 42.69 4.67 -26.63
N PRO A 460 41.60 5.11 -27.25
CA PRO A 460 41.62 6.35 -28.02
C PRO A 460 41.31 7.61 -27.21
N ASN A 461 41.23 7.49 -25.90
CA ASN A 461 40.91 8.63 -25.05
C ASN A 461 42.19 9.21 -24.47
N ASP A 462 43.27 9.19 -25.26
CA ASP A 462 44.54 9.75 -24.80
C ASP A 462 44.39 11.18 -24.30
N THR A 463 43.34 11.88 -24.75
CA THR A 463 42.96 13.17 -24.21
C THR A 463 41.73 12.96 -23.34
N SER A 464 41.73 13.57 -22.15
CA SER A 464 40.62 13.44 -21.23
C SER A 464 40.13 14.79 -20.73
N ARG A 469 41.85 13.59 -29.84
CA ARG A 469 41.86 12.77 -31.04
C ARG A 469 43.18 12.01 -31.19
N HIS A 470 43.42 11.06 -30.29
CA HIS A 470 44.65 10.27 -30.30
C HIS A 470 44.34 8.85 -29.83
N THR A 471 44.59 7.89 -30.71
CA THR A 471 44.35 6.47 -30.44
C THR A 471 45.68 5.83 -30.09
N VAL A 472 45.86 5.47 -28.82
CA VAL A 472 47.12 4.93 -28.32
C VAL A 472 46.85 3.57 -27.68
N PRO A 473 47.65 2.55 -27.96
CA PRO A 473 47.59 1.32 -27.16
C PRO A 473 48.42 1.49 -25.89
N GLN A 474 47.74 1.60 -24.76
CA GLN A 474 48.36 1.64 -23.44
C GLN A 474 48.35 0.23 -22.86
N CYS A 475 48.71 0.11 -21.59
CA CYS A 475 48.59 -1.16 -20.89
C CYS A 475 47.45 -1.07 -19.87
N CYS A 476 46.72 -2.17 -19.71
CA CYS A 476 45.71 -2.23 -18.68
C CYS A 476 45.63 -3.64 -18.11
N TYR A 477 45.08 -3.72 -16.91
CA TYR A 477 45.00 -4.96 -16.14
C TYR A 477 43.99 -4.74 -15.02
N GLY A 478 43.92 -5.69 -14.10
CA GLY A 478 43.15 -5.50 -12.89
C GLY A 478 42.32 -6.72 -12.55
N PHE A 479 41.59 -6.60 -11.44
CA PHE A 479 40.81 -7.71 -10.90
C PHE A 479 39.95 -8.36 -11.99
N CYS A 480 39.05 -7.59 -12.58
CA CYS A 480 38.22 -8.13 -13.64
C CYS A 480 39.07 -8.71 -14.77
N ILE A 481 40.18 -8.06 -15.10
CA ILE A 481 41.07 -8.60 -16.12
C ILE A 481 41.62 -9.94 -15.67
N ASP A 482 41.92 -10.07 -14.37
CA ASP A 482 42.31 -11.37 -13.84
C ASP A 482 41.21 -12.40 -14.08
N LEU A 483 39.97 -12.02 -13.81
CA LEU A 483 38.87 -12.96 -14.02
C LEU A 483 38.76 -13.36 -15.48
N LEU A 484 38.91 -12.37 -16.37
CA LEU A 484 38.84 -12.65 -17.80
C LEU A 484 39.92 -13.62 -18.22
N ILE A 485 41.18 -13.30 -17.90
CA ILE A 485 42.27 -14.17 -18.30
C ILE A 485 42.14 -15.54 -17.69
N LYS A 486 41.63 -15.64 -16.46
CA LYS A 486 41.39 -16.94 -15.87
C LYS A 486 40.37 -17.72 -16.69
N LEU A 487 39.19 -17.13 -16.90
CA LEU A 487 38.13 -17.84 -17.61
C LEU A 487 38.53 -18.20 -19.02
N ALA A 488 39.41 -17.42 -19.64
CA ALA A 488 39.74 -17.65 -21.04
C ALA A 488 40.20 -19.08 -21.29
N ARG A 489 41.04 -19.62 -20.42
CA ARG A 489 41.60 -20.94 -20.66
C ARG A 489 40.55 -22.03 -20.71
N THR A 490 39.36 -21.77 -20.19
CA THR A 490 38.36 -22.82 -20.13
C THR A 490 37.59 -22.95 -21.43
N MET A 491 37.55 -21.90 -22.23
CA MET A 491 36.81 -21.91 -23.49
C MET A 491 37.66 -21.45 -24.68
N GLN A 492 38.98 -21.42 -24.53
CA GLN A 492 39.90 -21.26 -25.65
C GLN A 492 39.63 -19.93 -26.38
N PHE A 493 39.86 -18.84 -25.67
CA PHE A 493 39.49 -17.52 -26.15
C PHE A 493 40.64 -16.85 -26.89
N THR A 494 40.32 -16.25 -28.03
CA THR A 494 41.20 -15.31 -28.70
C THR A 494 40.49 -13.97 -28.77
N TYR A 495 41.21 -12.88 -28.50
CA TYR A 495 40.49 -11.65 -28.23
C TYR A 495 41.42 -10.45 -28.30
N GLU A 496 40.85 -9.33 -28.72
CA GLU A 496 41.44 -8.02 -28.56
C GLU A 496 40.58 -7.22 -27.59
N VAL A 497 41.15 -6.18 -27.00
CA VAL A 497 40.48 -5.42 -25.96
C VAL A 497 40.61 -3.94 -26.27
N HIS A 498 39.56 -3.19 -25.95
CA HIS A 498 39.47 -1.78 -26.29
C HIS A 498 38.70 -1.05 -25.21
N LEU A 499 38.54 0.26 -25.38
CA LEU A 499 37.96 1.13 -24.36
C LEU A 499 36.78 1.90 -24.94
N VAL A 500 36.18 2.72 -24.09
CA VAL A 500 34.92 3.40 -24.39
C VAL A 500 35.21 4.73 -25.07
N ALA A 501 34.53 4.96 -26.19
CA ALA A 501 34.68 6.24 -26.88
C ALA A 501 34.17 7.40 -26.03
N ASP A 502 32.97 7.26 -25.46
CA ASP A 502 32.41 8.30 -24.62
C ASP A 502 32.78 8.15 -23.16
N GLY A 503 33.53 7.10 -22.80
CA GLY A 503 33.96 6.92 -21.43
C GLY A 503 32.85 6.74 -20.43
N LYS A 504 31.60 6.73 -20.87
CA LYS A 504 30.46 6.52 -19.98
C LYS A 504 29.74 5.24 -20.39
N PHE A 505 29.00 4.67 -19.43
CA PHE A 505 28.35 3.39 -19.63
C PHE A 505 27.41 3.41 -20.83
N GLY A 506 26.33 4.18 -20.71
CA GLY A 506 25.32 4.23 -21.74
C GLY A 506 23.91 3.95 -21.23
N THR A 507 22.93 4.65 -21.79
CA THR A 507 21.54 4.44 -21.45
C THR A 507 20.70 4.98 -22.58
N GLN A 508 19.52 4.40 -22.78
CA GLN A 508 18.65 4.84 -23.85
C GLN A 508 18.15 6.26 -23.57
N GLU A 509 17.96 7.04 -24.63
CA GLU A 509 17.53 8.42 -24.50
C GLU A 509 16.93 8.86 -25.84
N ARG A 510 16.00 9.82 -25.76
CA ARG A 510 15.34 10.33 -26.95
C ARG A 510 16.34 11.09 -27.83
N VAL A 511 16.29 10.84 -29.13
CA VAL A 511 17.23 11.42 -30.08
C VAL A 511 16.50 11.81 -31.36
N GLN A 512 17.10 12.76 -32.08
CA GLN A 512 16.64 13.18 -33.40
C GLN A 512 15.18 13.63 -33.39
N ASN A 513 14.72 14.13 -32.25
CA ASN A 513 13.32 14.55 -32.07
C ASN A 513 12.35 13.42 -32.39
N SER A 514 12.84 12.19 -32.37
CA SER A 514 12.04 11.00 -32.61
C SER A 514 12.04 10.14 -31.35
N ASN A 515 10.91 9.47 -31.11
CA ASN A 515 10.78 8.62 -29.93
C ASN A 515 11.81 7.52 -29.87
N LYS A 516 12.54 7.27 -30.97
CA LYS A 516 13.60 6.27 -30.97
C LYS A 516 14.63 6.59 -29.89
N LYS A 517 14.78 5.68 -28.94
CA LYS A 517 15.77 5.85 -27.87
C LYS A 517 17.08 5.18 -28.25
N GLU A 518 18.17 5.71 -27.70
CA GLU A 518 19.50 5.23 -28.05
C GLU A 518 20.39 5.20 -26.81
N TRP A 519 21.22 4.16 -26.72
CA TRP A 519 22.11 3.96 -25.58
C TRP A 519 23.46 4.61 -25.86
N ASN A 520 23.95 5.39 -24.90
CA ASN A 520 25.10 6.26 -25.12
C ASN A 520 26.39 5.55 -24.72
N GLY A 521 26.81 4.61 -25.56
CA GLY A 521 28.13 4.03 -25.39
C GLY A 521 28.18 2.54 -25.18
N MET A 522 28.84 2.12 -24.08
CA MET A 522 29.20 0.72 -23.87
C MET A 522 28.04 -0.24 -24.07
N MET A 523 26.94 -0.06 -23.33
CA MET A 523 25.77 -0.89 -23.55
C MET A 523 25.39 -0.90 -25.03
N GLY A 524 25.15 0.28 -25.59
CA GLY A 524 24.89 0.38 -27.02
C GLY A 524 26.02 -0.19 -27.84
N GLU A 525 27.27 0.05 -27.42
CA GLU A 525 28.41 -0.50 -28.14
C GLU A 525 28.30 -2.01 -28.28
N LEU A 526 27.69 -2.69 -27.31
CA LEU A 526 27.33 -4.08 -27.53
C LEU A 526 26.15 -4.18 -28.49
N LEU A 527 25.07 -3.48 -28.17
CA LEU A 527 23.89 -3.59 -29.01
C LEU A 527 24.15 -3.11 -30.43
N SER A 528 25.13 -2.21 -30.62
CA SER A 528 25.51 -1.83 -31.98
C SER A 528 26.15 -3.01 -32.71
N GLY A 529 26.98 -3.78 -32.02
CA GLY A 529 27.77 -4.81 -32.66
C GLY A 529 29.24 -4.47 -32.63
N GLN A 530 29.55 -3.19 -32.36
CA GLN A 530 30.94 -2.77 -32.21
C GLN A 530 31.62 -3.57 -31.10
N ALA A 531 30.87 -3.94 -30.07
CA ALA A 531 31.38 -4.83 -29.05
C ALA A 531 30.82 -6.24 -29.24
N ASP A 532 31.31 -7.17 -28.43
CA ASP A 532 30.84 -8.55 -28.43
C ASP A 532 30.47 -9.08 -27.05
N MET A 533 31.05 -8.54 -25.99
CA MET A 533 30.78 -9.03 -24.64
C MET A 533 31.32 -8.00 -23.66
N ILE A 534 30.70 -7.95 -22.49
CA ILE A 534 31.04 -6.93 -21.50
C ILE A 534 31.31 -7.63 -20.17
N VAL A 535 32.51 -7.39 -19.62
CA VAL A 535 32.88 -7.79 -18.28
C VAL A 535 33.35 -6.53 -17.56
N ALA A 536 32.66 -6.16 -16.50
CA ALA A 536 32.95 -4.93 -15.78
C ALA A 536 32.10 -4.92 -14.53
N PRO A 537 32.43 -4.07 -13.57
CA PRO A 537 31.53 -3.90 -12.43
C PRO A 537 30.27 -3.17 -12.86
N LEU A 538 29.39 -3.88 -13.56
CA LEU A 538 28.22 -3.30 -14.19
C LEU A 538 26.97 -3.77 -13.47
N THR A 539 26.02 -2.86 -13.29
CA THR A 539 24.86 -3.16 -12.47
C THR A 539 23.89 -4.07 -13.20
N ILE A 540 22.91 -4.58 -12.47
CA ILE A 540 21.80 -5.33 -13.02
C ILE A 540 20.51 -4.65 -12.60
N ASN A 541 19.54 -4.57 -13.51
CA ASN A 541 18.27 -3.92 -13.24
C ASN A 541 17.23 -4.42 -14.21
N ASN A 542 15.97 -4.34 -13.80
CA ASN A 542 14.87 -4.76 -14.66
C ASN A 542 14.90 -4.06 -16.00
N GLU A 543 15.40 -2.83 -16.04
CA GLU A 543 15.45 -2.10 -17.30
C GLU A 543 16.44 -2.73 -18.26
N ARG A 544 17.71 -2.84 -17.85
CA ARG A 544 18.76 -3.27 -18.76
C ARG A 544 18.52 -4.66 -19.31
N ALA A 545 17.79 -5.51 -18.60
CA ALA A 545 17.55 -6.86 -19.11
C ALA A 545 16.69 -6.87 -20.36
N GLN A 546 16.00 -5.77 -20.66
CA GLN A 546 15.06 -5.75 -21.77
C GLN A 546 15.72 -5.78 -23.13
N TYR A 547 17.03 -5.53 -23.22
CA TYR A 547 17.71 -5.55 -24.50
C TYR A 547 19.06 -6.24 -24.44
N ILE A 548 19.32 -6.99 -23.37
CA ILE A 548 20.62 -7.62 -23.17
C ILE A 548 20.40 -8.89 -22.37
N GLU A 549 21.42 -9.72 -22.29
CA GLU A 549 21.36 -10.95 -21.52
C GLU A 549 22.51 -11.00 -20.53
N PHE A 550 22.18 -11.14 -19.26
CA PHE A 550 23.16 -11.17 -18.19
C PHE A 550 23.61 -12.57 -17.84
N SER A 551 24.84 -12.65 -17.34
CA SER A 551 25.35 -13.86 -16.73
C SER A 551 24.73 -14.01 -15.35
N LYS A 552 25.17 -15.00 -14.60
CA LYS A 552 24.81 -15.07 -13.21
C LYS A 552 25.56 -14.00 -12.42
N PRO A 553 25.19 -13.77 -11.17
CA PRO A 553 25.93 -12.77 -10.40
C PRO A 553 27.25 -13.31 -9.92
N PHE A 554 28.23 -12.42 -9.76
CA PHE A 554 29.53 -12.83 -9.28
C PHE A 554 30.16 -11.88 -8.27
N LYS A 555 29.48 -10.81 -7.87
CA LYS A 555 29.97 -9.99 -6.77
C LYS A 555 28.79 -9.19 -6.21
N TYR A 556 28.25 -9.65 -5.09
CA TYR A 556 27.18 -8.90 -4.44
C TYR A 556 27.71 -7.60 -3.88
N GLN A 557 26.84 -6.61 -3.75
CA GLN A 557 27.25 -5.30 -3.25
C GLN A 557 26.02 -4.46 -2.94
N GLY A 558 26.26 -3.20 -2.60
CA GLY A 558 25.19 -2.28 -2.30
C GLY A 558 25.68 -0.85 -2.36
N LEU A 559 24.94 0.03 -1.68
CA LEU A 559 25.26 1.45 -1.63
C LEU A 559 25.58 1.81 -0.19
N THR A 560 26.46 2.80 -0.01
CA THR A 560 27.05 3.10 1.28
C THR A 560 27.61 4.52 1.26
N ILE A 561 27.89 5.06 2.45
CA ILE A 561 28.35 6.42 2.62
C ILE A 561 29.74 6.42 3.24
N LEU A 562 30.61 7.26 2.70
CA LEU A 562 31.97 7.43 3.19
C LEU A 562 32.04 8.59 4.17
N VAL A 563 32.85 8.41 5.22
CA VAL A 563 33.05 9.43 6.24
C VAL A 563 34.54 9.47 6.56
N LYS A 564 34.98 10.57 7.16
CA LYS A 564 36.32 10.67 7.68
C LYS A 564 36.34 10.31 9.15
N LYS A 565 37.44 9.69 9.59
CA LYS A 565 37.59 9.31 10.98
C LYS A 565 37.67 10.55 11.87
N GLU A 566 37.79 10.32 13.17
CA GLU A 566 37.62 11.38 14.16
C GLU A 566 38.93 11.88 14.77
N ILE A 567 40.00 11.09 14.74
CA ILE A 567 41.23 11.40 15.46
C ILE A 567 40.89 11.66 16.93
N PRO A 568 40.56 10.61 17.69
CA PRO A 568 39.83 10.81 18.96
C PRO A 568 40.60 11.57 20.04
N ARG A 569 41.94 11.53 20.05
CA ARG A 569 42.72 12.05 21.17
C ARG A 569 42.67 13.58 21.19
N SER A 570 41.48 14.11 21.50
CA SER A 570 41.29 15.55 21.55
C SER A 570 40.33 15.97 22.66
N THR A 571 40.35 15.27 23.80
CA THR A 571 39.28 15.44 24.78
C THR A 571 39.60 16.47 25.86
N LEU A 572 40.72 16.31 26.56
CA LEU A 572 40.98 17.10 27.75
C LEU A 572 41.54 18.47 27.42
N ASP A 573 41.22 19.44 28.28
CA ASP A 573 41.67 20.82 28.16
C ASP A 573 42.66 21.21 29.25
N SER A 574 42.31 20.98 30.51
CA SER A 574 43.12 21.41 31.64
C SER A 574 42.91 20.43 32.78
N PHE A 575 43.32 20.82 33.98
CA PHE A 575 43.11 20.01 35.17
C PHE A 575 42.32 20.73 36.25
N MET A 576 42.42 22.06 36.33
CA MET A 576 41.51 22.81 37.18
C MET A 576 40.09 22.82 36.66
N GLN A 577 39.84 22.14 35.53
CA GLN A 577 38.54 22.19 34.85
C GLN A 577 37.36 21.79 35.71
N PRO A 578 37.34 20.61 36.34
CA PRO A 578 36.07 20.10 36.88
C PRO A 578 35.46 20.95 37.98
N PHE A 579 36.27 21.72 38.69
CA PHE A 579 35.74 22.70 39.64
C PHE A 579 35.29 23.94 38.90
N GLN A 580 35.04 25.00 39.66
CA GLN A 580 35.02 26.36 39.14
C GLN A 580 35.77 27.24 40.13
N SER A 581 36.45 28.26 39.58
CA SER A 581 37.35 29.11 40.36
C SER A 581 36.77 29.45 41.73
N THR A 582 35.47 29.72 41.78
CA THR A 582 34.79 30.00 43.04
C THR A 582 35.19 29.00 44.12
N LEU A 583 34.94 27.72 43.88
CA LEU A 583 35.24 26.70 44.89
C LEU A 583 36.72 26.71 45.26
N TRP A 584 37.60 26.88 44.26
CA TRP A 584 39.03 26.94 44.54
C TRP A 584 39.32 27.99 45.59
N LEU A 585 38.95 29.24 45.30
CA LEU A 585 39.24 30.31 46.24
C LEU A 585 38.54 30.09 47.57
N LEU A 586 37.33 29.55 47.55
CA LEU A 586 36.58 29.39 48.78
C LEU A 586 37.28 28.41 49.70
N VAL A 587 37.69 27.25 49.18
CA VAL A 587 38.36 26.30 50.05
C VAL A 587 39.72 26.84 50.49
N GLY A 588 40.40 27.58 49.61
CA GLY A 588 41.64 28.23 50.01
C GLY A 588 41.43 29.16 51.19
N LEU A 589 40.31 29.85 51.23
CA LEU A 589 40.01 30.68 52.37
C LEU A 589 39.68 29.84 53.60
N SER A 590 38.84 28.82 53.43
CA SER A 590 38.35 28.07 54.57
C SER A 590 39.47 27.34 55.30
N VAL A 591 40.52 26.96 54.57
CA VAL A 591 41.63 26.30 55.26
C VAL A 591 42.29 27.26 56.24
N HIS A 592 42.54 28.51 55.82
CA HIS A 592 43.05 29.49 56.76
C HIS A 592 42.06 29.74 57.89
N VAL A 593 40.77 29.69 57.57
CA VAL A 593 39.75 29.89 58.58
C VAL A 593 39.94 28.89 59.72
N VAL A 594 39.88 27.60 59.39
CA VAL A 594 40.03 26.59 60.43
C VAL A 594 41.41 26.62 61.04
N ALA A 595 42.42 27.06 60.29
CA ALA A 595 43.75 27.19 60.87
C ALA A 595 43.73 28.15 62.05
N VAL A 596 43.35 29.41 61.79
CA VAL A 596 43.33 30.38 62.88
C VAL A 596 42.34 29.99 63.96
N MET A 597 41.26 29.30 63.60
CA MET A 597 40.35 28.78 64.62
C MET A 597 41.08 27.86 65.58
N LEU A 598 41.78 26.88 65.04
CA LEU A 598 42.56 25.97 65.88
C LEU A 598 43.56 26.73 66.72
N TYR A 599 44.25 27.70 66.13
CA TYR A 599 45.30 28.38 66.88
C TYR A 599 44.71 29.18 68.04
N LEU A 600 43.61 29.89 67.79
CA LEU A 600 42.96 30.60 68.87
C LEU A 600 42.43 29.67 69.93
N LEU A 601 41.91 28.51 69.56
CA LEU A 601 41.53 27.53 70.59
C LEU A 601 42.75 27.05 71.34
N ASP A 602 43.91 27.03 70.67
CA ASP A 602 45.15 26.60 71.30
C ASP A 602 45.66 27.61 72.32
N ARG A 603 45.50 28.91 72.05
CA ARG A 603 46.02 29.90 73.00
C ARG A 603 45.20 29.91 74.29
N PHE A 604 43.93 29.52 74.22
CA PHE A 604 43.05 29.53 75.40
C PHE A 604 42.91 28.10 75.94
N SER A 605 43.77 27.79 76.90
CA SER A 605 43.73 26.49 77.56
C SER A 605 42.57 26.45 78.54
N THR A 623 52.75 27.66 68.51
CA THR A 623 52.22 26.51 67.78
C THR A 623 51.47 26.98 66.55
N LEU A 624 51.41 28.29 66.37
CA LEU A 624 50.53 28.88 65.35
C LEU A 624 50.89 28.41 63.96
N SER A 625 52.10 28.75 63.49
CA SER A 625 52.49 28.38 62.14
C SER A 625 52.54 26.87 61.99
N SER A 626 52.96 26.17 63.05
CA SER A 626 52.93 24.72 63.04
C SER A 626 51.51 24.19 62.84
N ALA A 627 50.54 24.78 63.54
CA ALA A 627 49.17 24.32 63.40
C ALA A 627 48.65 24.59 62.00
N MET A 628 48.94 25.77 61.46
CA MET A 628 48.56 26.05 60.08
C MET A 628 49.17 25.05 59.13
N TRP A 629 50.45 24.70 59.34
CA TRP A 629 51.08 23.67 58.54
C TRP A 629 50.28 22.38 58.61
N PHE A 630 50.05 21.89 59.82
CA PHE A 630 49.26 20.68 60.01
C PHE A 630 48.00 20.72 59.19
N SER A 631 47.21 21.77 59.34
CA SER A 631 45.92 21.78 58.70
C SER A 631 46.05 21.88 57.19
N TRP A 632 46.68 22.93 56.69
CA TRP A 632 46.82 23.09 55.26
C TRP A 632 47.60 21.96 54.61
N GLY A 633 48.21 21.07 55.40
CA GLY A 633 48.86 19.92 54.84
C GLY A 633 47.92 18.74 54.73
N VAL A 634 47.15 18.46 55.79
CA VAL A 634 46.34 17.26 55.80
C VAL A 634 45.44 17.16 54.58
N LEU A 635 45.20 18.26 53.90
CA LEU A 635 44.52 18.20 52.61
C LEU A 635 45.32 17.38 51.62
N LEU A 636 46.59 17.74 51.42
CA LEU A 636 47.39 17.17 50.35
C LEU A 636 48.07 15.86 50.73
N ASN A 637 47.55 15.19 51.75
CA ASN A 637 47.92 13.82 52.10
C ASN A 637 49.34 13.68 52.59
N SER A 638 50.12 14.76 52.61
CA SER A 638 51.49 14.65 53.08
C SER A 638 51.54 14.38 54.58
N GLY A 639 52.75 14.21 55.09
CA GLY A 639 52.92 13.94 56.51
C GLY A 639 53.85 14.93 57.17
N ILE A 640 54.07 16.06 56.52
CA ILE A 640 54.99 17.07 57.05
C ILE A 640 54.35 17.73 58.26
N GLY A 641 55.09 17.80 59.35
CA GLY A 641 54.58 18.44 60.55
C GLY A 641 54.32 17.44 61.66
N GLU A 642 54.70 17.79 62.89
CA GLU A 642 54.56 16.88 64.02
C GLU A 642 53.47 17.33 64.98
N GLY A 643 52.75 18.40 64.67
CA GLY A 643 51.78 18.95 65.58
C GLY A 643 50.64 18.01 65.87
N ALA A 644 49.70 18.51 66.67
CA ALA A 644 48.56 17.74 67.14
C ALA A 644 47.66 18.68 67.92
N PRO A 645 46.43 18.25 68.21
CA PRO A 645 45.61 19.02 69.16
C PRO A 645 46.01 18.70 70.58
N ARG A 646 46.12 19.75 71.39
CA ARG A 646 46.43 19.61 72.81
C ARG A 646 45.19 19.66 73.69
N SER A 647 44.15 20.35 73.26
CA SER A 647 42.91 20.46 74.01
C SER A 647 42.03 19.24 73.73
N PHE A 648 40.78 19.33 74.15
CA PHE A 648 39.74 18.36 73.78
C PHE A 648 38.97 18.82 72.56
N SER A 649 38.60 20.10 72.51
CA SER A 649 37.82 20.62 71.40
C SER A 649 38.63 20.69 70.11
N ALA A 650 39.92 20.98 70.19
CA ALA A 650 40.74 20.95 68.98
C ALA A 650 40.72 19.57 68.36
N ARG A 651 40.83 18.53 69.18
CA ARG A 651 40.70 17.17 68.68
C ARG A 651 39.32 16.95 68.07
N ILE A 652 38.26 17.32 68.79
CA ILE A 652 36.93 17.07 68.26
C ILE A 652 36.69 17.83 66.98
N LEU A 653 37.49 18.86 66.71
CA LEU A 653 37.34 19.60 65.45
C LEU A 653 38.13 18.94 64.32
N GLY A 654 39.38 18.61 64.58
CA GLY A 654 40.24 18.10 63.53
C GLY A 654 39.69 16.86 62.86
N MET A 655 38.98 16.02 63.62
CA MET A 655 38.43 14.80 63.04
C MET A 655 37.52 15.13 61.86
N VAL A 656 36.50 15.94 62.10
CA VAL A 656 35.60 16.29 61.01
C VAL A 656 36.31 17.16 59.99
N TRP A 657 37.35 17.89 60.39
CA TRP A 657 38.15 18.55 59.37
C TRP A 657 38.65 17.55 58.33
N ALA A 658 39.25 16.47 58.81
CA ALA A 658 39.77 15.45 57.88
C ALA A 658 38.65 14.73 57.16
N GLY A 659 37.54 14.48 57.85
CA GLY A 659 36.38 13.93 57.18
C GLY A 659 35.99 14.76 55.96
N PHE A 660 35.85 16.06 56.15
CA PHE A 660 35.62 16.94 55.02
C PHE A 660 36.72 16.77 53.97
N ALA A 661 37.98 16.73 54.42
CA ALA A 661 39.09 16.65 53.48
C ALA A 661 38.92 15.49 52.52
N MET A 662 38.51 14.33 53.02
CA MET A 662 38.35 13.16 52.16
C MET A 662 37.36 13.46 51.03
N ILE A 663 36.24 14.08 51.38
CA ILE A 663 35.16 14.34 50.43
C ILE A 663 35.66 15.09 49.22
N ILE A 664 36.56 16.04 49.42
CA ILE A 664 37.00 16.89 48.31
C ILE A 664 37.64 16.04 47.22
N VAL A 665 38.71 15.32 47.57
CA VAL A 665 39.39 14.51 46.57
C VAL A 665 38.46 13.43 46.04
N ALA A 666 37.57 12.91 46.87
CA ALA A 666 36.63 11.91 46.39
C ALA A 666 35.78 12.46 45.26
N SER A 667 35.02 13.51 45.55
CA SER A 667 34.25 14.19 44.54
C SER A 667 35.08 14.55 43.32
N TYR A 668 36.33 14.95 43.53
CA TYR A 668 37.16 15.28 42.39
C TYR A 668 37.33 14.08 41.49
N THR A 669 37.65 12.93 42.06
CA THR A 669 37.73 11.71 41.27
C THR A 669 36.41 11.45 40.55
N ALA A 670 35.30 11.57 41.26
CA ALA A 670 34.01 11.28 40.66
C ALA A 670 33.76 12.16 39.44
N ASN A 671 33.95 13.45 39.60
CA ASN A 671 33.71 14.37 38.49
C ASN A 671 34.62 14.06 37.32
N LEU A 672 35.93 13.93 37.58
CA LEU A 672 36.84 13.70 36.47
C LEU A 672 36.52 12.39 35.76
N ALA A 673 36.08 11.38 36.51
CA ALA A 673 35.60 10.17 35.86
C ALA A 673 34.42 10.48 34.96
N ALA A 674 33.45 11.23 35.48
CA ALA A 674 32.27 11.56 34.69
C ALA A 674 32.63 12.25 33.39
N PHE A 675 33.62 13.14 33.43
CA PHE A 675 33.99 13.86 32.22
C PHE A 675 34.59 12.95 31.15
N LEU A 676 34.88 11.69 31.49
CA LEU A 676 35.52 10.80 30.53
C LEU A 676 34.62 9.65 30.10
N VAL A 677 33.44 9.52 30.71
CA VAL A 677 32.49 8.49 30.33
C VAL A 677 31.45 9.01 29.36
N LEU A 678 30.88 10.18 29.64
CA LEU A 678 30.03 10.85 28.67
C LEU A 678 30.82 11.59 27.61
N ASP A 679 32.13 11.36 27.56
CA ASP A 679 32.98 11.94 26.52
C ASP A 679 32.75 11.14 25.23
N ARG A 680 31.58 11.37 24.65
CA ARG A 680 31.22 10.76 23.38
C ARG A 680 31.12 11.86 22.33
N PRO A 681 32.12 12.01 21.45
CA PRO A 681 32.13 13.14 20.54
C PRO A 681 30.92 13.17 19.60
N GLU A 682 30.70 12.08 18.87
CA GLU A 682 29.58 12.04 17.93
C GLU A 682 29.35 10.59 17.50
N GLU A 683 28.11 10.29 17.16
CA GLU A 683 27.79 9.00 16.58
C GLU A 683 27.89 9.07 15.07
N ARG A 684 28.64 8.14 14.48
CA ARG A 684 28.79 8.12 13.04
C ARG A 684 27.46 7.84 12.36
N ILE A 685 27.23 8.53 11.24
CA ILE A 685 25.95 8.46 10.54
C ILE A 685 25.72 7.03 10.06
N THR A 686 24.49 6.57 10.14
CA THR A 686 24.15 5.18 9.87
C THR A 686 23.08 5.14 8.78
N GLY A 687 23.49 4.73 7.58
CA GLY A 687 22.54 4.47 6.51
C GLY A 687 21.82 5.71 6.03
N ILE A 688 20.96 5.50 5.03
CA ILE A 688 20.14 6.58 4.52
C ILE A 688 19.19 7.08 5.59
N ASN A 689 18.62 6.18 6.38
CA ASN A 689 17.51 6.51 7.24
C ASN A 689 17.91 7.22 8.52
N ASP A 690 19.16 7.65 8.64
CA ASP A 690 19.53 8.50 9.75
C ASP A 690 18.85 9.84 9.59
N PRO A 691 17.85 10.17 10.41
CA PRO A 691 16.99 11.33 10.13
C PRO A 691 17.72 12.66 10.14
N ARG A 692 19.00 12.71 10.51
CA ARG A 692 19.79 13.88 10.20
C ARG A 692 19.75 14.17 8.70
N LEU A 693 19.63 13.12 7.90
CA LEU A 693 19.43 13.23 6.46
C LEU A 693 17.97 13.09 6.07
N ARG A 694 17.05 13.56 6.91
CA ARG A 694 15.74 13.95 6.42
C ARG A 694 15.82 15.33 5.79
N ASN A 695 16.43 16.27 6.49
CA ASN A 695 16.85 17.56 5.96
C ASN A 695 18.09 17.99 6.73
N PRO A 696 19.21 18.17 6.05
CA PRO A 696 20.49 18.36 6.75
C PRO A 696 20.72 19.80 7.15
N SER A 697 21.73 19.97 8.00
CA SER A 697 22.17 21.28 8.44
C SER A 697 23.29 21.78 7.53
N ASP A 698 23.97 22.85 7.94
CA ASP A 698 25.09 23.36 7.18
C ASP A 698 26.42 22.76 7.61
N LYS A 699 26.43 22.07 8.76
CA LYS A 699 27.65 21.44 9.27
C LYS A 699 27.83 20.01 8.79
N PHE A 700 27.13 19.60 7.72
CA PHE A 700 27.26 18.25 7.21
C PHE A 700 26.89 18.26 5.73
N ILE A 701 27.91 18.21 4.88
CA ILE A 701 27.73 18.26 3.43
C ILE A 701 27.86 16.85 2.88
N TYR A 702 27.12 16.56 1.82
CA TYR A 702 27.12 15.25 1.19
C TYR A 702 26.38 15.35 -0.13
N ALA A 703 26.86 14.63 -1.13
CA ALA A 703 26.20 14.60 -2.44
C ALA A 703 26.72 13.40 -3.22
N THR A 704 26.33 13.33 -4.49
CA THR A 704 26.81 12.34 -5.43
C THR A 704 27.62 13.05 -6.52
N VAL A 705 28.09 12.29 -7.47
CA VAL A 705 28.81 12.84 -8.61
C VAL A 705 27.80 13.29 -9.65
N LYS A 706 28.17 14.30 -10.43
CA LYS A 706 27.27 14.81 -11.46
C LYS A 706 26.89 13.72 -12.46
N GLN A 707 25.59 13.45 -12.55
CA GLN A 707 25.00 12.52 -13.51
C GLN A 707 25.32 11.07 -13.20
N SER A 708 25.71 10.76 -11.97
CA SER A 708 25.93 9.38 -11.58
C SER A 708 24.60 8.62 -11.53
N SER A 709 24.60 7.41 -12.11
CA SER A 709 23.39 6.62 -12.25
C SER A 709 22.69 6.31 -10.94
N VAL A 710 23.36 6.52 -9.80
CA VAL A 710 22.69 6.31 -8.53
C VAL A 710 21.49 7.25 -8.39
N ASP A 711 21.61 8.47 -8.93
CA ASP A 711 20.49 9.40 -8.96
C ASP A 711 19.24 8.78 -9.56
N ILE A 712 19.42 7.75 -10.41
CA ILE A 712 18.27 7.09 -11.02
C ILE A 712 17.38 6.48 -9.95
N TYR A 713 17.96 5.81 -8.95
CA TYR A 713 17.12 5.35 -7.87
C TYR A 713 16.63 6.49 -6.99
N PHE A 714 17.30 7.65 -7.02
CA PHE A 714 16.78 8.82 -6.33
C PHE A 714 15.43 9.24 -6.89
N ARG A 715 15.40 9.63 -8.15
CA ARG A 715 14.16 10.17 -8.71
C ARG A 715 13.10 9.10 -8.90
N ARG A 716 13.49 7.86 -9.21
CA ARG A 716 12.51 6.80 -9.39
C ARG A 716 11.85 6.38 -8.08
N GLN A 717 12.41 6.76 -6.94
CA GLN A 717 11.81 6.52 -5.63
C GLN A 717 11.29 7.84 -5.09
N VAL A 718 9.98 7.90 -4.84
CA VAL A 718 9.30 9.16 -4.58
C VAL A 718 9.79 9.89 -3.33
N GLU A 719 10.41 9.19 -2.39
CA GLU A 719 10.63 9.78 -1.07
C GLU A 719 11.78 10.78 -1.07
N LEU A 720 12.93 10.41 -1.62
CA LEU A 720 14.15 11.19 -1.42
C LEU A 720 14.16 12.51 -2.18
N SER A 721 13.04 12.85 -2.82
CA SER A 721 12.95 14.10 -3.58
C SER A 721 13.50 15.28 -2.79
N THR A 722 13.02 15.45 -1.54
CA THR A 722 13.54 16.51 -0.69
C THR A 722 15.05 16.42 -0.57
N MET A 723 15.55 15.25 -0.16
CA MET A 723 16.99 15.04 -0.12
C MET A 723 17.62 15.34 -1.47
N TYR A 724 16.95 14.94 -2.56
CA TYR A 724 17.47 15.22 -3.89
C TYR A 724 17.73 16.70 -4.08
N ARG A 725 16.84 17.55 -3.57
CA ARG A 725 17.10 18.99 -3.62
C ARG A 725 18.35 19.35 -2.83
N HIS A 726 18.44 18.86 -1.59
CA HIS A 726 19.62 19.16 -0.78
C HIS A 726 20.86 18.46 -1.35
N MET A 727 20.69 17.24 -1.84
CA MET A 727 21.81 16.58 -2.50
C MET A 727 22.29 17.36 -3.70
N GLU A 728 21.38 18.07 -4.37
CA GLU A 728 21.76 18.85 -5.55
C GLU A 728 22.53 20.10 -5.15
N LYS A 729 22.69 20.34 -3.85
CA LYS A 729 23.32 21.59 -3.40
C LYS A 729 24.75 21.71 -3.88
N HIS A 730 25.63 20.81 -3.43
CA HIS A 730 27.05 20.91 -3.75
C HIS A 730 27.56 19.65 -4.42
N ASN A 731 26.82 19.15 -5.41
CA ASN A 731 27.23 17.95 -6.12
C ASN A 731 28.61 18.13 -6.73
N TYR A 732 29.58 17.38 -6.22
CA TYR A 732 30.93 17.40 -6.76
C TYR A 732 30.94 16.59 -8.04
N GLU A 733 31.23 17.26 -9.17
CA GLU A 733 31.08 16.64 -10.46
C GLU A 733 32.19 15.65 -10.79
N SER A 734 33.29 15.67 -10.05
CA SER A 734 34.42 14.80 -10.32
C SER A 734 34.45 13.65 -9.32
N ALA A 735 34.19 12.43 -9.82
CA ALA A 735 34.20 11.26 -8.96
C ALA A 735 35.56 11.05 -8.30
N ALA A 736 36.64 11.23 -9.06
CA ALA A 736 37.96 11.12 -8.48
C ALA A 736 38.30 12.26 -7.53
N GLU A 737 37.43 13.27 -7.43
CA GLU A 737 37.67 14.39 -6.54
C GLU A 737 36.80 14.36 -5.29
N ALA A 738 35.83 13.46 -5.20
CA ALA A 738 35.07 13.34 -3.95
C ALA A 738 35.95 12.84 -2.82
N ILE A 739 36.86 11.92 -3.14
CA ILE A 739 37.82 11.47 -2.13
C ILE A 739 38.62 12.65 -1.60
N GLN A 740 39.09 13.52 -2.48
CA GLN A 740 39.75 14.74 -2.03
C GLN A 740 38.80 15.62 -1.25
N ALA A 741 37.54 15.67 -1.66
CA ALA A 741 36.55 16.53 -1.01
C ALA A 741 36.39 16.17 0.45
N VAL A 742 36.35 14.89 0.78
CA VAL A 742 36.38 14.49 2.17
C VAL A 742 37.79 14.55 2.74
N ARG A 743 38.82 14.42 1.91
CA ARG A 743 40.19 14.53 2.36
C ARG A 743 40.58 15.95 2.71
N ASP A 744 39.79 16.94 2.29
CA ASP A 744 40.03 18.33 2.61
C ASP A 744 39.14 18.83 3.73
N ASN A 745 38.32 17.94 4.29
CA ASN A 745 37.36 18.21 5.37
C ASN A 745 36.21 19.10 4.93
N LYS A 746 36.23 19.60 3.69
CA LYS A 746 35.08 20.33 3.19
C LYS A 746 33.86 19.43 3.13
N LEU A 747 33.97 18.33 2.42
CA LEU A 747 33.00 17.25 2.51
C LEU A 747 33.37 16.35 3.68
N HIS A 748 32.38 15.69 4.24
CA HIS A 748 32.64 14.78 5.35
C HIS A 748 32.05 13.40 5.06
N ALA A 749 30.89 13.37 4.42
CA ALA A 749 30.22 12.13 4.06
C ALA A 749 29.86 12.18 2.58
N PHE A 750 29.76 11.00 1.96
CA PHE A 750 29.58 10.93 0.52
C PHE A 750 28.86 9.65 0.15
N ILE A 751 27.86 9.74 -0.72
CA ILE A 751 27.04 8.60 -1.09
C ILE A 751 27.61 7.97 -2.34
N TRP A 752 27.69 6.64 -2.38
CA TRP A 752 28.32 5.96 -3.50
C TRP A 752 28.06 4.47 -3.35
N ASP A 753 28.67 3.69 -4.25
CA ASP A 753 28.59 2.25 -4.11
C ASP A 753 29.67 1.74 -3.16
N SER A 754 29.47 0.52 -2.66
CA SER A 754 30.34 -0.03 -1.64
C SER A 754 31.64 -0.56 -2.24
N ALA A 755 31.54 -1.44 -3.23
CA ALA A 755 32.67 -2.25 -3.65
C ALA A 755 33.87 -1.43 -4.10
N VAL A 756 33.72 -0.13 -4.24
CA VAL A 756 34.89 0.73 -4.41
C VAL A 756 35.26 1.38 -3.09
N LEU A 757 34.28 1.74 -2.28
CA LEU A 757 34.59 2.36 -1.00
C LEU A 757 35.36 1.41 -0.09
N GLU A 758 34.83 0.21 0.14
CA GLU A 758 35.50 -0.74 1.03
C GLU A 758 36.94 -0.98 0.59
N PHE A 759 37.28 -0.69 -0.65
CA PHE A 759 38.66 -0.63 -1.06
C PHE A 759 39.31 0.70 -0.72
N GLU A 760 38.56 1.79 -0.81
CA GLU A 760 39.14 3.11 -0.61
C GLU A 760 39.45 3.40 0.85
N ALA A 761 38.65 2.86 1.77
CA ALA A 761 38.90 3.07 3.19
C ALA A 761 40.20 2.44 3.63
N SER A 762 40.63 1.37 2.97
CA SER A 762 41.80 0.62 3.40
C SER A 762 43.10 1.16 2.82
N GLN A 763 43.09 2.36 2.24
CA GLN A 763 44.35 3.00 1.88
C GLN A 763 45.02 3.59 3.11
N LYS A 764 44.34 4.53 3.77
CA LYS A 764 44.73 5.04 5.06
C LYS A 764 43.52 5.02 5.97
N CYS A 765 43.71 4.55 7.20
CA CYS A 765 42.60 4.22 8.08
C CYS A 765 41.87 5.44 8.62
N ASP A 766 42.15 6.64 8.10
CA ASP A 766 41.41 7.83 8.51
C ASP A 766 40.10 7.97 7.76
N LEU A 767 39.90 7.16 6.72
CA LEU A 767 38.69 7.20 5.91
C LEU A 767 37.92 5.91 6.17
N VAL A 768 36.66 6.04 6.59
CA VAL A 768 35.89 4.90 7.08
C VAL A 768 34.54 4.87 6.39
N THR A 769 33.90 3.71 6.45
CA THR A 769 32.58 3.51 5.88
C THR A 769 31.52 3.77 6.95
N THR A 770 30.25 3.52 6.59
CA THR A 770 29.15 3.60 7.54
C THR A 770 28.45 2.27 7.76
N GLY A 771 28.87 1.20 7.08
CA GLY A 771 28.45 -0.14 7.39
C GLY A 771 27.05 -0.53 6.98
N GLU A 772 26.16 0.43 6.75
CA GLU A 772 24.77 0.11 6.41
C GLU A 772 24.63 -0.08 4.91
N LEU A 773 24.16 -1.26 4.51
CA LEU A 773 23.95 -1.56 3.10
C LEU A 773 22.60 -1.01 2.67
N PHE A 774 22.55 -0.46 1.45
CA PHE A 774 21.43 0.37 1.04
C PHE A 774 20.57 -0.24 -0.05
N PHE A 775 21.16 -0.92 -1.01
CA PHE A 775 20.44 -1.35 -2.21
C PHE A 775 21.08 -2.65 -2.71
N ARG A 776 20.38 -3.76 -2.55
CA ARG A 776 20.97 -5.08 -2.73
C ARG A 776 20.99 -5.43 -4.22
N SER A 777 22.20 -5.55 -4.78
CA SER A 777 22.37 -6.03 -6.15
C SER A 777 23.85 -6.35 -6.34
N GLY A 778 24.13 -7.09 -7.43
CA GLY A 778 25.48 -7.46 -7.76
C GLY A 778 25.73 -7.37 -9.25
N PHE A 779 27.00 -7.42 -9.62
CA PHE A 779 27.38 -7.25 -11.00
C PHE A 779 27.30 -8.56 -11.75
N GLY A 780 27.83 -8.58 -12.97
CA GLY A 780 27.78 -9.78 -13.78
C GLY A 780 28.44 -9.54 -15.12
N ILE A 781 28.20 -10.46 -16.04
CA ILE A 781 28.75 -10.38 -17.40
C ILE A 781 27.59 -10.25 -18.36
N GLY A 782 27.78 -9.45 -19.41
CA GLY A 782 26.76 -9.23 -20.40
C GLY A 782 27.17 -9.76 -21.76
N MET A 783 26.23 -10.44 -22.42
CA MET A 783 26.40 -10.89 -23.80
C MET A 783 25.19 -10.46 -24.61
N ARG A 784 25.43 -10.25 -25.91
CA ARG A 784 24.32 -10.01 -26.82
C ARG A 784 23.35 -11.18 -26.77
N LYS A 785 22.10 -10.91 -27.14
CA LYS A 785 21.00 -11.81 -26.84
C LYS A 785 21.28 -13.24 -27.28
N ASP A 786 21.41 -14.13 -26.30
CA ASP A 786 21.54 -15.56 -26.52
C ASP A 786 22.72 -15.89 -27.44
N SER A 787 23.91 -15.54 -26.97
CA SER A 787 25.13 -16.04 -27.58
C SER A 787 25.17 -17.56 -27.48
N PRO A 788 25.94 -18.21 -28.35
CA PRO A 788 26.25 -19.63 -28.12
C PRO A 788 26.94 -19.86 -26.79
N TRP A 789 27.38 -18.80 -26.13
CA TRP A 789 28.15 -18.91 -24.90
C TRP A 789 27.42 -18.33 -23.70
N LYS A 790 26.09 -18.18 -23.79
CA LYS A 790 25.36 -17.63 -22.67
C LYS A 790 25.19 -18.66 -21.56
N GLN A 791 24.50 -19.76 -21.86
CA GLN A 791 24.33 -20.82 -20.89
C GLN A 791 25.61 -21.58 -20.60
N GLN A 792 26.70 -21.24 -21.27
CA GLN A 792 27.93 -22.02 -21.12
C GLN A 792 28.83 -21.45 -20.04
N VAL A 793 29.24 -20.19 -20.18
CA VAL A 793 30.28 -19.65 -19.32
C VAL A 793 29.77 -19.42 -17.90
N SER A 794 28.46 -19.20 -17.73
CA SER A 794 27.95 -19.02 -16.39
C SER A 794 28.15 -20.26 -15.53
N LEU A 795 28.17 -21.45 -16.13
CA LEU A 795 28.47 -22.64 -15.37
C LEU A 795 29.86 -22.57 -14.77
N SER A 796 30.84 -22.14 -15.58
CA SER A 796 32.17 -21.92 -15.04
C SER A 796 32.16 -20.86 -13.95
N ILE A 797 31.54 -19.71 -14.21
CA ILE A 797 31.59 -18.63 -13.24
C ILE A 797 30.98 -19.04 -11.92
N LEU A 798 30.04 -19.97 -11.94
CA LEU A 798 29.58 -20.55 -10.69
C LEU A 798 30.63 -21.49 -10.11
N LYS A 799 31.00 -22.52 -10.87
CA LYS A 799 31.94 -23.51 -10.37
C LYS A 799 33.24 -22.87 -9.90
N SER A 800 33.80 -21.97 -10.70
CA SER A 800 34.94 -21.19 -10.26
C SER A 800 34.69 -20.49 -8.94
N HIS A 801 33.47 -20.01 -8.72
CA HIS A 801 33.17 -19.36 -7.46
C HIS A 801 32.93 -20.36 -6.35
N GLU A 802 32.89 -21.64 -6.67
CA GLU A 802 32.65 -22.65 -5.65
C GLU A 802 33.88 -22.94 -4.81
N ASN A 803 35.08 -22.96 -5.40
CA ASN A 803 36.24 -23.43 -4.63
C ASN A 803 36.82 -22.33 -3.75
N GLY A 804 37.57 -21.39 -4.35
CA GLY A 804 38.06 -20.26 -3.59
C GLY A 804 38.39 -19.01 -4.38
N PHE A 805 38.13 -19.02 -5.69
CA PHE A 805 38.81 -18.09 -6.59
C PHE A 805 38.59 -16.64 -6.18
N MET A 806 37.35 -16.19 -6.26
CA MET A 806 37.06 -14.79 -6.06
C MET A 806 37.49 -14.33 -4.67
N GLU A 807 37.40 -15.20 -3.67
CA GLU A 807 37.81 -14.81 -2.33
C GLU A 807 39.30 -14.47 -2.30
N ASP A 808 40.14 -15.36 -2.83
CA ASP A 808 41.58 -15.09 -2.85
C ASP A 808 41.90 -13.87 -3.70
N LEU A 809 41.29 -13.77 -4.89
CA LEU A 809 41.53 -12.61 -5.73
C LEU A 809 41.16 -11.32 -5.00
N ASP A 810 40.05 -11.32 -4.27
CA ASP A 810 39.67 -10.17 -3.48
C ASP A 810 40.73 -9.85 -2.44
N LYS A 811 41.04 -10.82 -1.58
CA LYS A 811 42.06 -10.61 -0.55
C LYS A 811 43.36 -10.10 -1.15
N THR A 812 43.59 -10.38 -2.43
CA THR A 812 44.76 -9.86 -3.12
C THR A 812 44.47 -8.55 -3.83
N TRP A 813 43.22 -8.07 -3.82
CA TRP A 813 42.95 -6.84 -4.54
C TRP A 813 42.09 -5.85 -3.76
N VAL A 814 41.33 -6.33 -2.77
CA VAL A 814 40.50 -5.42 -1.99
C VAL A 814 40.76 -5.62 -0.50
N ARG A 815 41.97 -6.06 -0.15
CA ARG A 815 42.37 -6.24 1.24
C ARG A 815 43.71 -5.58 1.49
N TYR A 816 44.01 -4.52 0.76
CA TYR A 816 45.25 -3.80 0.96
C TYR A 816 45.24 -3.12 2.33
N GLN A 817 46.28 -3.38 3.12
CA GLN A 817 46.51 -2.81 4.44
C GLN A 817 45.56 -3.38 5.50
N GLU A 818 44.55 -4.15 5.07
CA GLU A 818 43.74 -5.01 5.94
C GLU A 818 43.39 -4.36 7.27
N CYS A 819 43.09 -3.06 7.22
CA CYS A 819 42.86 -2.29 8.45
C CYS A 819 41.60 -2.74 9.15
N ASP A 820 41.60 -2.64 10.48
CA ASP A 820 40.42 -2.89 11.29
C ASP A 820 39.61 -1.60 11.42
N SER A 821 38.41 -1.71 11.98
CA SER A 821 37.51 -0.56 11.91
C SER A 821 37.75 0.47 12.99
N ARG A 822 37.37 0.15 14.23
CA ARG A 822 37.34 1.17 15.28
C ARG A 822 36.84 0.65 16.61
N SER A 823 36.88 1.52 17.62
CA SER A 823 36.10 1.39 18.83
C SER A 823 35.75 2.81 19.28
N ASN A 824 34.89 2.93 20.29
CA ASN A 824 34.72 4.23 20.95
C ASN A 824 35.92 4.42 21.85
N ALA A 825 36.96 5.04 21.32
CA ALA A 825 38.28 4.97 21.94
C ALA A 825 38.26 5.52 23.36
N PRO A 826 38.97 4.87 24.29
CA PRO A 826 39.09 5.45 25.64
C PRO A 826 39.91 6.72 25.67
N ALA A 827 40.62 7.05 24.59
CA ALA A 827 41.28 8.34 24.42
C ALA A 827 42.30 8.59 25.53
N THR A 828 43.34 7.76 25.53
CA THR A 828 44.44 7.93 26.46
C THR A 828 44.95 9.37 26.41
N LEU A 829 45.35 9.87 27.57
CA LEU A 829 45.75 11.26 27.69
C LEU A 829 47.16 11.47 27.19
N THR A 830 47.39 12.64 26.58
CA THR A 830 48.71 13.03 26.13
C THR A 830 49.31 14.05 27.09
N CYS A 831 50.63 14.19 27.03
CA CYS A 831 51.28 15.31 27.69
C CYS A 831 50.68 16.63 27.22
N GLU A 832 50.33 16.70 25.94
CA GLU A 832 49.90 17.93 25.28
C GLU A 832 48.65 18.54 25.90
N ASN A 833 47.85 17.77 26.63
CA ASN A 833 46.74 18.35 27.36
C ASN A 833 46.81 18.10 28.86
N MET A 834 47.85 17.43 29.35
CA MET A 834 47.99 17.16 30.76
C MET A 834 49.03 18.04 31.43
N ALA A 835 50.07 18.44 30.70
CA ALA A 835 51.26 19.09 31.26
C ALA A 835 50.97 20.38 31.98
N GLY A 836 49.72 20.86 31.99
CA GLY A 836 49.42 22.13 32.66
C GLY A 836 49.95 22.20 34.08
N VAL A 837 49.90 21.07 34.81
CA VAL A 837 50.43 21.06 36.16
C VAL A 837 51.93 21.31 36.19
N PHE A 838 52.64 20.95 35.13
CA PHE A 838 54.08 21.16 35.13
C PHE A 838 54.44 22.63 35.11
N MET A 839 53.55 23.48 34.59
CA MET A 839 53.71 24.91 34.77
C MET A 839 53.75 25.27 36.25
N LEU A 840 52.81 24.72 37.03
CA LEU A 840 52.84 24.96 38.46
C LEU A 840 54.09 24.37 39.10
N VAL A 841 54.57 23.25 38.56
CA VAL A 841 55.83 22.69 39.04
C VAL A 841 56.96 23.69 38.89
N ALA A 842 57.12 24.25 37.71
CA ALA A 842 58.19 25.24 37.50
C ALA A 842 57.96 26.48 38.37
N GLY A 843 56.70 26.89 38.53
CA GLY A 843 56.41 28.03 39.38
C GLY A 843 56.85 27.80 40.81
N GLY A 844 56.57 26.62 41.35
CA GLY A 844 57.08 26.28 42.66
C GLY A 844 58.59 26.17 42.69
N ILE A 845 59.18 25.72 41.58
CA ILE A 845 60.63 25.69 41.48
C ILE A 845 61.22 27.08 41.71
N VAL A 846 60.70 28.07 41.01
CA VAL A 846 61.27 29.42 41.10
C VAL A 846 60.85 30.15 42.37
N ALA A 847 59.65 29.88 42.88
CA ALA A 847 59.27 30.42 44.18
C ALA A 847 60.25 30.00 45.27
N GLY A 848 60.92 28.86 45.08
CA GLY A 848 61.94 28.45 46.02
C GLY A 848 63.05 29.48 46.14
N ILE A 849 63.69 29.82 45.02
CA ILE A 849 64.76 30.82 45.08
C ILE A 849 64.21 32.19 45.45
N PHE A 850 62.96 32.51 45.07
CA PHE A 850 62.41 33.79 45.49
C PHE A 850 62.18 33.86 47.00
N LEU A 851 61.98 32.72 47.64
CA LEU A 851 61.81 32.68 49.08
C LEU A 851 63.12 32.42 49.82
N ILE A 852 64.15 31.98 49.12
CA ILE A 852 65.37 31.51 49.78
C ILE A 852 65.98 32.60 50.65
N PHE A 853 66.37 33.72 50.06
CA PHE A 853 67.00 34.78 50.84
C PHE A 853 66.03 35.41 51.83
N ILE A 854 64.73 35.22 51.64
CA ILE A 854 63.74 35.88 52.50
C ILE A 854 63.91 35.43 53.94
N GLU A 855 63.82 34.12 54.19
CA GLU A 855 63.91 33.62 55.55
C GLU A 855 65.29 33.83 56.14
N ILE A 856 66.34 33.72 55.33
CA ILE A 856 67.68 33.97 55.83
C ILE A 856 67.81 35.40 56.33
N ALA A 857 67.35 36.36 55.53
CA ALA A 857 67.38 37.75 55.97
C ALA A 857 66.50 37.98 57.18
N TYR A 858 65.32 37.35 57.23
CA TYR A 858 64.44 37.54 58.37
C TYR A 858 65.06 36.97 59.65
N LYS A 859 65.87 35.92 59.53
CA LYS A 859 66.63 35.47 60.69
C LYS A 859 67.76 36.42 61.03
N ARG A 860 68.41 37.00 60.01
CA ARG A 860 69.46 37.98 60.26
C ARG A 860 68.87 39.32 60.67
N HIS A 861 68.05 39.92 59.81
CA HIS A 861 67.48 41.23 60.07
C HIS A 861 66.36 41.21 61.10
N LYS A 862 66.12 40.08 61.75
CA LYS A 862 65.09 39.98 62.80
C LYS A 862 65.27 38.71 63.61
N ILE B 68 4.02 35.26 -59.95
CA ILE B 68 3.37 36.21 -59.06
C ILE B 68 1.86 36.15 -59.27
N ALA B 69 1.39 35.00 -59.74
CA ALA B 69 -0.02 34.83 -60.03
C ALA B 69 -0.81 34.65 -58.75
N VAL B 70 -2.04 35.16 -58.74
CA VAL B 70 -2.93 35.09 -57.59
C VAL B 70 -4.27 34.55 -58.05
N ILE B 71 -4.65 33.40 -57.51
CA ILE B 71 -5.93 32.77 -57.83
C ILE B 71 -6.87 32.95 -56.66
N LEU B 72 -8.12 33.31 -56.95
CA LEU B 72 -9.15 33.42 -55.92
C LEU B 72 -10.39 32.66 -56.36
N VAL B 73 -10.99 31.92 -55.44
CA VAL B 73 -12.23 31.21 -55.66
C VAL B 73 -13.23 31.62 -54.58
N GLY B 74 -14.46 31.89 -54.98
CA GLY B 74 -15.52 32.15 -54.03
C GLY B 74 -15.85 33.62 -53.90
N THR B 75 -16.72 33.90 -52.93
CA THR B 75 -17.20 35.24 -52.67
C THR B 75 -16.18 36.00 -51.83
N SER B 76 -15.60 37.06 -52.39
CA SER B 76 -14.59 37.82 -51.67
C SER B 76 -14.49 39.22 -52.27
N ASP B 77 -13.93 40.13 -51.48
CA ASP B 77 -13.71 41.51 -51.91
C ASP B 77 -12.37 41.61 -52.62
N GLU B 78 -12.40 41.95 -53.91
CA GLU B 78 -11.19 41.90 -54.72
C GLU B 78 -10.34 43.15 -54.56
N VAL B 79 -10.90 44.31 -54.92
CA VAL B 79 -10.09 45.53 -55.02
C VAL B 79 -9.46 45.92 -53.69
N ALA B 80 -10.15 45.67 -52.57
CA ALA B 80 -9.57 45.94 -51.26
C ALA B 80 -8.30 45.12 -51.06
N ILE B 81 -8.25 43.92 -51.62
CA ILE B 81 -7.00 43.17 -51.62
C ILE B 81 -6.05 43.69 -52.68
N LYS B 82 -6.59 44.24 -53.77
CA LYS B 82 -5.73 44.72 -54.85
C LYS B 82 -4.88 45.89 -54.42
N ASP B 83 -5.42 46.78 -53.57
CA ASP B 83 -4.64 47.91 -53.11
C ASP B 83 -3.56 47.51 -52.12
N ALA B 84 -3.61 46.27 -51.60
CA ALA B 84 -2.66 45.81 -50.58
C ALA B 84 -1.23 45.70 -51.08
N HIS B 85 -0.98 45.96 -52.36
CA HIS B 85 0.36 45.91 -52.92
C HIS B 85 1.13 47.22 -52.76
N GLU B 86 0.72 48.07 -51.81
CA GLU B 86 1.34 49.38 -51.62
C GLU B 86 2.72 49.30 -50.98
N LYS B 87 3.19 48.11 -50.63
CA LYS B 87 4.51 47.94 -50.03
C LYS B 87 5.50 47.29 -50.98
N ASP B 88 5.17 47.20 -52.27
CA ASP B 88 6.03 46.50 -53.23
C ASP B 88 6.96 47.43 -54.00
N ASP B 89 6.52 48.66 -54.30
CA ASP B 89 7.39 49.62 -54.95
C ASP B 89 8.56 50.02 -54.08
N PHE B 90 8.49 49.75 -52.77
CA PHE B 90 9.59 50.00 -51.85
C PHE B 90 10.58 48.84 -51.78
N HIS B 91 10.55 47.91 -52.73
CA HIS B 91 11.43 46.76 -52.70
C HIS B 91 12.87 47.20 -52.98
N HIS B 92 13.84 46.46 -52.44
CA HIS B 92 15.26 46.78 -52.59
C HIS B 92 15.96 45.88 -53.59
N LEU B 93 15.22 45.13 -54.39
CA LEU B 93 15.78 44.19 -55.34
C LEU B 93 16.00 44.86 -56.70
N SER B 94 16.30 44.06 -57.71
CA SER B 94 16.55 44.56 -59.06
C SER B 94 15.30 44.48 -59.94
N VAL B 95 14.70 43.29 -60.04
CA VAL B 95 13.50 43.07 -60.83
C VAL B 95 12.41 42.55 -59.89
N VAL B 96 11.19 43.02 -60.09
CA VAL B 96 10.05 42.64 -59.27
C VAL B 96 8.90 42.27 -60.23
N PRO B 97 8.27 41.13 -60.08
CA PRO B 97 7.17 40.77 -60.97
C PRO B 97 5.90 41.57 -60.62
N ARG B 98 4.92 41.46 -61.51
CA ARG B 98 3.65 42.16 -61.37
C ARG B 98 2.54 41.15 -61.17
N VAL B 99 1.67 41.40 -60.19
CA VAL B 99 0.55 40.52 -59.92
C VAL B 99 -0.36 40.47 -61.14
N GLU B 100 -0.90 39.29 -61.42
CA GLU B 100 -1.96 39.11 -62.42
C GLU B 100 -3.07 38.34 -61.71
N LEU B 101 -3.93 39.06 -61.00
CA LEU B 101 -4.99 38.42 -60.25
C LEU B 101 -6.06 37.89 -61.20
N VAL B 102 -6.43 36.63 -61.01
CA VAL B 102 -7.53 36.02 -61.74
C VAL B 102 -8.38 35.25 -60.74
N ALA B 103 -9.65 35.61 -60.65
CA ALA B 103 -10.58 34.84 -59.84
C ALA B 103 -11.01 33.60 -60.59
N MET B 104 -11.33 32.55 -59.85
CA MET B 104 -11.82 31.31 -60.44
C MET B 104 -13.20 31.01 -59.88
N ASN B 105 -14.02 30.36 -60.71
CA ASN B 105 -15.43 30.19 -60.41
C ASN B 105 -15.75 28.81 -59.84
N GLU B 106 -15.40 27.75 -60.55
CA GLU B 106 -15.65 26.39 -60.10
C GLU B 106 -14.35 25.74 -59.65
N THR B 107 -14.50 24.64 -58.91
CA THR B 107 -13.35 23.95 -58.33
C THR B 107 -12.96 22.69 -59.12
N ASP B 108 -13.37 22.60 -60.37
CA ASP B 108 -13.08 21.40 -61.16
C ASP B 108 -11.58 21.32 -61.44
N PRO B 109 -10.96 20.17 -61.19
CA PRO B 109 -9.51 20.06 -61.37
C PRO B 109 -9.05 20.38 -62.78
N LYS B 110 -9.76 19.88 -63.81
CA LYS B 110 -9.38 20.18 -65.18
C LYS B 110 -9.35 21.68 -65.43
N SER B 111 -10.44 22.37 -65.10
CA SER B 111 -10.46 23.82 -65.20
C SER B 111 -9.28 24.42 -64.46
N ILE B 112 -9.00 23.93 -63.25
CA ILE B 112 -7.94 24.49 -62.43
C ILE B 112 -6.61 24.44 -63.16
N ILE B 113 -6.19 23.22 -63.52
CA ILE B 113 -4.87 23.06 -64.14
C ILE B 113 -4.81 23.78 -65.49
N THR B 114 -5.92 23.74 -66.25
CA THR B 114 -5.94 24.44 -67.52
C THR B 114 -5.65 25.92 -67.31
N ARG B 115 -6.45 26.60 -66.49
CA ARG B 115 -6.19 28.01 -66.20
C ARG B 115 -4.79 28.22 -65.66
N ILE B 116 -4.27 27.28 -64.87
CA ILE B 116 -2.95 27.45 -64.28
C ILE B 116 -1.89 27.58 -65.36
N CYS B 117 -1.81 26.58 -66.25
CA CYS B 117 -0.74 26.73 -67.22
C CYS B 117 -1.11 27.70 -68.35
N ASP B 118 -2.39 28.03 -68.51
CA ASP B 118 -2.74 29.18 -69.33
C ASP B 118 -2.13 30.46 -68.77
N LEU B 119 -2.10 30.60 -67.46
CA LEU B 119 -1.37 31.70 -66.84
C LEU B 119 0.13 31.56 -67.08
N MET B 120 0.64 30.34 -66.90
CA MET B 120 2.06 30.08 -67.15
C MET B 120 2.48 30.63 -68.49
N SER B 121 1.74 30.31 -69.55
CA SER B 121 2.02 30.88 -70.86
C SER B 121 1.69 32.36 -70.91
N ASP B 122 0.69 32.80 -70.14
CA ASP B 122 0.15 34.14 -70.28
C ASP B 122 1.05 35.21 -69.65
N ARG B 123 1.84 34.84 -68.65
CA ARG B 123 2.65 35.82 -67.96
C ARG B 123 3.90 35.15 -67.41
N LYS B 124 4.79 35.96 -66.84
CA LYS B 124 6.03 35.49 -66.24
C LYS B 124 5.70 34.82 -64.91
N ILE B 125 5.15 33.62 -65.01
CA ILE B 125 4.70 32.90 -63.82
C ILE B 125 5.87 32.10 -63.27
N GLN B 126 6.72 32.75 -62.49
CA GLN B 126 7.73 32.04 -61.72
C GLN B 126 7.18 31.58 -60.38
N GLY B 127 6.02 32.09 -59.98
CA GLY B 127 5.43 31.72 -58.72
C GLY B 127 3.93 32.01 -58.66
N VAL B 128 3.21 31.18 -57.92
CA VAL B 128 1.76 31.25 -57.87
C VAL B 128 1.30 31.10 -56.43
N VAL B 129 0.19 31.75 -56.11
CA VAL B 129 -0.46 31.62 -54.81
C VAL B 129 -1.96 31.51 -55.04
N PHE B 130 -2.60 30.66 -54.26
CA PHE B 130 -4.01 30.35 -54.46
C PHE B 130 -4.77 30.60 -53.17
N ALA B 131 -6.04 30.95 -53.30
CA ALA B 131 -6.91 31.18 -52.14
C ALA B 131 -8.35 30.94 -52.53
N ASP B 132 -9.10 30.32 -51.63
CA ASP B 132 -10.53 30.08 -51.83
C ASP B 132 -11.24 30.24 -50.49
N ASP B 133 -12.55 29.95 -50.51
CA ASP B 133 -13.36 30.01 -49.30
C ASP B 133 -14.32 28.83 -49.23
N THR B 134 -13.91 27.68 -49.74
CA THR B 134 -14.79 26.54 -49.92
C THR B 134 -14.25 25.33 -49.16
N ASP B 135 -14.88 24.18 -49.37
CA ASP B 135 -14.52 22.93 -48.70
C ASP B 135 -14.13 21.89 -49.75
N GLN B 136 -12.87 21.93 -50.16
CA GLN B 136 -12.27 20.92 -51.04
C GLN B 136 -10.79 20.87 -50.65
N GLU B 137 -10.38 19.82 -49.94
CA GLU B 137 -9.04 19.78 -49.37
C GLU B 137 -8.00 19.23 -50.33
N ALA B 138 -8.32 18.19 -51.10
CA ALA B 138 -7.34 17.52 -51.95
C ALA B 138 -6.76 18.43 -53.03
N ILE B 139 -7.28 19.65 -53.18
CA ILE B 139 -6.83 20.56 -54.23
C ILE B 139 -5.31 20.69 -54.21
N ALA B 140 -4.73 20.83 -53.03
CA ALA B 140 -3.28 20.86 -52.91
C ALA B 140 -2.65 19.60 -53.51
N GLN B 141 -3.06 18.44 -53.01
CA GLN B 141 -2.64 17.18 -53.61
C GLN B 141 -2.79 17.20 -55.12
N ILE B 142 -3.77 17.95 -55.62
CA ILE B 142 -3.86 18.19 -57.05
C ILE B 142 -2.66 18.98 -57.54
N LEU B 143 -2.54 20.22 -57.06
CA LEU B 143 -1.42 21.05 -57.49
C LEU B 143 -0.09 20.44 -57.09
N ASP B 144 -0.07 19.66 -56.01
CA ASP B 144 1.12 18.88 -55.69
C ASP B 144 1.65 18.19 -56.92
N PHE B 145 0.83 17.39 -57.59
CA PHE B 145 1.28 16.73 -58.80
C PHE B 145 1.67 17.76 -59.85
N ILE B 146 0.87 18.82 -59.98
CA ILE B 146 1.28 19.94 -60.83
C ILE B 146 2.62 20.47 -60.40
N SER B 147 2.80 20.67 -59.09
CA SER B 147 4.11 20.96 -58.55
C SER B 147 5.14 19.94 -59.02
N ALA B 148 4.82 18.66 -58.91
CA ALA B 148 5.74 17.61 -59.36
C ALA B 148 6.11 17.78 -60.83
N GLN B 149 5.23 18.37 -61.63
CA GLN B 149 5.52 18.64 -63.02
C GLN B 149 6.13 20.04 -63.21
N THR B 150 5.41 21.06 -62.74
CA THR B 150 5.83 22.43 -62.99
C THR B 150 7.18 22.74 -62.36
N LEU B 151 7.45 22.18 -61.19
CA LEU B 151 8.63 22.54 -60.38
C LEU B 151 8.68 24.05 -60.17
N THR B 152 7.56 24.58 -59.68
CA THR B 152 7.36 26.00 -59.39
C THR B 152 6.67 26.15 -58.04
N PRO B 153 7.00 27.18 -57.29
CA PRO B 153 6.46 27.28 -55.92
C PRO B 153 4.95 27.46 -55.90
N ILE B 154 4.32 26.94 -54.85
CA ILE B 154 2.90 27.13 -54.60
C ILE B 154 2.70 27.44 -53.13
N LEU B 155 1.75 28.31 -52.83
CA LEU B 155 1.41 28.67 -51.46
C LEU B 155 -0.09 28.49 -51.25
N GLY B 156 -0.44 27.57 -50.36
CA GLY B 156 -1.83 27.39 -49.97
C GLY B 156 -2.16 28.24 -48.77
N ILE B 157 -3.00 29.26 -48.94
CA ILE B 157 -3.10 30.30 -47.94
C ILE B 157 -4.50 30.42 -47.35
N HIS B 158 -5.53 30.10 -48.11
CA HIS B 158 -6.88 30.36 -47.64
C HIS B 158 -7.81 29.21 -48.00
N GLY B 159 -8.93 29.13 -47.29
CA GLY B 159 -9.90 28.08 -47.55
C GLY B 159 -9.27 26.70 -47.49
N GLY B 160 -9.67 25.85 -48.43
CA GLY B 160 -9.05 24.55 -48.54
C GLY B 160 -7.54 24.60 -48.67
N SER B 161 -7.02 25.63 -49.34
CA SER B 161 -5.57 25.78 -49.48
C SER B 161 -4.87 25.87 -48.14
N SER B 162 -5.56 26.29 -47.09
CA SER B 162 -4.99 26.30 -45.76
C SER B 162 -4.92 24.92 -45.15
N MET B 163 -5.75 23.99 -45.59
CA MET B 163 -5.86 22.71 -44.91
C MET B 163 -4.59 21.89 -45.11
N ILE B 164 -4.26 21.10 -44.09
CA ILE B 164 -2.96 20.44 -44.05
C ILE B 164 -3.06 19.03 -44.63
N MET B 165 -1.91 18.49 -45.02
CA MET B 165 -1.82 17.16 -45.57
C MET B 165 -0.42 16.63 -45.34
N ALA B 166 -0.29 15.31 -45.26
CA ALA B 166 1.00 14.70 -44.98
C ALA B 166 1.61 14.07 -46.24
N ASP B 167 2.89 13.73 -46.13
CA ASP B 167 3.63 13.02 -47.17
C ASP B 167 3.63 13.82 -48.48
N LYS B 168 4.26 14.98 -48.41
CA LYS B 168 4.60 15.69 -49.63
C LYS B 168 5.66 14.92 -50.40
N ASP B 169 5.69 15.12 -51.71
CA ASP B 169 6.67 14.44 -52.53
C ASP B 169 8.02 15.13 -52.41
N GLU B 170 9.09 14.35 -52.65
CA GLU B 170 10.44 14.89 -52.58
C GLU B 170 10.75 15.86 -53.71
N SER B 171 9.93 15.89 -54.75
CA SER B 171 10.10 16.81 -55.87
C SER B 171 9.01 17.86 -55.88
N SER B 172 8.62 18.33 -54.70
CA SER B 172 7.53 19.28 -54.55
C SER B 172 8.05 20.70 -54.41
N MET B 173 7.14 21.65 -54.58
CA MET B 173 7.44 23.07 -54.40
C MET B 173 6.34 23.82 -53.68
N PHE B 174 5.34 23.12 -53.15
CA PHE B 174 4.22 23.76 -52.50
C PHE B 174 4.41 23.79 -51.00
N PHE B 175 3.79 24.78 -50.36
CA PHE B 175 3.77 24.89 -48.92
C PHE B 175 2.42 25.47 -48.50
N GLN B 176 1.88 24.94 -47.41
CA GLN B 176 0.59 25.38 -46.90
C GLN B 176 0.77 26.36 -45.77
N PHE B 177 -0.18 27.29 -45.64
CA PHE B 177 -0.18 28.25 -44.55
C PHE B 177 -1.00 27.70 -43.40
N GLY B 178 -0.36 27.51 -42.26
CA GLY B 178 -1.01 26.94 -41.11
C GLY B 178 -0.04 26.27 -40.15
N PRO B 179 -0.57 25.67 -39.10
CA PRO B 179 0.29 25.12 -38.05
C PRO B 179 0.64 23.66 -38.30
N SER B 180 1.79 23.27 -37.79
CA SER B 180 2.21 21.88 -37.92
C SER B 180 1.47 21.01 -36.91
N ILE B 181 1.14 19.81 -37.36
CA ILE B 181 0.46 18.83 -36.51
C ILE B 181 1.13 18.74 -35.15
N GLU B 182 2.44 18.58 -35.14
CA GLU B 182 3.18 18.47 -33.89
C GLU B 182 3.02 19.74 -33.05
N GLN B 183 3.17 20.92 -33.67
CA GLN B 183 3.02 22.15 -32.91
C GLN B 183 1.60 22.29 -32.39
N GLN B 184 0.62 21.79 -33.15
CA GLN B 184 -0.75 21.84 -32.69
C GLN B 184 -0.93 20.98 -31.44
N ALA B 185 -0.44 19.74 -31.49
CA ALA B 185 -0.50 18.91 -30.30
C ALA B 185 0.28 19.51 -29.14
N SER B 186 1.34 20.27 -29.45
CA SER B 186 2.10 20.94 -28.40
C SER B 186 1.25 21.97 -27.68
N VAL B 187 0.58 22.83 -28.45
CA VAL B 187 -0.35 23.79 -27.84
C VAL B 187 -1.45 23.06 -27.10
N MET B 188 -1.88 21.91 -27.62
CA MET B 188 -2.85 21.07 -26.93
C MET B 188 -2.37 20.71 -25.53
N LEU B 189 -1.14 20.20 -25.45
CA LEU B 189 -0.60 19.82 -24.15
C LEU B 189 -0.41 21.03 -23.26
N ASN B 190 -0.04 22.18 -23.83
CA ASN B 190 0.06 23.38 -23.03
C ASN B 190 -1.29 23.78 -22.45
N ILE B 191 -2.38 23.55 -23.19
CA ILE B 191 -3.71 23.75 -22.65
C ILE B 191 -3.99 22.75 -21.53
N MET B 192 -3.75 21.47 -21.79
CA MET B 192 -3.99 20.45 -20.76
C MET B 192 -3.19 20.73 -19.50
N GLU B 193 -2.06 21.41 -19.64
CA GLU B 193 -1.26 21.78 -18.47
C GLU B 193 -1.84 23.00 -17.76
N GLU B 194 -1.99 24.11 -18.49
CA GLU B 194 -2.40 25.36 -17.86
C GLU B 194 -3.76 25.22 -17.20
N TYR B 195 -4.75 24.70 -17.92
CA TYR B 195 -6.04 24.42 -17.32
C TYR B 195 -6.09 23.06 -16.65
N ASP B 196 -4.93 22.42 -16.47
CA ASP B 196 -4.73 21.41 -15.44
C ASP B 196 -5.56 20.16 -15.66
N TRP B 197 -5.44 19.55 -16.82
CA TRP B 197 -6.04 18.25 -17.09
C TRP B 197 -4.93 17.26 -17.38
N TYR B 198 -5.01 16.07 -16.78
CA TYR B 198 -3.90 15.14 -16.79
C TYR B 198 -4.30 13.70 -17.04
N ILE B 199 -5.53 13.46 -17.49
CA ILE B 199 -5.99 12.13 -17.88
C ILE B 199 -6.80 12.30 -19.15
N PHE B 200 -6.34 11.69 -20.25
CA PHE B 200 -6.91 11.97 -21.55
C PHE B 200 -7.00 10.70 -22.39
N SER B 201 -7.96 10.71 -23.31
CA SER B 201 -8.10 9.71 -24.35
C SER B 201 -7.88 10.39 -25.70
N ILE B 202 -7.68 9.58 -26.72
CA ILE B 202 -7.47 10.09 -28.08
C ILE B 202 -8.09 9.12 -29.08
N VAL B 203 -8.84 9.67 -30.03
CA VAL B 203 -9.49 8.88 -31.07
C VAL B 203 -9.32 9.59 -32.40
N THR B 204 -9.05 8.83 -33.46
CA THR B 204 -8.61 9.38 -34.73
C THR B 204 -9.20 8.59 -35.88
N THR B 205 -8.82 8.99 -37.08
CA THR B 205 -9.07 8.26 -38.33
C THR B 205 -7.76 8.09 -39.09
N TYR B 206 -7.86 7.63 -40.33
CA TYR B 206 -6.69 7.33 -41.15
C TYR B 206 -6.25 8.50 -42.02
N PHE B 207 -6.71 9.72 -41.74
CA PHE B 207 -6.30 10.87 -42.52
C PHE B 207 -4.78 11.02 -42.46
N PRO B 208 -4.17 11.55 -43.52
CA PRO B 208 -2.71 11.76 -43.55
C PRO B 208 -2.18 12.44 -42.30
N GLY B 209 -1.31 11.73 -41.58
CA GLY B 209 -0.52 12.35 -40.54
C GLY B 209 -0.84 11.91 -39.12
N TYR B 210 -1.85 11.06 -38.95
CA TYR B 210 -2.26 10.68 -37.60
C TYR B 210 -1.15 9.97 -36.84
N GLN B 211 -0.35 9.15 -37.53
CA GLN B 211 0.75 8.47 -36.87
C GLN B 211 1.77 9.46 -36.33
N ASP B 212 2.06 10.52 -37.09
CA ASP B 212 2.99 11.53 -36.61
C ASP B 212 2.44 12.22 -35.37
N PHE B 213 1.16 12.57 -35.38
CA PHE B 213 0.52 13.11 -34.18
C PHE B 213 0.70 12.18 -32.99
N VAL B 214 0.39 10.90 -33.18
CA VAL B 214 0.44 9.93 -32.08
C VAL B 214 1.85 9.83 -31.53
N ASN B 215 2.83 9.61 -32.40
CA ASN B 215 4.20 9.44 -31.94
C ASN B 215 4.75 10.71 -31.33
N LYS B 216 4.34 11.87 -31.84
CA LYS B 216 4.74 13.14 -31.23
C LYS B 216 4.22 13.22 -29.81
N ILE B 217 2.94 12.91 -29.61
CA ILE B 217 2.37 12.91 -28.26
C ILE B 217 3.13 11.93 -27.36
N ARG B 218 3.41 10.73 -27.87
CA ARG B 218 4.08 9.73 -27.06
C ARG B 218 5.47 10.19 -26.64
N SER B 219 6.31 10.55 -27.60
CA SER B 219 7.64 11.03 -27.26
C SER B 219 7.60 12.33 -26.45
N THR B 220 6.48 13.05 -26.46
CA THR B 220 6.39 14.26 -25.67
C THR B 220 6.06 13.97 -24.22
N ILE B 221 5.24 12.95 -23.96
CA ILE B 221 4.84 12.70 -22.58
C ILE B 221 5.92 11.94 -21.81
N GLU B 222 6.71 11.10 -22.47
CA GLU B 222 7.67 10.23 -21.81
C GLU B 222 9.06 10.85 -21.71
N ASN B 223 9.15 12.17 -21.67
CA ASN B 223 10.40 12.87 -21.40
C ASN B 223 10.19 13.96 -20.36
N SER B 224 9.34 13.69 -19.38
CA SER B 224 9.02 14.64 -18.31
C SER B 224 8.69 13.84 -17.06
N PHE B 225 8.06 14.50 -16.09
CA PHE B 225 7.80 13.88 -14.79
C PHE B 225 6.34 13.96 -14.33
N VAL B 226 5.55 14.92 -14.81
CA VAL B 226 4.17 15.05 -14.36
C VAL B 226 3.38 13.82 -14.82
N GLY B 227 2.22 13.61 -14.20
CA GLY B 227 1.42 12.44 -14.49
C GLY B 227 0.64 12.50 -15.80
N TRP B 228 1.34 12.39 -16.92
CA TRP B 228 0.67 12.24 -18.21
C TRP B 228 0.07 10.84 -18.29
N GLU B 229 -1.19 10.71 -17.94
CA GLU B 229 -1.84 9.40 -17.82
C GLU B 229 -2.92 9.29 -18.89
N LEU B 230 -2.52 8.77 -20.05
CA LEU B 230 -3.46 8.50 -21.12
C LEU B 230 -4.49 7.47 -20.69
N GLU B 231 -5.61 7.45 -21.38
CA GLU B 231 -6.61 6.40 -21.19
C GLU B 231 -6.56 5.37 -22.31
N GLU B 232 -6.61 5.81 -23.57
CA GLU B 232 -6.59 4.88 -24.69
C GLU B 232 -6.41 5.65 -25.99
N VAL B 233 -5.71 5.01 -26.93
CA VAL B 233 -5.59 5.50 -28.30
C VAL B 233 -6.52 4.66 -29.17
N LEU B 234 -7.18 5.28 -30.14
CA LEU B 234 -8.10 4.56 -31.01
C LEU B 234 -7.95 5.05 -32.44
N LEU B 235 -8.24 4.13 -33.38
CA LEU B 235 -8.09 4.39 -34.80
C LEU B 235 -9.27 3.76 -35.53
N LEU B 236 -9.92 4.54 -36.39
CA LEU B 236 -11.13 4.11 -37.08
C LEU B 236 -11.07 4.47 -38.56
N ASP B 237 -12.03 3.94 -39.30
CA ASP B 237 -12.20 4.23 -40.72
C ASP B 237 -12.91 5.56 -40.92
N ASP B 244 -22.06 0.33 -40.62
CA ASP B 244 -22.07 -1.07 -40.20
C ASP B 244 -21.98 -1.19 -38.68
N SER B 245 -22.14 -0.06 -38.00
CA SER B 245 -22.15 0.03 -36.54
C SER B 245 -20.84 -0.45 -35.92
N LYS B 246 -19.81 -0.68 -36.73
CA LYS B 246 -18.48 -0.98 -36.20
C LYS B 246 -17.91 0.22 -35.45
N ILE B 247 -17.88 1.37 -36.13
CA ILE B 247 -17.56 2.65 -35.50
C ILE B 247 -18.39 2.86 -34.23
N GLN B 248 -19.66 2.43 -34.27
CA GLN B 248 -20.55 2.60 -33.12
C GLN B 248 -20.04 1.87 -31.89
N ASN B 249 -19.96 0.54 -31.96
CA ASN B 249 -19.44 -0.25 -30.86
C ASN B 249 -18.02 0.16 -30.48
N GLN B 250 -17.23 0.62 -31.45
CA GLN B 250 -15.88 1.08 -31.13
C GLN B 250 -15.92 2.27 -30.18
N LEU B 251 -16.52 3.38 -30.61
CA LEU B 251 -16.54 4.56 -29.76
C LEU B 251 -17.46 4.40 -28.55
N LYS B 252 -18.19 3.29 -28.45
CA LYS B 252 -18.93 3.02 -27.22
C LYS B 252 -18.01 2.86 -26.01
N LYS B 253 -16.70 2.98 -26.18
CA LYS B 253 -15.73 2.54 -25.19
C LYS B 253 -14.76 3.66 -24.82
N LEU B 254 -15.28 4.85 -24.50
CA LEU B 254 -14.47 5.95 -23.99
C LEU B 254 -14.94 6.32 -22.59
N GLN B 255 -14.00 6.41 -21.66
CA GLN B 255 -14.28 6.73 -20.26
C GLN B 255 -13.38 7.84 -19.73
N SER B 256 -13.18 8.92 -20.49
CA SER B 256 -12.17 9.84 -20.01
C SER B 256 -12.77 11.16 -19.56
N PRO B 257 -12.08 11.87 -18.67
CA PRO B 257 -12.47 13.26 -18.35
C PRO B 257 -11.95 14.26 -19.36
N ILE B 258 -11.07 13.86 -20.27
CA ILE B 258 -10.50 14.73 -21.29
C ILE B 258 -10.36 13.91 -22.56
N ILE B 259 -10.89 14.43 -23.67
CA ILE B 259 -11.02 13.67 -24.91
C ILE B 259 -10.38 14.47 -26.04
N LEU B 260 -9.52 13.81 -26.81
CA LEU B 260 -8.86 14.41 -27.97
C LEU B 260 -9.27 13.66 -29.22
N LEU B 261 -9.43 14.39 -30.31
CA LEU B 261 -10.06 13.87 -31.51
C LEU B 261 -9.30 14.32 -32.75
N TYR B 262 -9.25 13.44 -33.75
CA TYR B 262 -8.57 13.76 -35.00
C TYR B 262 -9.43 13.25 -36.16
N CYS B 263 -10.07 14.17 -36.87
CA CYS B 263 -10.87 13.86 -38.04
C CYS B 263 -10.99 15.13 -38.88
N THR B 264 -11.93 15.14 -39.80
CA THR B 264 -12.18 16.30 -40.63
C THR B 264 -13.59 16.83 -40.40
N LYS B 265 -13.93 17.89 -41.14
CA LYS B 265 -15.24 18.53 -40.98
C LYS B 265 -16.36 17.62 -41.42
N GLU B 266 -16.15 16.87 -42.50
CA GLU B 266 -17.25 16.11 -43.08
C GLU B 266 -17.61 14.89 -42.25
N GLU B 267 -16.63 14.10 -41.84
CA GLU B 267 -16.92 12.98 -40.94
C GLU B 267 -17.52 13.44 -39.63
N ALA B 268 -17.22 14.68 -39.23
CA ALA B 268 -17.57 15.17 -37.90
C ALA B 268 -19.04 14.95 -37.56
N THR B 269 -19.95 15.20 -38.51
CA THR B 269 -21.36 15.01 -38.22
C THR B 269 -21.68 13.56 -37.88
N TYR B 270 -21.20 12.61 -38.69
CA TYR B 270 -21.46 11.21 -38.40
C TYR B 270 -20.82 10.78 -37.10
N ILE B 271 -19.58 11.20 -36.86
CA ILE B 271 -18.88 10.78 -35.65
C ILE B 271 -19.58 11.33 -34.42
N PHE B 272 -19.99 12.61 -34.47
CA PHE B 272 -20.73 13.18 -33.36
C PHE B 272 -22.08 12.50 -33.17
N GLU B 273 -22.77 12.17 -34.26
CA GLU B 273 -24.04 11.46 -34.10
C GLU B 273 -23.84 10.13 -33.42
N VAL B 274 -22.84 9.37 -33.85
CA VAL B 274 -22.57 8.06 -33.25
C VAL B 274 -22.21 8.21 -31.78
N ALA B 275 -21.28 9.13 -31.49
CA ALA B 275 -20.85 9.33 -30.11
C ALA B 275 -22.00 9.77 -29.23
N ASN B 276 -22.69 10.84 -29.61
CA ASN B 276 -23.87 11.30 -28.86
C ASN B 276 -24.89 10.19 -28.68
N SER B 277 -25.00 9.29 -29.67
CA SER B 277 -25.88 8.14 -29.52
C SER B 277 -25.33 7.15 -28.50
N VAL B 278 -24.03 7.12 -28.32
CA VAL B 278 -23.41 6.19 -27.38
C VAL B 278 -22.79 6.88 -26.17
N GLY B 279 -22.52 8.18 -26.24
CA GLY B 279 -21.96 8.90 -25.12
C GLY B 279 -22.62 10.25 -24.94
N LEU B 280 -22.21 10.99 -23.92
CA LEU B 280 -22.88 12.23 -23.58
C LEU B 280 -22.21 13.42 -24.25
N THR B 281 -22.84 14.58 -24.09
CA THR B 281 -22.50 15.86 -24.68
C THR B 281 -22.31 16.97 -23.66
N GLY B 282 -23.16 17.03 -22.64
CA GLY B 282 -23.11 18.12 -21.69
C GLY B 282 -22.05 17.95 -20.62
N TYR B 283 -22.40 18.25 -19.38
CA TYR B 283 -21.45 18.15 -18.28
C TYR B 283 -21.07 16.70 -18.04
N GLY B 284 -19.77 16.43 -17.97
CA GLY B 284 -19.27 15.07 -17.79
C GLY B 284 -18.18 14.72 -18.78
N TYR B 285 -18.31 15.20 -20.02
CA TYR B 285 -17.31 15.00 -21.06
C TYR B 285 -16.86 16.35 -21.60
N THR B 286 -15.78 16.34 -22.36
CA THR B 286 -15.27 17.54 -23.01
C THR B 286 -14.42 17.12 -24.20
N TRP B 287 -14.59 17.82 -25.33
CA TRP B 287 -14.08 17.37 -26.61
C TRP B 287 -13.19 18.43 -27.23
N ILE B 288 -12.04 18.00 -27.73
CA ILE B 288 -11.04 18.88 -28.33
C ILE B 288 -10.69 18.34 -29.70
N VAL B 289 -10.44 19.23 -30.65
CA VAL B 289 -10.15 18.84 -32.03
C VAL B 289 -9.11 19.80 -32.60
N PRO B 290 -8.53 19.46 -33.75
CA PRO B 290 -7.65 20.39 -34.44
C PRO B 290 -8.43 21.31 -35.36
N SER B 291 -7.73 22.30 -35.92
CA SER B 291 -8.34 23.39 -36.66
C SER B 291 -9.10 22.95 -37.90
N LEU B 292 -9.01 21.67 -38.27
CA LEU B 292 -9.64 21.19 -39.49
C LEU B 292 -10.78 20.23 -39.20
N VAL B 293 -11.51 20.48 -38.12
CA VAL B 293 -12.71 19.72 -37.81
C VAL B 293 -13.95 20.60 -37.83
N ALA B 294 -13.87 21.84 -37.35
CA ALA B 294 -15.00 22.75 -37.46
C ALA B 294 -15.04 23.47 -38.79
N GLY B 295 -13.89 23.60 -39.46
CA GLY B 295 -13.84 24.23 -40.76
C GLY B 295 -14.28 25.67 -40.75
N ASP B 296 -15.45 25.95 -41.35
CA ASP B 296 -16.01 27.28 -41.30
C ASP B 296 -16.57 27.56 -39.91
N THR B 297 -16.12 28.67 -39.32
CA THR B 297 -16.57 29.03 -37.98
C THR B 297 -18.06 29.28 -37.91
N ASP B 298 -18.71 29.62 -39.03
CA ASP B 298 -20.14 29.89 -39.01
C ASP B 298 -20.98 28.65 -39.25
N THR B 299 -20.52 27.74 -40.09
CA THR B 299 -21.26 26.52 -40.38
C THR B 299 -21.34 25.67 -39.12
N VAL B 300 -22.51 25.61 -38.51
CA VAL B 300 -22.69 24.88 -37.27
C VAL B 300 -23.56 23.65 -37.51
N PRO B 301 -22.97 22.48 -37.69
CA PRO B 301 -23.77 21.25 -37.76
C PRO B 301 -24.38 20.93 -36.40
N SER B 302 -25.45 20.13 -36.45
CA SER B 302 -26.29 19.93 -35.28
C SER B 302 -25.59 19.13 -34.19
N GLU B 303 -25.15 17.91 -34.50
CA GLU B 303 -24.65 17.01 -33.47
C GLU B 303 -23.40 17.52 -32.78
N PHE B 304 -22.89 18.68 -33.18
CA PHE B 304 -21.75 19.29 -32.51
C PHE B 304 -22.02 19.43 -31.02
N PRO B 305 -21.32 18.68 -30.17
CA PRO B 305 -21.50 18.86 -28.73
C PRO B 305 -21.09 20.25 -28.30
N THR B 306 -21.84 20.82 -27.36
CA THR B 306 -21.54 22.16 -26.89
C THR B 306 -20.22 22.16 -26.14
N GLY B 307 -19.53 23.29 -26.16
CA GLY B 307 -18.27 23.40 -25.48
C GLY B 307 -17.09 22.82 -26.24
N LEU B 308 -17.17 22.72 -27.56
CA LEU B 308 -16.00 22.34 -28.35
C LEU B 308 -14.89 23.36 -28.17
N ILE B 309 -13.67 22.86 -28.04
CA ILE B 309 -12.49 23.69 -27.90
C ILE B 309 -11.48 23.25 -28.94
N SER B 310 -10.89 24.22 -29.63
CA SER B 310 -9.88 23.89 -30.64
C SER B 310 -8.98 25.07 -30.88
N VAL B 311 -8.03 24.88 -31.78
CA VAL B 311 -7.05 25.90 -32.11
C VAL B 311 -7.29 26.34 -33.55
N SER B 312 -6.82 27.53 -33.89
CA SER B 312 -6.82 27.96 -35.28
C SER B 312 -5.92 29.17 -35.45
N TYR B 313 -5.54 29.40 -36.71
CA TYR B 313 -4.95 30.66 -37.15
C TYR B 313 -5.87 31.25 -38.20
N ASP B 314 -7.16 31.24 -37.90
CA ASP B 314 -8.23 31.48 -38.85
C ASP B 314 -8.26 32.89 -39.40
N GLU B 315 -7.24 33.70 -39.11
CA GLU B 315 -7.11 35.04 -39.71
C GLU B 315 -8.24 35.96 -39.27
N TRP B 316 -8.37 36.12 -37.94
CA TRP B 316 -9.37 37.04 -37.41
C TRP B 316 -8.88 38.48 -37.49
N ASP B 317 -7.81 38.80 -36.77
CA ASP B 317 -7.11 40.06 -37.02
C ASP B 317 -6.21 39.94 -38.24
N TYR B 318 -5.49 38.83 -38.35
CA TYR B 318 -4.77 38.49 -39.55
C TYR B 318 -5.68 38.61 -40.76
N GLY B 319 -5.30 39.45 -41.72
CA GLY B 319 -6.17 39.77 -42.83
C GLY B 319 -5.98 38.85 -44.02
N LEU B 320 -7.08 38.50 -44.66
CA LEU B 320 -7.01 37.85 -45.97
C LEU B 320 -6.12 38.65 -46.93
N PRO B 321 -6.35 39.94 -47.17
CA PRO B 321 -5.38 40.69 -47.98
C PRO B 321 -4.02 40.76 -47.33
N ALA B 322 -3.96 40.75 -46.00
CA ALA B 322 -2.68 40.67 -45.34
C ALA B 322 -1.98 39.36 -45.64
N ARG B 323 -2.72 38.25 -45.66
CA ARG B 323 -2.14 36.98 -46.06
C ARG B 323 -1.61 37.04 -47.48
N VAL B 324 -2.37 37.67 -48.37
CA VAL B 324 -1.88 37.88 -49.74
C VAL B 324 -0.57 38.64 -49.72
N ARG B 325 -0.50 39.71 -48.95
CA ARG B 325 0.73 40.48 -48.82
C ARG B 325 1.87 39.62 -48.32
N ASP B 326 1.60 38.76 -47.33
CA ASP B 326 2.63 37.87 -46.81
C ASP B 326 3.17 36.97 -47.90
N GLY B 327 2.28 36.42 -48.72
CA GLY B 327 2.73 35.59 -49.83
C GLY B 327 3.60 36.34 -50.82
N ILE B 328 3.15 37.53 -51.22
CA ILE B 328 3.92 38.34 -52.17
C ILE B 328 5.29 38.65 -51.59
N ALA B 329 5.34 39.01 -50.32
CA ALA B 329 6.62 39.31 -49.69
C ALA B 329 7.50 38.08 -49.63
N ILE B 330 6.93 36.92 -49.29
CA ILE B 330 7.70 35.69 -49.25
C ILE B 330 8.37 35.45 -50.60
N ILE B 331 7.59 35.47 -51.67
CA ILE B 331 8.14 35.14 -52.98
C ILE B 331 9.16 36.17 -53.43
N THR B 332 8.84 37.46 -53.24
CA THR B 332 9.75 38.49 -53.73
C THR B 332 11.06 38.49 -52.95
N THR B 333 11.00 38.29 -51.63
CA THR B 333 12.21 38.22 -50.84
C THR B 333 13.02 36.97 -51.18
N ALA B 334 12.36 35.85 -51.44
CA ALA B 334 13.08 34.67 -51.88
C ALA B 334 13.80 34.93 -53.19
N ALA B 335 13.13 35.60 -54.12
CA ALA B 335 13.76 35.94 -55.39
C ALA B 335 14.96 36.86 -55.18
N SER B 336 14.83 37.84 -54.29
CA SER B 336 15.94 38.72 -53.99
C SER B 336 17.12 37.95 -53.41
N ASP B 337 16.85 37.02 -52.49
CA ASP B 337 17.92 36.26 -51.87
C ASP B 337 18.62 35.36 -52.87
N MET B 338 17.87 34.64 -53.70
CA MET B 338 18.50 33.78 -54.70
C MET B 338 19.26 34.60 -55.73
N LEU B 339 18.73 35.75 -56.12
CA LEU B 339 19.46 36.64 -57.02
C LEU B 339 20.69 37.22 -56.36
N SER B 340 20.71 37.31 -55.04
CA SER B 340 21.91 37.74 -54.33
C SER B 340 22.98 36.66 -54.35
N GLU B 341 22.59 35.44 -54.01
CA GLU B 341 23.56 34.34 -53.98
C GLU B 341 23.79 33.77 -55.38
N HIS B 342 22.73 33.23 -55.99
CA HIS B 342 22.88 32.56 -57.28
C HIS B 342 22.82 33.51 -58.47
N SER B 343 22.05 34.58 -58.38
CA SER B 343 21.82 35.50 -59.49
C SER B 343 21.37 34.73 -60.73
N PHE B 344 20.53 33.73 -60.50
CA PHE B 344 20.10 32.81 -61.54
C PHE B 344 18.77 33.26 -62.11
N ILE B 345 18.71 33.39 -63.43
CA ILE B 345 17.48 33.76 -64.13
C ILE B 345 16.66 32.51 -64.38
N PRO B 346 15.52 32.36 -63.72
CA PRO B 346 14.69 31.15 -63.91
C PRO B 346 14.03 31.18 -65.28
N GLU B 347 14.52 30.35 -66.18
CA GLU B 347 13.95 30.27 -67.52
C GLU B 347 12.64 29.50 -67.46
N PRO B 348 11.50 30.14 -67.74
CA PRO B 348 10.23 29.43 -67.69
C PRO B 348 10.19 28.29 -68.70
N LYS B 349 9.33 27.32 -68.41
CA LYS B 349 9.27 26.11 -69.21
C LYS B 349 8.80 26.41 -70.63
N SER B 350 9.19 25.54 -71.55
CA SER B 350 8.70 25.65 -72.92
C SER B 350 7.18 25.55 -72.96
N SER B 351 6.61 24.73 -72.10
CA SER B 351 5.17 24.58 -72.03
C SER B 351 4.79 23.90 -70.72
N CYS B 352 3.48 23.78 -70.52
CA CYS B 352 2.90 22.94 -69.47
C CYS B 352 2.58 21.54 -69.96
N TYR B 353 2.45 21.34 -71.27
CA TYR B 353 2.10 20.05 -71.84
C TYR B 353 3.24 19.39 -72.63
N ASN B 354 4.27 20.13 -73.02
CA ASN B 354 5.38 19.60 -73.79
C ASN B 354 6.66 19.48 -72.96
N THR B 355 6.52 19.21 -71.67
CA THR B 355 7.67 19.23 -70.76
C THR B 355 8.54 17.99 -70.85
N HIS B 356 8.03 16.90 -71.45
CA HIS B 356 8.78 15.65 -71.47
C HIS B 356 10.08 15.73 -72.27
N GLU B 357 10.25 16.75 -73.11
CA GLU B 357 11.47 16.90 -73.90
C GLU B 357 12.43 17.94 -73.34
N LYS B 358 11.91 18.94 -72.62
CA LYS B 358 12.73 19.99 -72.04
C LYS B 358 12.88 19.84 -70.53
N ARG B 359 13.09 18.62 -70.05
CA ARG B 359 13.20 18.33 -68.62
C ARG B 359 14.64 18.30 -68.14
N ILE B 360 15.52 19.11 -68.73
CA ILE B 360 16.95 18.96 -68.53
C ILE B 360 17.35 19.29 -67.09
N TYR B 361 17.09 20.51 -66.64
CA TYR B 361 17.66 21.03 -65.40
C TYR B 361 16.56 21.44 -64.43
N GLN B 362 16.91 21.51 -63.15
CA GLN B 362 15.99 21.94 -62.10
C GLN B 362 16.76 22.74 -61.07
N SER B 363 16.49 24.04 -61.00
CA SER B 363 17.14 24.94 -60.06
C SER B 363 16.34 24.93 -58.76
N ASN B 364 16.50 23.87 -57.98
CA ASN B 364 15.83 23.73 -56.70
C ASN B 364 16.48 24.57 -55.60
N MET B 365 17.38 25.47 -55.98
CA MET B 365 18.06 26.32 -54.99
C MET B 365 17.08 27.16 -54.18
N LEU B 366 15.86 27.34 -54.67
CA LEU B 366 14.86 28.05 -53.90
C LEU B 366 14.46 27.28 -52.64
N ASN B 367 14.75 25.98 -52.58
CA ASN B 367 14.59 25.25 -51.32
C ASN B 367 15.47 25.85 -50.23
N ARG B 368 16.62 26.40 -50.60
CA ARG B 368 17.49 27.10 -49.66
C ARG B 368 16.93 28.45 -49.24
N TYR B 369 15.76 28.83 -49.76
CA TYR B 369 15.16 30.11 -49.45
C TYR B 369 13.83 29.99 -48.72
N LEU B 370 12.92 29.12 -49.19
CA LEU B 370 11.64 28.93 -48.52
C LEU B 370 11.79 28.58 -47.05
N ILE B 371 12.91 27.98 -46.66
CA ILE B 371 13.20 27.75 -45.26
C ILE B 371 13.57 29.02 -44.52
N ASN B 372 13.68 30.15 -45.22
CA ASN B 372 14.10 31.39 -44.58
C ASN B 372 13.40 32.56 -45.27
N VAL B 373 12.30 33.00 -44.67
CA VAL B 373 11.54 34.17 -45.12
C VAL B 373 11.02 34.88 -43.89
N THR B 374 11.14 36.20 -43.85
CA THR B 374 10.76 37.00 -42.70
C THR B 374 10.46 38.42 -43.13
N PHE B 375 9.22 38.86 -42.92
CA PHE B 375 8.81 40.22 -43.23
C PHE B 375 8.43 40.94 -41.95
N GLU B 376 8.66 42.26 -41.93
CA GLU B 376 8.34 43.11 -40.80
C GLU B 376 9.00 42.62 -39.51
N GLY B 377 10.15 41.97 -39.64
CA GLY B 377 10.77 41.35 -38.49
C GLY B 377 9.98 40.21 -37.90
N ARG B 378 9.05 39.63 -38.67
CA ARG B 378 8.22 38.53 -38.21
C ARG B 378 8.60 37.29 -39.01
N ASP B 379 9.02 36.24 -38.31
CA ASP B 379 9.60 35.09 -38.96
C ASP B 379 8.54 34.27 -39.69
N LEU B 380 8.86 33.86 -40.91
CA LEU B 380 8.02 32.95 -41.67
C LEU B 380 8.84 31.73 -42.09
N SER B 381 9.69 31.23 -41.18
CA SER B 381 10.54 30.11 -41.52
C SER B 381 9.72 28.85 -41.73
N PHE B 382 10.25 27.96 -42.57
CA PHE B 382 9.56 26.75 -42.94
C PHE B 382 10.49 25.56 -42.83
N SER B 383 10.01 24.48 -42.23
CA SER B 383 10.76 23.24 -42.14
C SER B 383 10.79 22.58 -43.53
N GLU B 384 11.60 21.53 -43.68
CA GLU B 384 11.59 20.79 -44.92
C GLU B 384 10.22 20.18 -45.19
N ASP B 385 9.54 19.72 -44.13
CA ASP B 385 8.14 19.35 -44.27
C ASP B 385 7.30 20.54 -44.71
N GLY B 386 7.61 21.73 -44.22
CA GLY B 386 6.93 22.93 -44.64
C GLY B 386 5.88 23.37 -43.64
N TYR B 387 6.23 24.32 -42.77
CA TYR B 387 5.34 24.78 -41.72
C TYR B 387 5.91 26.04 -41.10
N GLN B 388 5.02 26.95 -40.71
CA GLN B 388 5.44 28.19 -40.08
C GLN B 388 6.15 27.91 -38.76
N MET B 389 7.42 28.33 -38.69
CA MET B 389 8.16 28.16 -37.45
C MET B 389 7.51 28.91 -36.30
N HIS B 390 6.79 29.98 -36.60
CA HIS B 390 6.11 30.78 -35.58
C HIS B 390 4.68 31.07 -36.02
N PRO B 391 3.75 30.20 -35.72
CA PRO B 391 2.34 30.47 -36.02
C PRO B 391 1.62 31.18 -34.89
N LYS B 392 0.94 32.29 -35.22
CA LYS B 392 0.13 33.02 -34.25
C LYS B 392 -1.20 32.30 -34.09
N LEU B 393 -1.37 31.65 -32.93
CA LEU B 393 -2.52 30.77 -32.78
C LEU B 393 -3.52 31.35 -31.78
N VAL B 394 -4.76 30.89 -31.89
CA VAL B 394 -5.83 31.32 -31.00
C VAL B 394 -6.78 30.15 -30.76
N ILE B 395 -7.20 30.01 -29.52
CA ILE B 395 -8.16 28.98 -29.13
C ILE B 395 -9.56 29.50 -29.37
N ILE B 396 -10.45 28.63 -29.82
CA ILE B 396 -11.87 28.96 -29.89
C ILE B 396 -12.65 27.93 -29.09
N LEU B 397 -13.78 28.37 -28.56
CA LEU B 397 -14.64 27.58 -27.71
C LEU B 397 -16.07 27.70 -28.19
N LEU B 398 -16.77 26.58 -28.26
CA LEU B 398 -18.18 26.58 -28.60
C LEU B 398 -18.98 27.13 -27.43
N ASN B 399 -19.42 28.37 -27.55
CA ASN B 399 -20.31 28.97 -26.56
C ASN B 399 -21.66 28.25 -26.64
N LYS B 400 -22.47 28.37 -25.59
CA LYS B 400 -23.79 27.77 -25.61
C LYS B 400 -24.66 28.35 -26.71
N GLU B 401 -24.34 29.56 -27.17
CA GLU B 401 -25.08 30.22 -28.23
C GLU B 401 -24.69 29.73 -29.62
N ARG B 402 -24.01 28.59 -29.70
CA ARG B 402 -23.57 28.02 -30.98
C ARG B 402 -22.72 29.02 -31.76
N LYS B 403 -21.58 29.37 -31.17
CA LYS B 403 -20.59 30.22 -31.82
C LYS B 403 -19.24 29.94 -31.20
N TRP B 404 -18.20 30.51 -31.79
CA TRP B 404 -16.84 30.31 -31.32
C TRP B 404 -16.33 31.59 -30.68
N GLU B 405 -15.42 31.43 -29.71
CA GLU B 405 -15.00 32.52 -28.85
C GLU B 405 -13.49 32.58 -28.80
N ARG B 406 -12.94 33.77 -29.02
CA ARG B 406 -11.50 33.97 -28.91
C ARG B 406 -11.14 33.99 -27.43
N VAL B 407 -10.88 32.81 -26.88
CA VAL B 407 -10.66 32.68 -25.44
C VAL B 407 -9.19 32.88 -25.11
N GLY B 408 -8.29 32.33 -25.92
CA GLY B 408 -6.89 32.34 -25.56
C GLY B 408 -5.98 32.57 -26.75
N LYS B 409 -4.85 33.20 -26.47
CA LYS B 409 -3.83 33.52 -27.46
C LYS B 409 -2.65 32.57 -27.32
N TRP B 410 -1.86 32.48 -28.40
CA TRP B 410 -0.65 31.68 -28.39
C TRP B 410 0.36 32.35 -29.31
N LYS B 411 1.52 32.68 -28.74
CA LYS B 411 2.63 33.23 -29.52
C LYS B 411 3.89 33.11 -28.70
N ASP B 412 5.03 33.11 -29.40
CA ASP B 412 6.34 32.97 -28.77
C ASP B 412 6.42 31.71 -27.91
N LYS B 413 5.84 30.62 -28.42
CA LYS B 413 5.80 29.34 -27.71
C LYS B 413 5.16 29.48 -26.34
N SER B 414 4.28 30.47 -26.21
CA SER B 414 3.63 30.77 -24.93
C SER B 414 2.13 30.88 -25.14
N LEU B 415 1.39 30.59 -24.07
CA LEU B 415 -0.05 30.43 -24.10
C LEU B 415 -0.68 31.36 -23.06
N GLN B 416 -1.75 32.04 -23.47
CA GLN B 416 -2.48 32.96 -22.58
C GLN B 416 -3.96 32.60 -22.60
N MET B 417 -4.55 32.47 -21.42
CA MET B 417 -5.97 32.19 -21.27
C MET B 417 -6.55 33.11 -20.21
N LYS B 418 -7.84 33.43 -20.38
CA LYS B 418 -8.49 34.40 -19.50
C LYS B 418 -9.19 33.72 -18.33
N TYR B 419 -10.06 32.75 -18.60
CA TYR B 419 -10.81 32.09 -17.54
C TYR B 419 -9.87 31.22 -16.70
N TYR B 420 -10.45 30.57 -15.71
CA TYR B 420 -9.69 29.62 -14.89
C TYR B 420 -10.42 28.30 -14.71
N VAL B 421 -11.76 28.30 -14.78
CA VAL B 421 -12.57 27.11 -14.99
C VAL B 421 -13.76 27.51 -15.85
N TRP B 422 -13.86 26.93 -17.03
CA TRP B 422 -15.06 27.35 -17.76
C TRP B 422 -16.27 26.57 -17.27
N PRO B 423 -17.48 27.15 -17.34
CA PRO B 423 -18.70 26.44 -16.95
C PRO B 423 -19.03 25.28 -17.88
N ASP B 434 -22.16 21.26 -7.91
CA ASP B 434 -22.68 20.17 -7.10
C ASP B 434 -21.59 19.53 -6.27
N ASP B 435 -20.43 19.33 -6.90
CA ASP B 435 -19.27 18.69 -6.27
C ASP B 435 -18.03 19.52 -6.52
N HIS B 436 -18.18 20.83 -6.32
CA HIS B 436 -17.19 21.82 -6.68
C HIS B 436 -17.01 22.79 -5.51
N LEU B 437 -16.85 22.25 -4.31
CA LEU B 437 -16.81 23.07 -3.10
C LEU B 437 -15.47 23.79 -3.00
N SER B 438 -15.50 25.12 -3.08
CA SER B 438 -14.28 25.91 -2.95
C SER B 438 -13.69 25.73 -1.56
N ILE B 439 -12.43 26.13 -1.41
CA ILE B 439 -11.67 25.83 -0.20
C ILE B 439 -10.52 26.82 -0.10
N VAL B 440 -10.05 27.04 1.12
CA VAL B 440 -9.05 28.08 1.39
C VAL B 440 -8.38 27.77 2.72
N THR B 441 -7.14 28.23 2.87
CA THR B 441 -6.33 27.86 4.03
C THR B 441 -5.20 28.86 4.24
N LEU B 442 -4.88 29.17 5.49
CA LEU B 442 -3.76 30.04 5.81
C LEU B 442 -2.45 29.29 5.64
N GLU B 443 -1.34 30.03 5.60
CA GLU B 443 -0.18 29.52 4.88
C GLU B 443 0.33 28.20 5.45
N GLU B 444 1.11 28.23 6.53
CA GLU B 444 0.98 27.36 7.70
C GLU B 444 2.30 27.26 8.45
N ALA B 445 2.27 26.58 9.60
CA ALA B 445 3.38 25.78 10.09
C ALA B 445 3.59 24.61 9.12
N PRO B 446 4.54 23.69 9.38
CA PRO B 446 4.76 22.61 8.41
C PRO B 446 3.53 21.86 7.92
N PHE B 447 2.37 22.02 8.58
CA PHE B 447 1.20 21.27 8.17
C PHE B 447 0.79 21.55 6.73
N VAL B 448 1.05 22.76 6.24
CA VAL B 448 0.72 23.12 4.87
C VAL B 448 1.86 23.96 4.32
N ILE B 449 2.62 23.41 3.38
CA ILE B 449 3.78 24.08 2.82
C ILE B 449 3.42 24.56 1.42
N VAL B 450 3.66 25.84 1.17
CA VAL B 450 3.53 26.33 -0.18
C VAL B 450 4.82 26.09 -0.93
N GLU B 451 4.75 26.14 -2.27
CA GLU B 451 5.96 26.10 -3.06
C GLU B 451 5.70 26.77 -4.40
N SER B 452 6.75 27.34 -4.97
CA SER B 452 6.63 28.05 -6.24
C SER B 452 6.38 27.07 -7.38
N VAL B 453 6.34 27.60 -8.57
CA VAL B 453 6.06 26.82 -9.77
C VAL B 453 7.37 26.40 -10.41
N ASP B 454 7.41 25.20 -10.97
CA ASP B 454 8.62 24.75 -11.66
C ASP B 454 8.75 25.49 -12.98
N PRO B 455 9.86 26.20 -13.20
CA PRO B 455 10.00 26.99 -14.44
C PRO B 455 9.97 26.16 -15.71
N LEU B 456 10.15 24.83 -15.61
CA LEU B 456 10.15 23.98 -16.79
C LEU B 456 8.78 23.42 -17.08
N SER B 457 8.11 22.85 -16.07
CA SER B 457 6.84 22.17 -16.27
C SER B 457 5.66 22.97 -15.76
N GLY B 458 5.81 24.28 -15.65
CA GLY B 458 4.67 25.10 -15.27
C GLY B 458 4.31 24.97 -13.80
N THR B 459 3.18 24.32 -13.52
CA THR B 459 2.60 24.40 -12.18
C THR B 459 3.54 23.85 -11.11
N CYS B 460 3.77 22.53 -11.12
CA CYS B 460 4.84 21.86 -10.39
C CYS B 460 4.65 20.35 -10.40
N MET B 461 5.38 19.66 -9.54
CA MET B 461 5.51 18.21 -9.63
C MET B 461 4.25 17.51 -9.14
N ARG B 462 4.33 16.19 -9.02
CA ARG B 462 3.20 15.37 -8.63
C ARG B 462 2.97 15.44 -7.12
N ASN B 463 2.07 14.57 -6.65
CA ASN B 463 1.72 14.43 -5.23
C ASN B 463 1.58 15.78 -4.54
N THR B 464 0.93 16.73 -5.22
CA THR B 464 0.76 18.07 -4.67
C THR B 464 -0.35 18.76 -5.44
N VAL B 465 -1.32 19.32 -4.74
CA VAL B 465 -2.43 20.02 -5.38
C VAL B 465 -2.02 21.46 -5.64
N PRO B 466 -2.35 22.02 -6.80
CA PRO B 466 -2.06 23.43 -7.04
C PRO B 466 -2.92 24.33 -6.17
N CYS B 467 -2.41 25.53 -5.93
CA CYS B 467 -3.10 26.58 -5.17
C CYS B 467 -2.71 27.91 -5.82
N GLN B 468 -3.63 28.46 -6.60
CA GLN B 468 -3.41 29.69 -7.33
C GLN B 468 -4.68 30.52 -7.28
N LYS B 469 -4.56 31.83 -7.36
CA LYS B 469 -5.73 32.70 -7.36
C LYS B 469 -5.30 34.13 -7.57
N ARG B 470 -6.29 34.99 -7.83
CA ARG B 470 -6.06 36.44 -7.92
C ARG B 470 -5.86 36.95 -6.50
N ILE B 471 -4.73 36.57 -5.93
CA ILE B 471 -4.50 36.77 -4.50
C ILE B 471 -4.08 38.20 -4.19
N ILE B 472 -3.16 38.77 -4.97
CA ILE B 472 -2.59 40.07 -4.64
C ILE B 472 -2.48 40.89 -5.91
N SER B 473 -2.66 42.19 -5.80
CA SER B 473 -2.53 43.11 -6.93
C SER B 473 -2.16 44.51 -6.47
N TYR B 483 -3.86 37.18 -11.01
CA TYR B 483 -3.77 35.83 -10.48
C TYR B 483 -2.34 35.35 -10.44
N ILE B 484 -1.95 34.74 -9.33
CA ILE B 484 -0.60 34.23 -9.12
C ILE B 484 -0.72 32.82 -8.58
N LYS B 485 0.33 32.02 -8.82
CA LYS B 485 0.29 30.57 -8.66
C LYS B 485 1.16 30.09 -7.51
N LYS B 486 0.89 28.85 -7.11
CA LYS B 486 1.79 28.06 -6.26
C LYS B 486 1.21 26.65 -6.22
N CYS B 487 1.91 25.75 -5.54
CA CYS B 487 1.32 24.45 -5.26
C CYS B 487 1.59 24.08 -3.81
N CYS B 488 0.59 23.49 -3.17
CA CYS B 488 0.54 23.32 -1.73
C CYS B 488 0.64 21.83 -1.39
N LYS B 489 1.71 21.46 -0.69
CA LYS B 489 1.94 20.08 -0.27
C LYS B 489 2.07 20.03 1.24
N GLY B 490 1.53 18.97 1.83
CA GLY B 490 1.63 18.81 3.27
C GLY B 490 0.58 17.85 3.79
N PHE B 491 0.41 17.88 5.11
CA PHE B 491 -0.46 16.93 5.79
C PHE B 491 -1.92 17.13 5.42
N CYS B 492 -2.46 18.32 5.73
CA CYS B 492 -3.82 18.65 5.33
C CYS B 492 -4.08 18.40 3.86
N ILE B 493 -3.07 18.59 3.01
CA ILE B 493 -3.21 18.25 1.60
C ILE B 493 -3.64 16.80 1.45
N ASP B 494 -2.86 15.88 2.01
CA ASP B 494 -3.17 14.46 1.90
C ASP B 494 -4.51 14.11 2.56
N ILE B 495 -4.84 14.77 3.68
CA ILE B 495 -6.15 14.52 4.28
C ILE B 495 -7.25 14.89 3.31
N LEU B 496 -7.16 16.07 2.71
CA LEU B 496 -8.15 16.50 1.74
C LEU B 496 -8.22 15.54 0.56
N LYS B 497 -7.07 15.02 0.11
CA LYS B 497 -7.08 14.10 -1.02
C LYS B 497 -7.80 12.79 -0.67
N LYS B 498 -7.47 12.21 0.48
CA LYS B 498 -8.15 10.98 0.87
C LYS B 498 -9.65 11.22 1.07
N ILE B 499 -10.04 12.42 1.49
CA ILE B 499 -11.47 12.70 1.60
C ILE B 499 -12.10 12.80 0.22
N SER B 500 -11.48 13.55 -0.70
CA SER B 500 -11.98 13.67 -2.06
C SER B 500 -12.07 12.33 -2.76
N LYS B 501 -11.28 11.35 -2.32
CA LYS B 501 -11.41 10.01 -2.86
C LYS B 501 -12.80 9.42 -2.55
N SER B 502 -13.13 9.28 -1.27
CA SER B 502 -14.31 8.52 -0.89
C SER B 502 -15.60 9.29 -1.17
N VAL B 503 -15.51 10.61 -1.31
CA VAL B 503 -16.70 11.41 -1.59
C VAL B 503 -16.49 12.06 -2.95
N LYS B 504 -17.43 12.89 -3.39
CA LYS B 504 -17.37 13.48 -4.71
C LYS B 504 -16.24 14.50 -4.79
N PHE B 505 -16.07 15.10 -5.96
CA PHE B 505 -14.91 15.92 -6.24
C PHE B 505 -14.93 17.22 -5.44
N THR B 506 -13.80 17.91 -5.46
CA THR B 506 -13.65 19.19 -4.80
C THR B 506 -13.56 20.30 -5.85
N TYR B 507 -13.47 21.53 -5.37
CA TYR B 507 -13.06 22.64 -6.21
C TYR B 507 -11.55 22.83 -6.07
N ASP B 508 -11.06 23.95 -6.55
CA ASP B 508 -9.64 24.28 -6.47
C ASP B 508 -9.35 25.02 -5.17
N LEU B 509 -8.15 25.58 -5.08
CA LEU B 509 -7.65 26.11 -3.82
C LEU B 509 -7.76 27.62 -3.79
N TYR B 510 -7.31 28.20 -2.67
CA TYR B 510 -7.47 29.61 -2.40
C TYR B 510 -6.64 29.95 -1.16
N LEU B 511 -6.05 31.13 -1.16
CA LEU B 511 -5.33 31.63 0.00
C LEU B 511 -5.88 32.99 0.40
N VAL B 512 -5.48 33.45 1.57
CA VAL B 512 -6.19 34.52 2.26
C VAL B 512 -5.41 35.81 2.18
N THR B 513 -6.14 36.92 2.20
CA THR B 513 -5.57 38.27 2.19
C THR B 513 -5.67 38.96 3.55
N ASN B 514 -6.73 38.72 4.32
CA ASN B 514 -6.90 39.42 5.59
C ASN B 514 -5.85 38.97 6.61
N GLY B 515 -5.10 37.91 6.30
CA GLY B 515 -3.98 37.48 7.11
C GLY B 515 -4.33 36.86 8.45
N LYS B 516 -5.56 36.99 8.91
CA LYS B 516 -5.92 36.55 10.24
C LYS B 516 -6.19 35.05 10.25
N HIS B 517 -5.71 34.39 11.29
CA HIS B 517 -5.95 32.97 11.50
C HIS B 517 -7.37 32.72 11.97
N GLY B 518 -8.23 33.74 11.90
CA GLY B 518 -9.59 33.60 12.39
C GLY B 518 -9.98 34.54 13.51
N LYS B 519 -9.45 35.77 13.50
CA LYS B 519 -9.76 36.73 14.54
C LYS B 519 -11.05 37.48 14.24
N LYS B 520 -11.74 37.90 15.30
CA LYS B 520 -12.97 38.67 15.22
C LYS B 520 -12.72 40.09 15.71
N ILE B 521 -13.31 41.05 15.02
CA ILE B 521 -13.20 42.47 15.36
C ILE B 521 -14.47 43.18 14.91
N ASN B 522 -15.08 43.93 15.82
CA ASN B 522 -16.24 44.76 15.51
C ASN B 522 -17.35 43.94 14.85
N GLY B 523 -17.51 42.70 15.30
CA GLY B 523 -18.40 41.77 14.64
C GLY B 523 -17.97 41.35 13.26
N THR B 524 -16.92 41.96 12.71
CA THR B 524 -16.43 41.64 11.38
C THR B 524 -15.26 40.67 11.55
N TRP B 525 -15.57 39.38 11.61
CA TRP B 525 -14.52 38.38 11.71
C TRP B 525 -13.58 38.49 10.53
N ASN B 526 -12.33 38.83 10.81
CA ASN B 526 -11.34 39.02 9.78
C ASN B 526 -10.52 37.76 9.62
N GLY B 527 -10.05 37.53 8.39
CA GLY B 527 -9.16 36.42 8.12
C GLY B 527 -9.81 35.10 7.81
N MET B 528 -9.27 34.03 8.40
CA MET B 528 -9.57 32.68 7.95
C MET B 528 -11.07 32.40 7.95
N ILE B 529 -11.68 32.39 9.14
CA ILE B 529 -13.12 32.15 9.20
C ILE B 529 -13.86 33.28 8.51
N GLY B 530 -13.30 34.49 8.55
CA GLY B 530 -13.96 35.64 7.96
C GLY B 530 -14.35 35.47 6.51
N GLU B 531 -13.84 34.44 5.85
CA GLU B 531 -14.17 34.21 4.45
C GLU B 531 -15.23 33.13 4.28
N VAL B 532 -15.56 32.38 5.33
CA VAL B 532 -16.64 31.41 5.26
C VAL B 532 -17.87 31.90 6.00
N VAL B 533 -17.89 33.17 6.40
CA VAL B 533 -19.12 33.77 6.89
C VAL B 533 -19.88 34.42 5.74
N MET B 534 -19.18 35.03 4.79
CA MET B 534 -19.79 35.54 3.57
C MET B 534 -20.03 34.44 2.55
N LYS B 535 -19.77 33.19 2.93
CA LYS B 535 -19.94 32.03 2.05
C LYS B 535 -19.19 32.19 0.74
N ARG B 536 -18.14 33.02 0.72
CA ARG B 536 -17.24 33.05 -0.42
C ARG B 536 -16.54 31.72 -0.59
N ALA B 537 -16.34 30.99 0.51
CA ALA B 537 -15.82 29.64 0.47
C ALA B 537 -16.77 28.73 1.24
N TYR B 538 -17.11 27.59 0.63
CA TYR B 538 -18.07 26.70 1.26
C TYR B 538 -17.51 26.13 2.56
N MET B 539 -16.20 25.98 2.65
CA MET B 539 -15.55 25.54 3.87
C MET B 539 -14.07 25.84 3.75
N ALA B 540 -13.32 25.52 4.80
CA ALA B 540 -11.89 25.82 4.84
C ALA B 540 -11.18 24.75 5.65
N VAL B 541 -9.90 24.53 5.33
CA VAL B 541 -9.11 23.51 6.00
C VAL B 541 -7.75 24.08 6.35
N GLY B 542 -6.87 23.24 6.87
CA GLY B 542 -5.59 23.67 7.38
C GLY B 542 -5.59 23.58 8.90
N SER B 543 -4.43 23.90 9.48
CA SER B 543 -4.31 23.80 10.92
C SER B 543 -5.12 24.92 11.52
N LEU B 544 -6.37 24.62 11.87
CA LEU B 544 -7.26 25.60 12.47
C LEU B 544 -7.72 25.07 13.82
N THR B 545 -7.60 25.91 14.85
CA THR B 545 -7.93 25.49 16.19
C THR B 545 -9.44 25.38 16.36
N ILE B 546 -9.87 25.12 17.58
CA ILE B 546 -11.28 24.94 17.90
C ILE B 546 -11.55 25.58 19.24
N ASN B 547 -12.37 26.64 19.23
CA ASN B 547 -12.66 27.40 20.43
C ASN B 547 -14.15 27.54 20.63
N GLU B 548 -14.56 28.38 21.57
CA GLU B 548 -15.97 28.68 21.76
C GLU B 548 -16.46 29.81 20.86
N GLU B 549 -15.67 30.87 20.69
CA GLU B 549 -16.08 31.96 19.83
C GLU B 549 -16.26 31.51 18.39
N ARG B 550 -15.28 30.79 17.85
CA ARG B 550 -15.38 30.32 16.47
C ARG B 550 -16.50 29.31 16.28
N SER B 551 -16.89 28.59 17.32
CA SER B 551 -17.88 27.55 17.15
C SER B 551 -19.27 28.08 16.87
N GLU B 552 -19.56 29.32 17.24
CA GLU B 552 -20.92 29.84 17.11
C GLU B 552 -21.32 30.10 15.66
N VAL B 553 -20.41 30.61 14.84
CA VAL B 553 -20.78 31.02 13.49
C VAL B 553 -20.95 29.80 12.59
N VAL B 554 -19.88 29.04 12.40
CA VAL B 554 -19.90 27.87 11.54
C VAL B 554 -19.76 26.63 12.41
N ASP B 555 -19.87 25.47 11.78
CA ASP B 555 -19.78 24.21 12.50
C ASP B 555 -18.38 23.61 12.32
N PHE B 556 -18.17 22.44 12.92
CA PHE B 556 -16.89 21.76 12.89
C PHE B 556 -17.07 20.31 12.50
N SER B 557 -16.01 19.72 11.97
CA SER B 557 -15.94 18.29 11.78
C SER B 557 -15.67 17.63 13.12
N VAL B 558 -15.45 16.32 13.08
CA VAL B 558 -14.89 15.67 14.26
C VAL B 558 -13.38 15.85 14.26
N PRO B 559 -12.75 16.24 15.36
CA PRO B 559 -11.32 16.55 15.31
C PRO B 559 -10.48 15.30 15.18
N PHE B 560 -9.29 15.48 14.62
CA PHE B 560 -8.43 14.35 14.33
C PHE B 560 -7.08 14.38 15.02
N ILE B 561 -6.54 15.54 15.34
CA ILE B 561 -5.27 15.63 16.06
C ILE B 561 -5.50 16.37 17.37
N GLU B 562 -5.16 15.72 18.48
CA GLU B 562 -5.22 16.35 19.78
C GLU B 562 -4.25 17.52 19.84
N THR B 563 -4.57 18.51 20.67
CA THR B 563 -3.77 19.71 20.75
C THR B 563 -4.15 20.49 21.99
N GLY B 564 -3.24 21.36 22.39
CA GLY B 564 -3.46 22.26 23.51
C GLY B 564 -2.49 23.41 23.38
N ILE B 565 -2.11 23.98 24.52
CA ILE B 565 -1.11 25.05 24.57
C ILE B 565 -0.11 24.68 25.65
N SER B 566 1.17 24.67 25.29
CA SER B 566 2.22 24.17 26.18
C SER B 566 3.38 25.15 26.28
N VAL B 567 4.47 24.71 26.89
CA VAL B 567 5.61 25.58 27.19
C VAL B 567 6.84 25.04 26.49
N MET B 568 7.68 25.94 25.99
CA MET B 568 8.93 25.62 25.33
C MET B 568 10.05 26.40 25.98
N VAL B 569 11.18 25.73 26.21
CA VAL B 569 12.35 26.36 26.79
C VAL B 569 13.55 25.47 26.51
N SER B 570 14.73 26.08 26.46
CA SER B 570 15.96 25.31 26.32
C SER B 570 16.17 24.42 27.53
N ARG B 571 16.66 23.21 27.30
CA ARG B 571 16.99 22.31 28.40
C ARG B 571 18.22 22.86 29.11
N SER B 572 18.00 23.59 30.19
CA SER B 572 19.10 24.11 30.97
C SER B 572 19.88 22.97 31.61
N ASN B 573 21.19 23.01 31.49
CA ASN B 573 22.05 22.03 32.15
C ASN B 573 21.75 22.03 33.63
N GLY B 574 22.11 23.11 34.30
CA GLY B 574 21.52 23.54 35.55
C GLY B 574 21.79 22.71 36.80
N THR B 575 22.08 21.42 36.65
CA THR B 575 22.27 20.57 37.81
C THR B 575 22.80 19.21 37.39
N VAL B 576 23.80 18.74 38.13
CA VAL B 576 24.15 17.33 38.17
C VAL B 576 23.69 16.69 39.46
N SER B 577 23.70 17.44 40.57
CA SER B 577 23.16 16.98 41.83
C SER B 577 22.97 18.16 42.77
N PRO B 578 21.82 18.27 43.42
CA PRO B 578 21.69 19.29 44.46
C PRO B 578 22.48 18.92 45.69
N SER B 579 22.39 17.66 46.09
CA SER B 579 23.15 17.13 47.21
C SER B 579 23.47 15.67 46.92
N ALA B 580 24.76 15.34 46.90
CA ALA B 580 25.21 14.02 46.49
C ALA B 580 26.05 13.30 47.53
N PHE B 581 26.81 14.01 48.35
CA PHE B 581 27.80 13.37 49.23
C PHE B 581 27.21 12.22 50.03
N LEU B 582 26.00 12.38 50.55
CA LEU B 582 25.42 11.35 51.40
C LEU B 582 24.65 10.31 50.62
N GLU B 583 24.24 10.63 49.40
CA GLU B 583 23.47 9.69 48.58
C GLU B 583 24.07 8.29 48.46
N PRO B 584 25.37 8.09 48.28
CA PRO B 584 25.87 6.76 47.90
C PRO B 584 25.77 5.71 48.99
N PHE B 585 25.17 5.98 50.13
CA PHE B 585 25.19 4.99 51.20
C PHE B 585 23.92 5.03 52.01
N SER B 586 23.53 3.86 52.52
CA SER B 586 22.46 3.76 53.49
C SER B 586 22.98 4.11 54.87
N ALA B 587 22.06 4.50 55.75
CA ALA B 587 22.42 4.82 57.12
C ALA B 587 22.93 3.61 57.88
N CYS B 588 22.75 2.40 57.35
CA CYS B 588 23.29 1.20 57.98
C CYS B 588 24.78 1.34 58.26
N VAL B 589 25.57 1.47 57.19
CA VAL B 589 27.01 1.29 57.31
C VAL B 589 27.64 2.37 58.18
N TRP B 590 27.04 3.56 58.25
CA TRP B 590 27.66 4.61 59.04
C TRP B 590 27.65 4.27 60.52
N VAL B 591 26.47 3.97 61.08
CA VAL B 591 26.42 3.52 62.46
C VAL B 591 27.15 2.20 62.65
N MET B 592 27.18 1.35 61.62
CA MET B 592 27.98 0.14 61.70
C MET B 592 29.44 0.47 62.00
N MET B 593 30.02 1.36 61.20
CA MET B 593 31.40 1.78 61.42
C MET B 593 31.58 2.40 62.80
N PHE B 594 30.60 3.18 63.26
CA PHE B 594 30.75 3.87 64.53
C PHE B 594 30.80 2.89 65.68
N VAL B 595 29.85 1.95 65.72
CA VAL B 595 29.88 0.95 66.78
C VAL B 595 31.12 0.08 66.67
N MET B 596 31.55 -0.21 65.43
CA MET B 596 32.73 -1.05 65.25
C MET B 596 33.98 -0.39 65.81
N LEU B 597 34.18 0.89 65.49
CA LEU B 597 35.33 1.58 66.06
C LEU B 597 35.19 1.69 67.57
N LEU B 598 33.98 2.01 68.05
CA LEU B 598 33.77 2.19 69.49
C LEU B 598 34.06 0.93 70.27
N ILE B 599 33.92 -0.25 69.66
CA ILE B 599 34.25 -1.47 70.38
C ILE B 599 35.70 -1.91 70.15
N VAL B 600 36.21 -1.78 68.93
CA VAL B 600 37.58 -2.21 68.67
C VAL B 600 38.59 -1.35 69.40
N SER B 601 38.28 -0.08 69.64
CA SER B 601 39.15 0.73 70.49
C SER B 601 39.27 0.10 71.87
N ALA B 602 38.14 -0.30 72.46
CA ALA B 602 38.19 -0.94 73.77
C ALA B 602 38.97 -2.25 73.70
N VAL B 603 38.77 -3.03 72.64
CA VAL B 603 39.52 -4.27 72.51
C VAL B 603 41.02 -3.99 72.40
N ALA B 604 41.39 -2.90 71.73
CA ALA B 604 42.80 -2.55 71.64
C ALA B 604 43.37 -2.18 72.99
N VAL B 605 42.63 -1.38 73.76
CA VAL B 605 43.08 -1.03 75.10
C VAL B 605 43.24 -2.28 75.95
N PHE B 606 42.28 -3.20 75.85
CA PHE B 606 42.22 -4.35 76.74
C PHE B 606 42.87 -5.59 76.15
N VAL B 607 43.61 -5.45 75.06
CA VAL B 607 44.56 -6.46 74.63
C VAL B 607 45.93 -5.93 75.01
N PHE B 608 46.00 -4.62 75.23
CA PHE B 608 47.21 -3.98 75.70
C PHE B 608 47.44 -4.15 77.20
N GLU B 609 46.50 -4.75 77.92
CA GLU B 609 46.71 -5.00 79.34
C GLU B 609 47.75 -6.09 79.56
N TYR B 610 47.93 -6.97 78.58
CA TYR B 610 48.91 -8.04 78.70
C TYR B 610 49.94 -7.95 77.58
N PHE B 631 47.45 9.09 76.49
CA PHE B 631 48.57 8.48 75.79
C PHE B 631 48.11 7.27 74.99
N THR B 632 47.31 6.42 75.64
CA THR B 632 46.87 5.18 75.01
C THR B 632 45.43 5.29 74.50
N ILE B 633 44.48 5.59 75.39
CA ILE B 633 43.07 5.49 75.04
C ILE B 633 42.67 6.59 74.05
N GLY B 634 42.80 7.85 74.45
CA GLY B 634 42.36 8.93 73.59
C GLY B 634 43.13 8.96 72.28
N LYS B 635 44.46 8.93 72.36
CA LYS B 635 45.27 8.89 71.15
C LYS B 635 44.92 7.68 70.30
N ALA B 636 44.57 6.56 70.92
CA ALA B 636 44.24 5.36 70.17
C ALA B 636 42.99 5.58 69.32
N ILE B 637 41.92 6.07 69.94
CA ILE B 637 40.73 6.36 69.15
C ILE B 637 41.05 7.41 68.09
N TRP B 638 41.88 8.39 68.42
CA TRP B 638 42.27 9.38 67.44
C TRP B 638 42.86 8.74 66.21
N LEU B 639 43.90 7.93 66.40
CA LEU B 639 44.55 7.25 65.29
C LEU B 639 43.55 6.43 64.50
N LEU B 640 42.75 5.62 65.19
CA LEU B 640 41.89 4.70 64.47
C LEU B 640 40.82 5.41 63.67
N TRP B 641 40.23 6.47 64.22
CA TRP B 641 39.34 7.28 63.41
C TRP B 641 40.06 7.82 62.19
N GLY B 642 41.15 8.56 62.42
CA GLY B 642 41.88 9.14 61.31
C GLY B 642 42.26 8.14 60.24
N LEU B 643 42.41 6.87 60.62
CA LEU B 643 42.80 5.86 59.65
C LEU B 643 41.87 5.82 58.46
N VAL B 644 40.56 5.83 58.71
CA VAL B 644 39.59 5.57 57.64
C VAL B 644 39.77 6.58 56.51
N PHE B 645 39.60 7.86 56.81
CA PHE B 645 39.65 8.89 55.78
C PHE B 645 41.11 9.11 55.40
N ASN B 646 41.60 8.21 54.55
CA ASN B 646 42.91 8.32 53.92
C ASN B 646 44.06 8.18 54.89
N ASN B 647 43.78 8.11 56.20
CA ASN B 647 44.81 7.99 57.22
C ASN B 647 45.91 9.03 57.02
N SER B 648 45.54 10.18 56.49
CA SER B 648 46.54 11.15 56.10
C SER B 648 47.15 11.88 57.29
N VAL B 649 46.40 12.06 58.36
CA VAL B 649 46.86 12.87 59.49
C VAL B 649 48.07 12.19 60.13
N PRO B 650 49.16 12.92 60.35
CA PRO B 650 50.32 12.31 61.04
C PRO B 650 49.99 12.04 62.49
N VAL B 651 50.36 10.85 62.95
CA VAL B 651 50.05 10.37 64.29
C VAL B 651 51.21 9.52 64.78
N GLN B 652 51.06 8.99 65.98
CA GLN B 652 52.08 8.13 66.58
C GLN B 652 51.43 7.11 67.51
N ASN B 653 52.29 6.40 68.24
CA ASN B 653 51.97 5.40 69.26
C ASN B 653 51.25 4.14 68.80
N PRO B 654 51.73 3.44 67.77
CA PRO B 654 51.44 2.01 67.70
C PRO B 654 52.59 1.22 68.29
N LYS B 655 52.30 0.18 69.08
CA LYS B 655 53.37 -0.60 69.69
C LYS B 655 52.79 -1.91 70.23
N GLY B 656 53.67 -2.88 70.44
CA GLY B 656 53.27 -4.16 70.98
C GLY B 656 52.94 -5.16 69.90
N THR B 657 53.73 -6.23 69.80
CA THR B 657 53.59 -7.16 68.69
C THR B 657 52.37 -8.05 68.80
N THR B 658 51.44 -7.75 69.71
CA THR B 658 50.21 -8.50 69.83
C THR B 658 49.01 -7.84 69.16
N SER B 659 48.86 -6.52 69.26
CA SER B 659 47.70 -5.84 68.74
C SER B 659 47.92 -5.24 67.37
N LYS B 660 49.18 -5.10 66.94
CA LYS B 660 49.48 -4.55 65.62
C LYS B 660 48.66 -5.22 64.53
N ILE B 661 48.50 -6.54 64.61
CA ILE B 661 47.79 -7.25 63.57
C ILE B 661 46.32 -6.82 63.52
N MET B 662 45.73 -6.55 64.68
CA MET B 662 44.37 -5.99 64.69
C MET B 662 44.31 -4.69 63.90
N VAL B 663 45.26 -3.78 64.14
CA VAL B 663 45.30 -2.53 63.40
C VAL B 663 45.42 -2.81 61.91
N SER B 664 46.27 -3.76 61.55
CA SER B 664 46.38 -4.15 60.16
C SER B 664 45.03 -4.55 59.59
N VAL B 665 44.28 -5.33 60.35
CA VAL B 665 42.95 -5.73 59.91
C VAL B 665 42.09 -4.52 59.66
N TRP B 666 42.07 -3.60 60.62
CA TRP B 666 41.23 -2.41 60.47
C TRP B 666 41.64 -1.60 59.25
N ALA B 667 42.93 -1.56 58.95
CA ALA B 667 43.39 -0.80 57.79
C ALA B 667 42.96 -1.46 56.49
N PHE B 668 43.12 -2.78 56.40
CA PHE B 668 42.65 -3.48 55.21
C PHE B 668 41.16 -3.30 55.04
N PHE B 669 40.43 -3.16 56.15
CA PHE B 669 39.02 -2.83 56.05
C PHE B 669 38.84 -1.41 55.51
N ALA B 670 39.62 -0.46 56.02
CA ALA B 670 39.42 0.92 55.65
C ALA B 670 39.68 1.16 54.17
N VAL B 671 40.70 0.50 53.62
CA VAL B 671 41.03 0.76 52.22
C VAL B 671 39.89 0.31 51.31
N ILE B 672 39.39 -0.91 51.51
CA ILE B 672 38.27 -1.36 50.70
C ILE B 672 37.05 -0.50 50.94
N PHE B 673 36.86 -0.03 52.18
CA PHE B 673 35.74 0.86 52.45
C PHE B 673 35.80 2.10 51.56
N LEU B 674 36.92 2.82 51.63
CA LEU B 674 37.08 4.02 50.83
C LEU B 674 36.90 3.72 49.35
N ALA B 675 37.51 2.65 48.88
CA ALA B 675 37.43 2.34 47.45
C ALA B 675 35.98 2.12 47.03
N SER B 676 35.27 1.29 47.78
CA SER B 676 33.86 1.05 47.47
C SER B 676 33.06 2.35 47.48
N TYR B 677 33.32 3.20 48.48
CA TYR B 677 32.62 4.47 48.56
C TYR B 677 32.80 5.25 47.28
N THR B 678 34.05 5.57 46.94
CA THR B 678 34.28 6.39 45.75
C THR B 678 33.82 5.69 44.49
N ALA B 679 33.79 4.36 44.49
CA ALA B 679 33.24 3.66 43.33
C ALA B 679 31.78 3.99 43.15
N ASN B 680 30.97 3.73 44.18
CA ASN B 680 29.55 4.03 44.07
C ASN B 680 29.33 5.50 43.75
N LEU B 681 30.04 6.40 44.43
CA LEU B 681 29.91 7.82 44.16
C LEU B 681 30.29 8.16 42.72
N ALA B 682 31.12 7.34 42.08
CA ALA B 682 31.42 7.56 40.68
C ALA B 682 30.26 7.20 39.78
N ALA B 683 29.10 6.88 40.33
CA ALA B 683 27.93 6.58 39.52
C ALA B 683 26.85 7.65 39.59
N PHE B 684 26.56 8.17 40.78
CA PHE B 684 25.54 9.20 40.94
C PHE B 684 25.71 10.37 39.98
N MET B 685 26.92 10.62 39.50
CA MET B 685 27.14 11.65 38.50
C MET B 685 26.85 11.16 37.09
N ILE B 686 26.22 10.00 36.97
CA ILE B 686 25.91 9.45 35.66
C ILE B 686 24.41 9.16 35.61
N GLN B 687 23.63 9.93 36.36
CA GLN B 687 22.17 9.88 36.27
C GLN B 687 21.64 11.18 35.68
N GLU B 688 21.93 12.32 36.32
CA GLU B 688 21.74 13.65 35.73
C GLU B 688 20.35 13.84 35.13
N GLU B 689 19.32 13.46 35.87
CA GLU B 689 17.94 13.63 35.42
C GLU B 689 17.50 15.08 35.68
N TYR B 690 18.25 16.00 35.08
CA TYR B 690 18.06 17.43 35.32
C TYR B 690 16.72 17.88 34.76
N VAL B 691 16.00 18.67 35.54
CA VAL B 691 14.73 19.25 35.09
C VAL B 691 14.41 20.47 35.95
N ASP B 692 14.01 21.55 35.29
CA ASP B 692 13.44 22.72 35.97
C ASP B 692 11.92 22.62 35.80
N GLN B 693 11.31 21.75 36.60
CA GLN B 693 9.89 21.40 36.41
C GLN B 693 9.00 22.56 36.88
N VAL B 694 9.08 23.65 36.11
CA VAL B 694 8.16 24.76 36.31
C VAL B 694 6.78 24.33 35.85
N SER B 695 5.82 24.33 36.78
CA SER B 695 4.49 23.82 36.50
C SER B 695 3.77 24.75 35.53
N GLY B 696 2.51 24.43 35.23
CA GLY B 696 1.79 25.08 34.17
C GLY B 696 1.43 26.52 34.49
N LEU B 697 0.40 27.00 33.81
CA LEU B 697 0.01 28.40 33.86
C LEU B 697 -0.62 28.81 35.19
N SER B 698 -0.59 27.93 36.20
CA SER B 698 -0.89 28.31 37.56
C SER B 698 0.35 28.41 38.43
N ASP B 699 1.46 28.86 37.83
CA ASP B 699 2.75 28.87 38.49
C ASP B 699 3.04 30.22 39.13
N LYS B 700 3.80 30.18 40.23
CA LYS B 700 4.24 31.39 40.90
C LYS B 700 5.07 32.29 39.99
N LYS B 701 6.08 31.74 39.30
CA LYS B 701 6.86 32.55 38.37
C LYS B 701 5.97 33.25 37.36
N PHE B 702 4.89 32.59 36.93
CA PHE B 702 3.90 33.26 36.12
C PHE B 702 3.08 34.23 36.96
N GLN B 703 2.58 33.78 38.11
CA GLN B 703 1.82 34.65 39.00
C GLN B 703 2.67 35.83 39.46
N ARG B 704 3.96 35.57 39.73
CA ARG B 704 4.89 36.61 40.14
C ARG B 704 5.92 36.77 39.03
N PRO B 705 5.64 37.53 37.98
CA PRO B 705 6.59 37.65 36.87
C PRO B 705 7.84 38.44 37.20
N ASN B 706 7.82 39.27 38.25
CA ASN B 706 8.97 40.07 38.61
C ASN B 706 9.38 39.92 40.07
N ASP B 707 8.66 39.12 40.85
CA ASP B 707 9.00 38.96 42.26
C ASP B 707 10.14 37.99 42.48
N PHE B 708 10.60 37.30 41.44
CA PHE B 708 11.61 36.26 41.63
C PHE B 708 12.88 36.49 40.82
N SER B 709 12.77 37.09 39.64
CA SER B 709 13.96 37.39 38.85
C SER B 709 13.60 38.45 37.82
N PRO B 710 14.56 39.29 37.45
CA PRO B 710 14.29 40.31 36.42
C PRO B 710 13.90 39.71 35.08
N PRO B 711 14.66 38.73 34.53
CA PRO B 711 14.50 38.42 33.10
C PRO B 711 13.38 37.44 32.76
N PHE B 712 12.44 37.20 33.67
CA PHE B 712 11.23 36.48 33.26
C PHE B 712 10.56 37.24 32.14
N ARG B 713 10.56 36.67 30.94
CA ARG B 713 9.95 37.29 29.78
C ARG B 713 9.24 36.21 28.99
N PHE B 714 7.92 36.17 29.07
CA PHE B 714 7.14 35.23 28.29
C PHE B 714 7.14 35.66 26.83
N GLY B 715 6.42 34.91 26.00
CA GLY B 715 6.31 35.25 24.60
C GLY B 715 5.14 34.57 23.91
N THR B 716 4.39 35.33 23.12
CA THR B 716 3.26 34.82 22.35
C THR B 716 3.27 35.48 20.99
N VAL B 717 2.27 35.14 20.19
CA VAL B 717 1.97 35.85 18.95
C VAL B 717 0.47 36.13 18.95
N PRO B 718 0.06 37.36 19.21
CA PRO B 718 -1.37 37.67 19.21
C PRO B 718 -1.99 37.54 17.84
N ASN B 719 -3.27 37.87 17.72
CA ASN B 719 -4.11 37.45 16.61
C ASN B 719 -4.17 35.92 16.56
N GLY B 720 -4.22 35.33 17.76
CA GLY B 720 -4.32 33.90 17.88
C GLY B 720 -5.47 33.51 18.78
N SER B 721 -6.07 32.37 18.47
CA SER B 721 -7.08 31.81 19.36
C SER B 721 -6.52 31.63 20.76
N THR B 722 -5.31 31.09 20.85
CA THR B 722 -4.59 31.05 22.13
C THR B 722 -4.55 32.42 22.78
N GLU B 723 -4.39 33.48 21.99
CA GLU B 723 -4.29 34.82 22.57
C GLU B 723 -5.60 35.24 23.23
N ARG B 724 -6.72 35.09 22.52
CA ARG B 724 -8.00 35.43 23.12
C ARG B 724 -8.28 34.59 24.35
N ASN B 725 -7.96 33.30 24.29
CA ASN B 725 -8.15 32.44 25.45
C ASN B 725 -7.36 32.94 26.64
N ILE B 726 -6.04 33.11 26.46
CA ILE B 726 -5.20 33.48 27.59
C ILE B 726 -5.60 34.85 28.11
N ARG B 727 -5.96 35.79 27.23
CA ARG B 727 -6.42 37.08 27.70
C ARG B 727 -7.64 36.92 28.58
N ASN B 728 -8.72 36.34 28.03
CA ASN B 728 -9.96 36.22 28.77
C ASN B 728 -9.77 35.52 30.10
N ASN B 729 -8.88 34.54 30.18
CA ASN B 729 -8.74 33.85 31.45
C ASN B 729 -7.77 34.51 32.42
N TYR B 730 -6.64 35.02 31.94
CA TYR B 730 -5.56 35.45 32.82
C TYR B 730 -5.16 36.89 32.55
N ALA B 731 -6.13 37.77 32.28
CA ALA B 731 -5.84 39.19 32.26
C ALA B 731 -4.96 39.64 33.41
N GLU B 732 -5.02 38.95 34.55
CA GLU B 732 -4.19 39.31 35.70
C GLU B 732 -2.70 39.32 35.37
N MET B 733 -2.30 38.66 34.29
CA MET B 733 -0.91 38.72 33.83
C MET B 733 -0.82 38.99 32.35
N HIS B 734 -1.95 39.02 31.64
CA HIS B 734 -1.93 39.30 30.21
C HIS B 734 -1.37 40.68 29.93
N ALA B 735 -1.71 41.65 30.78
CA ALA B 735 -1.13 42.98 30.66
C ALA B 735 0.39 42.94 30.75
N TYR B 736 0.95 42.01 31.51
CA TYR B 736 2.39 41.85 31.58
C TYR B 736 2.95 41.35 30.25
N MET B 737 2.14 40.66 29.46
CA MET B 737 2.60 39.98 28.27
C MET B 737 2.76 40.91 27.07
N GLY B 738 1.90 41.93 26.95
CA GLY B 738 1.88 42.79 25.78
C GLY B 738 3.23 43.36 25.40
N LYS B 739 4.16 43.48 26.35
CA LYS B 739 5.52 43.91 26.05
C LYS B 739 6.34 42.82 25.39
N PHE B 740 5.73 41.69 25.05
CA PHE B 740 6.49 40.54 24.55
C PHE B 740 5.83 39.91 23.34
N ASN B 741 5.45 40.73 22.36
CA ASN B 741 4.83 40.25 21.14
C ASN B 741 5.84 40.32 20.00
N GLN B 742 6.19 39.17 19.45
CA GLN B 742 7.18 39.06 18.40
C GLN B 742 6.48 39.16 17.04
N ARG B 743 7.21 38.85 15.97
CA ARG B 743 6.64 38.79 14.63
C ARG B 743 7.02 37.46 14.01
N GLY B 744 6.04 36.73 13.51
CA GLY B 744 6.29 35.41 12.98
C GLY B 744 6.30 34.37 14.08
N VAL B 745 6.81 33.19 13.74
CA VAL B 745 6.88 32.06 14.66
C VAL B 745 8.32 31.62 14.91
N ASP B 746 9.14 31.55 13.86
CA ASP B 746 10.51 31.11 14.03
C ASP B 746 11.40 32.20 14.59
N ASP B 747 11.01 33.47 14.44
CA ASP B 747 11.63 34.55 15.20
C ASP B 747 11.71 34.19 16.68
N ALA B 748 10.65 33.57 17.20
CA ALA B 748 10.63 33.19 18.61
C ALA B 748 11.72 32.17 18.92
N LEU B 749 11.78 31.09 18.16
CA LEU B 749 12.79 30.06 18.41
C LEU B 749 14.19 30.62 18.27
N LEU B 750 14.40 31.51 17.31
CA LEU B 750 15.69 32.18 17.22
C LEU B 750 15.99 32.96 18.49
N SER B 751 15.07 33.83 18.91
CA SER B 751 15.28 34.60 20.12
C SER B 751 15.55 33.71 21.32
N LEU B 752 14.96 32.52 21.34
CA LEU B 752 15.22 31.60 22.44
C LEU B 752 16.64 31.04 22.36
N LYS B 753 17.01 30.52 21.19
CA LYS B 753 18.36 30.00 20.99
C LYS B 753 19.43 31.02 21.32
N THR B 754 19.10 32.31 21.34
CA THR B 754 19.99 33.35 21.82
C THR B 754 19.78 33.66 23.29
N GLY B 755 18.75 33.10 23.91
CA GLY B 755 18.43 33.46 25.28
C GLY B 755 17.89 34.86 25.44
N LYS B 756 17.59 35.55 24.33
CA LYS B 756 16.95 36.86 24.44
C LYS B 756 15.61 36.76 25.15
N LEU B 757 14.89 35.65 24.95
CA LEU B 757 13.63 35.41 25.61
C LEU B 757 13.76 34.20 26.53
N ASP B 758 13.05 34.25 27.66
CA ASP B 758 13.22 33.22 28.67
C ASP B 758 12.42 31.97 28.34
N ALA B 759 11.10 32.09 28.26
CA ALA B 759 10.22 30.97 28.01
C ALA B 759 9.23 31.31 26.91
N PHE B 760 8.80 30.30 26.16
CA PHE B 760 7.85 30.48 25.07
C PHE B 760 6.59 29.69 25.34
N ILE B 761 5.46 30.18 24.87
CA ILE B 761 4.17 29.51 25.05
C ILE B 761 3.37 29.65 23.76
N TYR B 762 2.79 28.53 23.32
CA TYR B 762 2.02 28.44 22.08
C TYR B 762 1.39 27.07 22.01
N ASP B 763 0.56 26.86 21.00
CA ASP B 763 -0.04 25.56 20.77
C ASP B 763 1.02 24.52 20.47
N ALA B 764 1.06 23.47 21.30
CA ALA B 764 2.02 22.39 21.13
C ALA B 764 1.83 21.64 19.82
N ALA B 765 0.70 21.83 19.15
CA ALA B 765 0.48 21.26 17.83
C ALA B 765 1.63 21.51 16.88
N VAL B 766 2.37 22.60 17.07
CA VAL B 766 3.56 22.85 16.29
C VAL B 766 4.83 22.68 17.11
N LEU B 767 4.78 22.90 18.42
CA LEU B 767 5.95 22.71 19.26
C LEU B 767 6.45 21.27 19.22
N ASN B 768 5.55 20.31 19.30
CA ASN B 768 5.94 18.91 19.19
C ASN B 768 6.78 18.68 17.94
N TYR B 769 6.26 19.06 16.78
CA TYR B 769 7.01 18.88 15.55
C TYR B 769 8.34 19.62 15.59
N MET B 770 8.32 20.88 16.01
CA MET B 770 9.55 21.67 16.03
C MET B 770 10.60 21.07 16.95
N ALA B 771 10.17 20.32 17.96
CA ALA B 771 11.14 19.68 18.85
C ALA B 771 12.05 18.75 18.07
N GLY B 772 11.49 17.73 17.44
CA GLY B 772 12.30 16.80 16.68
C GLY B 772 12.71 17.34 15.33
N ARG B 773 13.21 18.57 15.32
CA ARG B 773 13.73 19.19 14.11
C ARG B 773 15.11 19.78 14.28
N ASP B 774 15.43 20.26 15.49
CA ASP B 774 16.69 20.95 15.70
C ASP B 774 17.76 20.02 16.27
N GLU B 775 19.00 20.27 15.87
CA GLU B 775 20.13 19.55 16.44
C GLU B 775 20.38 19.96 17.89
N GLY B 776 20.00 21.18 18.26
CA GLY B 776 20.12 21.63 19.63
C GLY B 776 19.00 21.06 20.47
N CYS B 777 19.14 19.80 20.85
CA CYS B 777 18.07 19.02 21.49
C CYS B 777 17.67 19.57 22.84
N LYS B 778 18.23 20.72 23.27
CA LYS B 778 17.76 21.36 24.49
C LYS B 778 16.36 21.94 24.33
N LEU B 779 15.90 22.18 23.11
CA LEU B 779 14.63 22.86 22.86
C LEU B 779 13.47 21.87 23.02
N VAL B 780 13.08 21.65 24.27
CA VAL B 780 12.05 20.67 24.58
C VAL B 780 11.00 21.32 25.47
N THR B 781 9.91 20.59 25.69
CA THR B 781 8.80 21.05 26.50
C THR B 781 8.96 20.61 27.95
N ILE B 782 8.24 21.31 28.82
CA ILE B 782 7.97 20.83 30.17
C ILE B 782 6.93 19.74 30.02
N GLY B 783 6.65 19.02 31.11
CA GLY B 783 5.82 17.83 31.05
C GLY B 783 4.62 17.96 30.13
N SER B 784 4.63 17.16 29.07
CA SER B 784 3.67 17.32 27.99
C SER B 784 2.29 16.84 28.41
N GLY B 785 1.31 17.06 27.54
CA GLY B 785 -0.06 16.66 27.78
C GLY B 785 -0.74 17.55 28.80
N LYS B 786 -0.07 17.78 29.93
CA LYS B 786 -0.57 18.68 30.96
C LYS B 786 -0.41 20.09 30.42
N VAL B 787 -1.26 20.42 29.46
CA VAL B 787 -1.16 21.67 28.72
C VAL B 787 -2.40 22.48 29.01
N PHE B 788 -2.50 23.67 28.41
CA PHE B 788 -3.53 24.62 28.81
C PHE B 788 -4.92 24.01 28.73
N ALA B 789 -5.35 23.63 27.55
CA ALA B 789 -6.69 23.09 27.38
C ALA B 789 -6.68 22.05 26.28
N SER B 790 -7.38 20.95 26.52
CA SER B 790 -7.40 19.85 25.57
C SER B 790 -8.47 20.12 24.51
N THR B 791 -8.04 20.49 23.31
CA THR B 791 -8.91 20.61 22.16
C THR B 791 -8.31 19.82 21.00
N GLY B 792 -8.86 20.01 19.82
CA GLY B 792 -8.38 19.29 18.65
C GLY B 792 -8.49 20.12 17.40
N TYR B 793 -7.80 19.67 16.35
CA TYR B 793 -7.90 20.31 15.06
C TYR B 793 -9.02 19.68 14.26
N GLY B 794 -9.78 20.49 13.52
CA GLY B 794 -10.87 19.97 12.73
C GLY B 794 -10.90 20.45 11.29
N ILE B 795 -12.11 20.64 10.76
CA ILE B 795 -12.31 21.11 9.40
C ILE B 795 -13.54 22.00 9.37
N ALA B 796 -13.40 23.18 8.77
CA ALA B 796 -14.50 24.13 8.74
C ALA B 796 -15.62 23.64 7.82
N ILE B 797 -16.80 24.22 8.01
CA ILE B 797 -17.97 23.87 7.22
C ILE B 797 -19.01 24.96 7.42
N GLN B 798 -19.71 25.31 6.34
CA GLN B 798 -20.74 26.33 6.44
C GLN B 798 -21.91 25.83 7.27
N LYS B 799 -22.53 26.76 8.00
CA LYS B 799 -23.53 26.38 8.99
C LYS B 799 -24.75 25.75 8.35
N ASP B 800 -25.36 24.82 9.08
CA ASP B 800 -26.65 24.23 8.74
C ASP B 800 -26.66 23.66 7.31
N SER B 801 -25.62 22.90 7.01
CA SER B 801 -25.55 22.18 5.75
C SER B 801 -25.70 20.68 6.03
N GLY B 802 -25.55 19.87 5.00
CA GLY B 802 -25.73 18.45 5.13
C GLY B 802 -24.47 17.61 5.08
N TRP B 803 -23.37 18.15 4.54
CA TRP B 803 -22.16 17.37 4.36
C TRP B 803 -21.62 16.79 5.65
N LYS B 804 -21.77 17.53 6.76
CA LYS B 804 -21.14 17.13 8.01
C LYS B 804 -21.43 15.67 8.35
N ARG B 805 -22.68 15.24 8.20
CA ARG B 805 -23.04 13.88 8.54
C ARG B 805 -22.18 12.86 7.80
N GLN B 806 -21.88 13.12 6.52
CA GLN B 806 -21.05 12.19 5.78
C GLN B 806 -19.59 12.35 6.13
N VAL B 807 -19.10 13.59 6.15
CA VAL B 807 -17.68 13.84 6.36
C VAL B 807 -17.21 13.26 7.68
N ASP B 808 -18.07 13.33 8.70
CA ASP B 808 -17.70 12.76 9.99
C ASP B 808 -17.45 11.27 9.88
N LEU B 809 -18.41 10.53 9.33
CA LEU B 809 -18.21 9.10 9.13
C LEU B 809 -16.97 8.83 8.30
N ALA B 810 -16.68 9.70 7.34
CA ALA B 810 -15.49 9.52 6.52
C ALA B 810 -14.23 9.55 7.36
N ILE B 811 -14.05 10.61 8.14
CA ILE B 811 -12.83 10.70 8.93
C ILE B 811 -12.80 9.61 10.00
N LEU B 812 -13.96 9.22 10.49
CA LEU B 812 -13.98 8.11 11.44
C LEU B 812 -13.51 6.82 10.80
N GLN B 813 -13.99 6.50 9.60
CA GLN B 813 -13.47 5.33 8.90
C GLN B 813 -11.98 5.46 8.67
N LEU B 814 -11.51 6.67 8.37
CA LEU B 814 -10.08 6.90 8.26
C LEU B 814 -9.36 6.48 9.53
N PHE B 815 -9.86 6.91 10.68
CA PHE B 815 -9.34 6.37 11.94
C PHE B 815 -9.41 4.85 11.97
N GLY B 816 -10.46 4.28 11.38
CA GLY B 816 -10.67 2.86 11.39
C GLY B 816 -9.75 2.06 10.50
N ASP B 817 -8.78 2.72 9.86
CA ASP B 817 -7.80 2.04 9.03
C ASP B 817 -6.39 2.14 9.60
N GLY B 818 -6.21 2.82 10.72
CA GLY B 818 -4.89 2.99 11.29
C GLY B 818 -3.97 3.88 10.49
N GLU B 819 -4.38 4.31 9.29
CA GLU B 819 -3.55 5.12 8.43
C GLU B 819 -3.14 6.44 9.07
N MET B 820 -3.76 6.83 10.19
CA MET B 820 -3.33 8.02 10.88
C MET B 820 -1.92 7.87 11.42
N GLU B 821 -1.61 6.73 12.05
CA GLU B 821 -0.25 6.48 12.48
C GLU B 821 0.70 6.47 11.27
N GLU B 822 0.22 5.98 10.13
CA GLU B 822 1.03 6.00 8.92
C GLU B 822 1.36 7.42 8.48
N LEU B 823 0.36 8.27 8.37
CA LEU B 823 0.61 9.66 7.98
C LEU B 823 1.39 10.40 9.06
N GLU B 824 1.29 9.96 10.31
CA GLU B 824 2.13 10.51 11.35
C GLU B 824 3.59 10.20 11.05
N ALA B 825 3.92 8.92 10.92
CA ALA B 825 5.27 8.53 10.50
C ALA B 825 5.68 9.20 9.21
N LEU B 826 4.72 9.58 8.37
CA LEU B 826 5.02 10.30 7.13
C LEU B 826 5.80 11.58 7.44
N TRP B 827 5.13 12.56 8.06
CA TRP B 827 5.86 13.70 8.63
C TRP B 827 5.24 14.09 9.97
N LEU B 828 5.60 13.36 11.02
CA LEU B 828 5.49 13.87 12.38
C LEU B 828 6.64 13.47 13.28
N THR B 829 7.51 12.56 12.85
CA THR B 829 8.54 12.06 13.75
C THR B 829 9.64 13.09 13.95
N GLY B 830 10.44 12.85 14.97
CA GLY B 830 11.56 13.73 15.28
C GLY B 830 12.74 12.93 15.77
N ILE B 831 13.93 13.47 15.49
CA ILE B 831 15.16 12.80 15.88
C ILE B 831 15.22 12.62 17.40
N CYS B 832 14.82 13.64 18.14
CA CYS B 832 14.94 13.64 19.59
C CYS B 832 13.79 12.94 20.28
N HIS B 833 13.06 12.08 19.58
CA HIS B 833 12.03 11.26 20.18
C HIS B 833 12.68 9.97 20.68
N ASN B 834 13.36 10.05 21.81
CA ASN B 834 14.10 8.93 22.37
C ASN B 834 14.11 9.07 23.89
N GLU B 835 14.93 8.26 24.54
CA GLU B 835 15.21 8.46 25.95
C GLU B 835 16.10 9.68 26.14
N LYS B 836 15.95 10.34 27.29
CA LYS B 836 16.67 11.57 27.56
C LYS B 836 18.18 11.32 27.54
N ASN B 837 18.89 12.02 26.65
CA ASN B 837 20.34 11.95 26.64
C ASN B 837 20.91 12.54 27.93
N GLU B 838 22.19 12.32 28.15
CA GLU B 838 22.76 12.64 29.45
C GLU B 838 23.60 13.91 29.40
N VAL B 839 23.85 14.46 30.59
CA VAL B 839 24.65 15.66 30.74
C VAL B 839 26.08 15.38 30.31
N MET B 840 26.76 16.41 29.81
CA MET B 840 28.12 16.31 29.31
C MET B 840 29.15 16.57 30.40
N SER B 841 28.86 16.19 31.64
CA SER B 841 29.77 16.33 32.78
C SER B 841 30.16 17.79 32.99
N SER B 842 29.16 18.57 33.37
CA SER B 842 29.36 19.96 33.75
C SER B 842 30.38 20.06 34.88
N GLN B 843 31.00 21.23 34.99
CA GLN B 843 31.88 21.47 36.11
C GLN B 843 31.08 21.47 37.41
N LEU B 844 31.79 21.57 38.52
CA LEU B 844 31.13 21.61 39.81
C LEU B 844 31.09 23.04 40.33
N ASP B 845 30.06 23.33 41.12
CA ASP B 845 29.87 24.67 41.66
C ASP B 845 29.29 24.58 43.06
N ILE B 846 29.17 25.74 43.71
CA ILE B 846 28.97 25.81 45.15
C ILE B 846 27.69 25.10 45.56
N ASP B 847 26.55 25.57 45.05
CA ASP B 847 25.26 25.02 45.42
C ASP B 847 25.23 23.50 45.41
N ASN B 848 25.86 22.87 44.42
CA ASN B 848 25.99 21.42 44.44
C ASN B 848 26.57 20.96 45.77
N MET B 849 27.73 21.46 46.12
CA MET B 849 28.37 21.12 47.39
C MET B 849 27.75 21.97 48.52
N ALA B 850 26.47 21.71 48.77
CA ALA B 850 25.71 22.56 49.67
C ALA B 850 26.11 22.33 51.13
N GLY B 851 25.87 21.13 51.63
CA GLY B 851 26.12 20.89 53.05
C GLY B 851 27.57 20.72 53.42
N VAL B 852 28.45 20.60 52.43
CA VAL B 852 29.86 20.29 52.72
C VAL B 852 30.55 21.42 53.46
N PHE B 853 29.97 22.60 53.50
CA PHE B 853 30.48 23.67 54.34
C PHE B 853 29.58 23.94 55.53
N TYR B 854 28.30 23.62 55.42
CA TYR B 854 27.39 23.83 56.54
C TYR B 854 27.71 22.88 57.68
N MET B 855 27.96 21.61 57.37
CA MET B 855 28.39 20.68 58.40
C MET B 855 29.72 21.12 59.01
N LEU B 856 30.59 21.72 58.19
CA LEU B 856 31.84 22.27 58.70
C LEU B 856 31.59 23.35 59.73
N GLY B 857 30.77 24.34 59.38
CA GLY B 857 30.44 25.39 60.32
C GLY B 857 29.73 24.87 61.56
N ALA B 858 28.92 23.83 61.40
CA ALA B 858 28.25 23.22 62.55
C ALA B 858 29.27 22.60 63.50
N ALA B 859 30.25 21.90 62.95
CA ALA B 859 31.32 21.38 63.77
C ALA B 859 32.09 22.52 64.45
N MET B 860 32.29 23.61 63.73
CA MET B 860 32.95 24.77 64.33
C MET B 860 32.18 25.29 65.53
N ALA B 861 30.87 25.41 65.39
CA ALA B 861 30.05 25.88 66.52
C ALA B 861 30.08 24.88 67.66
N LEU B 862 30.04 23.59 67.35
CA LEU B 862 30.18 22.56 68.38
C LEU B 862 31.51 22.74 69.12
N SER B 863 32.56 23.06 68.38
CA SER B 863 33.85 23.33 69.00
C SER B 863 33.76 24.54 69.92
N LEU B 864 33.04 25.58 69.49
CA LEU B 864 32.86 26.76 70.33
C LEU B 864 32.19 26.40 71.64
N ILE B 865 31.12 25.59 71.58
CA ILE B 865 30.41 25.28 72.81
C ILE B 865 31.24 24.35 73.69
N THR B 866 32.09 23.52 73.08
CA THR B 866 32.99 22.71 73.89
C THR B 866 34.06 23.56 74.56
N PHE B 867 34.55 24.60 73.88
CA PHE B 867 35.47 25.53 74.52
C PHE B 867 34.80 26.26 75.67
N ILE B 868 33.53 26.62 75.48
CA ILE B 868 32.74 27.17 76.58
C ILE B 868 32.71 26.18 77.74
N SER B 869 32.45 24.90 77.44
CA SER B 869 32.43 23.89 78.48
C SER B 869 33.77 23.79 79.19
N GLU B 870 34.86 23.94 78.44
CA GLU B 870 36.19 23.92 79.05
C GLU B 870 36.37 25.09 80.01
N HIS B 871 36.10 26.31 79.53
CA HIS B 871 36.16 27.47 80.41
C HIS B 871 35.21 27.34 81.60
N LEU B 872 34.18 26.51 81.47
CA LEU B 872 33.26 26.28 82.58
C LEU B 872 33.84 25.32 83.61
N PHE B 873 34.48 24.26 83.15
CA PHE B 873 34.92 23.18 84.03
C PHE B 873 36.02 23.58 85.01
N TYR B 874 36.41 24.85 85.04
CA TYR B 874 37.43 25.30 85.98
C TYR B 874 36.97 25.27 87.43
N TRP B 875 35.74 24.81 87.68
CA TRP B 875 35.23 24.74 89.05
C TRP B 875 35.25 23.33 89.62
N GLN B 876 35.20 22.31 88.79
CA GLN B 876 35.14 20.93 89.25
C GLN B 876 36.44 20.51 89.93
N LYS C 25 -63.53 -13.43 -33.63
CA LYS C 25 -64.48 -14.52 -33.47
C LYS C 25 -65.23 -14.36 -32.16
N ILE C 26 -65.93 -15.41 -31.75
CA ILE C 26 -66.70 -15.40 -30.52
C ILE C 26 -65.75 -15.70 -29.36
N VAL C 27 -65.31 -14.65 -28.67
CA VAL C 27 -64.48 -14.80 -27.48
C VAL C 27 -65.42 -14.92 -26.28
N ASN C 28 -65.23 -15.97 -25.49
CA ASN C 28 -66.03 -16.14 -24.29
C ASN C 28 -65.49 -15.26 -23.18
N ILE C 29 -66.38 -14.78 -22.32
CA ILE C 29 -65.98 -14.07 -21.12
C ILE C 29 -66.84 -14.57 -19.97
N GLY C 30 -66.19 -15.15 -18.96
CA GLY C 30 -66.89 -15.77 -17.85
C GLY C 30 -66.73 -14.96 -16.58
N ALA C 31 -67.68 -15.11 -15.66
CA ALA C 31 -67.66 -14.33 -14.44
C ALA C 31 -68.29 -15.14 -13.31
N VAL C 32 -67.91 -14.77 -12.08
CA VAL C 32 -68.49 -15.31 -10.87
C VAL C 32 -68.90 -14.14 -10.00
N LEU C 33 -70.18 -14.11 -9.62
CA LEU C 33 -70.73 -13.02 -8.82
C LEU C 33 -71.61 -13.59 -7.71
N SER C 34 -72.38 -12.74 -7.04
CA SER C 34 -73.16 -13.16 -5.88
C SER C 34 -74.66 -13.24 -6.16
N THR C 35 -75.22 -12.29 -6.91
CA THR C 35 -76.65 -12.29 -7.21
C THR C 35 -76.87 -12.16 -8.71
N ARG C 36 -77.89 -12.86 -9.19
CA ARG C 36 -78.25 -12.83 -10.60
C ARG C 36 -78.71 -11.45 -11.05
N LYS C 37 -79.03 -10.55 -10.13
CA LYS C 37 -79.26 -9.16 -10.52
C LYS C 37 -78.03 -8.57 -11.20
N HIS C 38 -76.84 -8.93 -10.72
CA HIS C 38 -75.61 -8.57 -11.42
C HIS C 38 -75.46 -9.30 -12.74
N GLU C 39 -76.16 -10.41 -12.95
CA GLU C 39 -75.98 -11.16 -14.18
C GLU C 39 -76.50 -10.40 -15.39
N GLN C 40 -77.63 -9.72 -15.25
CA GLN C 40 -78.09 -8.90 -16.36
C GLN C 40 -77.24 -7.65 -16.51
N MET C 41 -76.69 -7.12 -15.41
CA MET C 41 -75.70 -6.07 -15.54
C MET C 41 -74.54 -6.53 -16.40
N PHE C 42 -74.07 -7.76 -16.16
CA PHE C 42 -73.00 -8.33 -16.97
C PHE C 42 -73.43 -8.54 -18.41
N ARG C 43 -74.67 -8.97 -18.61
CA ARG C 43 -75.16 -9.21 -19.97
C ARG C 43 -75.23 -7.90 -20.76
N GLU C 44 -75.75 -6.85 -20.14
CA GLU C 44 -75.72 -5.55 -20.80
C GLU C 44 -74.30 -5.02 -20.92
N ALA C 45 -73.39 -5.45 -20.05
CA ALA C 45 -71.98 -5.14 -20.26
C ALA C 45 -71.46 -5.80 -21.53
N VAL C 46 -71.87 -7.05 -21.78
CA VAL C 46 -71.59 -7.68 -23.06
C VAL C 46 -72.10 -6.81 -24.19
N ASN C 47 -73.37 -6.43 -24.13
CA ASN C 47 -73.96 -5.65 -25.21
C ASN C 47 -73.26 -4.29 -25.35
N GLN C 48 -72.81 -3.71 -24.24
CA GLN C 48 -72.17 -2.40 -24.25
C GLN C 48 -70.75 -2.46 -24.79
N ALA C 49 -70.04 -3.56 -24.54
CA ALA C 49 -68.76 -3.75 -25.20
C ALA C 49 -68.96 -4.01 -26.69
N ASN C 50 -70.05 -4.70 -27.05
CA ASN C 50 -70.37 -4.92 -28.45
C ASN C 50 -70.61 -3.60 -29.18
N LYS C 51 -71.40 -2.70 -28.59
CA LYS C 51 -71.74 -1.45 -29.25
C LYS C 51 -70.71 -0.36 -29.08
N ARG C 52 -69.98 -0.33 -27.97
CA ARG C 52 -68.92 0.65 -27.75
C ARG C 52 -67.74 0.42 -28.68
N HIS C 53 -67.71 -0.72 -29.37
CA HIS C 53 -66.65 -1.04 -30.31
C HIS C 53 -67.25 -1.62 -31.58
N GLY C 54 -66.37 -1.90 -32.55
CA GLY C 54 -66.80 -2.58 -33.76
C GLY C 54 -66.75 -4.08 -33.57
N SER C 55 -67.71 -4.79 -34.17
CA SER C 55 -67.72 -6.25 -34.13
C SER C 55 -67.65 -6.81 -35.54
N TRP C 56 -66.79 -6.23 -36.37
CA TRP C 56 -66.65 -6.70 -37.75
C TRP C 56 -66.11 -8.13 -37.80
N LYS C 57 -65.05 -8.40 -37.04
CA LYS C 57 -64.47 -9.74 -36.99
C LYS C 57 -64.09 -10.19 -35.59
N ILE C 58 -64.45 -9.42 -34.55
CA ILE C 58 -64.13 -9.75 -33.17
C ILE C 58 -65.41 -9.60 -32.36
N GLN C 59 -65.88 -10.71 -31.80
CA GLN C 59 -67.18 -10.73 -31.13
C GLN C 59 -67.04 -11.29 -29.73
N LEU C 60 -68.04 -11.03 -28.90
CA LEU C 60 -68.02 -11.39 -27.49
C LEU C 60 -69.25 -12.21 -27.13
N GLN C 61 -69.07 -13.15 -26.20
CA GLN C 61 -70.19 -13.91 -25.65
C GLN C 61 -70.01 -14.04 -24.14
N ALA C 62 -71.15 -14.15 -23.45
CA ALA C 62 -71.21 -14.09 -22.00
C ALA C 62 -71.22 -15.47 -21.38
N THR C 63 -70.75 -15.55 -20.13
CA THR C 63 -70.86 -16.73 -19.29
C THR C 63 -70.74 -16.29 -17.83
N SER C 64 -71.60 -16.84 -16.98
CA SER C 64 -71.61 -16.42 -15.59
C SER C 64 -72.07 -17.56 -14.71
N VAL C 65 -71.58 -17.54 -13.46
CA VAL C 65 -71.95 -18.53 -12.46
C VAL C 65 -71.97 -17.85 -11.10
N THR C 66 -72.78 -18.42 -10.20
CA THR C 66 -72.99 -17.84 -8.88
C THR C 66 -71.83 -18.21 -7.96
N HIS C 67 -72.01 -17.97 -6.67
CA HIS C 67 -71.06 -18.37 -5.65
C HIS C 67 -71.53 -19.65 -4.98
N LYS C 68 -70.81 -20.07 -3.94
CA LYS C 68 -71.08 -21.35 -3.29
C LYS C 68 -70.64 -21.28 -1.83
N PRO C 69 -71.22 -22.12 -0.97
CA PRO C 69 -70.80 -22.11 0.44
C PRO C 69 -69.52 -22.87 0.71
N ASN C 70 -69.09 -23.73 -0.21
CA ASN C 70 -67.84 -24.47 -0.07
C ASN C 70 -66.97 -24.22 -1.29
N ALA C 71 -65.69 -23.92 -1.04
CA ALA C 71 -64.76 -23.70 -2.13
C ALA C 71 -64.47 -24.97 -2.92
N ILE C 72 -64.86 -26.13 -2.41
CA ILE C 72 -64.61 -27.37 -3.11
C ILE C 72 -65.49 -27.47 -4.35
N GLN C 73 -66.81 -27.44 -4.17
CA GLN C 73 -67.70 -27.36 -5.32
C GLN C 73 -67.43 -26.13 -6.15
N MET C 74 -66.92 -25.07 -5.52
CA MET C 74 -66.54 -23.87 -6.26
C MET C 74 -65.48 -24.20 -7.29
N ALA C 75 -64.33 -24.70 -6.84
CA ALA C 75 -63.29 -25.11 -7.76
C ALA C 75 -63.79 -26.15 -8.75
N LEU C 76 -64.71 -27.01 -8.31
CA LEU C 76 -65.30 -28.00 -9.21
C LEU C 76 -65.93 -27.30 -10.42
N SER C 77 -66.95 -26.50 -10.17
CA SER C 77 -67.63 -25.80 -11.25
C SER C 77 -66.74 -24.75 -11.92
N VAL C 78 -65.60 -24.40 -11.32
CA VAL C 78 -64.70 -23.45 -11.97
C VAL C 78 -64.31 -23.95 -13.35
N CYS C 79 -63.89 -25.20 -13.44
CA CYS C 79 -63.54 -25.79 -14.73
C CYS C 79 -64.60 -26.74 -15.25
N GLU C 80 -65.60 -27.09 -14.44
CA GLU C 80 -66.72 -27.87 -14.98
C GLU C 80 -67.47 -27.09 -16.06
N ASP C 81 -67.60 -25.77 -15.89
CA ASP C 81 -68.37 -24.96 -16.82
C ASP C 81 -67.53 -23.94 -17.56
N LEU C 82 -66.79 -23.11 -16.82
CA LEU C 82 -66.15 -21.96 -17.45
C LEU C 82 -64.91 -22.38 -18.24
N ILE C 83 -63.92 -22.95 -17.54
CA ILE C 83 -62.70 -23.37 -18.22
C ILE C 83 -63.01 -24.35 -19.34
N SER C 84 -63.95 -25.28 -19.10
CA SER C 84 -64.39 -26.17 -20.16
C SER C 84 -64.94 -25.42 -21.35
N SER C 85 -65.54 -24.24 -21.13
CA SER C 85 -66.06 -23.41 -22.20
C SER C 85 -64.97 -22.59 -22.88
N GLN C 86 -63.71 -22.85 -22.55
CA GLN C 86 -62.56 -22.19 -23.18
C GLN C 86 -62.67 -20.67 -23.05
N VAL C 87 -62.61 -20.23 -21.80
CA VAL C 87 -62.73 -18.82 -21.46
C VAL C 87 -61.38 -18.16 -21.65
N TYR C 88 -61.39 -16.87 -22.02
CA TYR C 88 -60.16 -16.11 -22.22
C TYR C 88 -59.82 -15.19 -21.06
N ALA C 89 -60.78 -14.90 -20.18
CA ALA C 89 -60.56 -14.08 -19.01
C ALA C 89 -61.81 -14.18 -18.14
N ILE C 90 -61.62 -14.14 -16.82
CA ILE C 90 -62.71 -14.34 -15.88
C ILE C 90 -62.80 -13.14 -14.95
N LEU C 91 -64.03 -12.76 -14.63
CA LEU C 91 -64.34 -11.59 -13.82
C LEU C 91 -64.94 -12.06 -12.51
N VAL C 92 -64.27 -11.78 -11.40
CA VAL C 92 -64.68 -12.34 -10.11
C VAL C 92 -64.70 -11.25 -9.06
N SER C 93 -65.72 -11.29 -8.21
CA SER C 93 -65.92 -10.30 -7.16
C SER C 93 -66.01 -11.01 -5.80
N HIS C 94 -65.61 -10.29 -4.76
CA HIS C 94 -65.62 -10.85 -3.42
C HIS C 94 -67.01 -10.75 -2.82
N PRO C 95 -67.70 -11.86 -2.60
CA PRO C 95 -69.00 -11.81 -1.93
C PRO C 95 -68.85 -11.30 -0.52
N PRO C 96 -69.74 -10.42 -0.08
CA PRO C 96 -69.62 -9.80 1.26
C PRO C 96 -70.02 -10.76 2.37
N THR C 97 -69.21 -11.78 2.58
CA THR C 97 -69.46 -12.76 3.63
C THR C 97 -68.43 -12.66 4.75
N HIS C 101 -62.92 -13.94 6.07
CA HIS C 101 -62.67 -13.46 4.72
C HIS C 101 -62.71 -14.60 3.71
N PHE C 102 -63.91 -15.07 3.39
CA PHE C 102 -64.05 -16.07 2.35
C PHE C 102 -63.65 -15.47 1.01
N THR C 103 -62.50 -15.89 0.52
CA THR C 103 -61.78 -15.19 -0.53
C THR C 103 -61.82 -16.00 -1.81
N PRO C 104 -61.80 -15.34 -2.97
CA PRO C 104 -61.83 -16.08 -4.24
C PRO C 104 -60.52 -16.80 -4.56
N THR C 105 -59.66 -16.94 -3.56
CA THR C 105 -58.37 -17.62 -3.69
C THR C 105 -58.44 -18.92 -4.50
N PRO C 106 -59.41 -19.82 -4.28
CA PRO C 106 -59.44 -21.03 -5.13
C PRO C 106 -59.44 -20.71 -6.60
N VAL C 107 -60.33 -19.83 -7.03
CA VAL C 107 -60.39 -19.41 -8.43
C VAL C 107 -59.03 -18.94 -8.90
N SER C 108 -58.39 -18.03 -8.15
CA SER C 108 -57.09 -17.52 -8.53
C SER C 108 -56.07 -18.62 -8.76
N TYR C 109 -56.17 -19.74 -8.04
CA TYR C 109 -55.33 -20.89 -8.32
C TYR C 109 -55.65 -21.47 -9.69
N THR C 110 -56.92 -21.83 -9.89
CA THR C 110 -57.30 -22.75 -10.95
C THR C 110 -56.85 -22.26 -12.32
N ALA C 111 -57.34 -21.10 -12.75
CA ALA C 111 -56.95 -20.58 -14.06
C ALA C 111 -55.47 -20.25 -14.12
N GLY C 112 -54.86 -19.90 -12.98
CA GLY C 112 -53.43 -19.71 -12.97
C GLY C 112 -52.66 -20.93 -13.43
N PHE C 113 -53.28 -22.12 -13.31
CA PHE C 113 -52.69 -23.34 -13.83
C PHE C 113 -52.24 -23.18 -15.28
N TYR C 114 -52.91 -22.30 -16.03
CA TYR C 114 -52.51 -22.01 -17.39
C TYR C 114 -51.96 -20.59 -17.52
N ARG C 115 -51.79 -19.89 -16.41
CA ARG C 115 -51.46 -18.46 -16.44
C ARG C 115 -52.50 -17.68 -17.25
N ILE C 116 -53.76 -17.85 -16.87
CA ILE C 116 -54.88 -17.19 -17.54
C ILE C 116 -55.15 -15.87 -16.82
N PRO C 117 -55.02 -14.73 -17.49
CA PRO C 117 -55.31 -13.45 -16.83
C PRO C 117 -56.76 -13.39 -16.37
N VAL C 118 -56.96 -12.76 -15.21
CA VAL C 118 -58.25 -12.73 -14.53
C VAL C 118 -58.38 -11.39 -13.81
N LEU C 119 -59.58 -10.82 -13.85
CA LEU C 119 -59.83 -9.54 -13.20
C LEU C 119 -60.70 -9.75 -11.96
N GLY C 120 -60.30 -9.11 -10.87
CA GLY C 120 -61.06 -9.15 -9.64
C GLY C 120 -61.73 -7.82 -9.37
N LEU C 121 -62.83 -7.87 -8.62
CA LEU C 121 -63.70 -6.71 -8.48
C LEU C 121 -63.73 -6.16 -7.06
N THR C 122 -63.95 -7.00 -6.05
CA THR C 122 -64.22 -6.48 -4.71
C THR C 122 -63.31 -7.07 -3.65
N THR C 123 -62.24 -7.75 -4.05
CA THR C 123 -61.28 -8.21 -3.06
C THR C 123 -60.60 -7.03 -2.37
N ARG C 124 -60.35 -7.19 -1.08
CA ARG C 124 -59.77 -6.11 -0.29
C ARG C 124 -58.51 -6.50 0.46
N MET C 125 -58.37 -7.74 0.91
CA MET C 125 -57.14 -8.15 1.56
C MET C 125 -55.97 -7.97 0.61
N SER C 126 -54.78 -7.86 1.19
CA SER C 126 -53.59 -7.47 0.44
C SER C 126 -52.76 -8.66 -0.03
N ILE C 127 -53.12 -9.88 0.38
CA ILE C 127 -52.28 -11.03 0.06
C ILE C 127 -52.12 -11.23 -1.44
N TYR C 128 -53.11 -10.87 -2.23
CA TYR C 128 -53.01 -11.03 -3.68
C TYR C 128 -51.93 -10.15 -4.30
N SER C 129 -51.35 -9.22 -3.55
CA SER C 129 -50.39 -8.29 -4.10
C SER C 129 -49.19 -8.99 -4.73
N ASP C 130 -48.83 -10.17 -4.27
CA ASP C 130 -47.61 -10.82 -4.74
C ASP C 130 -47.78 -11.40 -6.14
N LYS C 131 -46.69 -11.40 -6.89
CA LYS C 131 -46.68 -12.06 -8.18
C LYS C 131 -46.65 -13.57 -8.02
N SER C 132 -45.69 -14.08 -7.24
CA SER C 132 -45.33 -15.49 -7.30
C SER C 132 -46.53 -16.38 -7.00
N ILE C 133 -47.08 -16.29 -5.79
CA ILE C 133 -48.14 -17.20 -5.37
C ILE C 133 -49.36 -17.03 -6.27
N HIS C 134 -49.93 -15.84 -6.30
CA HIS C 134 -51.02 -15.52 -7.20
C HIS C 134 -50.40 -14.92 -8.46
N LEU C 135 -50.14 -15.77 -9.45
CA LEU C 135 -49.52 -15.36 -10.70
C LEU C 135 -50.49 -14.66 -11.64
N SER C 136 -51.79 -14.81 -11.41
CA SER C 136 -52.82 -14.35 -12.35
C SER C 136 -53.87 -13.60 -11.55
N PHE C 137 -53.67 -12.29 -11.39
CA PHE C 137 -54.57 -11.50 -10.57
C PHE C 137 -54.37 -10.03 -10.89
N LEU C 138 -55.42 -9.36 -11.35
CA LEU C 138 -55.42 -7.92 -11.50
C LEU C 138 -56.79 -7.39 -11.07
N ARG C 139 -56.79 -6.58 -10.02
CA ARG C 139 -58.04 -6.18 -9.40
C ARG C 139 -58.29 -4.70 -9.64
N THR C 140 -59.55 -4.32 -9.48
CA THR C 140 -60.02 -2.97 -9.75
C THR C 140 -59.96 -2.07 -8.52
N VAL C 141 -59.34 -2.52 -7.44
CA VAL C 141 -59.40 -1.81 -6.16
C VAL C 141 -57.98 -1.53 -5.70
N PRO C 142 -57.72 -0.41 -5.02
CA PRO C 142 -56.44 -0.24 -4.37
C PRO C 142 -56.36 -1.10 -3.10
N PRO C 143 -55.18 -1.57 -2.75
CA PRO C 143 -55.03 -2.44 -1.57
C PRO C 143 -55.06 -1.61 -0.29
N TYR C 144 -55.32 -2.30 0.82
CA TYR C 144 -55.20 -1.66 2.12
C TYR C 144 -53.86 -0.97 2.29
N SER C 145 -52.82 -1.50 1.65
CA SER C 145 -51.48 -0.97 1.84
C SER C 145 -51.40 0.51 1.52
N HIS C 146 -51.67 0.87 0.27
CA HIS C 146 -51.50 2.25 -0.16
C HIS C 146 -52.39 3.22 0.59
N GLN C 147 -53.34 2.73 1.38
CA GLN C 147 -54.08 3.64 2.25
C GLN C 147 -53.16 4.41 3.18
N SER C 148 -51.98 3.85 3.46
CA SER C 148 -51.02 4.56 4.28
C SER C 148 -50.47 5.78 3.56
N SER C 149 -50.38 5.72 2.24
CA SER C 149 -49.58 6.68 1.48
C SER C 149 -50.03 8.12 1.72
N VAL C 150 -51.34 8.34 1.81
CA VAL C 150 -51.86 9.70 1.92
C VAL C 150 -51.46 10.28 3.27
N TRP C 151 -51.27 9.42 4.25
CA TRP C 151 -50.80 9.88 5.56
C TRP C 151 -49.44 10.55 5.45
N PHE C 152 -48.68 10.21 4.41
CA PHE C 152 -47.40 10.86 4.17
C PHE C 152 -47.55 12.36 3.97
N GLU C 153 -48.72 12.81 3.50
CA GLU C 153 -48.84 14.20 3.09
C GLU C 153 -49.61 15.03 4.11
N MET C 154 -50.54 14.41 4.82
CA MET C 154 -51.20 15.13 5.92
C MET C 154 -50.17 15.64 6.92
N MET C 155 -49.15 14.83 7.21
CA MET C 155 -48.00 15.32 7.95
C MET C 155 -47.45 16.58 7.30
N ARG C 156 -47.15 16.51 6.00
CA ARG C 156 -46.76 17.69 5.25
C ARG C 156 -47.84 18.77 5.27
N VAL C 157 -49.12 18.40 5.31
CA VAL C 157 -50.15 19.41 5.36
C VAL C 157 -50.14 20.12 6.70
N TYR C 158 -49.90 19.40 7.78
CA TYR C 158 -49.95 19.98 9.12
C TYR C 158 -48.62 19.86 9.84
N ASN C 159 -47.50 19.99 9.11
CA ASN C 159 -46.16 20.21 9.66
C ASN C 159 -45.75 19.16 10.69
N TRP C 160 -46.44 18.03 10.74
CA TRP C 160 -46.05 16.98 11.66
C TRP C 160 -44.75 16.34 11.20
N ASN C 161 -43.86 16.08 12.15
CA ASN C 161 -42.60 15.42 11.83
C ASN C 161 -42.19 14.40 12.88
N HIS C 162 -43.13 13.91 13.67
CA HIS C 162 -42.82 12.95 14.72
C HIS C 162 -44.02 12.02 14.84
N ILE C 163 -43.86 10.79 14.36
CA ILE C 163 -44.99 9.91 14.09
C ILE C 163 -44.80 8.61 14.87
N ILE C 164 -45.91 8.07 15.36
CA ILE C 164 -45.92 6.81 16.08
C ILE C 164 -46.84 5.86 15.34
N LEU C 165 -46.41 4.60 15.23
CA LEU C 165 -47.06 3.63 14.37
C LEU C 165 -47.35 2.35 15.12
N LEU C 166 -48.53 1.78 14.89
CA LEU C 166 -48.95 0.54 15.52
C LEU C 166 -49.64 -0.32 14.48
N VAL C 167 -49.19 -1.55 14.33
CA VAL C 167 -49.83 -2.52 13.45
C VAL C 167 -49.89 -3.86 14.18
N SER C 168 -50.82 -4.69 13.77
CA SER C 168 -50.91 -6.03 14.31
C SER C 168 -49.81 -6.91 13.72
N ASP C 169 -49.61 -8.08 14.32
CA ASP C 169 -48.50 -8.95 13.95
C ASP C 169 -48.99 -9.99 12.94
N ASP C 170 -48.92 -9.62 11.68
CA ASP C 170 -49.27 -10.51 10.58
C ASP C 170 -48.77 -9.89 9.29
N HIS C 171 -49.13 -10.52 8.16
CA HIS C 171 -48.60 -10.10 6.87
C HIS C 171 -49.02 -8.69 6.50
N GLU C 172 -50.20 -8.28 6.91
CA GLU C 172 -50.84 -7.10 6.35
C GLU C 172 -50.18 -5.82 6.85
N GLY C 173 -50.21 -5.62 8.16
CA GLY C 173 -49.53 -4.47 8.74
C GLY C 173 -48.05 -4.45 8.43
N ARG C 174 -47.44 -5.62 8.27
CA ARG C 174 -46.03 -5.66 7.90
C ARG C 174 -45.82 -5.11 6.51
N ALA C 175 -46.68 -5.49 5.56
CA ALA C 175 -46.63 -4.88 4.24
C ALA C 175 -46.82 -3.37 4.35
N ALA C 176 -47.79 -2.95 5.14
CA ALA C 176 -48.04 -1.52 5.31
C ALA C 176 -46.81 -0.80 5.85
N GLN C 177 -46.14 -1.40 6.82
CA GLN C 177 -44.96 -0.80 7.40
C GLN C 177 -43.83 -0.72 6.39
N LYS C 178 -43.65 -1.79 5.60
CA LYS C 178 -42.69 -1.72 4.51
C LYS C 178 -43.01 -0.54 3.60
N ARG C 179 -44.29 -0.34 3.28
CA ARG C 179 -44.68 0.77 2.43
C ARG C 179 -44.32 2.10 3.08
N LEU C 180 -44.58 2.25 4.37
CA LEU C 180 -44.31 3.52 5.02
C LEU C 180 -42.82 3.78 5.12
N GLU C 181 -42.02 2.73 5.33
CA GLU C 181 -40.58 2.90 5.31
C GLU C 181 -40.11 3.35 3.94
N THR C 182 -40.67 2.76 2.87
CA THR C 182 -40.39 3.25 1.53
C THR C 182 -40.76 4.72 1.40
N LEU C 183 -41.88 5.11 2.01
CA LEU C 183 -42.28 6.51 1.98
C LEU C 183 -41.25 7.40 2.65
N LEU C 184 -40.73 6.95 3.80
CA LEU C 184 -39.78 7.75 4.56
C LEU C 184 -38.41 7.82 3.91
N GLU C 185 -38.03 6.80 3.14
CA GLU C 185 -36.66 6.72 2.64
C GLU C 185 -36.31 7.90 1.73
N GLU C 186 -37.16 8.22 0.77
CA GLU C 186 -36.87 9.28 -0.19
C GLU C 186 -36.75 10.63 0.50
N GLY C 209 -37.45 15.40 5.63
CA GLY C 209 -38.77 14.92 6.02
C GLY C 209 -38.86 14.47 7.46
N PRO C 210 -39.99 13.89 7.84
CA PRO C 210 -40.17 13.41 9.21
C PRO C 210 -39.28 12.19 9.48
N LYS C 211 -39.43 11.65 10.68
CA LYS C 211 -38.70 10.45 11.08
C LYS C 211 -39.60 9.62 11.98
N ALA C 212 -39.86 8.39 11.57
CA ALA C 212 -40.67 7.48 12.37
C ALA C 212 -39.99 7.24 13.70
N GLU C 213 -40.68 7.58 14.79
CA GLU C 213 -40.08 7.42 16.11
C GLU C 213 -39.74 5.97 16.39
N LYS C 214 -40.75 5.11 16.45
CA LYS C 214 -40.51 3.70 16.73
C LYS C 214 -41.74 2.91 16.35
N VAL C 215 -41.60 2.04 15.39
CA VAL C 215 -42.67 1.11 15.06
C VAL C 215 -42.88 0.21 16.26
N LEU C 216 -44.07 -0.37 16.36
CA LEU C 216 -44.40 -1.25 17.46
C LEU C 216 -45.33 -2.33 16.96
N GLN C 217 -44.90 -3.58 17.09
CA GLN C 217 -45.71 -4.72 16.69
C GLN C 217 -46.46 -5.26 17.89
N PHE C 218 -47.44 -6.12 17.61
CA PHE C 218 -48.18 -6.80 18.66
C PHE C 218 -49.04 -7.88 18.00
N ASP C 219 -49.16 -9.00 18.69
CA ASP C 219 -49.90 -10.12 18.14
C ASP C 219 -51.37 -9.76 18.01
N PRO C 220 -52.02 -10.12 16.91
CA PRO C 220 -53.45 -9.88 16.78
C PRO C 220 -54.23 -10.80 17.72
N GLY C 221 -55.50 -10.44 17.94
CA GLY C 221 -56.34 -11.22 18.81
C GLY C 221 -55.93 -11.23 20.26
N THR C 222 -54.99 -10.38 20.65
CA THR C 222 -54.51 -10.36 22.02
C THR C 222 -55.54 -9.69 22.94
N LYS C 223 -55.24 -9.68 24.24
CA LYS C 223 -56.14 -9.13 25.24
C LYS C 223 -55.57 -7.89 25.92
N ASN C 224 -54.36 -7.98 26.49
CA ASN C 224 -53.79 -6.89 27.27
C ASN C 224 -52.67 -6.25 26.46
N VAL C 225 -53.01 -5.26 25.65
CA VAL C 225 -52.05 -4.44 24.92
C VAL C 225 -51.67 -3.21 25.72
N THR C 226 -52.41 -2.93 26.80
CA THR C 226 -52.20 -1.73 27.60
C THR C 226 -50.73 -1.54 27.98
N ALA C 227 -50.04 -2.61 28.36
CA ALA C 227 -48.62 -2.49 28.70
C ALA C 227 -47.83 -1.94 27.53
N LEU C 228 -48.11 -2.41 26.32
CA LEU C 228 -47.45 -1.83 25.15
C LEU C 228 -47.72 -0.34 25.06
N LEU C 229 -49.00 0.05 25.15
CA LEU C 229 -49.36 1.46 25.08
C LEU C 229 -48.72 2.28 26.18
N MET C 230 -48.30 1.64 27.28
CA MET C 230 -47.61 2.37 28.33
C MET C 230 -46.30 2.96 27.81
N GLU C 231 -45.59 2.21 26.97
CA GLU C 231 -44.39 2.76 26.36
C GLU C 231 -44.69 4.02 25.57
N ALA C 232 -45.82 4.04 24.85
CA ALA C 232 -46.23 5.26 24.17
C ALA C 232 -46.50 6.38 25.17
N ARG C 233 -47.26 6.06 26.23
CA ARG C 233 -47.53 7.04 27.27
C ARG C 233 -46.24 7.65 27.82
N GLU C 234 -45.17 6.86 27.85
CA GLU C 234 -43.88 7.41 28.25
C GLU C 234 -43.23 8.19 27.12
N LEU C 235 -43.48 7.80 25.87
CA LEU C 235 -42.79 8.42 24.75
C LEU C 235 -43.23 9.86 24.55
N GLU C 236 -42.56 10.54 23.63
CA GLU C 236 -42.65 11.99 23.55
C GLU C 236 -43.82 12.45 22.69
N ALA C 237 -43.86 12.03 21.42
CA ALA C 237 -44.83 12.58 20.49
C ALA C 237 -46.25 12.11 20.85
N ARG C 238 -47.22 12.59 20.06
CA ARG C 238 -48.62 12.40 20.39
C ARG C 238 -49.46 11.78 19.29
N VAL C 239 -49.08 11.91 18.02
CA VAL C 239 -49.89 11.36 16.95
C VAL C 239 -49.83 9.85 16.96
N ILE C 240 -50.77 9.22 16.27
CA ILE C 240 -50.92 7.78 16.26
C ILE C 240 -51.36 7.34 14.87
N ILE C 241 -50.84 6.22 14.41
CA ILE C 241 -51.38 5.55 13.23
C ILE C 241 -51.55 4.09 13.60
N LEU C 242 -52.79 3.71 13.91
CA LEU C 242 -53.14 2.35 14.31
C LEU C 242 -53.86 1.67 13.16
N SER C 243 -53.23 0.65 12.59
CA SER C 243 -53.83 -0.13 11.52
C SER C 243 -53.97 -1.57 11.96
N ALA C 244 -55.16 -2.13 11.77
CA ALA C 244 -55.44 -3.50 12.19
C ALA C 244 -56.72 -3.96 11.51
N SER C 245 -57.23 -5.09 11.95
CA SER C 245 -58.53 -5.58 11.51
C SER C 245 -59.63 -4.74 12.15
N GLU C 246 -60.88 -5.00 11.76
CA GLU C 246 -62.00 -4.38 12.44
C GLU C 246 -62.14 -4.91 13.85
N ASP C 247 -62.04 -6.23 14.01
CA ASP C 247 -62.17 -6.85 15.32
C ASP C 247 -61.12 -6.35 16.30
N ASP C 248 -59.94 -5.96 15.82
CA ASP C 248 -58.86 -5.59 16.73
C ASP C 248 -59.15 -4.30 17.46
N ALA C 249 -59.57 -3.25 16.75
CA ALA C 249 -59.67 -1.91 17.31
C ALA C 249 -60.51 -1.85 18.59
N ALA C 250 -61.37 -2.85 18.82
CA ALA C 250 -62.19 -2.86 20.01
C ALA C 250 -61.34 -2.75 21.28
N THR C 251 -60.30 -3.57 21.37
CA THR C 251 -59.48 -3.57 22.57
C THR C 251 -58.79 -2.24 22.79
N VAL C 252 -58.12 -1.72 21.77
CA VAL C 252 -57.41 -0.46 21.91
C VAL C 252 -58.38 0.66 22.27
N TYR C 253 -59.57 0.65 21.68
CA TYR C 253 -60.54 1.67 22.03
C TYR C 253 -61.01 1.53 23.47
N ARG C 254 -61.25 0.30 23.91
CA ARG C 254 -61.65 0.10 25.30
C ARG C 254 -60.55 0.57 26.25
N ALA C 255 -59.30 0.46 25.84
CA ALA C 255 -58.17 0.70 26.73
C ALA C 255 -57.60 2.11 26.64
N ALA C 256 -57.97 2.88 25.61
CA ALA C 256 -57.39 4.22 25.46
C ALA C 256 -57.77 5.12 26.62
N ALA C 257 -59.00 4.98 27.14
CA ALA C 257 -59.38 5.68 28.35
C ALA C 257 -58.65 5.15 29.58
N MET C 258 -58.27 3.88 29.58
CA MET C 258 -57.58 3.32 30.74
C MET C 258 -56.31 4.09 31.04
N LEU C 259 -55.50 4.38 30.03
CA LEU C 259 -54.33 5.24 30.20
C LEU C 259 -54.61 6.67 29.78
N ASP C 260 -55.87 7.02 29.56
CA ASP C 260 -56.27 8.41 29.34
C ASP C 260 -55.63 9.00 28.09
N MET C 261 -55.22 8.15 27.15
CA MET C 261 -54.58 8.63 25.93
C MET C 261 -55.57 9.21 24.93
N THR C 262 -56.80 9.42 25.35
CA THR C 262 -57.83 10.05 24.52
C THR C 262 -57.80 11.57 24.62
N GLY C 263 -56.93 12.13 25.44
CA GLY C 263 -56.94 13.55 25.75
C GLY C 263 -56.53 14.43 24.59
N SER C 264 -56.40 15.71 24.89
CA SER C 264 -56.05 16.70 23.88
C SER C 264 -54.68 16.42 23.30
N GLY C 265 -54.45 16.94 22.09
CA GLY C 265 -53.20 16.79 21.40
C GLY C 265 -53.00 15.44 20.74
N TYR C 266 -53.59 14.39 21.29
CA TYR C 266 -53.41 13.04 20.76
C TYR C 266 -54.18 12.92 19.45
N VAL C 267 -53.51 13.17 18.35
CA VAL C 267 -54.12 13.05 17.03
C VAL C 267 -54.37 11.58 16.74
N TRP C 268 -55.33 11.30 15.88
CA TRP C 268 -55.63 9.93 15.48
C TRP C 268 -55.79 9.86 13.98
N LEU C 269 -55.43 8.70 13.43
CA LEU C 269 -55.47 8.50 11.99
C LEU C 269 -55.43 7.00 11.77
N VAL C 270 -56.50 6.44 11.22
CA VAL C 270 -56.62 4.99 11.11
C VAL C 270 -57.07 4.60 9.72
N GLY C 271 -57.32 3.30 9.52
CA GLY C 271 -57.73 2.77 8.25
C GLY C 271 -59.23 2.51 8.19
N GLU C 272 -59.68 2.14 6.99
CA GLU C 272 -61.10 1.98 6.74
C GLU C 272 -61.72 0.90 7.61
N ARG C 273 -61.04 -0.23 7.76
CA ARG C 273 -61.53 -1.27 8.66
C ARG C 273 -61.52 -0.83 10.12
N GLU C 274 -61.05 0.38 10.40
CA GLU C 274 -61.04 0.91 11.75
C GLU C 274 -62.02 2.07 11.94
N ILE C 275 -62.77 2.44 10.90
CA ILE C 275 -63.72 3.53 11.00
C ILE C 275 -65.16 3.03 10.83
N SER C 276 -65.39 1.74 11.06
CA SER C 276 -66.70 1.16 10.85
C SER C 276 -66.78 -0.15 11.63
N GLY C 277 -67.85 -0.89 11.38
CA GLY C 277 -68.05 -2.15 12.10
C GLY C 277 -68.22 -1.89 13.58
N ASN C 278 -67.73 -2.83 14.39
CA ASN C 278 -67.79 -2.65 15.84
C ASN C 278 -66.98 -1.45 16.31
N ALA C 279 -66.09 -0.92 15.48
CA ALA C 279 -65.25 0.20 15.90
C ALA C 279 -66.05 1.49 16.04
N LEU C 280 -66.80 1.86 15.00
CA LEU C 280 -67.57 3.09 15.02
C LEU C 280 -68.46 3.19 16.26
N ARG C 281 -68.81 2.04 16.86
CA ARG C 281 -69.51 2.07 18.14
C ARG C 281 -68.58 2.55 19.25
N TYR C 282 -67.45 1.87 19.44
CA TYR C 282 -66.57 2.12 20.57
C TYR C 282 -65.61 3.27 20.35
N ALA C 283 -65.50 3.77 19.14
CA ALA C 283 -64.44 4.72 18.87
C ALA C 283 -64.72 6.05 19.55
N PRO C 284 -63.71 6.69 20.15
CA PRO C 284 -63.85 8.06 20.61
C PRO C 284 -63.47 9.05 19.52
N ASP C 285 -64.09 10.22 19.57
CA ASP C 285 -63.99 11.14 18.46
C ASP C 285 -62.61 11.79 18.41
N GLY C 286 -62.47 12.75 17.50
CA GLY C 286 -61.18 13.21 17.05
C GLY C 286 -60.57 12.35 15.97
N ILE C 287 -60.89 11.06 15.98
CA ILE C 287 -60.42 10.13 14.96
C ILE C 287 -60.85 10.62 13.59
N ILE C 288 -59.95 10.48 12.62
CA ILE C 288 -60.22 10.82 11.23
C ILE C 288 -60.12 9.54 10.41
N GLY C 289 -60.93 9.43 9.35
CA GLY C 289 -60.98 8.23 8.55
C GLY C 289 -60.99 8.54 7.07
N LEU C 290 -60.78 7.49 6.27
CA LEU C 290 -60.69 7.61 4.83
C LEU C 290 -61.64 6.65 4.15
N GLN C 291 -62.21 7.08 3.03
CA GLN C 291 -63.02 6.22 2.18
C GLN C 291 -62.67 6.52 0.73
N LEU C 292 -62.85 5.52 -0.13
CA LEU C 292 -62.50 5.65 -1.52
C LEU C 292 -63.67 6.23 -2.30
N ILE C 293 -63.38 6.88 -3.44
CA ILE C 293 -64.44 7.35 -4.31
C ILE C 293 -64.97 6.18 -5.14
N ASN C 294 -66.30 6.09 -5.24
CA ASN C 294 -66.97 5.05 -6.03
C ASN C 294 -66.50 3.66 -5.63
N GLY C 295 -66.31 3.45 -4.33
CA GLY C 295 -65.70 2.22 -3.85
C GLY C 295 -66.52 0.96 -4.01
N LYS C 296 -67.62 0.86 -3.27
CA LYS C 296 -68.39 -0.37 -3.20
C LYS C 296 -69.62 -0.26 -4.11
N ASN C 297 -69.38 -0.41 -5.41
CA ASN C 297 -70.45 -0.46 -6.41
C ASN C 297 -70.07 -1.52 -7.44
N GLU C 298 -70.53 -2.75 -7.21
CA GLU C 298 -70.10 -3.87 -8.03
C GLU C 298 -70.38 -3.64 -9.50
N SER C 299 -71.63 -3.30 -9.84
CA SER C 299 -72.02 -3.17 -11.24
C SER C 299 -71.22 -2.11 -11.96
N ALA C 300 -70.92 -0.99 -11.29
CA ALA C 300 -70.18 0.09 -11.94
C ALA C 300 -68.81 -0.38 -12.39
N HIS C 301 -68.00 -0.86 -11.45
CA HIS C 301 -66.68 -1.38 -11.81
C HIS C 301 -66.80 -2.54 -12.79
N ILE C 302 -67.86 -3.34 -12.69
CA ILE C 302 -68.09 -4.41 -13.66
C ILE C 302 -68.12 -3.83 -15.07
N SER C 303 -68.95 -2.83 -15.27
CA SER C 303 -69.07 -2.21 -16.58
C SER C 303 -67.74 -1.61 -17.02
N ASP C 304 -67.08 -0.90 -16.10
CA ASP C 304 -65.79 -0.29 -16.45
C ASP C 304 -64.76 -1.32 -16.87
N ALA C 305 -64.76 -2.48 -16.21
CA ALA C 305 -63.77 -3.49 -16.52
C ALA C 305 -64.09 -4.18 -17.84
N VAL C 306 -65.36 -4.48 -18.08
CA VAL C 306 -65.73 -5.01 -19.39
C VAL C 306 -65.32 -4.02 -20.48
N GLY C 307 -65.46 -2.72 -20.21
CA GLY C 307 -65.00 -1.73 -21.17
C GLY C 307 -63.50 -1.75 -21.39
N VAL C 308 -62.72 -1.82 -20.31
CA VAL C 308 -61.27 -1.83 -20.45
C VAL C 308 -60.80 -3.10 -21.14
N VAL C 309 -61.52 -4.21 -20.94
CA VAL C 309 -61.12 -5.45 -21.60
C VAL C 309 -61.63 -5.51 -23.04
N ALA C 310 -62.62 -4.68 -23.38
CA ALA C 310 -63.05 -4.62 -24.78
C ALA C 310 -61.93 -4.10 -25.66
N GLN C 311 -61.24 -3.03 -25.24
CA GLN C 311 -60.08 -2.55 -25.98
C GLN C 311 -59.00 -3.61 -26.06
N ALA C 312 -58.85 -4.39 -24.99
CA ALA C 312 -57.87 -5.47 -25.00
C ALA C 312 -58.18 -6.50 -26.07
N VAL C 313 -59.42 -7.03 -26.08
CA VAL C 313 -59.80 -8.01 -27.08
C VAL C 313 -59.73 -7.42 -28.48
N HIS C 314 -60.01 -6.12 -28.60
CA HIS C 314 -59.89 -5.43 -29.88
C HIS C 314 -58.46 -5.34 -30.37
N GLU C 315 -57.49 -5.18 -29.47
CA GLU C 315 -56.08 -5.24 -29.83
C GLU C 315 -55.52 -6.66 -29.78
N LEU C 316 -56.35 -7.65 -29.46
CA LEU C 316 -55.86 -9.01 -29.31
C LEU C 316 -55.72 -9.71 -30.66
N LEU C 317 -56.83 -9.87 -31.39
CA LEU C 317 -56.77 -10.50 -32.70
C LEU C 317 -55.83 -9.78 -33.65
N GLU C 318 -55.65 -8.47 -33.47
CA GLU C 318 -54.68 -7.75 -34.28
C GLU C 318 -53.27 -8.26 -34.05
N LYS C 319 -52.95 -8.67 -32.83
CA LYS C 319 -51.64 -9.24 -32.55
C LYS C 319 -51.42 -10.51 -33.37
N GLU C 320 -50.16 -10.84 -33.58
CA GLU C 320 -49.80 -11.98 -34.40
C GLU C 320 -49.78 -13.28 -33.58
N ASN C 321 -50.00 -14.39 -34.28
CA ASN C 321 -49.93 -15.73 -33.69
C ASN C 321 -50.91 -15.87 -32.53
N ILE C 322 -52.19 -15.77 -32.85
CA ILE C 322 -53.26 -15.94 -31.87
C ILE C 322 -53.45 -17.43 -31.62
N THR C 323 -53.24 -17.85 -30.39
CA THR C 323 -53.42 -19.24 -29.99
C THR C 323 -54.76 -19.38 -29.27
N ASP C 324 -55.02 -20.57 -28.74
CA ASP C 324 -56.30 -20.84 -28.11
C ASP C 324 -56.11 -21.56 -26.78
N PRO C 325 -56.75 -21.08 -25.73
CA PRO C 325 -56.67 -21.73 -24.43
C PRO C 325 -57.35 -23.09 -24.49
N PRO C 326 -57.14 -23.95 -23.50
CA PRO C 326 -57.69 -25.30 -23.59
C PRO C 326 -59.19 -25.31 -23.45
N ARG C 327 -59.82 -26.20 -24.22
CA ARG C 327 -61.24 -26.50 -24.06
C ARG C 327 -61.32 -27.86 -23.38
N GLY C 328 -61.43 -27.86 -22.06
CA GLY C 328 -61.33 -29.09 -21.30
C GLY C 328 -60.34 -29.02 -20.15
N CYS C 329 -60.87 -29.14 -18.94
CA CYS C 329 -60.12 -29.07 -17.71
C CYS C 329 -59.31 -30.33 -17.44
N VAL C 330 -59.62 -31.43 -18.12
CA VAL C 330 -58.94 -32.69 -17.93
C VAL C 330 -58.02 -32.95 -19.13
N GLY C 331 -56.84 -33.51 -18.85
CA GLY C 331 -55.95 -33.99 -19.88
C GLY C 331 -55.31 -32.94 -20.77
N ASN C 332 -55.74 -31.69 -20.68
CA ASN C 332 -55.15 -30.61 -21.48
C ASN C 332 -54.09 -29.92 -20.61
N THR C 333 -53.09 -30.69 -20.21
CA THR C 333 -52.06 -30.18 -19.30
C THR C 333 -51.10 -29.22 -19.99
N ASN C 334 -51.03 -29.25 -21.31
CA ASN C 334 -50.26 -28.25 -22.05
C ASN C 334 -50.78 -26.86 -21.69
N ILE C 335 -49.86 -25.97 -21.37
CA ILE C 335 -50.23 -24.62 -20.95
C ILE C 335 -50.40 -23.73 -22.17
N TRP C 336 -51.39 -22.85 -22.11
CA TRP C 336 -51.65 -21.91 -23.20
C TRP C 336 -50.49 -20.93 -23.29
N LYS C 337 -49.78 -20.96 -24.43
CA LYS C 337 -48.53 -20.23 -24.57
C LYS C 337 -48.70 -18.74 -24.84
N THR C 338 -49.88 -18.19 -24.64
CA THR C 338 -50.11 -16.75 -24.83
C THR C 338 -50.82 -16.11 -23.65
N GLY C 339 -51.00 -16.83 -22.54
CA GLY C 339 -51.64 -16.30 -21.36
C GLY C 339 -50.85 -15.18 -20.69
N PRO C 340 -49.61 -15.46 -20.32
CA PRO C 340 -48.75 -14.39 -19.76
C PRO C 340 -48.57 -13.22 -20.70
N LEU C 341 -48.39 -13.46 -22.00
CA LEU C 341 -48.29 -12.35 -22.94
C LEU C 341 -49.62 -11.60 -23.03
N PHE C 342 -50.73 -12.33 -23.02
CA PHE C 342 -52.04 -11.67 -23.00
C PHE C 342 -52.16 -10.76 -21.78
N LYS C 343 -51.64 -11.19 -20.64
CA LYS C 343 -51.66 -10.35 -19.45
C LYS C 343 -50.77 -9.12 -19.62
N ARG C 344 -49.55 -9.33 -20.14
CA ARG C 344 -48.66 -8.22 -20.43
C ARG C 344 -49.32 -7.20 -21.34
N VAL C 345 -50.21 -7.66 -22.22
CA VAL C 345 -51.02 -6.73 -23.00
C VAL C 345 -52.08 -6.05 -22.14
N LEU C 346 -52.94 -6.85 -21.51
CA LEU C 346 -54.05 -6.33 -20.72
C LEU C 346 -53.63 -5.27 -19.73
N MET C 347 -52.43 -5.37 -19.16
CA MET C 347 -52.02 -4.45 -18.12
C MET C 347 -51.90 -3.02 -18.65
N SER C 348 -51.42 -2.86 -19.88
CA SER C 348 -51.19 -1.54 -20.46
C SER C 348 -52.46 -0.93 -21.06
N SER C 349 -53.58 -1.64 -21.02
CA SER C 349 -54.81 -1.13 -21.60
C SER C 349 -55.31 0.09 -20.82
N LYS C 350 -55.35 1.23 -21.50
CA LYS C 350 -55.71 2.50 -20.86
C LYS C 350 -57.07 2.96 -21.34
N TYR C 351 -57.88 3.45 -20.39
CA TYR C 351 -59.19 4.02 -20.71
C TYR C 351 -59.52 5.00 -19.58
N ALA C 352 -59.53 6.28 -19.90
CA ALA C 352 -59.62 7.33 -18.88
C ALA C 352 -61.01 7.96 -18.77
N ASP C 353 -62.07 7.20 -18.98
CA ASP C 353 -63.43 7.75 -18.93
C ASP C 353 -64.38 6.83 -18.16
N GLY C 354 -63.94 6.31 -17.03
CA GLY C 354 -64.78 5.45 -16.23
C GLY C 354 -65.56 6.21 -15.17
N VAL C 355 -66.67 5.60 -14.73
CA VAL C 355 -67.43 6.16 -13.62
C VAL C 355 -66.57 6.20 -12.37
N THR C 356 -65.68 5.22 -12.20
CA THR C 356 -64.68 5.31 -11.16
C THR C 356 -63.64 6.38 -11.46
N GLY C 357 -63.40 6.66 -12.73
CA GLY C 357 -62.44 7.68 -13.12
C GLY C 357 -61.46 7.19 -14.16
N ARG C 358 -60.28 7.80 -14.20
CA ARG C 358 -59.24 7.41 -15.15
C ARG C 358 -58.61 6.12 -14.65
N VAL C 359 -59.16 4.98 -15.10
CA VAL C 359 -58.72 3.67 -14.63
C VAL C 359 -57.35 3.37 -15.23
N GLU C 360 -56.41 2.98 -14.38
CA GLU C 360 -55.09 2.58 -14.81
C GLU C 360 -54.59 1.49 -13.87
N PHE C 361 -53.33 1.08 -14.04
CA PHE C 361 -52.78 0.00 -13.25
C PHE C 361 -51.35 0.33 -12.81
N ASN C 362 -51.03 -0.06 -11.59
CA ASN C 362 -49.69 0.09 -11.06
C ASN C 362 -48.79 -0.98 -11.67
N GLU C 363 -47.51 -1.01 -11.25
CA GLU C 363 -46.60 -2.01 -11.77
C GLU C 363 -47.07 -3.43 -11.49
N ASP C 364 -47.70 -3.65 -10.33
CA ASP C 364 -48.30 -4.94 -10.06
C ASP C 364 -49.51 -5.17 -10.95
N GLY C 365 -50.24 -4.12 -11.27
CA GLY C 365 -51.45 -4.23 -12.04
C GLY C 365 -52.73 -3.98 -11.28
N ASP C 366 -52.73 -3.06 -10.33
CA ASP C 366 -53.91 -2.76 -9.54
C ASP C 366 -54.33 -1.31 -9.75
N ARG C 367 -55.59 -1.04 -9.45
CA ARG C 367 -56.18 0.27 -9.70
C ARG C 367 -55.37 1.36 -8.99
N LYS C 368 -55.04 2.41 -9.72
CA LYS C 368 -54.21 3.49 -9.22
C LYS C 368 -54.86 4.84 -9.45
N PHE C 369 -54.34 5.85 -8.73
CA PHE C 369 -54.75 7.24 -8.90
C PHE C 369 -56.25 7.42 -8.69
N ALA C 370 -56.75 6.81 -7.62
CA ALA C 370 -58.15 7.04 -7.27
C ALA C 370 -58.27 8.17 -6.27
N GLN C 371 -59.47 8.72 -6.15
CA GLN C 371 -59.73 9.86 -5.29
C GLN C 371 -60.25 9.38 -3.95
N TYR C 372 -59.99 10.16 -2.91
CA TYR C 372 -60.24 9.69 -1.56
C TYR C 372 -60.96 10.73 -0.72
N SER C 373 -62.15 10.37 -0.24
CA SER C 373 -62.90 11.19 0.69
C SER C 373 -62.31 11.07 2.09
N ILE C 374 -61.78 12.18 2.58
CA ILE C 374 -61.31 12.27 3.96
C ILE C 374 -62.50 12.65 4.81
N MET C 375 -62.98 11.70 5.61
CA MET C 375 -64.17 11.86 6.42
C MET C 375 -63.78 11.89 7.90
N ASN C 376 -64.74 12.31 8.72
CA ASN C 376 -64.52 12.44 10.15
C ASN C 376 -65.81 12.09 10.88
N LEU C 377 -65.67 11.65 12.13
CA LEU C 377 -66.80 11.50 13.02
C LEU C 377 -66.86 12.74 13.90
N GLN C 378 -67.75 13.66 13.55
CA GLN C 378 -67.95 14.90 14.27
C GLN C 378 -69.14 14.74 15.20
N ASN C 379 -68.86 14.66 16.50
CA ASN C 379 -69.91 14.49 17.51
C ASN C 379 -70.81 13.31 17.16
N ARG C 380 -70.18 12.16 16.90
CA ARG C 380 -70.89 10.94 16.54
C ARG C 380 -71.73 11.14 15.29
N LYS C 381 -71.25 12.00 14.39
CA LYS C 381 -71.89 12.20 13.10
C LYS C 381 -70.80 12.22 12.03
N LEU C 382 -70.93 11.32 11.06
CA LEU C 382 -69.92 11.22 10.00
C LEU C 382 -69.95 12.47 9.14
N VAL C 383 -68.77 13.00 8.86
CA VAL C 383 -68.64 14.24 8.09
C VAL C 383 -67.44 14.12 7.16
N GLN C 384 -67.63 14.49 5.91
CA GLN C 384 -66.54 14.56 4.96
C GLN C 384 -65.80 15.86 5.15
N VAL C 385 -64.47 15.76 5.32
CA VAL C 385 -63.64 16.93 5.57
C VAL C 385 -62.87 17.34 4.32
N GLY C 386 -62.69 16.42 3.38
CA GLY C 386 -62.02 16.79 2.14
C GLY C 386 -62.03 15.67 1.13
N ILE C 387 -61.35 15.93 0.01
CA ILE C 387 -61.13 14.95 -1.03
C ILE C 387 -59.63 14.84 -1.26
N TYR C 388 -59.24 13.82 -2.01
CA TYR C 388 -57.85 13.58 -2.36
C TYR C 388 -57.82 13.27 -3.84
N ASN C 389 -57.18 14.14 -4.61
CA ASN C 389 -57.21 14.15 -6.07
C ASN C 389 -56.15 13.27 -6.71
N GLY C 390 -55.65 12.26 -5.99
CA GLY C 390 -54.72 11.29 -6.53
C GLY C 390 -53.27 11.71 -6.41
N THR C 391 -53.00 13.02 -6.43
CA THR C 391 -51.64 13.50 -6.24
C THR C 391 -51.59 14.67 -5.26
N HIS C 392 -52.74 15.14 -4.77
CA HIS C 392 -52.76 16.21 -3.79
C HIS C 392 -54.09 16.14 -3.05
N VAL C 393 -54.06 16.47 -1.77
CA VAL C 393 -55.25 16.45 -0.93
C VAL C 393 -55.83 17.86 -0.90
N ILE C 394 -57.15 17.95 -0.75
CA ILE C 394 -57.85 19.23 -0.72
C ILE C 394 -58.91 19.13 0.38
N PRO C 395 -58.80 19.87 1.47
CA PRO C 395 -59.85 19.81 2.50
C PRO C 395 -61.12 20.51 2.05
N ASN C 396 -62.27 19.98 2.45
CA ASN C 396 -63.56 20.47 1.99
C ASN C 396 -63.95 21.72 2.79
N ASP C 397 -65.20 22.16 2.65
CA ASP C 397 -65.61 23.44 3.23
C ASP C 397 -65.93 23.35 4.71
N ARG C 398 -66.29 22.18 5.22
CA ARG C 398 -66.77 22.09 6.59
C ARG C 398 -65.63 22.33 7.58
N LYS C 399 -65.96 22.23 8.86
CA LYS C 399 -65.03 22.57 9.93
C LYS C 399 -64.40 21.31 10.52
N ILE C 400 -63.15 21.44 10.94
CA ILE C 400 -62.38 20.33 11.46
C ILE C 400 -62.71 20.16 12.93
N ILE C 401 -62.57 18.93 13.43
CA ILE C 401 -62.70 18.63 14.86
C ILE C 401 -61.53 17.73 15.25
N TRP C 402 -60.57 18.31 15.96
CA TRP C 402 -59.44 17.58 16.51
C TRP C 402 -59.88 17.05 17.87
N PRO C 403 -59.06 16.27 18.59
CA PRO C 403 -59.52 15.76 19.88
C PRO C 403 -59.95 16.89 20.81
N GLY C 404 -61.14 16.77 21.35
CA GLY C 404 -61.73 17.85 22.11
C GLY C 404 -62.16 19.01 21.23
N GLY C 405 -62.99 19.88 21.80
CA GLY C 405 -63.50 21.03 21.07
C GLY C 405 -62.46 22.08 20.72
N GLU C 406 -61.22 21.89 21.16
CA GLU C 406 -60.19 22.89 20.87
C GLU C 406 -59.86 22.90 19.40
N THR C 407 -60.38 23.90 18.68
CA THR C 407 -60.32 23.92 17.22
C THR C 407 -59.07 24.65 16.76
N GLU C 408 -57.94 24.23 17.32
CA GLU C 408 -56.62 24.64 16.87
C GLU C 408 -55.80 23.37 16.74
N LYS C 409 -55.33 23.08 15.53
CA LYS C 409 -54.65 21.81 15.28
C LYS C 409 -53.44 21.72 16.19
N PRO C 410 -53.49 20.89 17.22
CA PRO C 410 -52.40 20.89 18.21
C PRO C 410 -51.20 20.08 17.70
N ARG C 411 -50.57 20.63 16.67
CA ARG C 411 -49.39 19.98 16.11
C ARG C 411 -48.18 20.23 17.01
N GLY C 412 -48.35 19.90 18.28
CA GLY C 412 -47.34 20.19 19.27
C GLY C 412 -46.54 18.98 19.67
N TYR C 413 -45.33 18.86 19.11
CA TYR C 413 -44.40 17.90 19.66
C TYR C 413 -43.84 18.46 20.94
N GLN C 414 -44.51 18.22 22.06
CA GLN C 414 -44.05 18.79 23.31
C GLN C 414 -42.72 18.17 23.70
N MET C 415 -42.15 18.67 24.78
CA MET C 415 -40.87 18.19 25.26
C MET C 415 -41.04 17.43 26.56
N SER C 416 -39.98 16.73 26.94
CA SER C 416 -39.92 16.09 28.25
C SER C 416 -38.95 16.87 29.14
N THR C 417 -38.91 16.49 30.40
CA THR C 417 -37.94 17.08 31.31
C THR C 417 -37.29 15.98 32.15
N ARG C 418 -37.89 14.80 32.14
CA ARG C 418 -37.33 13.64 32.82
C ARG C 418 -36.45 12.87 31.86
N LEU C 419 -35.16 12.76 32.17
CA LEU C 419 -34.18 12.12 31.30
C LEU C 419 -33.58 10.92 32.01
N LYS C 420 -34.12 9.75 31.74
CA LYS C 420 -33.57 8.52 32.29
C LYS C 420 -32.20 8.27 31.65
N ILE C 421 -31.20 8.04 32.48
CA ILE C 421 -29.83 7.82 32.02
C ILE C 421 -29.29 6.57 32.68
N VAL C 422 -28.54 5.77 31.92
CA VAL C 422 -27.92 4.57 32.41
C VAL C 422 -26.42 4.68 32.15
N THR C 423 -25.64 3.94 32.94
CA THR C 423 -24.19 3.96 32.85
C THR C 423 -23.67 2.75 33.60
N ILE C 424 -22.39 2.47 33.43
CA ILE C 424 -21.79 1.21 33.84
C ILE C 424 -21.04 1.41 35.15
N HIS C 425 -20.62 0.30 35.74
CA HIS C 425 -19.87 0.30 37.00
C HIS C 425 -18.38 0.40 36.64
N GLN C 426 -17.78 1.55 36.95
CA GLN C 426 -16.40 1.83 36.55
C GLN C 426 -15.76 2.72 37.59
N GLU C 427 -15.03 2.11 38.53
CA GLU C 427 -14.40 2.78 39.67
C GLU C 427 -13.80 4.15 39.31
N PRO C 428 -12.93 4.26 38.31
CA PRO C 428 -12.34 5.57 38.01
C PRO C 428 -13.32 6.60 37.47
N PHE C 429 -14.58 6.24 37.25
CA PHE C 429 -15.58 7.25 36.97
C PHE C 429 -16.87 6.99 37.74
N VAL C 430 -17.09 5.73 38.11
CA VAL C 430 -18.34 5.32 38.75
C VAL C 430 -17.99 4.54 40.01
N TYR C 431 -18.31 5.12 41.15
CA TYR C 431 -18.21 4.44 42.43
C TYR C 431 -19.62 4.15 42.92
N VAL C 432 -19.96 2.88 42.99
CA VAL C 432 -21.22 2.44 43.58
C VAL C 432 -20.92 1.75 44.89
N LYS C 433 -21.72 2.08 45.90
CA LYS C 433 -21.70 1.43 47.19
C LYS C 433 -23.14 1.17 47.60
N PRO C 434 -23.37 0.31 48.58
CA PRO C 434 -24.69 0.26 49.20
C PRO C 434 -24.91 1.50 50.05
N THR C 435 -26.17 1.81 50.27
CA THR C 435 -26.51 2.87 51.20
C THR C 435 -26.21 2.42 52.63
N MET C 436 -26.40 3.32 53.59
CA MET C 436 -26.38 2.93 54.98
C MET C 436 -27.62 2.10 55.25
N SER C 437 -27.70 1.46 56.42
CA SER C 437 -28.90 0.72 56.76
C SER C 437 -30.14 1.62 56.83
N ASP C 438 -29.95 2.94 56.85
CA ASP C 438 -31.05 3.88 56.82
C ASP C 438 -31.61 4.11 55.43
N GLY C 439 -31.01 3.53 54.41
CA GLY C 439 -31.46 3.71 53.05
C GLY C 439 -30.88 4.92 52.34
N THR C 440 -29.85 5.54 52.91
CA THR C 440 -29.14 6.63 52.25
C THR C 440 -27.66 6.36 52.42
N CYS C 441 -26.86 7.00 51.57
CA CYS C 441 -25.45 6.69 51.49
C CYS C 441 -24.68 7.69 52.36
N LYS C 442 -23.64 7.19 53.02
CA LYS C 442 -22.93 7.99 54.01
C LYS C 442 -22.26 9.20 53.37
N GLU C 443 -22.38 10.34 54.03
CA GLU C 443 -21.78 11.56 53.52
C GLU C 443 -20.26 11.51 53.66
N GLU C 444 -19.61 12.56 53.14
CA GLU C 444 -18.17 12.63 53.17
C GLU C 444 -17.72 14.04 52.84
N PHE C 445 -16.41 14.21 52.70
CA PHE C 445 -15.80 15.47 52.30
C PHE C 445 -14.56 15.18 51.48
N THR C 446 -14.17 16.15 50.66
CA THR C 446 -13.02 16.00 49.79
C THR C 446 -11.75 15.93 50.63
N VAL C 447 -10.61 15.67 49.97
CA VAL C 447 -9.32 15.82 50.62
C VAL C 447 -9.08 17.27 51.02
N ASN C 448 -9.63 18.21 50.25
CA ASN C 448 -9.64 19.60 50.69
C ASN C 448 -10.75 19.87 51.70
N GLY C 449 -11.66 18.91 51.88
CA GLY C 449 -12.77 19.05 52.79
C GLY C 449 -14.07 19.47 52.14
N ASP C 450 -14.05 19.83 50.86
CA ASP C 450 -15.26 20.22 50.16
C ASP C 450 -16.22 19.03 50.09
N PRO C 451 -17.49 19.28 49.80
CA PRO C 451 -18.44 18.17 49.66
C PRO C 451 -18.18 17.34 48.41
N VAL C 452 -18.89 16.23 48.29
CA VAL C 452 -18.92 15.44 47.06
C VAL C 452 -20.37 15.07 46.81
N LYS C 453 -20.71 14.89 45.53
CA LYS C 453 -22.07 14.56 45.16
C LYS C 453 -22.25 13.05 45.23
N LYS C 454 -23.43 12.62 45.66
CA LYS C 454 -23.77 11.20 45.75
C LYS C 454 -25.26 11.06 45.49
N VAL C 455 -25.64 10.14 44.61
CA VAL C 455 -27.03 10.02 44.20
C VAL C 455 -27.51 8.58 44.39
N ILE C 456 -28.83 8.43 44.38
CA ILE C 456 -29.45 7.10 44.40
C ILE C 456 -29.23 6.46 43.04
N CYS C 457 -29.31 5.14 43.00
CA CYS C 457 -28.79 4.42 41.85
C CYS C 457 -29.52 3.08 41.80
N THR C 458 -30.44 2.93 40.86
CA THR C 458 -31.36 1.79 40.86
C THR C 458 -30.70 0.59 40.20
N GLY C 459 -29.92 -0.17 40.98
CA GLY C 459 -29.22 -1.31 40.45
C GLY C 459 -29.91 -2.62 40.75
N PRO C 460 -30.33 -3.31 39.70
CA PRO C 460 -30.92 -4.65 39.85
C PRO C 460 -29.91 -5.79 39.81
N ASN C 461 -28.62 -5.48 39.82
CA ASN C 461 -27.58 -6.49 39.74
C ASN C 461 -27.05 -6.78 41.14
N ASP C 462 -27.94 -6.73 42.14
CA ASP C 462 -27.54 -7.01 43.52
C ASP C 462 -26.83 -8.35 43.64
N THR C 463 -27.05 -9.26 42.68
CA THR C 463 -26.28 -10.49 42.56
C THR C 463 -25.33 -10.32 41.38
N SER C 464 -24.07 -10.73 41.57
CA SER C 464 -23.07 -10.59 40.52
C SER C 464 -22.34 -11.91 40.31
N ARG C 469 -31.65 -11.97 41.10
CA ARG C 469 -32.96 -11.36 40.89
C ARG C 469 -33.35 -10.45 42.05
N HIS C 470 -32.63 -9.35 42.20
CA HIS C 470 -32.88 -8.40 43.28
C HIS C 470 -32.60 -6.99 42.79
N THR C 471 -33.63 -6.15 42.81
CA THR C 471 -33.55 -4.76 42.37
C THR C 471 -33.44 -3.89 43.61
N VAL C 472 -32.27 -3.29 43.83
CA VAL C 472 -31.98 -2.50 45.02
C VAL C 472 -31.53 -1.12 44.58
N PRO C 473 -32.04 -0.05 45.18
CA PRO C 473 -31.43 1.27 44.99
C PRO C 473 -30.24 1.44 45.93
N GLN C 474 -29.03 1.40 45.36
CA GLN C 474 -27.80 1.68 46.08
C GLN C 474 -27.44 3.15 45.89
N CYS C 475 -26.24 3.53 46.32
CA CYS C 475 -25.73 4.85 46.05
C CYS C 475 -24.60 4.77 45.03
N CYS C 476 -24.54 5.77 44.15
CA CYS C 476 -23.43 5.85 43.22
C CYS C 476 -23.07 7.30 42.97
N TYR C 477 -21.85 7.50 42.49
CA TYR C 477 -21.27 8.81 42.28
C TYR C 477 -20.02 8.63 41.42
N GLY C 478 -19.25 9.71 41.26
CA GLY C 478 -17.95 9.60 40.62
C GLY C 478 -17.72 10.74 39.65
N PHE C 479 -16.54 10.69 39.02
CA PHE C 479 -16.10 11.75 38.12
C PHE C 479 -17.17 12.08 37.09
N CYS C 480 -17.55 11.09 36.28
CA CYS C 480 -18.60 11.33 35.29
C CYS C 480 -19.87 11.84 35.95
N ILE C 481 -20.22 11.31 37.12
CA ILE C 481 -21.38 11.80 37.84
C ILE C 481 -21.19 13.27 38.19
N ASP C 482 -19.98 13.64 38.57
CA ASP C 482 -19.68 15.05 38.78
C ASP C 482 -19.96 15.86 37.53
N LEU C 483 -19.51 15.36 36.37
CA LEU C 483 -19.75 16.08 35.13
C LEU C 483 -21.24 16.21 34.85
N LEU C 484 -21.98 15.13 35.09
CA LEU C 484 -23.42 15.15 34.86
C LEU C 484 -24.09 16.19 35.74
N ILE C 485 -23.86 16.12 37.04
CA ILE C 485 -24.49 17.04 37.96
C ILE C 485 -24.07 18.48 37.65
N LYS C 486 -22.83 18.69 37.23
CA LYS C 486 -22.43 20.03 36.83
C LYS C 486 -23.24 20.51 35.65
N LEU C 487 -23.24 19.73 34.56
CA LEU C 487 -23.93 20.14 33.35
C LEU C 487 -25.42 20.33 33.58
N ALA C 488 -26.00 19.59 34.52
CA ALA C 488 -27.45 19.63 34.69
C ALA C 488 -27.96 21.05 34.91
N ARG C 489 -27.26 21.84 35.72
CA ARG C 489 -27.76 23.18 36.04
C ARG C 489 -27.85 24.08 34.82
N THR C 490 -27.18 23.74 33.73
CA THR C 490 -27.18 24.64 32.58
C THR C 490 -28.40 24.43 31.70
N MET C 491 -29.04 23.26 31.77
CA MET C 491 -30.20 22.96 30.94
C MET C 491 -31.38 22.45 31.76
N GLN C 492 -31.36 22.64 33.07
CA GLN C 492 -32.54 22.42 33.92
C GLN C 492 -33.03 20.98 33.82
N PHE C 493 -32.19 20.06 34.28
CA PHE C 493 -32.43 18.64 34.08
C PHE C 493 -33.17 18.03 35.26
N THR C 494 -34.16 17.22 34.95
CA THR C 494 -34.78 16.32 35.91
C THR C 494 -34.57 14.89 35.43
N TYR C 495 -34.22 13.98 36.33
CA TYR C 495 -33.70 12.72 35.85
C TYR C 495 -33.68 11.68 36.95
N GLU C 496 -33.87 10.43 36.53
CA GLU C 496 -33.58 9.26 37.34
C GLU C 496 -32.42 8.51 36.69
N VAL C 497 -31.74 7.68 37.46
CA VAL C 497 -30.54 7.01 37.01
C VAL C 497 -30.64 5.53 37.34
N HIS C 498 -30.10 4.70 36.46
CA HIS C 498 -30.21 3.25 36.56
C HIS C 498 -28.95 2.61 36.01
N LEU C 499 -28.92 1.29 36.04
CA LEU C 499 -27.73 0.52 35.69
C LEU C 499 -28.07 -0.51 34.61
N VAL C 500 -27.04 -1.26 34.22
CA VAL C 500 -27.10 -2.15 33.06
C VAL C 500 -27.61 -3.52 33.51
N ALA C 501 -28.61 -4.03 32.80
CA ALA C 501 -29.12 -5.36 33.09
C ALA C 501 -28.05 -6.43 32.84
N ASP C 502 -27.40 -6.37 31.68
CA ASP C 502 -26.35 -7.33 31.36
C ASP C 502 -24.97 -6.89 31.82
N GLY C 503 -24.86 -5.70 32.41
CA GLY C 503 -23.57 -5.24 32.91
C GLY C 503 -22.50 -5.07 31.86
N LYS C 504 -22.81 -5.31 30.59
CA LYS C 504 -21.86 -5.13 29.51
C LYS C 504 -22.37 -4.04 28.58
N PHE C 505 -21.45 -3.46 27.83
CA PHE C 505 -21.77 -2.32 26.96
C PHE C 505 -22.84 -2.69 25.95
N GLY C 506 -22.50 -3.56 25.02
CA GLY C 506 -23.42 -3.92 23.95
C GLY C 506 -22.81 -3.78 22.57
N THR C 507 -23.15 -4.70 21.67
CA THR C 507 -22.71 -4.64 20.28
C THR C 507 -23.66 -5.48 19.45
N GLN C 508 -23.83 -5.11 18.19
CA GLN C 508 -24.72 -5.85 17.32
C GLN C 508 -24.18 -7.26 17.08
N GLU C 509 -25.09 -8.21 16.93
CA GLU C 509 -24.72 -9.61 16.74
C GLU C 509 -25.90 -10.35 16.12
N ARG C 510 -25.59 -11.40 15.37
CA ARG C 510 -26.62 -12.18 14.71
C ARG C 510 -27.47 -12.93 15.75
N VAL C 511 -28.79 -12.90 15.55
CA VAL C 511 -29.72 -13.48 16.50
C VAL C 511 -30.84 -14.18 15.75
N GLN C 512 -31.48 -15.14 16.44
CA GLN C 512 -32.68 -15.83 15.94
C GLN C 512 -32.45 -16.48 14.58
N ASN C 513 -31.19 -16.86 14.29
CA ASN C 513 -30.82 -17.44 13.00
C ASN C 513 -31.21 -16.53 11.84
N SER C 514 -31.42 -15.25 12.13
CA SER C 514 -31.75 -14.25 11.14
C SER C 514 -30.64 -13.21 11.09
N ASN C 515 -30.39 -12.68 9.90
CA ASN C 515 -29.35 -11.68 9.71
C ASN C 515 -29.56 -10.42 10.56
N LYS C 516 -30.74 -10.27 11.16
CA LYS C 516 -31.00 -9.14 12.04
C LYS C 516 -30.00 -9.13 13.19
N LYS C 517 -29.21 -8.06 13.27
CA LYS C 517 -28.24 -7.91 14.34
C LYS C 517 -28.84 -7.12 15.49
N GLU C 518 -28.33 -7.39 16.69
CA GLU C 518 -28.87 -6.78 17.90
C GLU C 518 -27.75 -6.42 18.86
N TRP C 519 -27.90 -5.27 19.51
CA TRP C 519 -26.91 -4.77 20.46
C TRP C 519 -27.22 -5.24 21.87
N ASN C 520 -26.20 -5.77 22.55
CA ASN C 520 -26.41 -6.50 23.80
C ASN C 520 -26.25 -5.56 24.99
N GLY C 521 -27.26 -4.71 25.19
CA GLY C 521 -27.31 -3.92 26.41
C GLY C 521 -27.33 -2.42 26.23
N MET C 522 -26.39 -1.74 26.89
CA MET C 522 -26.42 -0.29 27.05
C MET C 522 -26.64 0.44 25.73
N MET C 523 -25.78 0.24 24.74
CA MET C 523 -26.00 0.83 23.44
C MET C 523 -27.42 0.55 22.95
N GLY C 524 -27.77 -0.73 22.86
CA GLY C 524 -29.13 -1.09 22.51
C GLY C 524 -30.14 -0.51 23.47
N GLU C 525 -29.82 -0.49 24.76
CA GLU C 525 -30.73 0.10 25.74
C GLU C 525 -31.08 1.53 25.39
N LEU C 526 -30.16 2.26 24.75
CA LEU C 526 -30.55 3.53 24.16
C LEU C 526 -31.39 3.30 22.91
N LEU C 527 -30.86 2.51 21.97
CA LEU C 527 -31.59 2.30 20.73
C LEU C 527 -32.94 1.64 20.97
N SER C 528 -33.09 0.88 22.05
CA SER C 528 -34.40 0.35 22.38
C SER C 528 -35.36 1.47 22.77
N GLY C 529 -34.88 2.45 23.53
CA GLY C 529 -35.75 3.46 24.08
C GLY C 529 -35.81 3.35 25.59
N GLN C 530 -35.39 2.20 26.11
CA GLN C 530 -35.32 2.01 27.56
C GLN C 530 -34.42 3.06 28.19
N ALA C 531 -33.38 3.48 27.47
CA ALA C 531 -32.57 4.60 27.90
C ALA C 531 -32.91 5.86 27.11
N ASP C 532 -32.29 6.97 27.51
CA ASP C 532 -32.46 8.25 26.83
C ASP C 532 -31.15 8.94 26.49
N MET C 533 -30.08 8.68 27.22
CA MET C 533 -28.79 9.33 26.98
C MET C 533 -27.73 8.57 27.75
N ILE C 534 -26.51 8.61 27.24
CA ILE C 534 -25.41 7.84 27.81
C ILE C 534 -24.24 8.77 28.08
N VAL C 535 -23.79 8.80 29.33
CA VAL C 535 -22.56 9.46 29.73
C VAL C 535 -21.72 8.43 30.46
N ALA C 536 -20.55 8.13 29.92
CA ALA C 536 -19.69 7.08 30.45
C ALA C 536 -18.37 7.15 29.72
N PRO C 537 -17.33 6.53 30.25
CA PRO C 537 -16.09 6.42 29.47
C PRO C 537 -16.28 5.46 28.33
N LEU C 538 -16.98 5.91 27.30
CA LEU C 538 -17.41 5.07 26.19
C LEU C 538 -16.64 5.47 24.93
N THR C 539 -16.23 4.47 24.16
CA THR C 539 -15.34 4.72 23.04
C THR C 539 -16.11 5.36 21.87
N ILE C 540 -15.36 5.83 20.88
CA ILE C 540 -15.91 6.31 19.63
C ILE C 540 -15.26 5.53 18.50
N ASN C 541 -16.05 5.16 17.50
CA ASN C 541 -15.55 4.38 16.37
C ASN C 541 -16.48 4.57 15.19
N ASN C 542 -15.93 4.36 13.99
CA ASN C 542 -16.73 4.48 12.78
C ASN C 542 -17.95 3.57 12.81
N GLU C 543 -17.86 2.44 13.50
CA GLU C 543 -19.00 1.53 13.56
C GLU C 543 -20.13 2.13 14.38
N ARG C 544 -19.87 2.49 15.64
CA ARG C 544 -20.93 2.91 16.53
C ARG C 544 -21.67 4.15 16.03
N ALA C 545 -21.02 4.99 15.22
CA ALA C 545 -21.69 6.18 14.73
C ALA C 545 -22.84 5.87 13.79
N GLN C 546 -22.91 4.65 13.27
CA GLN C 546 -23.89 4.31 12.25
C GLN C 546 -25.30 4.21 12.80
N TYR C 547 -25.48 4.14 14.12
CA TYR C 547 -26.82 4.05 14.68
C TYR C 547 -26.99 4.94 15.90
N ILE C 548 -26.09 5.88 16.13
CA ILE C 548 -26.11 6.72 17.32
C ILE C 548 -25.49 8.05 16.96
N GLU C 549 -25.64 9.02 17.85
CA GLU C 549 -25.06 10.34 17.65
C GLU C 549 -24.21 10.71 18.85
N PHE C 550 -22.94 11.02 18.60
CA PHE C 550 -21.99 11.35 19.64
C PHE C 550 -21.91 12.85 19.88
N SER C 551 -21.56 13.19 21.11
CA SER C 551 -21.18 14.54 21.48
C SER C 551 -19.79 14.82 20.94
N LYS C 552 -19.25 15.98 21.29
CA LYS C 552 -17.85 16.23 21.02
C LYS C 552 -16.99 15.42 21.99
N PRO C 553 -15.68 15.34 21.76
CA PRO C 553 -14.85 14.59 22.70
C PRO C 553 -14.60 15.40 23.96
N PHE C 554 -14.40 14.69 25.07
CA PHE C 554 -14.13 15.37 26.33
C PHE C 554 -13.05 14.70 27.17
N LYS C 555 -12.43 13.61 26.71
CA LYS C 555 -11.27 13.06 27.40
C LYS C 555 -10.49 12.20 26.42
N TYR C 556 -9.40 12.75 25.89
CA TYR C 556 -8.54 11.98 25.00
C TYR C 556 -7.85 10.87 25.79
N GLN C 557 -7.49 9.80 25.09
CA GLN C 557 -6.85 8.66 25.75
C GLN C 557 -6.27 7.72 24.70
N GLY C 558 -5.79 6.58 25.16
CA GLY C 558 -5.25 5.57 24.27
C GLY C 558 -5.14 4.23 24.97
N LEU C 559 -4.28 3.38 24.45
CA LEU C 559 -4.04 2.06 25.00
C LEU C 559 -2.60 1.98 25.49
N THR C 560 -2.37 1.18 26.52
CA THR C 560 -1.10 1.18 27.24
C THR C 560 -0.97 -0.12 28.03
N ILE C 561 0.24 -0.42 28.47
CA ILE C 561 0.57 -1.67 29.15
C ILE C 561 1.04 -1.35 30.57
N LEU C 562 0.55 -2.13 31.52
CA LEU C 562 0.91 -2.02 32.93
C LEU C 562 2.04 -2.98 33.25
N VAL C 563 2.97 -2.52 34.11
CA VAL C 563 4.11 -3.31 34.55
C VAL C 563 4.27 -3.09 36.04
N LYS C 564 4.98 -4.01 36.69
CA LYS C 564 5.37 -3.82 38.08
C LYS C 564 6.77 -3.21 38.14
N LYS C 565 6.99 -2.39 39.16
CA LYS C 565 8.30 -1.76 39.36
C LYS C 565 9.34 -2.81 39.70
N GLU C 566 10.58 -2.36 39.88
CA GLU C 566 11.73 -3.26 39.96
C GLU C 566 12.27 -3.46 41.38
N ILE C 567 12.01 -2.54 42.30
CA ILE C 567 12.64 -2.55 43.62
C ILE C 567 14.16 -2.60 43.43
N PRO C 568 14.79 -1.50 43.00
CA PRO C 568 16.14 -1.60 42.42
C PRO C 568 17.23 -2.04 43.39
N ARG C 569 17.10 -1.82 44.69
CA ARG C 569 18.22 -2.02 45.62
C ARG C 569 18.46 -3.51 45.82
N SER C 570 18.96 -4.16 44.76
CA SER C 570 19.24 -5.59 44.80
C SER C 570 20.50 -5.95 44.02
N THR C 571 21.51 -5.08 44.01
CA THR C 571 22.61 -5.24 43.06
C THR C 571 23.80 -6.03 43.62
N LEU C 572 24.34 -5.59 44.75
CA LEU C 572 25.61 -6.14 45.22
C LEU C 572 25.44 -7.45 45.97
N ASP C 573 26.46 -8.29 45.87
CA ASP C 573 26.50 -9.59 46.53
C ASP C 573 27.52 -9.66 47.65
N SER C 574 28.77 -9.28 47.37
CA SER C 574 29.86 -9.40 48.33
C SER C 574 30.85 -8.27 48.04
N PHE C 575 32.05 -8.41 48.60
CA PHE C 575 33.12 -7.46 48.35
C PHE C 575 34.38 -8.10 47.77
N MET C 576 34.64 -9.36 48.09
CA MET C 576 35.68 -10.10 47.39
C MET C 576 35.31 -10.39 45.94
N GLN C 577 34.13 -9.95 45.51
CA GLN C 577 33.59 -10.30 44.20
C GLN C 577 34.49 -9.94 43.02
N PRO C 578 34.95 -8.69 42.86
CA PRO C 578 35.54 -8.29 41.57
C PRO C 578 36.81 -9.03 41.20
N PHE C 579 37.54 -9.55 42.16
CA PHE C 579 38.67 -10.42 41.87
C PHE C 579 38.18 -11.82 41.58
N GLN C 580 39.10 -12.77 41.56
CA GLN C 580 38.80 -14.17 41.71
C GLN C 580 39.83 -14.77 42.68
N SER C 581 39.37 -15.76 43.46
CA SER C 581 40.17 -16.33 44.54
C SER C 581 41.63 -16.52 44.13
N THR C 582 41.85 -16.96 42.90
CA THR C 582 43.20 -17.13 42.37
C THR C 582 44.07 -15.93 42.69
N LEU C 583 43.68 -14.74 42.22
CA LEU C 583 44.48 -13.56 42.43
C LEU C 583 44.69 -13.28 43.91
N TRP C 584 43.65 -13.47 44.72
CA TRP C 584 43.79 -13.29 46.17
C TRP C 584 44.96 -14.10 46.70
N LEU C 585 44.89 -15.41 46.53
CA LEU C 585 45.94 -16.26 47.06
C LEU C 585 47.28 -15.94 46.43
N LEU C 586 47.31 -15.60 45.15
CA LEU C 586 48.57 -15.34 44.47
C LEU C 586 49.27 -14.13 45.08
N VAL C 587 48.54 -13.03 45.26
CA VAL C 587 49.18 -11.86 45.83
C VAL C 587 49.56 -12.12 47.29
N GLY C 588 48.73 -12.88 48.01
CA GLY C 588 49.10 -13.26 49.37
C GLY C 588 50.41 -14.01 49.41
N LEU C 589 50.67 -14.84 48.40
CA LEU C 589 51.95 -15.52 48.33
C LEU C 589 53.07 -14.54 47.97
N SER C 590 52.83 -13.70 46.96
CA SER C 590 53.90 -12.85 46.45
C SER C 590 54.38 -11.87 47.50
N VAL C 591 53.51 -11.45 48.41
CA VAL C 591 53.97 -10.53 49.45
C VAL C 591 55.02 -11.22 50.32
N HIS C 592 54.77 -12.46 50.74
CA HIS C 592 55.79 -13.20 51.48
C HIS C 592 57.03 -13.40 50.63
N VAL C 593 56.84 -13.59 49.32
CA VAL C 593 57.97 -13.76 48.42
C VAL C 593 58.92 -12.58 48.54
N VAL C 594 58.41 -11.38 48.25
CA VAL C 594 59.27 -10.20 48.31
C VAL C 594 59.74 -9.93 49.72
N ALA C 595 58.97 -10.33 50.73
CA ALA C 595 59.41 -10.18 52.12
C ALA C 595 60.72 -10.93 52.34
N VAL C 596 60.70 -12.25 52.14
CA VAL C 596 61.91 -13.02 52.36
C VAL C 596 63.01 -12.60 51.41
N MET C 597 62.66 -12.15 50.20
CA MET C 597 63.68 -11.61 49.30
C MET C 597 64.42 -10.46 49.95
N LEU C 598 63.66 -9.47 50.44
CA LEU C 598 64.27 -8.34 51.13
C LEU C 598 65.11 -8.80 52.30
N TYR C 599 64.61 -9.74 53.09
CA TYR C 599 65.35 -10.12 54.29
C TYR C 599 66.67 -10.80 53.92
N LEU C 600 66.63 -11.70 52.94
CA LEU C 600 67.87 -12.32 52.49
C LEU C 600 68.84 -11.31 51.90
N LEU C 601 68.35 -10.31 51.17
CA LEU C 601 69.25 -9.26 50.72
C LEU C 601 69.79 -8.48 51.91
N ASP C 602 69.01 -8.40 52.99
CA ASP C 602 69.45 -7.70 54.19
C ASP C 602 70.55 -8.44 54.93
N ARG C 603 70.49 -9.78 54.97
CA ARG C 603 71.52 -10.51 55.71
C ARG C 603 72.87 -10.43 55.00
N PHE C 604 72.88 -10.25 53.68
CA PHE C 604 74.12 -10.19 52.91
C PHE C 604 74.46 -8.74 52.59
N SER C 605 75.26 -8.14 53.46
CA SER C 605 75.73 -6.78 53.25
C SER C 605 76.81 -6.74 52.18
N THR C 623 66.08 -8.07 61.63
CA THR C 623 65.25 -7.15 60.87
C THR C 623 64.19 -7.91 60.11
N LEU C 624 64.21 -9.24 60.24
CA LEU C 624 63.39 -10.10 59.39
C LEU C 624 61.90 -9.81 59.58
N SER C 625 61.38 -10.06 60.78
CA SER C 625 59.95 -9.85 60.99
C SER C 625 59.58 -8.39 60.80
N SER C 626 60.48 -7.48 61.17
CA SER C 626 60.25 -6.06 60.91
C SER C 626 60.12 -5.80 59.43
N ALA C 627 60.99 -6.39 58.62
CA ALA C 627 60.92 -6.17 57.18
C ALA C 627 59.64 -6.74 56.59
N MET C 628 59.26 -7.94 57.04
CA MET C 628 57.98 -8.49 56.60
C MET C 628 56.83 -7.57 56.97
N TRP C 629 56.86 -7.03 58.19
CA TRP C 629 55.85 -6.05 58.58
C TRP C 629 55.81 -4.89 57.60
N PHE C 630 56.96 -4.26 57.38
CA PHE C 630 57.04 -3.16 56.43
C PHE C 630 56.36 -3.51 55.13
N SER C 631 56.75 -4.62 54.53
CA SER C 631 56.25 -4.93 53.21
C SER C 631 54.76 -5.25 53.24
N TRP C 632 54.37 -6.28 54.00
CA TRP C 632 52.97 -6.64 54.05
C TRP C 632 52.09 -5.53 54.58
N GLY C 633 52.67 -4.45 55.09
CA GLY C 633 51.88 -3.32 55.51
C GLY C 633 51.69 -2.32 54.40
N VAL C 634 52.77 -1.99 53.67
CA VAL C 634 52.68 -0.93 52.68
C VAL C 634 51.56 -1.17 51.69
N LEU C 635 51.07 -2.40 51.56
CA LEU C 635 49.87 -2.63 50.79
C LEU C 635 48.69 -1.88 51.38
N LEU C 636 48.42 -2.08 52.66
CA LEU C 636 47.20 -1.58 53.29
C LEU C 636 47.31 -0.15 53.76
N ASN C 637 48.27 0.61 53.23
CA ASN C 637 48.36 2.05 53.39
C ASN C 637 48.67 2.47 54.82
N SER C 638 48.80 1.54 55.76
CA SER C 638 49.09 1.93 57.13
C SER C 638 50.53 2.44 57.24
N GLY C 639 50.88 2.85 58.44
CA GLY C 639 52.21 3.38 58.68
C GLY C 639 52.93 2.66 59.80
N ILE C 640 52.43 1.49 60.16
CA ILE C 640 53.01 0.72 61.25
C ILE C 640 54.36 0.18 60.82
N GLY C 641 55.38 0.40 61.65
CA GLY C 641 56.70 -0.10 61.35
C GLY C 641 57.67 1.01 61.01
N GLU C 642 58.89 0.93 61.54
CA GLU C 642 59.88 1.97 61.33
C GLU C 642 61.00 1.53 60.41
N GLY C 643 60.93 0.33 59.85
CA GLY C 643 62.00 -0.19 59.05
C GLY C 643 62.27 0.60 57.80
N ALA C 644 63.22 0.11 57.03
CA ALA C 644 63.68 0.77 55.82
C ALA C 644 64.69 -0.15 55.13
N PRO C 645 65.02 0.12 53.88
CA PRO C 645 66.15 -0.58 53.27
C PRO C 645 67.47 0.02 53.73
N ARG C 646 68.41 -0.86 54.07
CA ARG C 646 69.76 -0.44 54.45
C ARG C 646 70.75 -0.52 53.31
N SER C 647 70.53 -1.43 52.36
CA SER C 647 71.41 -1.58 51.21
C SER C 647 71.05 -0.57 50.13
N PHE C 648 71.60 -0.77 48.94
CA PHE C 648 71.20 -0.04 47.75
C PHE C 648 70.14 -0.80 46.96
N SER C 649 70.32 -2.11 46.81
CA SER C 649 69.39 -2.91 46.03
C SER C 649 68.05 -3.08 46.74
N ALA C 650 68.03 -3.15 48.07
CA ALA C 650 66.77 -3.20 48.77
C ALA C 650 65.94 -1.96 48.49
N ARG C 651 66.58 -0.80 48.49
CA ARG C 651 65.91 0.42 48.11
C ARG C 651 65.41 0.34 46.67
N ILE C 652 66.28 -0.05 45.75
CA ILE C 652 65.86 -0.09 44.35
C ILE C 652 64.73 -1.08 44.13
N LEU C 653 64.54 -2.02 45.06
CA LEU C 653 63.44 -2.95 44.94
C LEU C 653 62.14 -2.39 45.52
N GLY C 654 62.22 -1.83 46.73
CA GLY C 654 61.03 -1.38 47.41
C GLY C 654 60.24 -0.36 46.61
N MET C 655 60.92 0.48 45.84
CA MET C 655 60.23 1.49 45.05
C MET C 655 59.22 0.85 44.13
N VAL C 656 59.68 -0.05 43.27
CA VAL C 656 58.75 -0.71 42.36
C VAL C 656 57.80 -1.62 43.11
N TRP C 657 58.19 -2.11 44.28
CA TRP C 657 57.21 -2.81 45.10
C TRP C 657 56.00 -1.92 45.36
N ALA C 658 56.24 -0.70 45.80
CA ALA C 658 55.13 0.21 46.09
C ALA C 658 54.41 0.64 44.81
N GLY C 659 55.17 0.82 43.73
CA GLY C 659 54.54 1.08 42.45
C GLY C 659 53.51 0.03 42.11
N PHE C 660 53.90 -1.24 42.19
CA PHE C 660 52.94 -2.32 42.03
C PHE C 660 51.78 -2.16 43.00
N ALA C 661 52.09 -1.87 44.25
CA ALA C 661 51.04 -1.77 45.27
C ALA C 661 49.94 -0.82 44.85
N MET C 662 50.30 0.33 44.29
CA MET C 662 49.30 1.29 43.88
C MET C 662 48.33 0.69 42.87
N ILE C 663 48.88 -0.03 41.89
CA ILE C 663 48.09 -0.59 40.79
C ILE C 663 46.96 -1.45 41.32
N ILE C 664 47.21 -2.21 42.38
CA ILE C 664 46.20 -3.15 42.85
C ILE C 664 44.94 -2.41 43.27
N VAL C 665 45.07 -1.50 44.23
CA VAL C 665 43.90 -0.77 44.70
C VAL C 665 43.30 0.06 43.57
N ALA C 666 44.15 0.57 42.66
CA ALA C 666 43.61 1.34 41.54
C ALA C 666 42.66 0.49 40.71
N SER C 667 43.18 -0.60 40.16
CA SER C 667 42.36 -1.55 39.42
C SER C 667 41.14 -1.97 40.21
N TYR C 668 41.28 -2.14 41.52
CA TYR C 668 40.12 -2.53 42.31
C TYR C 668 39.03 -1.48 42.20
N THR C 669 39.40 -0.21 42.38
CA THR C 669 38.43 0.86 42.19
C THR C 669 37.82 0.80 40.81
N ALA C 670 38.65 0.64 39.79
CA ALA C 670 38.14 0.64 38.43
C ALA C 670 37.10 -0.45 38.23
N ASN C 671 37.43 -1.68 38.63
CA ASN C 671 36.50 -2.79 38.46
C ASN C 671 35.21 -2.54 39.22
N LEU C 672 35.31 -2.17 40.51
CA LEU C 672 34.09 -2.00 41.28
C LEU C 672 33.24 -0.88 40.70
N ALA C 673 33.87 0.16 40.16
CA ALA C 673 33.10 1.16 39.45
C ALA C 673 32.38 0.54 38.26
N ALA C 674 33.10 -0.25 37.47
CA ALA C 674 32.49 -0.86 36.29
C ALA C 674 31.28 -1.71 36.67
N PHE C 675 31.34 -2.41 37.79
CA PHE C 675 30.22 -3.27 38.17
C PHE C 675 28.98 -2.46 38.52
N LEU C 676 29.09 -1.14 38.64
CA LEU C 676 27.95 -0.33 39.06
C LEU C 676 27.45 0.58 37.95
N VAL C 677 28.15 0.65 36.82
CA VAL C 677 27.72 1.46 35.69
C VAL C 677 26.95 0.63 34.66
N LEU C 678 27.45 -0.55 34.32
CA LEU C 678 26.69 -1.48 33.51
C LEU C 678 25.68 -2.26 34.34
N ASP C 679 25.46 -1.85 35.58
CA ASP C 679 24.43 -2.46 36.43
C ASP C 679 23.09 -1.93 35.98
N ARG C 680 22.65 -2.42 34.81
CA ARG C 680 21.35 -2.09 34.27
C ARG C 680 20.49 -3.33 34.27
N PRO C 681 19.55 -3.48 35.21
CA PRO C 681 18.82 -4.75 35.33
C PRO C 681 18.02 -5.09 34.08
N GLU C 682 17.16 -4.19 33.62
CA GLU C 682 16.35 -4.46 32.45
C GLU C 682 15.74 -3.16 31.95
N GLU C 683 15.48 -3.10 30.65
CA GLU C 683 14.75 -1.97 30.09
C GLU C 683 13.26 -2.28 30.08
N ARG C 684 12.47 -1.36 30.63
CA ARG C 684 11.02 -1.54 30.67
C ARG C 684 10.45 -1.59 29.26
N ILE C 685 9.48 -2.46 29.05
CA ILE C 685 8.91 -2.69 27.73
C ILE C 685 8.24 -1.41 27.24
N THR C 686 8.38 -1.13 25.96
CA THR C 686 7.94 0.13 25.38
C THR C 686 6.97 -0.17 24.24
N GLY C 687 5.69 0.10 24.48
CA GLY C 687 4.70 0.03 23.43
C GLY C 687 4.48 -1.37 22.88
N ILE C 688 3.54 -1.44 21.93
CA ILE C 688 3.29 -2.70 21.25
C ILE C 688 4.51 -3.15 20.47
N ASN C 689 5.22 -2.23 19.84
CA ASN C 689 6.23 -2.57 18.85
C ASN C 689 7.55 -2.99 19.47
N ASP C 690 7.60 -3.21 20.76
CA ASP C 690 8.79 -3.80 21.36
C ASP C 690 8.90 -5.24 20.89
N PRO C 691 9.86 -5.56 20.02
CA PRO C 691 9.84 -6.87 19.34
C PRO C 691 9.97 -8.07 20.26
N ARG C 692 10.21 -7.87 21.56
CA ARG C 692 10.00 -8.95 22.51
C ARG C 692 8.58 -9.47 22.40
N LEU C 693 7.64 -8.60 22.05
CA LEU C 693 6.27 -8.97 21.77
C LEU C 693 6.01 -9.12 20.27
N ARG C 694 6.99 -9.57 19.51
CA ARG C 694 6.71 -10.22 18.25
C ARG C 694 6.28 -11.65 18.49
N ASN C 695 7.05 -12.37 19.30
CA ASN C 695 6.68 -13.65 19.88
C ASN C 695 7.37 -13.77 21.22
N PRO C 696 6.62 -13.89 22.32
CA PRO C 696 7.21 -13.77 23.64
C PRO C 696 7.80 -15.08 24.14
N SER C 697 8.56 -14.96 25.22
CA SER C 697 9.15 -16.11 25.90
C SER C 697 8.21 -16.57 27.01
N ASP C 698 8.70 -17.45 27.88
CA ASP C 698 7.91 -17.93 29.01
C ASP C 698 8.12 -17.07 30.26
N LYS C 699 9.14 -16.20 30.25
CA LYS C 699 9.43 -15.33 31.38
C LYS C 699 8.72 -13.98 31.29
N PHE C 700 7.69 -13.86 30.46
CA PHE C 700 6.96 -12.59 30.33
C PHE C 700 5.55 -12.91 29.86
N ILE C 701 4.59 -12.85 30.78
CA ILE C 701 3.20 -13.17 30.50
C ILE C 701 2.43 -11.87 30.37
N TYR C 702 1.42 -11.87 29.51
CA TYR C 702 0.61 -10.68 29.25
C TYR C 702 -0.60 -11.11 28.43
N ALA C 703 -1.74 -10.49 28.72
CA ALA C 703 -2.96 -10.78 27.97
C ALA C 703 -3.96 -9.66 28.22
N THR C 704 -5.18 -9.86 27.73
CA THR C 704 -6.31 -8.96 27.97
C THR C 704 -7.35 -9.72 28.80
N VAL C 705 -8.45 -9.07 29.05
CA VAL C 705 -9.56 -9.68 29.78
C VAL C 705 -10.42 -10.43 28.77
N LYS C 706 -11.07 -11.50 29.24
CA LYS C 706 -11.92 -12.30 28.36
C LYS C 706 -13.01 -11.45 27.73
N GLN C 707 -13.02 -11.39 26.40
CA GLN C 707 -14.05 -10.72 25.60
C GLN C 707 -14.00 -9.20 25.70
N SER C 708 -12.87 -8.65 26.13
CA SER C 708 -12.72 -7.20 26.16
C SER C 708 -12.64 -6.65 24.74
N SER C 709 -13.38 -5.57 24.50
CA SER C 709 -13.53 -5.00 23.16
C SER C 709 -12.21 -4.58 22.53
N VAL C 710 -11.13 -4.50 23.31
CA VAL C 710 -9.83 -4.20 22.71
C VAL C 710 -9.44 -5.25 21.70
N ASP C 711 -9.81 -6.52 21.96
CA ASP C 711 -9.59 -7.60 21.01
C ASP C 711 -10.14 -7.27 19.64
N ILE C 712 -11.14 -6.39 19.57
CA ILE C 712 -11.72 -6.01 18.29
C ILE C 712 -10.67 -5.36 17.41
N TYR C 713 -9.85 -4.47 17.95
CA TYR C 713 -8.77 -3.96 17.14
C TYR C 713 -7.69 -5.00 16.90
N PHE C 714 -7.62 -6.03 17.74
CA PHE C 714 -6.70 -7.13 17.48
C PHE C 714 -7.05 -7.84 16.16
N ARG C 715 -8.24 -8.44 16.09
CA ARG C 715 -8.57 -9.23 14.92
C ARG C 715 -8.83 -8.37 13.69
N ARG C 716 -9.35 -7.16 13.86
CA ARG C 716 -9.58 -6.29 12.71
C ARG C 716 -8.30 -5.77 12.09
N GLN C 717 -7.17 -5.88 12.79
CA GLN C 717 -5.86 -5.52 12.27
C GLN C 717 -5.06 -6.79 12.01
N VAL C 718 -4.69 -7.00 10.74
CA VAL C 718 -4.17 -8.29 10.30
C VAL C 718 -2.89 -8.72 10.99
N GLU C 719 -2.12 -7.79 11.55
CA GLU C 719 -0.77 -8.13 11.97
C GLU C 719 -0.74 -8.93 13.26
N LEU C 720 -1.45 -8.49 14.30
CA LEU C 720 -1.25 -9.04 15.63
C LEU C 720 -1.82 -10.45 15.79
N SER C 721 -2.28 -11.06 14.70
CA SER C 721 -2.82 -12.40 14.75
C SER C 721 -1.92 -13.34 15.54
N THR C 722 -0.63 -13.37 15.20
CA THR C 722 0.32 -14.20 15.94
C THR C 722 0.27 -13.87 17.42
N MET C 723 0.45 -12.59 17.76
CA MET C 723 0.31 -12.17 19.15
C MET C 723 -1.03 -12.59 19.72
N TYR C 724 -2.10 -12.47 18.91
CA TYR C 724 -3.42 -12.88 19.36
C TYR C 724 -3.41 -14.32 19.84
N ARG C 725 -2.70 -15.21 19.13
CA ARG C 725 -2.55 -16.57 19.62
C ARG C 725 -1.84 -16.61 20.96
N HIS C 726 -0.71 -15.93 21.08
CA HIS C 726 0.00 -15.91 22.35
C HIS C 726 -0.78 -15.15 23.40
N MET C 727 -1.43 -14.05 23.01
CA MET C 727 -2.29 -13.35 23.95
C MET C 727 -3.40 -14.25 24.45
N GLU C 728 -3.86 -15.17 23.62
CA GLU C 728 -4.93 -16.08 24.03
C GLU C 728 -4.45 -17.12 25.03
N LYS C 729 -3.14 -17.12 25.32
CA LYS C 729 -2.58 -18.17 26.17
C LYS C 729 -3.18 -18.15 27.56
N HIS C 730 -2.96 -17.08 28.32
CA HIS C 730 -3.40 -17.02 29.71
C HIS C 730 -4.30 -15.83 29.96
N ASN C 731 -5.27 -15.61 29.07
CA ASN C 731 -6.19 -14.49 29.23
C ASN C 731 -6.89 -14.57 30.58
N TYR C 732 -6.60 -13.61 31.45
CA TYR C 732 -7.27 -13.52 32.73
C TYR C 732 -8.66 -12.94 32.52
N GLU C 733 -9.69 -13.73 32.82
CA GLU C 733 -11.05 -13.36 32.47
C GLU C 733 -11.63 -12.29 33.38
N SER C 734 -11.01 -12.02 34.52
CA SER C 734 -11.52 -11.05 35.49
C SER C 734 -10.71 -9.76 35.40
N ALA C 735 -11.35 -8.70 34.91
CA ALA C 735 -10.68 -7.42 34.80
C ALA C 735 -10.21 -6.91 36.14
N ALA C 736 -11.03 -7.04 37.19
CA ALA C 736 -10.62 -6.64 38.52
C ALA C 736 -9.55 -7.55 39.10
N GLU C 737 -9.21 -8.65 38.42
CA GLU C 737 -8.18 -9.56 38.89
C GLU C 737 -6.87 -9.45 38.14
N ALA C 738 -6.82 -8.70 37.04
CA ALA C 738 -5.54 -8.49 36.36
C ALA C 738 -4.59 -7.69 37.24
N ILE C 739 -5.13 -6.72 37.98
CA ILE C 739 -4.31 -5.98 38.93
C ILE C 739 -3.69 -6.92 39.93
N GLN C 740 -4.47 -7.84 40.47
CA GLN C 740 -3.91 -8.86 41.35
C GLN C 740 -2.92 -9.74 40.62
N ALA C 741 -3.19 -10.04 39.34
CA ALA C 741 -2.32 -10.92 38.56
C ALA C 741 -0.92 -10.35 38.47
N VAL C 742 -0.79 -9.05 38.24
CA VAL C 742 0.53 -8.43 38.31
C VAL C 742 0.95 -8.19 39.76
N ARG C 743 0.01 -8.05 40.69
CA ARG C 743 0.34 -7.87 42.09
C ARG C 743 0.85 -9.16 42.73
N ASP C 744 0.66 -10.30 42.07
CA ASP C 744 1.15 -11.59 42.55
C ASP C 744 2.44 -12.00 41.84
N ASN C 745 2.93 -11.17 40.94
CA ASN C 745 4.12 -11.40 40.13
C ASN C 745 3.94 -12.50 39.10
N LYS C 746 2.80 -13.18 39.10
CA LYS C 746 2.53 -14.16 38.05
C LYS C 746 2.46 -13.47 36.70
N LEU C 747 1.58 -12.48 36.58
CA LEU C 747 1.62 -11.56 35.46
C LEU C 747 2.59 -10.44 35.77
N HIS C 748 3.15 -9.84 34.73
CA HIS C 748 4.08 -8.74 34.92
C HIS C 748 3.64 -7.52 34.10
N ALA C 749 3.13 -7.77 32.90
CA ALA C 749 2.65 -6.71 32.03
C ALA C 749 1.25 -7.05 31.56
N PHE C 750 0.48 -6.02 31.22
CA PHE C 750 -0.94 -6.22 30.93
C PHE C 750 -1.43 -5.13 29.99
N ILE C 751 -2.16 -5.51 28.95
CA ILE C 751 -2.62 -4.57 27.93
C ILE C 751 -4.01 -4.08 28.30
N TRP C 752 -4.24 -2.78 28.16
CA TRP C 752 -5.51 -2.21 28.59
C TRP C 752 -5.57 -0.77 28.10
N ASP C 753 -6.62 -0.06 28.50
CA ASP C 753 -6.69 1.36 28.21
C ASP C 753 -5.94 2.17 29.26
N SER C 754 -5.62 3.40 28.90
CA SER C 754 -4.79 4.24 29.76
C SER C 754 -5.58 4.84 30.91
N ALA C 755 -6.69 5.53 30.59
CA ALA C 755 -7.33 6.42 31.54
C ALA C 755 -7.76 5.72 32.81
N VAL C 756 -7.70 4.40 32.87
CA VAL C 756 -7.86 3.71 34.14
C VAL C 756 -6.50 3.35 34.72
N LEU C 757 -5.55 2.98 33.87
CA LEU C 757 -4.23 2.64 34.37
C LEU C 757 -3.55 3.82 35.04
N GLU C 758 -3.45 4.95 34.35
CA GLU C 758 -2.79 6.12 34.93
C GLU C 758 -3.39 6.50 36.27
N PHE C 759 -4.60 6.05 36.55
CA PHE C 759 -5.14 6.13 37.90
C PHE C 759 -4.68 4.99 38.77
N GLU C 760 -4.53 3.79 38.20
CA GLU C 760 -4.19 2.62 39.00
C GLU C 760 -2.74 2.62 39.45
N ALA C 761 -1.84 3.19 38.65
CA ALA C 761 -0.44 3.25 39.04
C ALA C 761 -0.23 4.12 40.27
N SER C 762 -1.08 5.12 40.46
CA SER C 762 -0.89 6.09 41.52
C SER C 762 -1.51 5.66 42.84
N GLN C 763 -1.89 4.39 42.98
CA GLN C 763 -2.28 3.90 44.30
C GLN C 763 -1.05 3.62 45.15
N LYS C 764 -0.20 2.71 44.68
CA LYS C 764 1.12 2.48 45.26
C LYS C 764 2.13 2.48 44.12
N CYS C 765 3.25 3.16 44.34
CA CYS C 765 4.17 3.46 43.24
C CYS C 765 4.96 2.25 42.77
N ASP C 766 4.60 1.04 43.20
CA ASP C 766 5.26 -0.16 42.69
C ASP C 766 4.67 -0.62 41.37
N LEU C 767 3.54 -0.03 40.96
CA LEU C 767 2.89 -0.37 39.71
C LEU C 767 3.02 0.81 38.76
N VAL C 768 3.59 0.58 37.58
CA VAL C 768 3.97 1.66 36.68
C VAL C 768 3.42 1.38 35.29
N THR C 769 3.37 2.43 34.48
CA THR C 769 2.92 2.33 33.10
C THR C 769 4.12 2.10 32.17
N THR C 770 3.85 2.10 30.87
CA THR C 770 4.90 2.02 29.87
C THR C 770 5.00 3.25 28.99
N GLY C 771 4.12 4.23 29.18
CA GLY C 771 4.27 5.54 28.57
C GLY C 771 3.96 5.65 27.10
N GLU C 772 3.96 4.54 26.36
CA GLU C 772 3.72 4.60 24.92
C GLU C 772 2.22 4.52 24.63
N LEU C 773 1.71 5.54 23.95
CA LEU C 773 0.30 5.57 23.59
C LEU C 773 0.09 4.77 22.30
N PHE C 774 -1.01 4.03 22.25
CA PHE C 774 -1.18 2.98 21.27
C PHE C 774 -2.26 3.27 20.23
N PHE C 775 -3.38 3.87 20.63
CA PHE C 775 -4.55 3.99 19.76
C PHE C 775 -5.29 5.27 20.14
N ARG C 776 -5.22 6.28 19.28
CA ARG C 776 -5.68 7.62 19.64
C ARG C 776 -7.19 7.72 19.50
N SER C 777 -7.87 7.92 20.62
CA SER C 777 -9.30 8.19 20.62
C SER C 777 -9.70 8.70 21.99
N GLY C 778 -10.89 9.26 22.07
CA GLY C 778 -11.42 9.78 23.32
C GLY C 778 -12.90 9.48 23.46
N PHE C 779 -13.39 9.66 24.67
CA PHE C 779 -14.77 9.31 24.98
C PHE C 779 -15.69 10.47 24.62
N GLY C 780 -16.95 10.37 25.05
CA GLY C 780 -17.92 11.40 24.75
C GLY C 780 -19.27 11.03 25.34
N ILE C 781 -20.29 11.74 24.87
CA ILE C 781 -21.66 11.54 25.32
C ILE C 781 -22.48 11.09 24.12
N GLY C 782 -23.40 10.16 24.37
CA GLY C 782 -24.25 9.62 23.32
C GLY C 782 -25.71 9.98 23.53
N MET C 783 -26.36 10.40 22.46
CA MET C 783 -27.80 10.64 22.44
C MET C 783 -28.42 9.91 21.26
N ARG C 784 -29.67 9.53 21.42
CA ARG C 784 -30.42 8.99 20.31
C ARG C 784 -30.46 10.00 19.16
N LYS C 785 -30.66 9.49 17.95
CA LYS C 785 -30.38 10.26 16.75
C LYS C 785 -31.06 11.62 16.76
N ASP C 786 -30.24 12.67 16.82
CA ASP C 786 -30.69 14.05 16.70
C ASP C 786 -31.76 14.39 17.73
N SER C 787 -31.36 14.31 19.00
CA SER C 787 -32.16 14.87 20.07
C SER C 787 -32.29 16.37 19.88
N PRO C 788 -33.33 16.98 20.46
CA PRO C 788 -33.34 18.45 20.55
C PRO C 788 -32.14 18.99 21.30
N TRP C 789 -31.38 18.13 21.97
CA TRP C 789 -30.26 18.54 22.80
C TRP C 789 -28.91 18.07 22.26
N LYS C 790 -28.85 17.72 20.97
CA LYS C 790 -27.59 17.25 20.42
C LYS C 790 -26.64 18.42 20.17
N GLN C 791 -27.03 19.33 19.30
CA GLN C 791 -26.21 20.51 19.02
C GLN C 791 -26.17 21.48 20.19
N GLN C 792 -26.90 21.20 21.28
CA GLN C 792 -26.98 22.17 22.37
C GLN C 792 -25.92 21.92 23.43
N VAL C 793 -25.91 20.72 24.02
CA VAL C 793 -25.08 20.48 25.20
C VAL C 793 -23.61 20.42 24.84
N SER C 794 -23.29 20.04 23.61
CA SER C 794 -21.88 20.02 23.23
C SER C 794 -21.24 21.39 23.31
N LEU C 795 -22.02 22.45 23.08
CA LEU C 795 -21.46 23.79 23.24
C LEU C 795 -21.02 24.02 24.67
N SER C 796 -21.84 23.62 25.64
CA SER C 796 -21.42 23.67 27.03
C SER C 796 -20.19 22.83 27.27
N ILE C 797 -20.21 21.57 26.82
CA ILE C 797 -19.09 20.68 27.13
C ILE C 797 -17.80 21.21 26.56
N LEU C 798 -17.86 21.98 25.48
CA LEU C 798 -16.67 22.67 25.03
C LEU C 798 -16.34 23.83 25.95
N LYS C 799 -17.28 24.77 26.10
CA LYS C 799 -17.03 25.97 26.91
C LYS C 799 -16.61 25.61 28.32
N SER C 800 -17.31 24.67 28.95
CA SER C 800 -16.88 24.16 30.24
C SER C 800 -15.45 23.65 30.20
N HIS C 801 -15.04 23.03 29.10
CA HIS C 801 -13.68 22.56 29.01
C HIS C 801 -12.71 23.68 28.68
N GLU C 802 -13.22 24.88 28.42
CA GLU C 802 -12.34 25.99 28.11
C GLU C 802 -11.69 26.59 29.34
N ASN C 803 -12.38 26.69 30.47
CA ASN C 803 -11.81 27.44 31.58
C ASN C 803 -10.85 26.59 32.41
N GLY C 804 -11.37 25.70 33.24
CA GLY C 804 -10.51 24.78 33.96
C GLY C 804 -11.12 23.49 34.43
N PHE C 805 -12.39 23.24 34.08
CA PHE C 805 -13.20 22.29 34.83
C PHE C 805 -12.56 20.92 34.87
N MET C 806 -12.45 20.28 33.70
CA MET C 806 -12.01 18.90 33.66
C MET C 806 -10.62 18.73 34.27
N GLU C 807 -9.75 19.73 34.12
CA GLU C 807 -8.42 19.64 34.70
C GLU C 807 -8.49 19.53 36.21
N ASP C 808 -9.24 20.42 36.86
CA ASP C 808 -9.36 20.37 38.32
C ASP C 808 -10.05 19.09 38.76
N LEU C 809 -11.13 18.72 38.08
CA LEU C 809 -11.81 17.48 38.44
C LEU C 809 -10.87 16.29 38.34
N ASP C 810 -10.04 16.24 37.30
CA ASP C 810 -9.05 15.19 37.18
C ASP C 810 -8.09 15.20 38.35
N LYS C 811 -7.42 16.34 38.57
CA LYS C 811 -6.48 16.45 39.68
C LYS C 811 -7.12 16.04 40.99
N THR C 812 -8.44 16.15 41.08
CA THR C 812 -9.17 15.69 42.25
C THR C 812 -9.64 14.25 42.12
N TRP C 813 -9.43 13.61 40.98
CA TRP C 813 -9.92 12.24 40.85
C TRP C 813 -8.91 11.28 40.22
N VAL C 814 -7.95 11.81 39.47
CA VAL C 814 -6.96 10.93 38.86
C VAL C 814 -5.55 11.40 39.20
N ARG C 815 -5.39 12.06 40.35
CA ARG C 815 -4.09 12.52 40.82
C ARG C 815 -3.88 12.11 42.27
N TYR C 816 -4.48 11.00 42.67
CA TYR C 816 -4.29 10.51 44.03
C TYR C 816 -2.84 10.08 44.23
N GLN C 817 -2.21 10.62 45.28
CA GLN C 817 -0.85 10.30 45.68
C GLN C 817 0.20 10.89 44.75
N GLU C 818 -0.24 11.42 43.60
CA GLU C 818 0.57 12.29 42.74
C GLU C 818 2.02 11.81 42.59
N CYS C 819 2.20 10.50 42.50
CA CYS C 819 3.53 9.91 42.50
C CYS C 819 4.29 10.28 41.22
N ASP C 820 5.62 10.41 41.36
CA ASP C 820 6.49 10.60 40.22
C ASP C 820 6.89 9.24 39.63
N SER C 821 7.55 9.27 38.48
CA SER C 821 7.74 8.01 37.77
C SER C 821 8.94 7.22 38.25
N ARG C 822 10.14 7.67 37.92
CA ARG C 822 11.33 6.84 38.14
C ARG C 822 12.61 7.50 37.66
N SER C 823 13.73 6.82 37.93
CA SER C 823 14.99 7.03 37.22
C SER C 823 15.68 5.67 37.14
N ASN C 824 16.77 5.59 36.38
CA ASN C 824 17.62 4.41 36.48
C ASN C 824 18.43 4.54 37.76
N ALA C 825 17.89 4.00 38.84
CA ALA C 825 18.35 4.36 40.18
C ALA C 825 19.83 4.06 40.36
N PRO C 826 20.59 4.93 41.03
CA PRO C 826 21.98 4.61 41.35
C PRO C 826 22.12 3.49 42.36
N ALA C 827 21.03 3.10 43.02
CA ALA C 827 20.99 1.90 43.86
C ALA C 827 22.02 2.00 44.98
N THR C 828 21.78 2.96 45.88
CA THR C 828 22.62 3.11 47.06
C THR C 828 22.74 1.78 47.80
N LEU C 829 23.91 1.52 48.36
CA LEU C 829 24.19 0.24 48.98
C LEU C 829 23.58 0.17 50.36
N THR C 830 23.14 -1.03 50.73
CA THR C 830 22.63 -1.30 52.06
C THR C 830 23.66 -2.04 52.89
N CYS C 831 23.48 -2.00 54.20
CA CYS C 831 24.25 -2.90 55.07
C CYS C 831 24.03 -4.35 54.65
N GLU C 832 22.82 -4.67 54.23
CA GLU C 832 22.40 -6.05 53.95
C GLU C 832 23.23 -6.72 52.87
N ASN C 833 23.92 -5.97 52.01
CA ASN C 833 24.84 -6.58 51.06
C ASN C 833 26.26 -6.08 51.21
N MET C 834 26.54 -5.20 52.16
CA MET C 834 27.88 -4.68 52.37
C MET C 834 28.55 -5.28 53.58
N ALA C 835 27.79 -5.64 54.61
CA ALA C 835 28.32 -6.00 55.93
C ALA C 835 29.26 -7.20 55.91
N GLY C 836 29.46 -7.85 54.76
CA GLY C 836 30.33 -9.01 54.71
C GLY C 836 31.69 -8.77 55.34
N VAL C 837 32.24 -7.57 55.19
CA VAL C 837 33.51 -7.25 55.80
C VAL C 837 33.43 -7.27 57.32
N PHE C 838 32.26 -6.99 57.88
CA PHE C 838 32.15 -6.98 59.33
C PHE C 838 32.32 -8.37 59.92
N MET C 839 32.02 -9.41 59.15
CA MET C 839 32.39 -10.76 59.55
C MET C 839 33.89 -10.86 59.76
N LEU C 840 34.67 -10.33 58.80
CA LEU C 840 36.12 -10.33 58.98
C LEU C 840 36.53 -9.47 60.15
N VAL C 841 35.79 -8.39 60.41
CA VAL C 841 36.04 -7.58 61.60
C VAL C 841 35.94 -8.41 62.87
N ALA C 842 34.84 -9.14 63.02
CA ALA C 842 34.68 -9.98 64.20
C ALA C 842 35.73 -11.08 64.25
N GLY C 843 36.08 -11.63 63.10
CA GLY C 843 37.11 -12.66 63.05
C GLY C 843 38.44 -12.14 63.56
N GLY C 844 38.82 -10.93 63.14
CA GLY C 844 40.02 -10.31 63.68
C GLY C 844 39.87 -9.97 65.15
N ILE C 845 38.65 -9.65 65.59
CA ILE C 845 38.41 -9.41 67.00
C ILE C 845 38.79 -10.64 67.81
N VAL C 846 38.29 -11.81 67.40
CA VAL C 846 38.53 -13.01 68.20
C VAL C 846 39.93 -13.58 68.00
N ALA C 847 40.52 -13.42 66.80
CA ALA C 847 41.91 -13.79 66.62
C ALA C 847 42.81 -13.05 67.60
N GLY C 848 42.39 -11.87 68.06
CA GLY C 848 43.15 -11.17 69.08
C GLY C 848 43.32 -12.00 70.33
N ILE C 849 42.20 -12.42 70.94
CA ILE C 849 42.30 -13.23 72.14
C ILE C 849 42.92 -14.59 71.86
N PHE C 850 42.72 -15.14 70.65
CA PHE C 850 43.39 -16.40 70.35
C PHE C 850 44.89 -16.25 70.25
N LEU C 851 45.38 -15.06 69.91
CA LEU C 851 46.81 -14.82 69.86
C LEU C 851 47.37 -14.26 71.15
N ILE C 852 46.50 -13.78 72.05
CA ILE C 852 46.96 -13.04 73.22
C ILE C 852 47.92 -13.87 74.06
N PHE C 853 47.46 -15.01 74.58
CA PHE C 853 48.32 -15.82 75.43
C PHE C 853 49.50 -16.41 74.66
N ILE C 854 49.41 -16.46 73.33
CA ILE C 854 50.45 -17.10 72.53
C ILE C 854 51.79 -16.41 72.73
N GLU C 855 51.84 -15.09 72.45
CA GLU C 855 53.10 -14.38 72.56
C GLU C 855 53.58 -14.29 74.00
N ILE C 856 52.65 -14.15 74.96
CA ILE C 856 53.05 -14.12 76.36
C ILE C 856 53.74 -15.41 76.75
N ALA C 857 53.15 -16.56 76.39
CA ALA C 857 53.78 -17.83 76.68
C ALA C 857 55.10 -17.98 75.95
N TYR C 858 55.17 -17.54 74.69
CA TYR C 858 56.41 -17.66 73.93
C TYR C 858 57.52 -16.81 74.55
N LYS C 859 57.16 -15.69 75.17
CA LYS C 859 58.16 -14.94 75.93
C LYS C 859 58.52 -15.66 77.23
N ARG C 860 57.55 -16.29 77.87
CA ARG C 860 57.82 -17.05 79.09
C ARG C 860 58.50 -18.38 78.75
N HIS C 861 57.81 -19.22 77.97
CA HIS C 861 58.33 -20.54 77.64
C HIS C 861 59.44 -20.52 76.62
N LYS C 862 59.94 -19.34 76.25
CA LYS C 862 61.05 -19.23 75.31
C LYS C 862 61.65 -17.84 75.34
N ILE D 68 -54.16 -43.57 4.90
CA ILE D 68 -53.07 -44.43 4.46
C ILE D 68 -53.15 -44.62 2.97
N ALA D 69 -53.73 -43.64 2.29
CA ALA D 69 -53.91 -43.72 0.84
C ALA D 69 -52.58 -43.44 0.13
N VAL D 70 -52.39 -44.12 -1.00
CA VAL D 70 -51.18 -43.98 -1.80
C VAL D 70 -51.58 -43.72 -3.23
N ILE D 71 -51.18 -42.57 -3.76
CA ILE D 71 -51.47 -42.19 -5.14
C ILE D 71 -50.19 -42.31 -5.94
N LEU D 72 -50.30 -42.88 -7.15
CA LEU D 72 -49.17 -42.96 -8.06
C LEU D 72 -49.59 -42.47 -9.44
N VAL D 73 -48.74 -41.68 -10.06
CA VAL D 73 -48.95 -41.19 -11.42
C VAL D 73 -47.73 -41.56 -12.25
N GLY D 74 -47.95 -42.06 -13.45
CA GLY D 74 -46.87 -42.31 -14.39
C GLY D 74 -46.49 -43.77 -14.48
N THR D 75 -45.41 -44.01 -15.23
CA THR D 75 -44.91 -45.36 -15.46
C THR D 75 -44.07 -45.81 -14.28
N SER D 76 -44.52 -46.86 -13.59
CA SER D 76 -43.80 -47.34 -12.42
C SER D 76 -44.19 -48.79 -12.15
N ASP D 77 -43.32 -49.47 -11.39
CA ASP D 77 -43.56 -50.85 -10.99
C ASP D 77 -44.39 -50.88 -9.71
N GLU D 78 -45.60 -51.42 -9.79
CA GLU D 78 -46.52 -51.34 -8.67
C GLU D 78 -46.26 -52.41 -7.62
N VAL D 79 -46.38 -53.69 -8.01
CA VAL D 79 -46.38 -54.77 -7.05
C VAL D 79 -45.08 -54.84 -6.27
N ALA D 80 -43.94 -54.53 -6.90
CA ALA D 80 -42.67 -54.48 -6.19
C ALA D 80 -42.72 -53.49 -5.05
N ILE D 81 -43.47 -52.40 -5.22
CA ILE D 81 -43.69 -51.49 -4.10
C ILE D 81 -44.76 -52.03 -3.17
N LYS D 82 -45.70 -52.82 -3.70
CA LYS D 82 -46.77 -53.34 -2.87
C LYS D 82 -46.25 -54.30 -1.81
N ASP D 83 -45.23 -55.10 -2.14
CA ASP D 83 -44.68 -56.02 -1.16
C ASP D 83 -43.87 -55.31 -0.09
N ALA D 84 -43.55 -54.03 -0.29
CA ALA D 84 -42.70 -53.29 0.65
C ALA D 84 -43.36 -53.06 2.00
N HIS D 85 -44.61 -53.49 2.20
CA HIS D 85 -45.28 -53.33 3.48
C HIS D 85 -45.01 -54.48 4.43
N GLU D 86 -43.91 -55.21 4.23
CA GLU D 86 -43.59 -56.36 5.07
C GLU D 86 -43.11 -56.00 6.45
N LYS D 87 -42.99 -54.71 6.77
CA LYS D 87 -42.56 -54.26 8.08
C LYS D 87 -43.69 -53.63 8.90
N ASP D 88 -44.94 -53.81 8.46
CA ASP D 88 -46.07 -53.16 9.12
C ASP D 88 -46.77 -54.07 10.12
N ASP D 89 -46.84 -55.37 9.85
CA ASP D 89 -47.43 -56.30 10.81
C ASP D 89 -46.62 -56.37 12.10
N PHE D 90 -45.38 -55.91 12.08
CA PHE D 90 -44.54 -55.85 13.27
C PHE D 90 -44.73 -54.56 14.07
N HIS D 91 -45.81 -53.83 13.82
CA HIS D 91 -46.05 -52.57 14.52
C HIS D 91 -46.38 -52.85 15.99
N HIS D 92 -46.06 -51.89 16.87
CA HIS D 92 -46.30 -52.03 18.29
C HIS D 92 -47.50 -51.21 18.79
N LEU D 93 -48.33 -50.72 17.86
CA LEU D 93 -49.45 -49.88 18.21
C LEU D 93 -50.71 -50.72 18.42
N SER D 94 -51.85 -50.06 18.53
CA SER D 94 -53.14 -50.73 18.74
C SER D 94 -53.89 -50.97 17.44
N VAL D 95 -54.11 -49.92 16.65
CA VAL D 95 -54.80 -50.00 15.37
C VAL D 95 -53.85 -49.49 14.29
N VAL D 96 -53.84 -50.14 13.16
CA VAL D 96 -52.99 -49.80 12.03
C VAL D 96 -53.86 -49.77 10.77
N PRO D 97 -53.83 -48.71 9.98
CA PRO D 97 -54.65 -48.66 8.77
C PRO D 97 -54.06 -49.56 7.68
N ARG D 98 -54.85 -49.74 6.63
CA ARG D 98 -54.49 -50.58 5.50
C ARG D 98 -54.33 -49.72 4.25
N VAL D 99 -53.25 -49.93 3.52
CA VAL D 99 -53.01 -49.19 2.29
C VAL D 99 -54.12 -49.46 1.29
N GLU D 100 -54.51 -48.43 0.56
CA GLU D 100 -55.42 -48.57 -0.59
C GLU D 100 -54.73 -47.86 -1.74
N LEU D 101 -53.84 -48.56 -2.42
CA LEU D 101 -53.09 -47.96 -3.52
C LEU D 101 -53.99 -47.75 -4.71
N VAL D 102 -53.96 -46.55 -5.27
CA VAL D 102 -54.67 -46.22 -6.50
C VAL D 102 -53.71 -45.43 -7.38
N ALA D 103 -53.45 -45.94 -8.57
CA ALA D 103 -52.67 -45.18 -9.54
C ALA D 103 -53.56 -44.16 -10.22
N MET D 104 -52.95 -43.06 -10.64
CA MET D 104 -53.67 -42.02 -11.36
C MET D 104 -53.02 -41.82 -12.72
N ASN D 105 -53.85 -41.44 -13.70
CA ASN D 105 -53.45 -41.43 -15.09
C ASN D 105 -53.07 -40.03 -15.58
N GLU D 106 -53.96 -39.06 -15.44
CA GLU D 106 -53.70 -37.69 -15.87
C GLU D 106 -53.47 -36.81 -14.65
N THR D 107 -52.90 -35.63 -14.90
CA THR D 107 -52.54 -34.69 -13.84
C THR D 107 -53.55 -33.55 -13.71
N ASP D 108 -54.76 -33.71 -14.23
CA ASP D 108 -55.73 -32.64 -14.18
C ASP D 108 -56.17 -32.39 -12.75
N PRO D 109 -56.16 -31.13 -12.29
CA PRO D 109 -56.50 -30.86 -10.89
C PRO D 109 -57.89 -31.33 -10.50
N LYS D 110 -58.89 -31.12 -11.35
CA LYS D 110 -60.25 -31.57 -11.04
C LYS D 110 -60.26 -33.07 -10.78
N SER D 111 -59.73 -33.85 -11.73
CA SER D 111 -59.61 -35.27 -11.53
C SER D 111 -58.91 -35.58 -10.22
N ILE D 112 -57.82 -34.86 -9.93
CA ILE D 112 -57.03 -35.13 -8.74
C ILE D 112 -57.88 -35.01 -7.49
N ILE D 113 -58.47 -33.83 -7.29
CA ILE D 113 -59.23 -33.58 -6.07
C ILE D 113 -60.46 -34.49 -6.00
N THR D 114 -61.10 -34.73 -7.15
CA THR D 114 -62.24 -35.64 -7.16
C THR D 114 -61.85 -37.00 -6.63
N ARG D 115 -60.85 -37.63 -7.25
CA ARG D 115 -60.38 -38.93 -6.76
C ARG D 115 -59.95 -38.86 -5.30
N ILE D 116 -59.38 -37.73 -4.88
CA ILE D 116 -58.90 -37.62 -3.51
C ILE D 116 -60.06 -37.76 -2.52
N CYS D 117 -61.08 -36.93 -2.66
CA CYS D 117 -62.12 -37.08 -1.66
C CYS D 117 -63.05 -38.26 -1.96
N ASP D 118 -63.03 -38.80 -3.18
CA ASP D 118 -63.63 -40.10 -3.40
C ASP D 118 -62.96 -41.17 -2.57
N LEU D 119 -61.64 -41.09 -2.42
CA LEU D 119 -60.94 -41.96 -1.48
C LEU D 119 -61.35 -41.65 -0.05
N MET D 120 -61.40 -40.36 0.28
CA MET D 120 -61.82 -39.94 1.62
C MET D 120 -63.11 -40.64 2.02
N SER D 121 -64.11 -40.60 1.15
CA SER D 121 -65.35 -41.33 1.42
C SER D 121 -65.14 -42.84 1.32
N ASP D 122 -64.22 -43.28 0.47
CA ASP D 122 -64.11 -44.70 0.13
C ASP D 122 -63.42 -45.50 1.22
N ARG D 123 -62.57 -44.88 2.03
CA ARG D 123 -61.82 -45.61 3.03
C ARG D 123 -61.50 -44.68 4.20
N LYS D 124 -60.91 -45.25 5.24
CA LYS D 124 -60.52 -44.52 6.44
C LYS D 124 -59.28 -43.70 6.11
N ILE D 125 -59.49 -42.62 5.37
CA ILE D 125 -58.39 -41.79 4.92
C ILE D 125 -58.09 -40.76 5.99
N GLN D 126 -57.29 -41.14 6.98
CA GLN D 126 -56.75 -40.17 7.92
C GLN D 126 -55.45 -39.59 7.41
N GLY D 127 -54.86 -40.18 6.37
CA GLY D 127 -53.61 -39.70 5.82
C GLY D 127 -53.37 -40.19 4.41
N VAL D 128 -52.69 -39.36 3.61
CA VAL D 128 -52.49 -39.63 2.21
C VAL D 128 -51.05 -39.30 1.84
N VAL D 129 -50.53 -40.04 0.87
CA VAL D 129 -49.21 -39.80 0.30
C VAL D 129 -49.31 -39.94 -1.21
N PHE D 130 -48.60 -39.07 -1.91
CA PHE D 130 -48.69 -39.00 -3.36
C PHE D 130 -47.32 -39.14 -3.97
N ALA D 131 -47.27 -39.70 -5.19
CA ALA D 131 -46.02 -39.84 -5.91
C ALA D 131 -46.29 -39.88 -7.40
N ASP D 132 -45.42 -39.22 -8.17
CA ASP D 132 -45.51 -39.23 -9.62
C ASP D 132 -44.11 -39.26 -10.21
N ASP D 133 -44.02 -39.19 -11.53
CA ASP D 133 -42.75 -39.14 -12.24
C ASP D 133 -42.77 -38.13 -13.36
N THR D 134 -43.48 -37.03 -13.17
CA THR D 134 -43.74 -36.06 -14.23
C THR D 134 -43.23 -34.68 -13.82
N ASP D 135 -43.54 -33.68 -14.64
CA ASP D 135 -43.10 -32.30 -14.43
C ASP D 135 -44.33 -31.40 -14.30
N GLN D 136 -44.85 -31.32 -13.07
CA GLN D 136 -45.93 -30.40 -12.69
C GLN D 136 -45.71 -30.08 -11.21
N GLU D 137 -45.20 -28.88 -10.94
CA GLU D 137 -44.78 -28.57 -9.57
C GLU D 137 -45.90 -28.03 -8.70
N ALA D 138 -46.79 -27.19 -9.23
CA ALA D 138 -47.82 -26.54 -8.43
C ALA D 138 -48.81 -27.52 -7.80
N ILE D 139 -48.72 -28.81 -8.15
CA ILE D 139 -49.67 -29.80 -7.63
C ILE D 139 -49.78 -29.71 -6.11
N ALA D 140 -48.64 -29.58 -5.43
CA ALA D 140 -48.67 -29.38 -3.98
C ALA D 140 -49.50 -28.16 -3.62
N GLN D 141 -49.15 -26.99 -4.16
CA GLN D 141 -49.97 -25.80 -3.98
C GLN D 141 -51.43 -26.10 -4.24
N ILE D 142 -51.72 -27.05 -5.13
CA ILE D 142 -53.09 -27.53 -5.29
C ILE D 142 -53.56 -28.21 -4.02
N LEU D 143 -52.93 -29.33 -3.67
CA LEU D 143 -53.33 -30.04 -2.47
C LEU D 143 -53.17 -29.20 -1.23
N ASP D 144 -52.21 -28.26 -1.25
CA ASP D 144 -52.13 -27.28 -0.18
C ASP D 144 -53.50 -26.73 0.15
N PHE D 145 -54.20 -26.17 -0.83
CA PHE D 145 -55.54 -25.68 -0.58
C PHE D 145 -56.45 -26.79 -0.11
N ILE D 146 -56.34 -27.96 -0.75
CA ILE D 146 -57.06 -29.12 -0.25
C ILE D 146 -56.67 -29.39 1.20
N SER D 147 -55.37 -29.34 1.49
CA SER D 147 -54.94 -29.35 2.88
C SER D 147 -55.66 -28.29 3.70
N ALA D 148 -55.70 -27.06 3.19
CA ALA D 148 -56.39 -25.99 3.90
C ALA D 148 -57.85 -26.34 4.18
N GLN D 149 -58.45 -27.17 3.35
CA GLN D 149 -59.82 -27.62 3.57
C GLN D 149 -59.85 -28.92 4.36
N THR D 150 -59.17 -29.95 3.86
CA THR D 150 -59.26 -31.27 4.47
C THR D 150 -58.72 -31.29 5.89
N LEU D 151 -57.68 -30.50 6.16
CA LEU D 151 -56.95 -30.56 7.43
C LEU D 151 -56.51 -31.99 7.73
N THR D 152 -55.84 -32.60 6.75
CA THR D 152 -55.33 -33.95 6.79
C THR D 152 -53.92 -33.98 6.24
N PRO D 153 -53.04 -34.82 6.79
CA PRO D 153 -51.63 -34.77 6.38
C PRO D 153 -51.44 -35.15 4.91
N ILE D 154 -50.41 -34.56 4.29
CA ILE D 154 -50.01 -34.90 2.93
C ILE D 154 -48.48 -35.00 2.90
N LEU D 155 -47.97 -35.93 2.11
CA LEU D 155 -46.53 -36.12 1.94
C LEU D 155 -46.21 -36.12 0.46
N GLY D 156 -45.44 -35.13 0.03
CA GLY D 156 -44.94 -35.08 -1.33
C GLY D 156 -43.60 -35.76 -1.43
N ILE D 157 -43.55 -36.90 -2.12
CA ILE D 157 -42.38 -37.77 -1.98
C ILE D 157 -41.64 -37.99 -3.30
N HIS D 158 -42.35 -37.95 -4.43
CA HIS D 158 -41.71 -38.32 -5.68
C HIS D 158 -42.15 -37.38 -6.79
N GLY D 159 -41.34 -37.34 -7.86
CA GLY D 159 -41.66 -36.49 -8.99
C GLY D 159 -41.87 -35.05 -8.58
N GLY D 160 -42.88 -34.42 -9.17
CA GLY D 160 -43.25 -33.08 -8.77
C GLY D 160 -43.52 -32.94 -7.30
N SER D 161 -44.08 -33.99 -6.67
CA SER D 161 -44.34 -33.95 -5.24
C SER D 161 -43.07 -33.72 -4.43
N SER D 162 -41.91 -34.07 -4.97
CA SER D 162 -40.66 -33.78 -4.29
C SER D 162 -40.26 -32.31 -4.40
N MET D 163 -40.76 -31.59 -5.40
CA MET D 163 -40.27 -30.25 -5.65
C MET D 163 -40.71 -29.30 -4.55
N ILE D 164 -39.85 -28.32 -4.25
CA ILE D 164 -40.04 -27.47 -3.08
C ILE D 164 -40.82 -26.23 -3.44
N MET D 165 -41.39 -25.59 -2.41
CA MET D 165 -42.15 -24.37 -2.57
C MET D 165 -42.13 -23.62 -1.26
N ALA D 166 -42.27 -22.30 -1.33
CA ALA D 166 -42.22 -21.47 -0.14
C ALA D 166 -43.60 -20.99 0.27
N ASP D 167 -43.68 -20.44 1.49
CA ASP D 167 -44.88 -19.82 2.03
C ASP D 167 -46.05 -20.81 2.06
N LYS D 168 -45.87 -21.84 2.87
CA LYS D 168 -46.99 -22.70 3.22
C LYS D 168 -47.97 -21.91 4.08
N ASP D 169 -49.23 -22.32 4.04
CA ASP D 169 -50.24 -21.65 4.85
C ASP D 169 -50.15 -22.11 6.30
N GLU D 170 -50.61 -21.24 7.20
CA GLU D 170 -50.59 -21.56 8.62
C GLU D 170 -51.58 -22.65 9.00
N SER D 171 -52.53 -22.96 8.11
CA SER D 171 -53.51 -24.02 8.34
C SER D 171 -53.25 -25.21 7.42
N SER D 172 -51.99 -25.53 7.21
CA SER D 172 -51.58 -26.57 6.28
C SER D 172 -51.28 -27.86 7.03
N MET D 173 -51.22 -28.96 6.27
CA MET D 173 -50.86 -30.27 6.80
C MET D 173 -49.93 -31.04 5.87
N PHE D 174 -49.42 -30.41 4.83
CA PHE D 174 -48.58 -31.09 3.87
C PHE D 174 -47.11 -30.85 4.18
N PHE D 175 -46.27 -31.80 3.77
CA PHE D 175 -44.83 -31.68 3.87
C PHE D 175 -44.20 -32.35 2.67
N GLN D 176 -43.15 -31.75 2.14
CA GLN D 176 -42.47 -32.27 0.97
C GLN D 176 -41.22 -33.03 1.38
N PHE D 177 -40.86 -34.04 0.60
CA PHE D 177 -39.66 -34.80 0.84
C PHE D 177 -38.51 -34.19 0.03
N GLY D 178 -37.48 -33.73 0.72
CA GLY D 178 -36.38 -33.07 0.07
C GLY D 178 -35.63 -32.14 1.00
N PRO D 179 -34.63 -31.45 0.46
CA PRO D 179 -33.77 -30.62 1.30
C PRO D 179 -34.27 -29.19 1.39
N SER D 180 -33.92 -28.56 2.51
CA SER D 180 -34.30 -27.17 2.70
C SER D 180 -33.37 -26.26 1.91
N ILE D 181 -33.97 -25.20 1.35
CA ILE D 181 -33.21 -24.21 0.60
C ILE D 181 -31.95 -23.81 1.35
N GLU D 182 -32.10 -23.46 2.63
CA GLU D 182 -30.95 -23.05 3.43
C GLU D 182 -29.92 -24.17 3.54
N GLN D 183 -30.37 -25.40 3.81
CA GLN D 183 -29.43 -26.50 3.91
C GLN D 183 -28.75 -26.75 2.58
N GLN D 184 -29.47 -26.53 1.48
CA GLN D 184 -28.88 -26.69 0.16
C GLN D 184 -27.77 -25.68 -0.04
N ALA D 185 -28.04 -24.41 0.24
CA ALA D 185 -26.99 -23.40 0.14
C ALA D 185 -25.84 -23.70 1.09
N SER D 186 -26.13 -24.35 2.22
CA SER D 186 -25.07 -24.71 3.16
C SER D 186 -24.13 -25.73 2.53
N VAL D 187 -24.69 -26.79 1.95
CA VAL D 187 -23.86 -27.75 1.24
C VAL D 187 -23.13 -27.07 0.09
N MET D 188 -23.78 -26.09 -0.55
CA MET D 188 -23.12 -25.31 -1.58
C MET D 188 -21.86 -24.65 -1.06
N LEU D 189 -21.96 -23.96 0.08
CA LEU D 189 -20.80 -23.30 0.65
C LEU D 189 -19.75 -24.32 1.10
N ASN D 190 -20.18 -25.48 1.58
CA ASN D 190 -19.22 -26.51 1.93
C ASN D 190 -18.46 -26.99 0.71
N ILE D 191 -19.12 -27.04 -0.44
CA ILE D 191 -18.42 -27.34 -1.69
C ILE D 191 -17.45 -26.23 -2.03
N MET D 192 -17.91 -24.98 -2.02
CA MET D 192 -17.04 -23.84 -2.33
C MET D 192 -15.83 -23.80 -1.41
N GLU D 193 -15.97 -24.33 -0.20
CA GLU D 193 -14.84 -24.40 0.73
C GLU D 193 -13.91 -25.55 0.39
N GLU D 194 -14.45 -26.78 0.37
CA GLU D 194 -13.59 -27.96 0.20
C GLU D 194 -12.83 -27.90 -1.11
N TYR D 195 -13.52 -27.64 -2.21
CA TYR D 195 -12.85 -27.46 -3.48
C TYR D 195 -12.38 -26.03 -3.69
N ASP D 196 -12.43 -25.22 -2.63
CA ASP D 196 -11.58 -24.03 -2.51
C ASP D 196 -11.89 -22.96 -3.55
N TRP D 197 -13.15 -22.54 -3.60
CA TRP D 197 -13.54 -21.39 -4.41
C TRP D 197 -14.09 -20.32 -3.50
N TYR D 198 -13.67 -19.07 -3.73
CA TYR D 198 -13.93 -18.01 -2.76
C TYR D 198 -14.36 -16.70 -3.40
N ILE D 199 -14.71 -16.70 -4.68
CA ILE D 199 -15.25 -15.54 -5.36
C ILE D 199 -16.40 -16.02 -6.24
N PHE D 200 -17.61 -15.55 -5.96
CA PHE D 200 -18.79 -16.12 -6.59
C PHE D 200 -19.79 -15.03 -6.93
N SER D 201 -20.59 -15.31 -7.95
CA SER D 201 -21.77 -14.53 -8.32
C SER D 201 -23.01 -15.39 -8.10
N ILE D 202 -24.17 -14.73 -8.10
CA ILE D 202 -25.44 -15.42 -7.92
C ILE D 202 -26.50 -14.72 -8.76
N VAL D 203 -27.28 -15.51 -9.48
CA VAL D 203 -28.36 -15.00 -10.32
C VAL D 203 -29.57 -15.89 -10.14
N THR D 204 -30.76 -15.28 -10.07
CA THR D 204 -31.97 -15.96 -9.64
C THR D 204 -33.16 -15.46 -10.44
N THR D 205 -34.33 -15.99 -10.10
CA THR D 205 -35.63 -15.52 -10.55
C THR D 205 -36.54 -15.30 -9.34
N TYR D 206 -37.82 -15.07 -9.60
CA TYR D 206 -38.79 -14.73 -8.56
C TYR D 206 -39.51 -15.96 -8.01
N PHE D 207 -39.01 -17.16 -8.26
CA PHE D 207 -39.64 -18.36 -7.73
C PHE D 207 -39.71 -18.28 -6.21
N PRO D 208 -40.74 -18.90 -5.61
CA PRO D 208 -40.87 -18.89 -4.14
C PRO D 208 -39.59 -19.27 -3.42
N GLY D 209 -39.09 -18.35 -2.61
CA GLY D 209 -38.04 -18.67 -1.66
C GLY D 209 -36.68 -18.05 -1.94
N TYR D 210 -36.54 -17.33 -3.05
CA TYR D 210 -35.24 -16.80 -3.42
C TYR D 210 -34.71 -15.83 -2.37
N GLN D 211 -35.59 -15.04 -1.76
CA GLN D 211 -35.14 -14.10 -0.73
C GLN D 211 -34.56 -14.84 0.47
N ASP D 212 -35.18 -15.95 0.85
CA ASP D 212 -34.65 -16.73 1.97
C ASP D 212 -33.26 -17.28 1.62
N PHE D 213 -33.10 -17.81 0.42
CA PHE D 213 -31.78 -18.24 -0.04
C PHE D 213 -30.76 -17.10 0.09
N VAL D 214 -31.12 -15.93 -0.43
CA VAL D 214 -30.18 -14.80 -0.45
C VAL D 214 -29.79 -14.40 0.96
N ASN D 215 -30.77 -14.20 1.83
CA ASN D 215 -30.48 -13.76 3.19
C ASN D 215 -29.75 -14.83 3.97
N LYS D 216 -30.04 -16.11 3.71
CA LYS D 216 -29.29 -17.18 4.34
C LYS D 216 -27.82 -17.10 3.95
N ILE D 217 -27.55 -16.95 2.66
CA ILE D 217 -26.17 -16.81 2.20
C ILE D 217 -25.51 -15.61 2.87
N ARG D 218 -26.21 -14.48 2.91
CA ARG D 218 -25.63 -13.27 3.48
C ARG D 218 -25.29 -13.46 4.95
N SER D 219 -26.26 -13.84 5.77
CA SER D 219 -25.98 -14.07 7.18
C SER D 219 -24.99 -15.21 7.40
N THR D 220 -24.78 -16.07 6.41
CA THR D 220 -23.81 -17.14 6.57
C THR D 220 -22.40 -16.66 6.30
N ILE D 221 -22.21 -15.75 5.35
CA ILE D 221 -20.86 -15.32 5.03
C ILE D 221 -20.31 -14.32 6.03
N GLU D 222 -21.17 -13.50 6.63
CA GLU D 222 -20.74 -12.40 7.49
C GLU D 222 -20.69 -12.78 8.96
N ASN D 223 -20.46 -14.06 9.27
CA ASN D 223 -20.21 -14.53 10.63
C ASN D 223 -19.01 -15.46 10.66
N SER D 224 -18.00 -15.15 9.85
CA SER D 224 -16.78 -15.94 9.77
C SER D 224 -15.63 -15.01 9.41
N PHE D 225 -14.52 -15.58 8.96
CA PHE D 225 -13.30 -14.80 8.71
C PHE D 225 -12.70 -15.02 7.33
N VAL D 226 -12.95 -16.14 6.66
CA VAL D 226 -12.34 -16.39 5.35
C VAL D 226 -12.90 -15.38 4.35
N GLY D 227 -12.22 -15.24 3.22
CA GLY D 227 -12.60 -14.25 2.23
C GLY D 227 -13.79 -14.63 1.37
N TRP D 228 -14.99 -14.61 1.95
CA TRP D 228 -16.21 -14.77 1.17
C TRP D 228 -16.44 -13.49 0.37
N GLU D 229 -15.99 -13.48 -0.87
CA GLU D 229 -16.00 -12.28 -1.69
C GLU D 229 -16.97 -12.49 -2.87
N LEU D 230 -18.23 -12.12 -2.64
CA LEU D 230 -19.22 -12.18 -3.69
C LEU D 230 -18.85 -11.24 -4.82
N GLU D 231 -19.44 -11.48 -5.99
CA GLU D 231 -19.30 -10.57 -7.11
C GLU D 231 -20.56 -9.74 -7.31
N GLU D 232 -21.73 -10.38 -7.40
CA GLU D 232 -22.96 -9.65 -7.61
C GLU D 232 -24.15 -10.58 -7.40
N VAL D 233 -25.25 -10.02 -6.88
CA VAL D 233 -26.53 -10.69 -6.79
C VAL D 233 -27.41 -10.15 -7.91
N LEU D 234 -28.21 -11.01 -8.53
CA LEU D 234 -29.08 -10.58 -9.61
C LEU D 234 -30.43 -11.26 -9.50
N LEU D 235 -31.46 -10.57 -9.99
CA LEU D 235 -32.84 -11.02 -9.91
C LEU D 235 -33.55 -10.69 -11.23
N LEU D 236 -34.20 -11.69 -11.82
CA LEU D 236 -34.82 -11.56 -13.12
C LEU D 236 -36.23 -12.14 -13.12
N ASP D 237 -36.95 -11.87 -14.21
CA ASP D 237 -38.29 -12.41 -14.43
C ASP D 237 -38.22 -13.84 -14.95
N ASP D 244 -37.79 -9.97 -24.74
CA ASP D 244 -37.59 -8.54 -24.93
C ASP D 244 -36.12 -8.17 -24.76
N SER D 245 -35.27 -9.19 -24.69
CA SER D 245 -33.82 -9.03 -24.57
C SER D 245 -33.41 -8.28 -23.29
N LYS D 246 -34.35 -8.05 -22.39
CA LYS D 246 -34.00 -7.48 -21.09
C LYS D 246 -33.14 -8.44 -20.30
N ILE D 247 -33.63 -9.67 -20.13
CA ILE D 247 -32.86 -10.77 -19.57
C ILE D 247 -31.50 -10.89 -20.26
N GLN D 248 -31.46 -10.65 -21.57
CA GLN D 248 -30.23 -10.77 -22.34
C GLN D 248 -29.17 -9.78 -21.85
N ASN D 249 -29.45 -8.48 -21.99
CA ASN D 249 -28.54 -7.46 -21.51
C ASN D 249 -28.24 -7.59 -20.03
N GLN D 250 -29.20 -8.09 -19.25
CA GLN D 250 -28.95 -8.29 -17.82
C GLN D 250 -27.84 -9.31 -17.61
N LEU D 251 -28.04 -10.55 -18.06
CA LEU D 251 -27.02 -11.56 -17.84
C LEU D 251 -25.77 -11.34 -18.67
N LYS D 252 -25.76 -10.35 -19.57
CA LYS D 252 -24.53 -9.99 -20.23
C LYS D 252 -23.44 -9.51 -19.27
N LYS D 253 -23.72 -9.46 -17.97
CA LYS D 253 -22.91 -8.74 -17.00
C LYS D 253 -22.47 -9.63 -15.85
N LEU D 254 -21.93 -10.81 -16.15
CA LEU D 254 -21.34 -11.69 -15.16
C LEU D 254 -19.86 -11.89 -15.45
N GLN D 255 -19.02 -11.70 -14.43
CA GLN D 255 -17.58 -11.82 -14.55
C GLN D 255 -16.98 -12.69 -13.45
N SER D 256 -17.58 -13.84 -13.15
CA SER D 256 -17.07 -14.52 -11.97
C SER D 256 -16.37 -15.83 -12.32
N PRO D 257 -15.46 -16.28 -11.47
CA PRO D 257 -14.90 -17.63 -11.61
C PRO D 257 -15.79 -18.71 -11.03
N ILE D 258 -16.83 -18.33 -10.29
CA ILE D 258 -17.76 -19.27 -9.68
C ILE D 258 -19.15 -18.66 -9.75
N ILE D 259 -20.11 -19.41 -10.27
CA ILE D 259 -21.44 -18.91 -10.62
C ILE D 259 -22.49 -19.77 -9.95
N LEU D 260 -23.43 -19.14 -9.27
CA LEU D 260 -24.54 -19.81 -8.60
C LEU D 260 -25.84 -19.34 -9.22
N LEU D 261 -26.79 -20.27 -9.35
CA LEU D 261 -27.99 -20.03 -10.15
C LEU D 261 -29.22 -20.56 -9.42
N TYR D 262 -30.33 -19.85 -9.58
CA TYR D 262 -31.59 -20.28 -8.95
C TYR D 262 -32.72 -20.08 -9.97
N CYS D 263 -33.21 -21.18 -10.51
CA CYS D 263 -34.34 -21.19 -11.44
C CYS D 263 -34.96 -22.59 -11.42
N THR D 264 -35.77 -22.89 -12.42
CA THR D 264 -36.40 -24.19 -12.54
C THR D 264 -35.96 -24.87 -13.83
N LYS D 265 -36.48 -26.08 -14.06
CA LYS D 265 -36.10 -26.85 -15.23
C LYS D 265 -36.56 -26.19 -16.51
N GLU D 266 -37.76 -25.60 -16.50
CA GLU D 266 -38.34 -25.11 -17.75
C GLU D 266 -37.67 -23.83 -18.24
N GLU D 267 -37.47 -22.85 -17.35
CA GLU D 267 -36.73 -21.66 -17.75
C GLU D 267 -35.31 -21.98 -18.17
N ALA D 268 -34.75 -23.09 -17.65
CA ALA D 268 -33.33 -23.39 -17.83
C ALA D 268 -32.90 -23.33 -19.28
N THR D 269 -33.71 -23.86 -20.20
CA THR D 269 -33.31 -23.83 -21.61
C THR D 269 -33.16 -22.40 -22.11
N TYR D 270 -34.14 -21.54 -21.84
CA TYR D 270 -34.05 -20.16 -22.31
C TYR D 270 -32.89 -19.43 -21.64
N ILE D 271 -32.71 -19.64 -20.34
CA ILE D 271 -31.66 -18.92 -19.62
C ILE D 271 -30.30 -19.37 -20.13
N PHE D 272 -30.11 -20.67 -20.34
CA PHE D 272 -28.86 -21.16 -20.91
C PHE D 272 -28.64 -20.66 -22.31
N GLU D 273 -29.69 -20.61 -23.13
CA GLU D 273 -29.52 -20.08 -24.49
C GLU D 273 -29.07 -18.63 -24.44
N VAL D 274 -29.71 -17.82 -23.60
CA VAL D 274 -29.34 -16.40 -23.50
C VAL D 274 -27.91 -16.27 -23.00
N ALA D 275 -27.57 -16.97 -21.92
CA ALA D 275 -26.23 -16.90 -21.36
C ALA D 275 -25.18 -17.33 -22.37
N ASN D 276 -25.32 -18.54 -22.92
CA ASN D 276 -24.41 -19.03 -23.94
C ASN D 276 -24.30 -18.06 -25.10
N SER D 277 -25.39 -17.36 -25.43
CA SER D 277 -25.32 -16.34 -26.46
C SER D 277 -24.53 -15.14 -26.01
N VAL D 278 -24.47 -14.88 -24.70
CA VAL D 278 -23.76 -13.74 -24.18
C VAL D 278 -22.52 -14.12 -23.37
N GLY D 279 -22.43 -15.37 -22.90
CA GLY D 279 -21.27 -15.81 -22.15
C GLY D 279 -20.83 -17.19 -22.58
N LEU D 280 -19.75 -17.70 -21.99
CA LEU D 280 -19.18 -18.95 -22.43
C LEU D 280 -19.72 -20.13 -21.63
N THR D 281 -19.34 -21.31 -22.06
CA THR D 281 -19.76 -22.62 -21.58
C THR D 281 -18.60 -23.50 -21.14
N GLY D 282 -17.50 -23.52 -21.89
CA GLY D 282 -16.41 -24.43 -21.61
C GLY D 282 -15.49 -23.94 -20.50
N TYR D 283 -14.18 -24.07 -20.71
CA TYR D 283 -13.21 -23.66 -19.70
C TYR D 283 -13.23 -22.15 -19.53
N GLY D 284 -13.34 -21.69 -18.29
CA GLY D 284 -13.41 -20.27 -18.00
C GLY D 284 -14.54 -19.93 -17.05
N TYR D 285 -15.68 -20.62 -17.19
CA TYR D 285 -16.83 -20.46 -16.33
C TYR D 285 -17.19 -21.79 -15.71
N THR D 286 -18.06 -21.75 -14.71
CA THR D 286 -18.56 -22.96 -14.07
C THR D 286 -19.89 -22.63 -13.39
N TRP D 287 -20.86 -23.52 -13.53
CA TRP D 287 -22.25 -23.21 -13.19
C TRP D 287 -22.80 -24.22 -12.20
N ILE D 288 -23.47 -23.73 -11.17
CA ILE D 288 -24.01 -24.55 -10.09
C ILE D 288 -25.48 -24.19 -9.94
N VAL D 289 -26.30 -25.18 -9.62
CA VAL D 289 -27.75 -24.99 -9.50
C VAL D 289 -28.28 -25.87 -8.38
N PRO D 290 -29.51 -25.64 -7.94
CA PRO D 290 -30.14 -26.54 -6.97
C PRO D 290 -30.83 -27.70 -7.68
N SER D 291 -31.30 -28.66 -6.86
CA SER D 291 -31.81 -29.94 -7.36
C SER D 291 -33.01 -29.80 -8.28
N LEU D 292 -33.58 -28.61 -8.41
CA LEU D 292 -34.79 -28.42 -9.20
C LEU D 292 -34.53 -27.59 -10.44
N VAL D 293 -33.36 -27.78 -11.05
CA VAL D 293 -33.05 -27.15 -12.32
C VAL D 293 -32.81 -28.18 -13.42
N ALA D 294 -32.17 -29.30 -13.10
CA ALA D 294 -32.02 -30.36 -14.09
C ALA D 294 -33.23 -31.29 -14.11
N GLY D 295 -33.99 -31.37 -13.01
CA GLY D 295 -35.18 -32.19 -12.96
C GLY D 295 -34.90 -33.65 -13.17
N ASP D 296 -35.34 -34.18 -14.31
CA ASP D 296 -35.04 -35.56 -14.67
C ASP D 296 -33.57 -35.69 -15.07
N THR D 297 -32.87 -36.61 -14.41
CA THR D 297 -31.45 -36.81 -14.70
C THR D 297 -31.19 -37.25 -16.14
N ASP D 298 -32.18 -37.84 -16.79
CA ASP D 298 -31.97 -38.32 -18.15
C ASP D 298 -32.32 -37.27 -19.19
N THR D 299 -33.33 -36.44 -18.94
CA THR D 299 -33.72 -35.40 -19.89
C THR D 299 -32.60 -34.38 -20.00
N VAL D 300 -31.89 -34.39 -21.12
CA VAL D 300 -30.75 -33.50 -21.31
C VAL D 300 -31.09 -32.46 -22.37
N PRO D 301 -31.51 -31.26 -21.99
CA PRO D 301 -31.68 -30.19 -22.98
C PRO D 301 -30.34 -29.74 -23.53
N SER D 302 -30.40 -29.12 -24.71
CA SER D 302 -29.20 -28.84 -25.48
C SER D 302 -28.31 -27.79 -24.83
N GLU D 303 -28.84 -26.59 -24.60
CA GLU D 303 -28.02 -25.46 -24.17
C GLU D 303 -27.38 -25.68 -22.82
N PHE D 304 -27.65 -26.80 -22.16
CA PHE D 304 -27.02 -27.14 -20.90
C PHE D 304 -25.50 -27.06 -21.03
N PRO D 305 -24.84 -26.10 -20.38
CA PRO D 305 -23.38 -26.06 -20.43
C PRO D 305 -22.79 -27.30 -19.78
N THR D 306 -21.71 -27.80 -20.37
CA THR D 306 -21.07 -28.99 -19.82
C THR D 306 -20.46 -28.68 -18.46
N GLY D 307 -20.38 -29.70 -17.62
CA GLY D 307 -19.82 -29.51 -16.30
C GLY D 307 -20.78 -28.90 -15.29
N LEU D 308 -22.08 -29.03 -15.48
CA LEU D 308 -23.02 -28.62 -14.44
C LEU D 308 -22.81 -29.43 -13.18
N ILE D 309 -22.88 -28.75 -12.05
CA ILE D 309 -22.73 -29.38 -10.75
C ILE D 309 -23.93 -28.97 -9.90
N SER D 310 -24.51 -29.95 -9.21
CA SER D 310 -25.65 -29.64 -8.35
C SER D 310 -25.80 -30.72 -7.29
N VAL D 311 -26.81 -30.54 -6.46
CA VAL D 311 -27.09 -31.45 -5.36
C VAL D 311 -28.40 -32.14 -5.64
N SER D 312 -28.61 -33.29 -5.01
CA SER D 312 -29.92 -33.94 -5.06
C SER D 312 -30.00 -35.03 -3.99
N TYR D 313 -31.22 -35.41 -3.69
CA TYR D 313 -31.53 -36.62 -2.93
C TYR D 313 -32.39 -37.50 -3.83
N ASP D 314 -31.96 -37.62 -5.08
CA ASP D 314 -32.75 -38.16 -6.18
C ASP D 314 -33.08 -39.64 -6.02
N GLU D 315 -32.78 -40.24 -4.88
CA GLU D 315 -33.17 -41.62 -4.57
C GLU D 315 -32.49 -42.61 -5.51
N TRP D 316 -31.15 -42.57 -5.52
CA TRP D 316 -30.40 -43.52 -6.32
C TRP D 316 -30.31 -44.88 -5.63
N ASP D 317 -29.66 -44.91 -4.47
CA ASP D 317 -29.79 -46.09 -3.61
C ASP D 317 -31.09 -46.04 -2.83
N TYR D 318 -31.43 -44.87 -2.30
CA TYR D 318 -32.75 -44.64 -1.73
C TYR D 318 -33.83 -45.08 -2.71
N GLY D 319 -34.68 -46.00 -2.26
CA GLY D 319 -35.64 -46.63 -3.16
C GLY D 319 -36.96 -45.88 -3.19
N LEU D 320 -37.54 -45.80 -4.39
CA LEU D 320 -38.93 -45.37 -4.51
C LEU D 320 -39.85 -46.17 -3.59
N PRO D 321 -39.87 -47.52 -3.63
CA PRO D 321 -40.65 -48.25 -2.63
C PRO D 321 -40.12 -48.01 -1.22
N ALA D 322 -38.83 -47.79 -1.07
CA ALA D 322 -38.31 -47.41 0.24
C ALA D 322 -38.88 -46.08 0.69
N ARG D 323 -38.99 -45.10 -0.22
CA ARG D 323 -39.63 -43.84 0.14
C ARG D 323 -41.07 -44.07 0.57
N VAL D 324 -41.78 -44.94 -0.15
CA VAL D 324 -43.14 -45.29 0.24
C VAL D 324 -43.14 -45.84 1.67
N ARG D 325 -42.22 -46.75 1.96
CA ARG D 325 -42.11 -47.31 3.30
C ARG D 325 -41.85 -46.22 4.34
N ASP D 326 -40.99 -45.26 4.00
CA ASP D 326 -40.71 -44.17 4.92
C ASP D 326 -41.97 -43.38 5.23
N GLY D 327 -42.77 -43.11 4.21
CA GLY D 327 -44.03 -42.41 4.44
C GLY D 327 -44.98 -43.19 5.34
N ILE D 328 -45.15 -44.49 5.04
CA ILE D 328 -46.03 -45.30 5.86
C ILE D 328 -45.56 -45.33 7.30
N ALA D 329 -44.25 -45.47 7.50
CA ALA D 329 -43.71 -45.48 8.85
C ALA D 329 -43.94 -44.15 9.54
N ILE D 330 -43.71 -43.04 8.82
CA ILE D 330 -43.94 -41.72 9.40
C ILE D 330 -45.35 -41.61 9.92
N ILE D 331 -46.33 -41.92 9.06
CA ILE D 331 -47.73 -41.73 9.45
C ILE D 331 -48.11 -42.67 10.58
N THR D 332 -47.71 -43.94 10.49
CA THR D 332 -48.13 -44.90 11.51
C THR D 332 -47.50 -44.59 12.86
N THR D 333 -46.22 -44.19 12.87
CA THR D 333 -45.56 -43.81 14.11
C THR D 333 -46.17 -42.54 14.69
N ALA D 334 -46.53 -41.58 13.84
CA ALA D 334 -47.21 -40.39 14.34
C ALA D 334 -48.53 -40.76 14.98
N ALA D 335 -49.28 -41.67 14.36
CA ALA D 335 -50.54 -42.11 14.93
C ALA D 335 -50.31 -42.81 16.27
N SER D 336 -49.26 -43.63 16.37
CA SER D 336 -48.95 -44.29 17.63
C SER D 336 -48.62 -43.28 18.71
N ASP D 337 -47.82 -42.26 18.36
CA ASP D 337 -47.44 -41.25 19.35
C ASP D 337 -48.64 -40.45 19.83
N MET D 338 -49.48 -39.98 18.91
CA MET D 338 -50.65 -39.22 19.32
C MET D 338 -51.62 -40.07 20.12
N LEU D 339 -51.77 -41.35 19.74
CA LEU D 339 -52.60 -42.25 20.53
C LEU D 339 -51.98 -42.54 21.89
N SER D 340 -50.66 -42.40 22.02
CA SER D 340 -50.03 -42.55 23.33
C SER D 340 -50.32 -41.34 24.20
N GLU D 341 -50.12 -40.14 23.66
CA GLU D 341 -50.36 -38.94 24.45
C GLU D 341 -51.84 -38.57 24.48
N HIS D 342 -52.43 -38.30 23.32
CA HIS D 342 -53.80 -37.83 23.26
C HIS D 342 -54.82 -38.95 23.25
N SER D 343 -54.49 -40.11 22.66
CA SER D 343 -55.43 -41.22 22.51
C SER D 343 -56.72 -40.73 21.85
N PHE D 344 -56.57 -39.83 20.88
CA PHE D 344 -57.68 -39.15 20.24
C PHE D 344 -58.04 -39.89 18.96
N ILE D 345 -59.32 -40.24 18.82
CA ILE D 345 -59.83 -40.88 17.61
C ILE D 345 -60.18 -39.82 16.58
N PRO D 346 -59.43 -39.72 15.49
CA PRO D 346 -59.73 -38.69 14.47
C PRO D 346 -61.00 -39.03 13.72
N GLU D 347 -62.06 -38.30 14.02
CA GLU D 347 -63.34 -38.51 13.34
C GLU D 347 -63.26 -37.94 11.92
N PRO D 348 -63.34 -38.77 10.89
CA PRO D 348 -63.27 -38.25 9.52
C PRO D 348 -64.42 -37.31 9.24
N LYS D 349 -64.20 -36.43 8.26
CA LYS D 349 -65.16 -35.38 7.96
C LYS D 349 -66.46 -35.98 7.43
N SER D 350 -67.55 -35.23 7.62
CA SER D 350 -68.82 -35.62 7.05
C SER D 350 -68.72 -35.74 5.53
N SER D 351 -67.94 -34.88 4.90
CA SER D 351 -67.76 -34.93 3.45
C SER D 351 -66.53 -34.12 3.08
N CYS D 352 -66.22 -34.14 1.79
CA CYS D 352 -65.27 -33.23 1.17
C CYS D 352 -65.93 -31.99 0.60
N TYR D 353 -67.24 -32.04 0.34
CA TYR D 353 -67.95 -30.91 -0.24
C TYR D 353 -68.93 -30.23 0.71
N ASN D 354 -69.31 -30.88 1.81
CA ASN D 354 -70.26 -30.33 2.77
C ASN D 354 -69.59 -29.89 4.07
N THR D 355 -68.34 -29.44 3.99
CA THR D 355 -67.55 -29.15 5.19
C THR D 355 -67.91 -27.82 5.85
N HIS D 356 -68.62 -26.94 5.14
CA HIS D 356 -68.90 -25.61 5.68
C HIS D 356 -69.80 -25.64 6.91
N GLU D 357 -70.49 -26.75 7.17
CA GLU D 357 -71.37 -26.85 8.33
C GLU D 357 -70.76 -27.65 9.48
N LYS D 358 -69.85 -28.57 9.20
CA LYS D 358 -69.19 -29.40 10.21
C LYS D 358 -67.75 -28.98 10.45
N ARG D 359 -67.48 -27.67 10.50
CA ARG D 359 -66.13 -27.14 10.67
C ARG D 359 -65.80 -26.82 12.12
N ILE D 360 -66.36 -27.60 13.06
CA ILE D 360 -66.32 -27.22 14.47
C ILE D 360 -64.88 -27.25 15.01
N TYR D 361 -64.24 -28.41 14.98
CA TYR D 361 -63.00 -28.62 15.72
C TYR D 361 -61.87 -29.03 14.78
N GLN D 362 -60.64 -28.84 15.23
CA GLN D 362 -59.46 -29.22 14.47
C GLN D 362 -58.39 -29.73 15.43
N SER D 363 -58.11 -31.02 15.36
CA SER D 363 -57.10 -31.65 16.22
C SER D 363 -55.75 -31.55 15.52
N ASN D 364 -55.16 -30.36 15.58
CA ASN D 364 -53.86 -30.11 14.99
C ASN D 364 -52.72 -30.65 15.84
N MET D 365 -53.03 -31.47 16.85
CA MET D 365 -52.00 -32.05 17.72
C MET D 365 -50.98 -32.86 16.95
N LEU D 366 -51.31 -33.29 15.73
CA LEU D 366 -50.35 -34.00 14.91
C LEU D 366 -49.19 -33.11 14.49
N ASN D 367 -49.35 -31.78 14.58
CA ASN D 367 -48.21 -30.89 14.41
C ASN D 367 -47.14 -31.18 15.45
N ARG D 368 -47.54 -31.61 16.64
CA ARG D 368 -46.60 -32.01 17.67
C ARG D 368 -45.92 -33.34 17.36
N TYR D 369 -46.26 -33.96 16.24
CA TYR D 369 -45.69 -35.26 15.86
C TYR D 369 -44.87 -35.20 14.59
N LEU D 370 -45.36 -34.57 13.53
CA LEU D 370 -44.62 -34.45 12.28
C LEU D 370 -43.24 -33.85 12.48
N ILE D 371 -43.06 -33.04 13.52
CA ILE D 371 -41.74 -32.54 13.89
C ILE D 371 -40.86 -33.62 14.50
N ASN D 372 -41.39 -34.81 14.73
CA ASN D 372 -40.61 -35.86 15.39
C ASN D 372 -41.05 -37.21 14.82
N VAL D 373 -40.28 -37.70 13.85
CA VAL D 373 -40.48 -39.02 13.25
C VAL D 373 -39.10 -39.59 12.94
N THR D 374 -38.89 -40.86 13.27
CA THR D 374 -37.59 -41.50 13.11
C THR D 374 -37.77 -43.01 12.99
N PHE D 375 -37.38 -43.57 11.86
CA PHE D 375 -37.44 -45.01 11.64
C PHE D 375 -36.03 -45.56 11.47
N GLU D 376 -35.85 -46.81 11.91
CA GLU D 376 -34.57 -47.50 11.80
C GLU D 376 -33.45 -46.72 12.47
N GLY D 377 -33.78 -45.95 13.50
CA GLY D 377 -32.81 -45.07 14.11
C GLY D 377 -32.32 -43.96 13.19
N ARG D 378 -33.06 -43.66 12.13
CA ARG D 378 -32.70 -42.63 11.17
C ARG D 378 -33.71 -41.49 11.30
N ASP D 379 -33.21 -40.29 11.61
CA ASP D 379 -34.09 -39.18 11.95
C ASP D 379 -34.82 -38.66 10.72
N LEU D 380 -36.12 -38.42 10.88
CA LEU D 380 -36.92 -37.76 9.85
C LEU D 380 -37.59 -36.53 10.44
N SER D 381 -36.86 -35.78 11.26
CA SER D 381 -37.44 -34.62 11.91
C SER D 381 -37.76 -33.54 10.89
N PHE D 382 -38.76 -32.73 11.20
CA PHE D 382 -39.25 -31.69 10.31
C PHE D 382 -39.41 -30.38 11.06
N SER D 383 -38.93 -29.30 10.45
CA SER D 383 -39.11 -27.97 11.01
C SER D 383 -40.57 -27.56 10.83
N GLU D 384 -40.95 -26.44 11.47
CA GLU D 384 -42.30 -25.91 11.24
C GLU D 384 -42.50 -25.56 9.78
N ASP D 385 -41.46 -25.04 9.12
CA ASP D 385 -41.52 -24.89 7.67
C ASP D 385 -41.69 -26.24 7.00
N GLY D 386 -41.06 -27.28 7.53
CA GLY D 386 -41.22 -28.62 7.02
C GLY D 386 -40.08 -29.03 6.11
N TYR D 387 -39.12 -29.77 6.67
CA TYR D 387 -37.93 -30.18 5.95
C TYR D 387 -37.19 -31.22 6.75
N GLN D 388 -36.57 -32.17 6.05
CA GLN D 388 -35.81 -33.22 6.70
C GLN D 388 -34.64 -32.64 7.46
N MET D 389 -34.61 -32.86 8.77
CA MET D 389 -33.49 -32.38 9.58
C MET D 389 -32.19 -33.02 9.13
N HIS D 390 -32.25 -34.22 8.56
CA HIS D 390 -31.06 -34.93 8.10
C HIS D 390 -31.31 -35.48 6.71
N PRO D 391 -31.05 -34.70 5.67
CA PRO D 391 -31.18 -35.22 4.31
C PRO D 391 -29.88 -35.85 3.79
N LYS D 392 -29.97 -37.07 3.26
CA LYS D 392 -28.81 -37.74 2.66
C LYS D 392 -28.66 -37.19 1.24
N LEU D 393 -27.60 -36.41 1.06
CA LEU D 393 -27.45 -35.68 -0.19
C LEU D 393 -26.28 -36.22 -1.02
N VAL D 394 -26.35 -35.96 -2.33
CA VAL D 394 -25.29 -36.39 -3.24
C VAL D 394 -25.15 -35.34 -4.33
N ILE D 395 -23.90 -35.06 -4.69
CA ILE D 395 -23.59 -34.13 -5.75
C ILE D 395 -23.60 -34.88 -7.07
N ILE D 396 -24.09 -34.23 -8.12
CA ILE D 396 -23.97 -34.76 -9.47
C ILE D 396 -23.26 -33.73 -10.33
N LEU D 397 -22.55 -34.24 -11.33
CA LEU D 397 -21.75 -33.44 -12.24
C LEU D 397 -22.06 -33.85 -13.67
N LEU D 398 -22.23 -32.85 -14.54
CA LEU D 398 -22.43 -33.12 -15.95
C LEU D 398 -21.12 -33.57 -16.57
N ASN D 399 -21.00 -34.87 -16.82
CA ASN D 399 -19.85 -35.41 -17.54
C ASN D 399 -19.90 -34.92 -18.98
N LYS D 400 -18.77 -34.97 -19.68
CA LYS D 400 -18.74 -34.57 -21.07
C LYS D 400 -19.67 -35.45 -21.92
N GLU D 401 -19.97 -36.65 -21.45
CA GLU D 401 -20.84 -37.59 -22.16
C GLU D 401 -22.31 -37.27 -21.96
N ARG D 402 -22.64 -36.07 -21.47
CA ARG D 402 -24.02 -35.66 -21.22
C ARG D 402 -24.73 -36.66 -20.29
N LYS D 403 -24.21 -36.73 -19.06
CA LYS D 403 -24.82 -37.53 -18.02
C LYS D 403 -24.38 -36.96 -16.68
N TRP D 404 -24.98 -37.47 -15.61
CA TRP D 404 -24.68 -37.01 -14.27
C TRP D 404 -23.90 -38.09 -13.51
N GLU D 405 -23.07 -37.64 -12.57
CA GLU D 405 -22.10 -38.51 -11.93
C GLU D 405 -22.19 -38.35 -10.42
N ARG D 406 -22.28 -39.47 -9.71
CA ARG D 406 -22.28 -39.44 -8.25
C ARG D 406 -20.86 -39.16 -7.78
N VAL D 407 -20.52 -37.89 -7.66
CA VAL D 407 -19.15 -37.50 -7.36
C VAL D 407 -18.93 -37.43 -5.86
N GLY D 408 -19.90 -36.91 -5.12
CA GLY D 408 -19.69 -36.66 -3.71
C GLY D 408 -20.91 -36.95 -2.87
N LYS D 409 -20.64 -37.35 -1.64
CA LYS D 409 -21.67 -37.68 -0.66
C LYS D 409 -21.81 -36.56 0.37
N TRP D 410 -22.96 -36.55 1.04
CA TRP D 410 -23.19 -35.59 2.12
C TRP D 410 -24.09 -36.24 3.16
N LYS D 411 -23.61 -36.31 4.39
CA LYS D 411 -24.39 -36.83 5.50
C LYS D 411 -23.72 -36.39 6.80
N ASP D 412 -24.53 -36.34 7.86
CA ASP D 412 -24.05 -35.93 9.18
C ASP D 412 -23.40 -34.54 9.12
N LYS D 413 -24.02 -33.65 8.35
CA LYS D 413 -23.51 -32.29 8.17
C LYS D 413 -22.07 -32.29 7.65
N SER D 414 -21.70 -33.36 6.95
CA SER D 414 -20.35 -33.53 6.46
C SER D 414 -20.38 -33.87 4.97
N LEU D 415 -19.30 -33.53 4.28
CA LEU D 415 -19.20 -33.59 2.84
C LEU D 415 -17.99 -34.42 2.44
N GLN D 416 -18.17 -35.30 1.46
CA GLN D 416 -17.11 -36.15 0.95
C GLN D 416 -17.03 -36.02 -0.56
N MET D 417 -15.83 -35.77 -1.07
CA MET D 417 -15.58 -35.67 -2.50
C MET D 417 -14.35 -36.49 -2.86
N LYS D 418 -14.33 -37.01 -4.09
CA LYS D 418 -13.26 -37.90 -4.52
C LYS D 418 -12.14 -37.15 -5.22
N TYR D 419 -12.47 -36.37 -6.24
CA TYR D 419 -11.45 -35.65 -7.00
C TYR D 419 -10.85 -34.54 -6.15
N TYR D 420 -9.91 -33.82 -6.75
CA TYR D 420 -9.33 -32.65 -6.10
C TYR D 420 -9.26 -31.45 -7.00
N VAL D 421 -9.22 -31.65 -8.32
CA VAL D 421 -9.51 -30.62 -9.31
C VAL D 421 -10.17 -31.32 -10.50
N TRP D 422 -11.41 -30.97 -10.78
CA TRP D 422 -11.95 -31.66 -11.94
C TRP D 422 -11.47 -30.99 -13.22
N PRO D 423 -11.33 -31.73 -14.33
CA PRO D 423 -10.93 -31.16 -15.61
C PRO D 423 -11.98 -30.21 -16.18
N ASP D 434 -2.48 -25.12 -19.15
CA ASP D 434 -1.79 -23.99 -19.76
C ASP D 434 -1.18 -23.08 -18.71
N ASP D 435 -1.94 -22.82 -17.66
CA ASP D 435 -1.54 -21.93 -16.58
C ASP D 435 -1.78 -22.61 -15.23
N HIS D 436 -1.38 -23.87 -15.17
CA HIS D 436 -1.66 -24.77 -14.06
C HIS D 436 -0.39 -25.49 -13.64
N LEU D 437 0.69 -24.75 -13.48
CA LEU D 437 2.00 -25.35 -13.23
C LEU D 437 2.07 -25.85 -11.79
N SER D 438 2.20 -27.16 -11.62
CA SER D 438 2.33 -27.74 -10.30
C SER D 438 3.62 -27.25 -9.63
N ILE D 439 3.69 -27.45 -8.31
CA ILE D 439 4.76 -26.84 -7.52
C ILE D 439 4.89 -27.63 -6.23
N VAL D 440 6.09 -27.59 -5.64
CA VAL D 440 6.40 -28.41 -4.47
C VAL D 440 7.59 -27.80 -3.76
N THR D 441 7.70 -28.06 -2.45
CA THR D 441 8.70 -27.38 -1.62
C THR D 441 8.94 -28.18 -0.34
N LEU D 442 10.19 -28.22 0.12
CA LEU D 442 10.53 -28.87 1.37
C LEU D 442 10.11 -27.97 2.54
N GLU D 443 10.06 -28.55 3.75
CA GLU D 443 9.17 -28.00 4.76
C GLU D 443 9.49 -26.55 5.09
N GLU D 444 10.48 -26.30 5.96
CA GLU D 444 11.51 -25.28 5.77
C GLU D 444 12.11 -24.87 7.12
N ALA D 445 13.13 -24.02 7.07
CA ALA D 445 13.39 -23.00 8.07
C ALA D 445 12.24 -21.99 8.03
N PRO D 446 12.27 -20.91 8.84
CA PRO D 446 11.13 -19.98 8.82
C PRO D 446 10.67 -19.50 7.45
N PHE D 447 11.44 -19.72 6.38
CA PHE D 447 11.04 -19.22 5.07
C PHE D 447 9.71 -19.78 4.62
N VAL D 448 9.37 -21.00 5.02
CA VAL D 448 8.12 -21.63 4.64
C VAL D 448 7.59 -22.38 5.86
N ILE D 449 6.51 -21.88 6.45
CA ILE D 449 5.93 -22.46 7.65
C ILE D 449 4.67 -23.21 7.27
N VAL D 450 4.59 -24.47 7.68
CA VAL D 450 3.36 -25.20 7.53
C VAL D 450 2.44 -24.89 8.71
N GLU D 451 1.16 -25.17 8.55
CA GLU D 451 0.24 -25.09 9.67
C GLU D 451 -0.95 -26.00 9.41
N SER D 452 -1.53 -26.50 10.49
CA SER D 452 -2.65 -27.41 10.40
C SER D 452 -3.90 -26.69 9.91
N VAL D 453 -4.99 -27.40 9.86
CA VAL D 453 -6.25 -26.86 9.37
C VAL D 453 -7.08 -26.38 10.56
N ASP D 454 -7.82 -25.30 10.37
CA ASP D 454 -8.67 -24.80 11.43
C ASP D 454 -9.88 -25.71 11.58
N PRO D 455 -10.10 -26.28 12.77
CA PRO D 455 -11.21 -27.24 12.92
C PRO D 455 -12.59 -26.63 12.68
N LEU D 456 -12.70 -25.31 12.66
CA LEU D 456 -13.99 -24.66 12.44
C LEU D 456 -14.23 -24.35 10.97
N SER D 457 -13.26 -23.73 10.31
CA SER D 457 -13.43 -23.28 8.93
C SER D 457 -12.69 -24.15 7.93
N GLY D 458 -12.40 -25.38 8.28
CA GLY D 458 -11.78 -26.27 7.33
C GLY D 458 -10.33 -25.97 7.07
N THR D 459 -10.03 -25.44 5.87
CA THR D 459 -8.64 -25.38 5.41
C THR D 459 -7.77 -24.54 6.34
N CYS D 460 -8.01 -23.23 6.36
CA CYS D 460 -7.48 -22.29 7.36
C CYS D 460 -7.70 -20.86 6.94
N MET D 461 -7.04 -19.93 7.62
CA MET D 461 -7.35 -18.52 7.52
C MET D 461 -6.85 -17.94 6.20
N ARG D 462 -6.93 -16.61 6.09
CA ARG D 462 -6.57 -15.90 4.87
C ARG D 462 -5.05 -15.76 4.77
N ASN D 463 -4.63 -14.96 3.79
CA ASN D 463 -3.22 -14.64 3.53
C ASN D 463 -2.31 -15.87 3.65
N THR D 464 -2.78 -17.00 3.11
CA THR D 464 -2.03 -18.24 3.18
C THR D 464 -2.58 -19.21 2.15
N VAL D 465 -1.70 -19.76 1.32
CA VAL D 465 -2.12 -20.71 0.30
C VAL D 465 -2.20 -22.11 0.90
N PRO D 466 -3.23 -22.88 0.58
CA PRO D 466 -3.28 -24.26 1.06
C PRO D 466 -2.21 -25.12 0.42
N CYS D 467 -1.84 -26.19 1.12
CA CYS D 467 -0.86 -27.18 0.67
C CYS D 467 -1.34 -28.52 1.21
N GLN D 468 -1.94 -29.32 0.32
CA GLN D 468 -2.49 -30.62 0.68
C GLN D 468 -2.20 -31.59 -0.45
N LYS D 469 -2.09 -32.87 -0.12
CA LYS D 469 -1.84 -33.87 -1.14
C LYS D 469 -1.87 -35.25 -0.51
N ARG D 470 -1.90 -36.28 -1.37
CA ARG D 470 -1.80 -37.66 -0.93
C ARG D 470 -0.35 -37.92 -0.55
N ILE D 471 0.05 -37.28 0.55
CA ILE D 471 1.46 -37.22 0.92
C ILE D 471 1.94 -38.50 1.58
N ILE D 472 1.16 -39.05 2.51
CA ILE D 472 1.63 -40.19 3.29
C ILE D 472 0.47 -41.18 3.43
N SER D 473 0.81 -42.47 3.47
CA SER D 473 -0.18 -43.52 3.64
C SER D 473 0.45 -44.76 4.26
N TYR D 483 -4.94 -38.59 1.11
CA TYR D 483 -4.63 -37.17 1.03
C TYR D 483 -4.81 -36.49 2.37
N ILE D 484 -3.85 -35.66 2.74
CA ILE D 484 -3.84 -34.94 4.01
C ILE D 484 -3.52 -33.48 3.72
N LYS D 485 -3.98 -32.60 4.61
CA LYS D 485 -4.04 -31.17 4.36
C LYS D 485 -3.07 -30.38 5.22
N LYS D 486 -2.83 -29.15 4.81
CA LYS D 486 -2.20 -28.11 5.62
C LYS D 486 -2.31 -26.81 4.84
N CYS D 487 -1.84 -25.72 5.45
CA CYS D 487 -1.70 -24.49 4.69
C CYS D 487 -0.36 -23.85 5.00
N CYS D 488 0.27 -23.31 3.96
CA CYS D 488 1.67 -22.93 4.01
C CYS D 488 1.77 -21.41 3.90
N LYS D 489 2.30 -20.78 4.94
CA LYS D 489 2.49 -19.33 4.99
C LYS D 489 3.96 -19.01 5.22
N GLY D 490 4.43 -17.96 4.58
CA GLY D 490 5.81 -17.56 4.75
C GLY D 490 6.29 -16.68 3.61
N PHE D 491 7.61 -16.52 3.54
CA PHE D 491 8.22 -15.60 2.60
C PHE D 491 8.03 -16.06 1.16
N CYS D 492 8.56 -17.25 0.84
CA CYS D 492 8.36 -17.83 -0.48
C CYS D 492 6.90 -17.86 -0.89
N ILE D 493 5.99 -18.05 0.07
CA ILE D 493 4.56 -17.95 -0.22
C ILE D 493 4.23 -16.63 -0.88
N ASP D 494 4.57 -15.52 -0.21
CA ASP D 494 4.29 -14.20 -0.75
C ASP D 494 5.02 -13.94 -2.07
N ILE D 495 6.24 -14.45 -2.22
CA ILE D 495 6.93 -14.29 -3.48
C ILE D 495 6.14 -14.96 -4.60
N LEU D 496 5.72 -16.21 -4.37
CA LEU D 496 4.92 -16.92 -5.34
C LEU D 496 3.63 -16.18 -5.65
N LYS D 497 3.00 -15.58 -4.64
CA LYS D 497 1.75 -14.87 -4.88
C LYS D 497 1.96 -13.65 -5.75
N LYS D 498 2.97 -12.84 -5.44
CA LYS D 498 3.25 -11.68 -6.27
C LYS D 498 3.63 -12.08 -7.69
N ILE D 499 4.25 -13.24 -7.86
CA ILE D 499 4.54 -13.70 -9.22
C ILE D 499 3.26 -14.11 -9.93
N SER D 500 2.42 -14.91 -9.26
CA SER D 500 1.15 -15.32 -9.84
C SER D 500 0.27 -14.14 -10.19
N LYS D 501 0.47 -12.99 -9.54
CA LYS D 501 -0.25 -11.78 -9.92
C LYS D 501 0.10 -11.37 -11.35
N SER D 502 1.37 -11.06 -11.59
CA SER D 502 1.75 -10.43 -12.85
C SER D 502 1.72 -11.40 -14.02
N VAL D 503 1.77 -12.70 -13.74
CA VAL D 503 1.73 -13.70 -14.81
C VAL D 503 0.47 -14.53 -14.60
N LYS D 504 0.25 -15.54 -15.43
CA LYS D 504 -0.97 -16.32 -15.39
C LYS D 504 -1.00 -17.17 -14.12
N PHE D 505 -2.08 -17.92 -13.95
CA PHE D 505 -2.35 -18.61 -12.70
C PHE D 505 -1.36 -19.75 -12.46
N THR D 506 -1.39 -20.26 -11.24
CA THR D 506 -0.56 -21.39 -10.84
C THR D 506 -1.43 -22.63 -10.66
N TYR D 507 -0.80 -23.74 -10.36
CA TYR D 507 -1.49 -24.91 -9.83
C TYR D 507 -1.48 -24.84 -8.31
N ASP D 508 -1.83 -25.96 -7.67
CA ASP D 508 -1.84 -26.07 -6.23
C ASP D 508 -0.48 -26.55 -5.73
N LEU D 509 -0.42 -26.90 -4.46
CA LEU D 509 0.84 -27.14 -3.79
C LEU D 509 1.11 -28.64 -3.65
N TYR D 510 2.25 -28.94 -3.04
CA TYR D 510 2.74 -30.30 -2.96
C TYR D 510 3.92 -30.32 -2.00
N LEU D 511 4.05 -31.39 -1.24
CA LEU D 511 5.20 -31.58 -0.36
C LEU D 511 5.84 -32.92 -0.66
N VAL D 512 7.03 -33.13 -0.10
CA VAL D 512 7.93 -34.16 -0.60
C VAL D 512 7.97 -35.33 0.37
N THR D 513 8.24 -36.52 -0.17
CA THR D 513 8.38 -37.74 0.59
C THR D 513 9.82 -38.20 0.71
N ASN D 514 10.65 -38.00 -0.32
CA ASN D 514 12.02 -38.50 -0.28
C ASN D 514 12.85 -37.75 0.77
N GLY D 515 12.32 -36.65 1.31
CA GLY D 515 12.94 -35.95 2.41
C GLY D 515 14.19 -35.18 2.08
N LYS D 516 14.78 -35.40 0.91
CA LYS D 516 16.08 -34.80 0.59
C LYS D 516 15.88 -33.38 0.10
N HIS D 517 16.76 -32.49 0.53
CA HIS D 517 16.78 -31.11 0.10
C HIS D 517 17.34 -30.99 -1.31
N GLY D 518 17.51 -32.12 -1.99
CA GLY D 518 18.10 -32.10 -3.31
C GLY D 518 19.39 -32.89 -3.47
N LYS D 519 19.51 -34.00 -2.77
CA LYS D 519 20.71 -34.82 -2.84
C LYS D 519 20.64 -35.79 -4.03
N LYS D 520 21.82 -36.12 -4.56
CA LYS D 520 21.98 -37.06 -5.65
C LYS D 520 22.65 -38.33 -5.15
N ILE D 521 22.17 -39.47 -5.63
CA ILE D 521 22.71 -40.78 -5.28
C ILE D 521 22.50 -41.73 -6.45
N ASN D 522 23.57 -42.40 -6.87
CA ASN D 522 23.50 -43.42 -7.92
C ASN D 522 22.84 -42.88 -9.18
N GLY D 523 23.11 -41.62 -9.49
CA GLY D 523 22.41 -40.95 -10.57
C GLY D 523 20.94 -40.70 -10.31
N THR D 524 20.39 -41.24 -9.23
CA THR D 524 18.99 -41.07 -8.89
C THR D 524 18.89 -39.93 -7.88
N TRP D 525 18.79 -38.70 -8.38
CA TRP D 525 18.64 -37.56 -7.49
C TRP D 525 17.39 -37.73 -6.63
N ASN D 526 17.61 -37.84 -5.34
CA ASN D 526 16.52 -38.06 -4.40
C ASN D 526 16.09 -36.73 -3.80
N GLY D 527 14.80 -36.64 -3.47
CA GLY D 527 14.28 -35.48 -2.78
C GLY D 527 13.84 -34.32 -3.65
N MET D 528 14.22 -33.10 -3.24
CA MET D 528 13.59 -31.91 -3.79
C MET D 528 13.70 -31.85 -5.30
N ILE D 529 14.93 -31.73 -5.81
CA ILE D 529 15.10 -31.70 -7.26
C ILE D 529 14.65 -33.01 -7.87
N GLY D 530 14.82 -34.11 -7.13
CA GLY D 530 14.49 -35.42 -7.64
C GLY D 530 13.07 -35.54 -8.17
N GLU D 531 12.21 -34.58 -7.86
CA GLU D 531 10.85 -34.62 -8.34
C GLU D 531 10.61 -33.75 -9.57
N VAL D 532 11.56 -32.89 -9.92
CA VAL D 532 11.46 -32.11 -11.14
C VAL D 532 12.38 -32.64 -12.22
N VAL D 533 12.97 -33.81 -12.01
CA VAL D 533 13.65 -34.50 -13.10
C VAL D 533 12.70 -35.43 -13.83
N MET D 534 11.79 -36.08 -13.12
CA MET D 534 10.72 -36.85 -13.73
C MET D 534 9.58 -35.98 -14.22
N LYS D 535 9.74 -34.66 -14.13
CA LYS D 535 8.72 -33.69 -14.54
C LYS D 535 7.37 -33.96 -13.87
N ARG D 536 7.39 -34.62 -12.72
CA ARG D 536 6.18 -34.72 -11.91
C ARG D 536 5.74 -33.34 -11.43
N ALA D 537 6.69 -32.43 -11.27
CA ALA D 537 6.40 -31.04 -10.97
C ALA D 537 7.11 -30.17 -11.99
N TYR D 538 6.38 -29.20 -12.53
CA TYR D 538 6.96 -28.36 -13.58
C TYR D 538 8.10 -27.51 -13.02
N MET D 539 8.03 -27.17 -11.75
CA MET D 539 9.10 -26.45 -11.08
C MET D 539 8.88 -26.56 -9.58
N ALA D 540 9.80 -25.96 -8.81
CA ALA D 540 9.74 -26.04 -7.37
C ALA D 540 10.31 -24.77 -6.77
N VAL D 541 9.83 -24.43 -5.57
CA VAL D 541 10.26 -23.21 -4.89
C VAL D 541 10.56 -23.52 -3.43
N GLY D 542 10.85 -22.49 -2.66
CA GLY D 542 11.30 -22.65 -1.30
C GLY D 542 12.78 -22.31 -1.19
N SER D 543 13.28 -22.37 0.04
CA SER D 543 14.67 -22.01 0.26
C SER D 543 15.51 -23.14 -0.33
N LEU D 544 15.93 -22.96 -1.57
CA LEU D 544 16.76 -23.93 -2.27
C LEU D 544 18.05 -23.27 -2.68
N THR D 545 19.17 -23.90 -2.37
CA THR D 545 20.47 -23.31 -2.65
C THR D 545 20.76 -23.40 -4.15
N ILE D 546 21.97 -23.01 -4.52
CA ILE D 546 22.39 -22.97 -5.92
C ILE D 546 23.83 -23.42 -5.99
N ASN D 547 24.07 -24.57 -6.63
CA ASN D 547 25.38 -25.17 -6.69
C ASN D 547 25.75 -25.47 -8.13
N GLU D 548 26.85 -26.20 -8.33
CA GLU D 548 27.21 -26.67 -9.66
C GLU D 548 26.54 -27.98 -10.04
N GLU D 549 26.45 -28.92 -9.10
CA GLU D 549 25.82 -30.20 -9.41
C GLU D 549 24.34 -30.02 -9.76
N ARG D 550 23.61 -29.26 -8.95
CA ARG D 550 22.20 -29.04 -9.23
C ARG D 550 21.96 -28.24 -10.50
N SER D 551 22.93 -27.43 -10.91
CA SER D 551 22.70 -26.57 -12.07
C SER D 551 22.64 -27.34 -13.38
N GLU D 552 23.22 -28.53 -13.44
CA GLU D 552 23.30 -29.25 -14.71
C GLU D 552 21.96 -29.79 -15.17
N VAL D 553 21.14 -30.30 -14.26
CA VAL D 553 19.90 -30.97 -14.66
C VAL D 553 18.85 -29.96 -15.09
N VAL D 554 18.45 -29.09 -14.16
CA VAL D 554 17.43 -28.09 -14.43
C VAL D 554 18.09 -26.72 -14.42
N ASP D 555 17.31 -25.70 -14.76
CA ASP D 555 17.81 -24.34 -14.79
C ASP D 555 17.40 -23.59 -13.54
N PHE D 556 17.80 -22.32 -13.46
CA PHE D 556 17.54 -21.48 -12.30
C PHE D 556 16.97 -20.15 -12.74
N SER D 557 16.25 -19.51 -11.82
CA SER D 557 15.83 -18.14 -11.99
C SER D 557 17.02 -17.23 -11.73
N VAL D 558 16.77 -15.93 -11.71
CA VAL D 558 17.79 -15.02 -11.17
C VAL D 558 17.66 -14.98 -9.66
N PRO D 559 18.74 -15.09 -8.90
CA PRO D 559 18.60 -15.21 -7.45
C PRO D 559 18.20 -13.89 -6.82
N PHE D 560 17.56 -13.99 -5.65
CA PHE D 560 17.01 -12.81 -5.01
C PHE D 560 17.56 -12.54 -3.62
N ILE D 561 18.00 -13.56 -2.88
CA ILE D 561 18.60 -13.34 -1.57
C ILE D 561 20.02 -13.87 -1.59
N GLU D 562 20.97 -13.01 -1.26
CA GLU D 562 22.36 -13.43 -1.12
C GLU D 562 22.50 -14.42 0.01
N THR D 563 23.49 -15.30 -0.10
CA THR D 563 23.68 -16.35 0.89
C THR D 563 25.05 -16.97 0.73
N GLY D 564 25.49 -17.62 1.79
CA GLY D 564 26.74 -18.36 1.81
C GLY D 564 26.69 -19.35 2.93
N ILE D 565 27.87 -19.67 3.48
CA ILE D 565 27.97 -20.56 4.62
C ILE D 565 28.88 -19.89 5.65
N SER D 566 28.39 -19.76 6.88
CA SER D 566 29.09 -18.98 7.90
C SER D 566 29.23 -19.75 9.19
N VAL D 567 29.65 -19.07 10.25
CA VAL D 567 29.97 -19.71 11.52
C VAL D 567 29.06 -19.13 12.60
N MET D 568 28.64 -19.97 13.52
CA MET D 568 27.81 -19.58 14.66
C MET D 568 28.46 -20.08 15.94
N VAL D 569 28.47 -19.23 16.96
CA VAL D 569 29.02 -19.59 18.26
C VAL D 569 28.49 -18.60 19.28
N SER D 570 28.41 -19.03 20.54
CA SER D 570 28.04 -18.13 21.61
C SER D 570 29.09 -17.04 21.77
N ARG D 571 28.62 -15.83 22.06
CA ARG D 571 29.54 -14.72 22.32
C ARG D 571 30.20 -14.97 23.67
N SER D 572 31.39 -15.52 23.64
CA SER D 572 32.14 -15.76 24.88
C SER D 572 32.51 -14.43 25.51
N ASN D 573 32.27 -14.31 26.81
CA ASN D 573 32.68 -13.11 27.54
C ASN D 573 34.18 -12.92 27.36
N GLY D 574 34.96 -13.82 27.94
CA GLY D 574 36.32 -14.12 27.52
C GLY D 574 37.39 -13.07 27.74
N THR D 575 37.01 -11.79 27.81
CA THR D 575 38.02 -10.74 27.96
C THR D 575 37.36 -9.41 28.25
N VAL D 576 37.90 -8.69 29.21
CA VAL D 576 37.69 -7.26 29.33
C VAL D 576 38.92 -6.48 28.89
N SER D 577 40.12 -7.04 29.10
CA SER D 577 41.35 -6.46 28.58
C SER D 577 42.46 -7.48 28.66
N PRO D 578 43.23 -7.65 27.60
CA PRO D 578 44.43 -8.50 27.69
C PRO D 578 45.51 -7.82 28.51
N SER D 579 45.72 -6.53 28.25
CA SER D 579 46.66 -5.73 29.00
C SER D 579 46.12 -4.32 29.07
N ALA D 580 45.93 -3.81 30.29
CA ALA D 580 45.29 -2.52 30.50
C ALA D 580 46.11 -1.52 31.30
N PHE D 581 46.96 -1.98 32.22
CA PHE D 581 47.62 -1.08 33.15
C PHE D 581 48.30 0.09 32.45
N LEU D 582 48.97 -0.14 31.33
CA LEU D 582 49.70 0.91 30.67
C LEU D 582 48.85 1.70 29.68
N GLU D 583 47.74 1.13 29.24
CA GLU D 583 46.86 1.80 28.27
C GLU D 583 46.48 3.23 28.63
N PRO D 584 46.15 3.58 29.88
CA PRO D 584 45.53 4.89 30.13
C PRO D 584 46.44 6.08 29.96
N PHE D 585 47.68 5.91 29.49
CA PHE D 585 48.57 7.05 29.44
C PHE D 585 49.50 6.97 28.25
N SER D 586 49.86 8.15 27.73
CA SER D 586 50.91 8.25 26.73
C SER D 586 52.28 8.21 27.40
N ALA D 587 53.28 7.83 26.61
CA ALA D 587 54.64 7.80 27.13
C ALA D 587 55.16 9.18 27.50
N CYS D 588 54.47 10.24 27.10
CA CYS D 588 54.87 11.60 27.49
C CYS D 588 55.01 11.71 29.00
N VAL D 589 53.91 11.51 29.72
CA VAL D 589 53.85 11.92 31.11
C VAL D 589 54.81 11.10 31.97
N TRP D 590 55.10 9.87 31.57
CA TRP D 590 55.98 9.05 32.40
C TRP D 590 57.38 9.62 32.45
N VAL D 591 58.00 9.84 31.29
CA VAL D 591 59.30 10.50 31.27
C VAL D 591 59.22 11.92 31.79
N MET D 592 58.08 12.59 31.62
CA MET D 592 57.90 13.90 32.23
C MET D 592 58.10 13.83 33.73
N MET D 593 57.39 12.92 34.39
CA MET D 593 57.54 12.73 35.83
C MET D 593 58.96 12.38 36.21
N PHE D 594 59.63 11.55 35.40
CA PHE D 594 60.97 11.11 35.75
C PHE D 594 61.95 12.26 35.73
N VAL D 595 61.95 13.05 34.65
CA VAL D 595 62.83 14.21 34.60
C VAL D 595 62.46 15.20 35.68
N MET D 596 61.17 15.36 35.97
CA MET D 596 60.75 16.31 36.99
C MET D 596 61.27 15.92 38.36
N LEU D 597 61.12 14.67 38.75
CA LEU D 597 61.68 14.23 40.02
C LEU D 597 63.20 14.34 40.02
N LEU D 598 63.84 13.95 38.91
CA LEU D 598 65.30 13.98 38.84
C LEU D 598 65.86 15.38 38.99
N ILE D 599 65.09 16.41 38.62
CA ILE D 599 65.58 17.76 38.82
C ILE D 599 65.14 18.36 40.15
N VAL D 600 63.91 18.10 40.58
CA VAL D 600 63.46 18.67 41.84
C VAL D 600 64.20 18.09 43.03
N SER D 601 64.66 16.85 42.93
CA SER D 601 65.54 16.33 43.98
C SER D 601 66.79 17.18 44.11
N ALA D 602 67.41 17.51 42.99
CA ALA D 602 68.60 18.36 43.03
C ALA D 602 68.27 19.73 43.59
N VAL D 603 67.13 20.29 43.19
CA VAL D 603 66.74 21.59 43.73
C VAL D 603 66.52 21.51 45.24
N ALA D 604 65.99 20.39 45.72
CA ALA D 604 65.81 20.23 47.16
C ALA D 604 67.14 20.17 47.87
N VAL D 605 68.10 19.41 47.33
CA VAL D 605 69.42 19.35 47.92
C VAL D 605 70.05 20.74 47.95
N PHE D 606 69.91 21.49 46.86
CA PHE D 606 70.62 22.73 46.69
C PHE D 606 69.80 23.95 47.10
N VAL D 607 68.66 23.73 47.76
CA VAL D 607 67.99 24.78 48.50
C VAL D 607 68.31 24.52 49.97
N PHE D 608 68.72 23.30 50.26
CA PHE D 608 69.15 22.91 51.60
C PHE D 608 70.58 23.35 51.90
N GLU D 609 71.29 23.92 50.93
CA GLU D 609 72.63 24.43 51.21
C GLU D 609 72.60 25.67 52.08
N TYR D 610 71.48 26.40 52.05
CA TYR D 610 71.34 27.60 52.86
C TYR D 610 70.15 27.47 53.81
N PHE D 631 71.87 10.31 53.90
CA PHE D 631 70.98 10.95 54.86
C PHE D 631 70.05 11.93 54.17
N THR D 632 70.65 12.76 53.30
CA THR D 632 69.88 13.80 52.61
C THR D 632 69.55 13.42 51.18
N ILE D 633 70.55 13.12 50.36
CA ILE D 633 70.34 12.97 48.92
C ILE D 633 69.57 11.69 48.62
N GLY D 634 70.13 10.53 48.98
CA GLY D 634 69.49 9.28 48.65
C GLY D 634 68.14 9.14 49.31
N LYS D 635 68.08 9.36 50.62
CA LYS D 635 66.80 9.33 51.32
C LYS D 635 65.82 10.32 50.73
N ALA D 636 66.30 11.46 50.26
CA ALA D 636 65.40 12.46 49.69
C ALA D 636 64.73 11.93 48.43
N ILE D 637 65.52 11.41 47.50
CA ILE D 637 64.90 10.83 46.31
C ILE D 637 63.99 9.68 46.71
N TRP D 638 64.38 8.90 47.71
CA TRP D 638 63.52 7.81 48.17
C TRP D 638 62.14 8.33 48.56
N LEU D 639 62.12 9.30 49.47
CA LEU D 639 60.86 9.87 49.91
C LEU D 639 60.06 10.41 48.75
N LEU D 640 60.70 11.19 47.90
CA LEU D 640 59.94 11.85 46.85
C LEU D 640 59.36 10.88 45.84
N TRP D 641 60.12 9.86 45.46
CA TRP D 641 59.53 8.80 44.65
C TRP D 641 58.34 8.18 45.36
N GLY D 642 58.57 7.65 46.56
CA GLY D 642 57.49 7.01 47.28
C GLY D 642 56.26 7.86 47.41
N LEU D 643 56.43 9.17 47.40
CA LEU D 643 55.28 10.06 47.56
C LEU D 643 54.20 9.78 46.54
N VAL D 644 54.57 9.62 45.27
CA VAL D 644 53.57 9.57 44.20
C VAL D 644 52.59 8.42 44.44
N PHE D 645 53.10 7.20 44.49
CA PHE D 645 52.23 6.03 44.64
C PHE D 645 51.74 5.97 46.07
N ASN D 646 50.72 6.77 46.35
CA ASN D 646 49.99 6.75 47.62
C ASN D 646 50.82 7.21 48.79
N ASN D 647 52.12 7.44 48.60
CA ASN D 647 53.01 7.87 49.69
C ASN D 647 52.86 6.99 50.92
N SER D 648 52.55 5.72 50.69
CA SER D 648 52.21 4.85 51.80
C SER D 648 53.43 4.42 52.61
N VAL D 649 54.58 4.30 51.96
CA VAL D 649 55.77 3.76 52.63
C VAL D 649 56.19 4.70 53.76
N PRO D 650 56.40 4.19 54.96
CA PRO D 650 56.86 5.05 56.06
C PRO D 650 58.28 5.51 55.81
N VAL D 651 58.53 6.80 56.02
CA VAL D 651 59.80 7.45 55.74
C VAL D 651 60.04 8.51 56.80
N GLN D 652 61.17 9.21 56.66
CA GLN D 652 61.52 10.28 57.57
C GLN D 652 62.35 11.34 56.84
N ASN D 653 62.87 12.27 57.63
CA ASN D 653 63.76 13.37 57.24
C ASN D 653 63.18 14.42 56.30
N PRO D 654 62.02 15.00 56.58
CA PRO D 654 61.77 16.36 56.08
C PRO D 654 62.11 17.39 57.13
N LYS D 655 62.77 18.49 56.75
CA LYS D 655 63.15 19.51 57.72
C LYS D 655 63.54 20.78 57.00
N GLY D 656 63.51 21.88 57.73
CA GLY D 656 63.89 23.17 57.18
C GLY D 656 62.71 23.93 56.61
N THR D 657 62.37 25.06 57.21
CA THR D 657 61.15 25.77 56.86
C THR D 657 61.25 26.49 55.52
N THR D 658 62.27 26.21 54.73
CA THR D 658 62.41 26.79 53.39
C THR D 658 61.97 25.86 52.27
N SER D 659 62.29 24.58 52.33
CA SER D 659 61.99 23.65 51.25
C SER D 659 60.70 22.88 51.47
N LYS D 660 60.18 22.86 52.70
CA LYS D 660 58.93 22.15 52.97
C LYS D 660 57.84 22.50 51.99
N ILE D 661 57.74 23.79 51.63
CA ILE D 661 56.67 24.21 50.73
C ILE D 661 56.84 23.57 49.36
N MET D 662 58.07 23.41 48.90
CA MET D 662 58.30 22.68 47.65
C MET D 662 57.72 21.27 47.74
N VAL D 663 58.02 20.57 48.83
CA VAL D 663 57.47 19.22 49.00
C VAL D 663 55.95 19.27 48.98
N SER D 664 55.36 20.27 49.64
CA SER D 664 53.92 20.43 49.57
C SER D 664 53.44 20.54 48.14
N VAL D 665 54.15 21.32 47.33
CA VAL D 665 53.79 21.46 45.93
C VAL D 665 53.80 20.10 45.25
N TRP D 666 54.89 19.36 45.44
CA TRP D 666 55.00 18.06 44.79
C TRP D 666 53.89 17.12 45.23
N ALA D 667 53.46 17.22 46.49
CA ALA D 667 52.40 16.35 46.96
C ALA D 667 51.06 16.72 46.35
N PHE D 668 50.76 18.02 46.29
CA PHE D 668 49.53 18.44 45.62
C PHE D 668 49.53 18.02 44.17
N PHE D 669 50.71 17.97 43.56
CA PHE D 669 50.80 17.43 42.22
C PHE D 669 50.50 15.94 42.21
N ALA D 670 51.07 15.21 43.18
CA ALA D 670 50.94 13.76 43.16
C ALA D 670 49.49 13.33 43.34
N VAL D 671 48.74 14.02 44.20
CA VAL D 671 47.38 13.58 44.46
C VAL D 671 46.53 13.72 43.21
N ILE D 672 46.60 14.87 42.54
CA ILE D 672 45.85 15.03 41.30
C ILE D 672 46.33 14.05 40.26
N PHE D 673 47.63 13.76 40.23
CA PHE D 673 48.14 12.79 39.28
C PHE D 673 47.46 11.43 39.47
N LEU D 674 47.52 10.90 40.69
CA LEU D 674 46.89 9.62 40.97
C LEU D 674 45.40 9.64 40.64
N ALA D 675 44.71 10.71 41.04
CA ALA D 675 43.28 10.76 40.81
C ALA D 675 42.98 10.71 39.31
N SER D 676 43.66 11.54 38.52
CA SER D 676 43.46 11.52 37.09
C SER D 676 43.75 10.15 36.51
N TYR D 677 44.83 9.51 36.97
CA TYR D 677 45.16 8.18 36.48
C TYR D 677 44.00 7.24 36.68
N THR D 678 43.59 7.05 37.94
CA THR D 678 42.53 6.10 38.20
C THR D 678 41.23 6.50 37.53
N ALA D 679 41.03 7.80 37.31
CA ALA D 679 39.84 8.20 36.57
C ALA D 679 39.86 7.65 35.16
N ASN D 680 40.90 7.98 34.40
CA ASN D 680 40.98 7.45 33.05
C ASN D 680 40.91 5.93 33.04
N LEU D 681 41.64 5.27 33.93
CA LEU D 681 41.60 3.82 33.99
C LEU D 681 40.20 3.30 34.31
N ALA D 682 39.37 4.12 34.95
CA ALA D 682 38.00 3.72 35.18
C ALA D 682 37.16 3.76 33.92
N ALA D 683 37.78 4.00 32.76
CA ALA D 683 37.05 3.99 31.50
C ALA D 683 37.39 2.82 30.61
N PHE D 684 38.66 2.45 30.49
CA PHE D 684 39.07 1.33 29.66
C PHE D 684 38.28 0.06 29.94
N MET D 685 37.73 -0.10 31.14
CA MET D 685 36.89 -1.24 31.44
C MET D 685 35.46 -1.03 30.97
N ILE D 686 35.22 0.00 30.16
CA ILE D 686 33.88 0.28 29.67
C ILE D 686 33.93 0.34 28.14
N GLN D 687 34.86 -0.39 27.55
CA GLN D 687 34.91 -0.56 26.10
C GLN D 687 34.59 -2.01 25.73
N GLU D 688 35.35 -2.98 26.25
CA GLU D 688 34.98 -4.40 26.22
C GLU D 688 34.56 -4.88 24.83
N GLU D 689 35.33 -4.53 23.81
CA GLU D 689 35.05 -4.97 22.44
C GLU D 689 35.57 -6.39 22.26
N TYR D 690 35.05 -7.29 23.09
CA TYR D 690 35.51 -8.66 23.14
C TYR D 690 35.16 -9.39 21.85
N VAL D 691 36.12 -10.15 21.32
CA VAL D 691 35.89 -10.96 20.12
C VAL D 691 36.95 -12.05 20.06
N ASP D 692 36.51 -13.28 19.80
CA ASP D 692 37.40 -14.38 19.45
C ASP D 692 37.37 -14.54 17.94
N GLN D 693 38.08 -13.64 17.25
CA GLN D 693 37.99 -13.53 15.80
C GLN D 693 38.70 -14.70 15.13
N VAL D 694 38.11 -15.89 15.32
CA VAL D 694 38.56 -17.06 14.60
C VAL D 694 38.18 -16.91 13.13
N SER D 695 39.18 -16.90 12.27
CA SER D 695 38.97 -16.63 10.86
C SER D 695 38.23 -17.81 10.20
N GLY D 696 38.01 -17.71 8.90
CA GLY D 696 37.14 -18.64 8.21
C GLY D 696 37.70 -20.04 8.10
N LEU D 697 37.20 -20.75 7.12
CA LEU D 697 37.50 -22.17 6.96
C LEU D 697 38.93 -22.43 6.51
N SER D 698 39.79 -21.41 6.47
CA SER D 698 41.22 -21.61 6.32
C SER D 698 41.95 -21.38 7.63
N ASP D 699 41.34 -21.76 8.75
CA ASP D 699 41.87 -21.48 10.07
C ASP D 699 42.66 -22.66 10.61
N LYS D 700 43.66 -22.34 11.43
CA LYS D 700 44.45 -23.35 12.11
C LYS D 700 43.61 -24.26 12.99
N LYS D 701 42.75 -23.69 13.85
CA LYS D 701 41.89 -24.52 14.68
C LYS D 701 41.08 -25.49 13.83
N PHE D 702 40.67 -25.07 12.65
CA PHE D 702 40.07 -26.01 11.70
C PHE D 702 41.12 -26.93 11.11
N GLN D 703 42.24 -26.37 10.63
CA GLN D 703 43.30 -27.19 10.09
C GLN D 703 43.86 -28.13 11.15
N ARG D 704 43.96 -27.67 12.38
CA ARG D 704 44.43 -28.48 13.51
C ARG D 704 43.26 -28.66 14.47
N PRO D 705 42.37 -29.63 14.21
CA PRO D 705 41.20 -29.78 15.09
C PRO D 705 41.52 -30.33 16.47
N ASN D 706 42.67 -30.96 16.66
CA ASN D 706 43.05 -31.54 17.94
C ASN D 706 44.41 -31.08 18.43
N ASP D 707 45.13 -30.28 17.65
CA ASP D 707 46.46 -29.86 18.07
C ASP D 707 46.41 -28.71 19.06
N PHE D 708 45.24 -28.13 19.32
CA PHE D 708 45.17 -26.95 20.17
C PHE D 708 44.29 -27.12 21.40
N SER D 709 43.23 -27.92 21.30
CA SER D 709 42.37 -28.16 22.46
C SER D 709 41.56 -29.42 22.19
N PRO D 710 41.22 -30.18 23.23
CA PRO D 710 40.40 -31.37 23.06
C PRO D 710 39.02 -31.06 22.47
N PRO D 711 38.26 -30.08 23.03
CA PRO D 711 36.83 -30.04 22.72
C PRO D 711 36.45 -29.30 21.44
N PHE D 712 37.40 -29.04 20.54
CA PHE D 712 37.02 -28.57 19.22
C PHE D 712 36.09 -29.60 18.58
N ARG D 713 34.82 -29.23 18.40
CA ARG D 713 33.83 -30.12 17.80
C ARG D 713 32.96 -29.28 16.88
N PHE D 714 33.17 -29.42 15.58
CA PHE D 714 32.34 -28.74 14.62
C PHE D 714 30.96 -29.39 14.57
N GLY D 715 30.11 -28.90 13.68
CA GLY D 715 28.79 -29.48 13.51
C GLY D 715 28.13 -29.09 12.20
N THR D 716 27.54 -30.07 11.53
CA THR D 716 26.82 -29.85 10.29
C THR D 716 25.58 -30.72 10.28
N VAL D 717 24.83 -30.66 9.19
CA VAL D 717 23.75 -31.59 8.91
C VAL D 717 23.94 -32.08 7.48
N PRO D 718 24.43 -33.30 7.28
CA PRO D 718 24.62 -33.80 5.91
C PRO D 718 23.30 -33.98 5.18
N ASN D 719 23.37 -34.51 3.97
CA ASN D 719 22.28 -34.40 2.99
C ASN D 719 22.02 -32.92 2.70
N GLY D 720 23.10 -32.15 2.64
CA GLY D 720 23.02 -30.75 2.33
C GLY D 720 23.97 -30.39 1.22
N SER D 721 23.56 -29.41 0.41
CA SER D 721 24.45 -28.86 -0.59
C SER D 721 25.75 -28.38 0.03
N THR D 722 25.63 -27.66 1.14
CA THR D 722 26.81 -27.32 1.93
C THR D 722 27.66 -28.54 2.24
N GLU D 723 27.02 -29.68 2.51
CA GLU D 723 27.78 -30.89 2.85
C GLU D 723 28.62 -31.36 1.68
N ARG D 724 28.00 -31.49 0.50
CA ARG D 724 28.77 -31.91 -0.67
C ARG D 724 29.88 -30.92 -0.98
N ASN D 725 29.60 -29.63 -0.86
CA ASN D 725 30.64 -28.63 -1.10
C ASN D 725 31.80 -28.82 -0.15
N ILE D 726 31.53 -28.83 1.16
CA ILE D 726 32.61 -28.89 2.13
C ILE D 726 33.37 -30.20 2.00
N ARG D 727 32.66 -31.30 1.71
CA ARG D 727 33.37 -32.55 1.50
C ARG D 727 34.33 -32.43 0.33
N ASN D 728 33.82 -32.10 -0.86
CA ASN D 728 34.64 -32.04 -2.05
C ASN D 728 35.84 -31.11 -1.87
N ASN D 729 35.68 -30.03 -1.13
CA ASN D 729 36.81 -29.11 -1.02
C ASN D 729 37.76 -29.46 0.12
N TYR D 730 37.25 -29.89 1.27
CA TYR D 730 38.08 -30.01 2.47
C TYR D 730 37.98 -31.41 3.07
N ALA D 731 37.97 -32.44 2.23
CA ALA D 731 38.11 -33.79 2.73
C ALA D 731 39.23 -33.92 3.76
N GLU D 732 40.25 -33.07 3.68
CA GLU D 732 41.36 -33.11 4.64
C GLU D 732 40.89 -32.97 6.08
N MET D 733 39.68 -32.45 6.29
CA MET D 733 39.11 -32.38 7.63
C MET D 733 37.68 -32.88 7.66
N HIS D 734 37.10 -33.17 6.50
CA HIS D 734 35.73 -33.68 6.45
C HIS D 734 35.61 -34.99 7.19
N ALA D 735 36.62 -35.86 7.07
CA ALA D 735 36.65 -37.09 7.84
C ALA D 735 36.58 -36.82 9.34
N TYR D 736 37.14 -35.70 9.80
CA TYR D 736 37.03 -35.34 11.20
C TYR D 736 35.60 -34.98 11.58
N MET D 737 34.80 -34.55 10.61
CA MET D 737 33.47 -34.02 10.88
C MET D 737 32.42 -35.10 11.08
N GLY D 738 32.55 -36.23 10.39
CA GLY D 738 31.52 -37.27 10.42
C GLY D 738 31.09 -37.69 11.81
N LYS D 739 31.95 -37.53 12.80
CA LYS D 739 31.58 -37.81 14.18
C LYS D 739 30.69 -36.73 14.78
N PHE D 740 30.25 -35.76 13.98
CA PHE D 740 29.53 -34.62 14.51
C PHE D 740 28.29 -34.30 13.67
N ASN D 741 27.50 -35.31 13.35
CA ASN D 741 26.28 -35.13 12.57
C ASN D 741 25.08 -35.25 13.49
N GLN D 742 24.33 -34.15 13.62
CA GLN D 742 23.17 -34.09 14.49
C GLN D 742 21.93 -34.51 13.73
N ARG D 743 20.75 -34.28 14.31
CA ARG D 743 19.48 -34.51 13.64
C ARG D 743 18.64 -33.25 13.77
N GLY D 744 18.13 -32.76 12.65
CA GLY D 744 17.39 -31.53 12.65
C GLY D 744 18.32 -30.33 12.59
N VAL D 745 17.74 -29.15 12.87
CA VAL D 745 18.48 -27.90 12.85
C VAL D 745 18.51 -27.22 14.21
N ASP D 746 17.39 -27.20 14.92
CA ASP D 746 17.36 -26.56 16.22
C ASP D 746 17.99 -27.41 17.31
N ASP D 747 18.06 -28.73 17.10
CA ASP D 747 18.91 -29.57 17.94
C ASP D 747 20.31 -28.97 18.07
N ALA D 748 20.83 -28.43 16.97
CA ALA D 748 22.16 -27.83 17.00
C ALA D 748 22.21 -26.63 17.94
N LEU D 749 21.29 -25.68 17.77
CA LEU D 749 21.29 -24.51 18.62
C LEU D 749 21.10 -24.87 20.08
N LEU D 750 20.27 -25.88 20.36
CA LEU D 750 20.14 -26.36 21.73
C LEU D 750 21.49 -26.87 22.24
N SER D 751 22.12 -27.77 21.50
CA SER D 751 23.40 -28.31 21.91
C SER D 751 24.43 -27.21 22.13
N LEU D 752 24.33 -26.12 21.37
CA LEU D 752 25.25 -25.00 21.57
C LEU D 752 24.94 -24.27 22.86
N LYS D 753 23.67 -23.91 23.07
CA LYS D 753 23.27 -23.23 24.30
C LYS D 753 23.64 -24.03 25.55
N THR D 754 23.88 -25.33 25.41
CA THR D 754 24.43 -26.15 26.49
C THR D 754 25.94 -26.23 26.44
N GLY D 755 26.57 -25.73 25.38
CA GLY D 755 28.00 -25.91 25.23
C GLY D 755 28.42 -27.33 24.93
N LYS D 756 27.46 -28.22 24.65
CA LYS D 756 27.82 -29.57 24.24
C LYS D 756 28.64 -29.54 22.95
N LEU D 757 28.35 -28.60 22.07
CA LEU D 757 29.08 -28.44 20.82
C LEU D 757 29.80 -27.10 20.84
N ASP D 758 30.99 -27.06 20.24
CA ASP D 758 31.81 -25.86 20.31
C ASP D 758 31.38 -24.80 19.31
N ALA D 759 31.44 -25.13 18.02
CA ALA D 759 31.12 -24.19 16.96
C ALA D 759 30.18 -24.85 15.96
N PHE D 760 29.34 -24.04 15.32
CA PHE D 760 28.39 -24.53 14.33
C PHE D 760 28.67 -23.88 12.98
N ILE D 761 28.38 -24.61 11.91
CA ILE D 761 28.58 -24.10 10.57
C ILE D 761 27.41 -24.55 9.70
N TYR D 762 26.87 -23.62 8.91
CA TYR D 762 25.72 -23.85 8.05
C TYR D 762 25.51 -22.60 7.21
N ASP D 763 24.56 -22.68 6.28
CA ASP D 763 24.20 -21.53 5.47
C ASP D 763 23.65 -20.41 6.35
N ALA D 764 24.30 -19.25 6.29
CA ALA D 764 23.88 -18.09 7.05
C ALA D 764 22.50 -17.59 6.64
N ALA D 765 21.98 -18.05 5.51
CA ALA D 765 20.61 -17.74 5.10
C ALA D 765 19.61 -17.97 6.20
N VAL D 766 19.88 -18.90 7.11
CA VAL D 766 19.03 -19.11 8.27
C VAL D 766 19.68 -18.62 9.55
N LEU D 767 21.01 -18.63 9.63
CA LEU D 767 21.70 -18.15 10.83
C LEU D 767 21.39 -16.69 11.09
N ASN D 768 21.42 -15.85 10.06
CA ASN D 768 21.06 -14.45 10.21
C ASN D 768 19.72 -14.31 10.91
N TYR D 769 18.69 -14.95 10.38
CA TYR D 769 17.37 -14.86 11.00
C TYR D 769 17.39 -15.38 12.42
N MET D 770 18.00 -16.55 12.62
CA MET D 770 18.00 -17.14 13.95
C MET D 770 18.72 -16.28 14.96
N ALA D 771 19.65 -15.43 14.52
CA ALA D 771 20.32 -14.52 15.43
C ALA D 771 19.34 -13.62 16.13
N GLY D 772 18.62 -12.80 15.38
CA GLY D 772 17.65 -11.90 15.96
C GLY D 772 16.36 -12.60 16.35
N ARG D 773 16.48 -13.72 17.04
CA ARG D 773 15.33 -14.46 17.55
C ARG D 773 15.46 -14.81 19.01
N ASP D 774 16.69 -15.03 19.50
CA ASP D 774 16.88 -15.50 20.86
C ASP D 774 17.19 -14.35 21.81
N GLU D 775 16.71 -14.48 23.05
CA GLU D 775 17.06 -13.53 24.09
C GLU D 775 18.52 -13.66 24.50
N GLY D 776 19.10 -14.83 24.34
CA GLY D 776 20.51 -15.04 24.64
C GLY D 776 21.35 -14.50 23.51
N CYS D 777 21.53 -13.18 23.48
CA CYS D 777 22.14 -12.48 22.37
C CYS D 777 23.59 -12.85 22.16
N LYS D 778 24.13 -13.81 22.90
CA LYS D 778 25.47 -14.32 22.64
C LYS D 778 25.54 -15.11 21.34
N LEU D 779 24.42 -15.60 20.83
CA LEU D 779 24.40 -16.49 19.66
C LEU D 779 24.53 -15.66 18.38
N VAL D 780 25.76 -15.29 18.06
CA VAL D 780 26.03 -14.43 16.92
C VAL D 780 27.10 -15.07 16.05
N THR D 781 27.31 -14.48 14.89
CA THR D 781 28.28 -14.95 13.92
C THR D 781 29.64 -14.26 14.11
N ILE D 782 30.67 -14.91 13.58
CA ILE D 782 31.95 -14.26 13.34
C ILE D 782 31.75 -13.36 12.13
N GLY D 783 32.73 -12.53 11.83
CA GLY D 783 32.58 -11.49 10.82
C GLY D 783 31.82 -11.93 9.59
N SER D 784 30.65 -11.33 9.40
CA SER D 784 29.70 -11.78 8.40
C SER D 784 30.18 -11.44 7.00
N GLY D 785 29.47 -11.94 6.01
CA GLY D 785 29.78 -11.71 4.61
C GLY D 785 30.97 -12.50 4.16
N LYS D 786 32.05 -12.45 4.93
CA LYS D 786 33.25 -13.23 4.66
C LYS D 786 32.92 -14.67 5.00
N VAL D 787 32.11 -15.28 4.14
CA VAL D 787 31.54 -16.60 4.37
C VAL D 787 32.09 -17.52 3.29
N PHE D 788 31.67 -18.79 3.33
CA PHE D 788 32.32 -19.80 2.50
C PHE D 788 32.30 -19.41 1.03
N ALA D 789 31.10 -19.29 0.45
CA ALA D 789 31.00 -18.99 -0.97
C ALA D 789 29.76 -18.14 -1.19
N SER D 790 29.89 -17.13 -2.03
CA SER D 790 28.78 -16.20 -2.30
C SER D 790 27.90 -16.80 -3.39
N THR D 791 26.74 -17.28 -3.00
CA THR D 791 25.70 -17.72 -3.93
C THR D 791 24.39 -17.06 -3.54
N GLY D 792 23.30 -17.51 -4.15
CA GLY D 792 22.01 -16.93 -3.87
C GLY D 792 20.91 -17.95 -3.95
N TYR D 793 19.74 -17.59 -3.41
CA TYR D 793 18.58 -18.45 -3.51
C TYR D 793 17.80 -18.11 -4.78
N GLY D 794 17.27 -19.13 -5.45
CA GLY D 794 16.52 -18.90 -6.67
C GLY D 794 15.19 -19.61 -6.73
N ILE D 795 14.81 -20.06 -7.93
CA ILE D 795 13.56 -20.76 -8.16
C ILE D 795 13.79 -21.81 -9.22
N ALA D 796 13.36 -23.04 -8.96
CA ALA D 796 13.58 -24.13 -9.90
C ALA D 796 12.71 -23.95 -11.14
N ILE D 797 13.11 -24.65 -12.21
CA ILE D 797 12.39 -24.60 -13.47
C ILE D 797 12.86 -25.79 -14.31
N GLN D 798 11.92 -26.41 -15.02
CA GLN D 798 12.26 -27.53 -15.88
C GLN D 798 13.12 -27.09 -17.05
N LYS D 799 14.03 -27.95 -17.45
CA LYS D 799 15.06 -27.57 -18.42
C LYS D 799 14.45 -27.22 -19.77
N ASP D 800 15.09 -26.28 -20.46
CA ASP D 800 14.79 -25.93 -21.86
C ASP D 800 13.31 -25.61 -22.05
N SER D 801 12.79 -24.77 -21.17
CA SER D 801 11.44 -24.27 -21.30
C SER D 801 11.51 -22.79 -21.67
N GLY D 802 10.35 -22.14 -21.72
CA GLY D 802 10.28 -20.75 -22.10
C GLY D 802 9.99 -19.77 -21.00
N TRP D 803 9.44 -20.22 -19.88
CA TRP D 803 9.00 -19.31 -18.82
C TRP D 803 10.15 -18.47 -18.28
N LYS D 804 11.36 -19.03 -18.23
CA LYS D 804 12.47 -18.35 -17.58
C LYS D 804 12.62 -16.91 -18.05
N ARG D 805 12.52 -16.69 -19.37
CA ARG D 805 12.70 -15.35 -19.90
C ARG D 805 11.73 -14.36 -19.28
N GLN D 806 10.48 -14.78 -19.05
CA GLN D 806 9.52 -13.87 -18.43
C GLN D 806 9.75 -13.77 -16.92
N VAL D 807 9.91 -14.92 -16.25
CA VAL D 807 10.01 -14.92 -14.80
C VAL D 807 11.18 -14.07 -14.33
N ASP D 808 12.28 -14.09 -15.09
CA ASP D 808 13.43 -13.28 -14.72
C ASP D 808 13.07 -11.81 -14.71
N LEU D 809 12.52 -11.30 -15.81
CA LEU D 809 12.09 -9.91 -15.85
C LEU D 809 11.10 -9.61 -14.74
N ALA D 810 10.26 -10.57 -14.39
CA ALA D 810 9.30 -10.36 -13.31
C ALA D 810 10.01 -10.08 -11.99
N ILE D 811 10.92 -10.97 -11.59
CA ILE D 811 11.59 -10.75 -10.31
C ILE D 811 12.48 -9.51 -10.37
N LEU D 812 13.02 -9.20 -11.55
CA LEU D 812 13.79 -7.97 -11.66
C LEU D 812 12.92 -6.74 -11.45
N GLN D 813 11.74 -6.69 -12.05
CA GLN D 813 10.82 -5.60 -11.79
C GLN D 813 10.46 -5.55 -10.31
N LEU D 814 10.31 -6.72 -9.68
CA LEU D 814 10.09 -6.76 -8.25
C LEU D 814 11.21 -6.04 -7.50
N PHE D 815 12.46 -6.34 -7.84
CA PHE D 815 13.56 -5.54 -7.32
C PHE D 815 13.37 -4.06 -7.62
N GLY D 816 12.81 -3.75 -8.79
CA GLY D 816 12.63 -2.38 -9.21
C GLY D 816 11.55 -1.62 -8.50
N ASP D 817 10.92 -2.23 -7.49
CA ASP D 817 9.89 -1.56 -6.70
C ASP D 817 10.33 -1.37 -5.24
N GLY D 818 11.53 -1.83 -4.88
CA GLY D 818 11.98 -1.72 -3.51
C GLY D 818 11.23 -2.59 -2.52
N GLU D 819 10.17 -3.26 -2.95
CA GLU D 819 9.35 -4.08 -2.07
C GLU D 819 10.14 -5.20 -1.42
N MET D 820 11.35 -5.48 -1.89
CA MET D 820 12.18 -6.48 -1.22
C MET D 820 12.54 -6.04 0.18
N GLU D 821 12.96 -4.78 0.35
CA GLU D 821 13.21 -4.28 1.70
C GLU D 821 11.93 -4.34 2.54
N GLU D 822 10.79 -4.11 1.90
CA GLU D 822 9.51 -4.20 2.61
C GLU D 822 9.27 -5.61 3.12
N LEU D 823 9.38 -6.60 2.25
CA LEU D 823 9.18 -7.99 2.68
C LEU D 823 10.26 -8.43 3.65
N GLU D 824 11.44 -7.82 3.58
CA GLU D 824 12.46 -8.06 4.58
C GLU D 824 11.98 -7.61 5.95
N ALA D 825 11.63 -6.32 6.06
CA ALA D 825 11.03 -5.83 7.29
C ALA D 825 9.81 -6.64 7.71
N LEU D 826 9.14 -7.28 6.76
CA LEU D 826 8.01 -8.14 7.08
C LEU D 826 8.42 -9.22 8.05
N TRP D 827 9.25 -10.18 7.60
CA TRP D 827 9.90 -11.09 8.54
C TRP D 827 11.33 -11.35 8.09
N LEU D 828 12.22 -10.41 8.42
CA LEU D 828 13.65 -10.70 8.47
C LEU D 828 14.36 -10.00 9.63
N THR D 829 13.73 -9.07 10.31
CA THR D 829 14.42 -8.28 11.31
C THR D 829 14.66 -9.09 12.57
N GLY D 830 15.56 -8.59 13.40
CA GLY D 830 15.88 -9.23 14.66
C GLY D 830 16.12 -8.21 15.74
N ILE D 831 15.82 -8.61 16.98
CA ILE D 831 15.98 -7.72 18.11
C ILE D 831 17.43 -7.29 18.25
N CYS D 832 18.37 -8.22 18.06
CA CYS D 832 19.78 -7.97 18.30
C CYS D 832 20.47 -7.33 17.11
N HIS D 833 19.71 -6.71 16.21
CA HIS D 833 20.29 -5.96 15.11
C HIS D 833 20.52 -4.53 15.58
N ASN D 834 21.59 -4.33 16.35
CA ASN D 834 21.89 -3.04 16.95
C ASN D 834 23.41 -2.93 17.11
N GLU D 835 23.85 -1.92 17.83
CA GLU D 835 25.24 -1.84 18.24
C GLU D 835 25.52 -2.88 19.33
N LYS D 836 26.76 -3.36 19.36
CA LYS D 836 27.14 -4.42 20.29
C LYS D 836 26.93 -3.96 21.73
N ASN D 837 26.09 -4.68 22.47
CA ASN D 837 25.93 -4.41 23.89
C ASN D 837 27.24 -4.70 24.63
N GLU D 838 27.29 -4.27 25.88
CA GLU D 838 28.56 -4.29 26.59
C GLU D 838 28.62 -5.42 27.61
N VAL D 839 29.84 -5.72 28.03
CA VAL D 839 30.09 -6.76 29.02
C VAL D 839 29.48 -6.35 30.35
N MET D 840 29.08 -7.35 31.14
CA MET D 840 28.44 -7.14 32.43
C MET D 840 29.45 -7.07 33.57
N SER D 841 30.65 -6.54 33.30
CA SER D 841 31.69 -6.36 34.32
C SER D 841 32.08 -7.70 34.95
N SER D 842 32.66 -8.54 34.10
CA SER D 842 33.24 -9.81 34.54
C SER D 842 34.26 -9.58 35.65
N GLN D 843 34.48 -10.62 36.45
CA GLN D 843 35.53 -10.55 37.44
C GLN D 843 36.89 -10.45 36.75
N LEU D 844 37.93 -10.26 37.55
CA LEU D 844 39.27 -10.19 37.01
C LEU D 844 40.00 -11.50 37.23
N ASP D 845 40.92 -11.81 36.31
CA ASP D 845 41.66 -13.05 36.37
C ASP D 845 43.09 -12.82 35.89
N ILE D 846 43.90 -13.86 36.00
CA ILE D 846 45.36 -13.72 35.93
C ILE D 846 45.78 -13.14 34.58
N ASP D 847 45.46 -13.85 33.50
CA ASP D 847 45.88 -13.43 32.16
C ASP D 847 45.64 -11.95 31.91
N ASN D 848 44.51 -11.41 32.35
CA ASN D 848 44.30 -9.97 32.26
C ASN D 848 45.48 -9.22 32.85
N MET D 849 45.79 -9.49 34.11
CA MET D 849 46.93 -8.87 34.79
C MET D 849 48.22 -9.60 34.38
N ALA D 850 48.56 -9.48 33.10
CA ALA D 850 49.65 -10.27 32.55
C ALA D 850 51.00 -9.75 33.02
N GLY D 851 51.36 -8.54 32.64
CA GLY D 851 52.67 -8.04 32.95
C GLY D 851 52.88 -7.61 34.38
N VAL D 852 51.80 -7.52 35.16
CA VAL D 852 51.89 -6.99 36.51
C VAL D 852 52.72 -7.86 37.44
N PHE D 853 53.00 -9.10 37.04
CA PHE D 853 53.94 -9.93 37.78
C PHE D 853 55.24 -10.12 37.03
N TYR D 854 55.21 -10.01 35.70
CA TYR D 854 56.43 -10.16 34.93
C TYR D 854 57.38 -9.00 35.17
N MET D 855 56.86 -7.77 35.19
CA MET D 855 57.69 -6.64 35.57
C MET D 855 58.21 -6.79 36.98
N LEU D 856 57.42 -7.38 37.87
CA LEU D 856 57.87 -7.65 39.22
C LEU D 856 59.09 -8.58 39.22
N GLY D 857 58.96 -9.72 38.55
CA GLY D 857 60.09 -10.64 38.46
C GLY D 857 61.29 -10.03 37.78
N ALA D 858 61.05 -9.16 36.80
CA ALA D 858 62.16 -8.47 36.13
C ALA D 858 62.90 -7.57 37.10
N ALA D 859 62.15 -6.82 37.92
CA ALA D 859 62.79 -6.03 38.97
C ALA D 859 63.54 -6.93 39.94
N MET D 860 62.98 -8.09 40.26
CA MET D 860 63.67 -9.02 41.13
C MET D 860 65.01 -9.44 40.54
N ALA D 861 65.03 -9.78 39.25
CA ALA D 861 66.28 -10.16 38.62
C ALA D 861 67.26 -9.00 38.57
N LEU D 862 66.75 -7.79 38.31
CA LEU D 862 67.61 -6.60 38.38
C LEU D 862 68.23 -6.47 39.76
N SER D 863 67.44 -6.76 40.79
CA SER D 863 67.97 -6.74 42.14
C SER D 863 69.07 -7.78 42.31
N LEU D 864 68.87 -8.96 41.74
CA LEU D 864 69.89 -10.00 41.81
C LEU D 864 71.19 -9.53 41.18
N ILE D 865 71.12 -8.91 40.00
CA ILE D 865 72.35 -8.50 39.34
C ILE D 865 72.99 -7.33 40.09
N THR D 866 72.18 -6.50 40.75
CA THR D 866 72.77 -5.46 41.57
C THR D 866 73.45 -6.03 42.81
N PHE D 867 72.89 -7.08 43.40
CA PHE D 867 73.57 -7.75 44.51
C PHE D 867 74.88 -8.39 44.05
N ILE D 868 74.88 -8.94 42.84
CA ILE D 868 76.11 -9.40 42.22
C ILE D 868 77.11 -8.25 42.12
N SER D 869 76.65 -7.10 41.64
CA SER D 869 77.52 -5.93 41.54
C SER D 869 78.07 -5.54 42.90
N GLU D 870 77.26 -5.65 43.95
CA GLU D 870 77.72 -5.34 45.30
C GLU D 870 78.81 -6.32 45.73
N HIS D 871 78.56 -7.62 45.62
CA HIS D 871 79.59 -8.61 45.92
C HIS D 871 80.83 -8.41 45.06
N LEU D 872 80.68 -7.76 43.91
CA LEU D 872 81.82 -7.50 43.04
C LEU D 872 82.64 -6.31 43.54
N PHE D 873 81.97 -5.25 43.98
CA PHE D 873 82.63 -3.99 44.30
C PHE D 873 83.54 -4.07 45.52
N TYR D 874 83.73 -5.25 46.12
CA TYR D 874 84.62 -5.39 47.26
C TYR D 874 86.09 -5.19 46.90
N TRP D 875 86.39 -4.87 45.65
CA TRP D 875 87.78 -4.66 45.23
C TRP D 875 88.12 -3.19 45.08
N GLN D 876 87.15 -2.33 44.81
CA GLN D 876 87.41 -0.92 44.57
C GLN D 876 87.88 -0.22 45.83
#